data_1X9L
#
_entry.id   1X9L
#
_cell.length_a   1.000
_cell.length_b   1.000
_cell.length_c   1.000
_cell.angle_alpha   90.00
_cell.angle_beta   90.00
_cell.angle_gamma   90.00
#
_symmetry.space_group_name_H-M   'P 1'
#
loop_
_entity.id
_entity.type
_entity.pdbx_description
1 polymer CuI-DR1885
2 non-polymer 'COPPER (I) ION'
#
_entity_poly.entity_id   1
_entity_poly.type   'polypeptide(L)'
_entity_poly.pdbx_seq_one_letter_code
;MGHTMPAHTPPAQTAPAAQKAGAQALPVTVQGATVAAVPPSIRDTAAYMTLTNKSDQPIKLVGAATPLATSPMLMTTTHS
GGMAGMKMVPWLTIPARGTLTLQRDGDHVMLMGLKRPLKVGETVNITLKATDGRTLNVAATVKKNIEGR
;
_entity_poly.pdbx_strand_id   A
#
loop_
_chem_comp.id
_chem_comp.type
_chem_comp.name
_chem_comp.formula
CU1 non-polymer 'COPPER (I) ION' 'Cu 1'
#
# COMPACT_ATOMS: atom_id res chain seq x y z
N MET A 1 -16.87 -31.55 -37.87
CA MET A 1 -18.21 -31.49 -38.47
C MET A 1 -18.31 -30.60 -39.72
N GLY A 2 -17.45 -29.58 -39.86
CA GLY A 2 -17.49 -28.68 -41.00
C GLY A 2 -18.20 -27.37 -40.65
N HIS A 3 -17.60 -26.38 -39.98
CA HIS A 3 -16.26 -26.18 -39.39
C HIS A 3 -16.20 -26.53 -37.90
N THR A 4 -17.09 -27.39 -37.43
CA THR A 4 -17.06 -27.98 -36.11
C THR A 4 -15.75 -28.74 -35.89
N MET A 5 -14.69 -28.03 -35.48
CA MET A 5 -13.59 -28.52 -34.66
C MET A 5 -14.13 -28.96 -33.27
N PRO A 6 -13.34 -29.04 -32.18
CA PRO A 6 -11.94 -28.64 -31.99
C PRO A 6 -11.63 -27.21 -32.43
N ALA A 7 -10.35 -26.85 -32.53
CA ALA A 7 -9.88 -25.68 -33.25
C ALA A 7 -10.39 -24.33 -32.74
N HIS A 8 -11.48 -23.79 -33.30
CA HIS A 8 -12.80 -23.47 -32.71
C HIS A 8 -13.91 -23.91 -33.69
N THR A 9 -14.03 -23.45 -34.95
CA THR A 9 -13.41 -22.35 -35.71
C THR A 9 -12.67 -21.33 -34.85
N PRO A 10 -13.37 -20.42 -34.14
CA PRO A 10 -12.74 -19.53 -33.18
C PRO A 10 -11.72 -18.63 -33.89
N PRO A 11 -10.40 -18.83 -33.68
CA PRO A 11 -9.27 -18.11 -34.26
C PRO A 11 -9.41 -17.37 -35.60
N ALA A 12 -10.21 -16.31 -35.61
CA ALA A 12 -9.87 -15.02 -36.18
C ALA A 12 -9.56 -14.14 -34.96
N GLN A 13 -8.67 -14.65 -34.11
CA GLN A 13 -8.75 -14.41 -32.68
C GLN A 13 -10.10 -14.95 -32.16
N THR A 14 -10.49 -14.54 -30.96
CA THR A 14 -11.81 -14.81 -30.38
C THR A 14 -12.03 -16.28 -29.96
N ALA A 15 -10.96 -17.00 -29.62
CA ALA A 15 -10.99 -17.97 -28.52
C ALA A 15 -9.71 -17.76 -27.70
N PRO A 16 -9.42 -16.50 -27.33
CA PRO A 16 -8.36 -15.78 -28.00
C PRO A 16 -7.24 -16.65 -28.58
N ALA A 17 -6.11 -16.99 -27.94
CA ALA A 17 -5.49 -16.60 -26.68
C ALA A 17 -6.35 -16.80 -25.42
N ALA A 18 -7.18 -17.85 -25.35
CA ALA A 18 -7.88 -18.23 -24.12
C ALA A 18 -7.73 -19.72 -23.82
N GLN A 19 -6.93 -20.17 -22.84
CA GLN A 19 -5.87 -19.56 -22.04
C GLN A 19 -6.30 -18.94 -20.71
N LYS A 20 -7.13 -17.89 -20.74
CA LYS A 20 -7.20 -16.83 -19.73
C LYS A 20 -7.98 -15.64 -20.30
N ALA A 21 -7.72 -15.24 -21.54
CA ALA A 21 -8.50 -14.17 -22.17
C ALA A 21 -9.98 -14.59 -22.24
N GLY A 22 -10.86 -13.58 -22.31
CA GLY A 22 -12.16 -13.70 -21.66
C GLY A 22 -12.04 -13.16 -20.23
N ALA A 23 -10.82 -13.14 -19.68
CA ALA A 23 -10.42 -12.47 -18.45
C ALA A 23 -10.79 -13.31 -17.24
N GLN A 24 -12.07 -13.66 -17.14
CA GLN A 24 -12.69 -14.22 -15.94
C GLN A 24 -12.89 -13.07 -14.95
N ALA A 25 -11.73 -12.58 -14.55
CA ALA A 25 -11.41 -11.42 -13.75
C ALA A 25 -9.98 -11.65 -13.28
N LEU A 26 -9.13 -10.62 -13.33
CA LEU A 26 -7.83 -10.66 -12.67
C LEU A 26 -7.99 -9.86 -11.38
N PRO A 27 -7.73 -10.45 -10.20
CA PRO A 27 -7.85 -9.74 -8.94
C PRO A 27 -6.92 -8.54 -9.00
N VAL A 28 -7.46 -7.36 -8.68
CA VAL A 28 -7.03 -6.10 -9.27
C VAL A 28 -5.80 -5.51 -8.55
N THR A 29 -4.76 -6.32 -8.41
CA THR A 29 -3.53 -5.98 -7.74
C THR A 29 -2.43 -6.95 -8.17
N VAL A 30 -2.16 -7.03 -9.48
CA VAL A 30 -1.10 -7.88 -10.00
C VAL A 30 0.23 -7.13 -9.86
N GLN A 31 0.61 -6.89 -8.60
CA GLN A 31 1.70 -6.02 -8.22
C GLN A 31 2.66 -6.72 -7.26
N GLY A 32 3.95 -6.39 -7.36
CA GLY A 32 4.99 -6.80 -6.44
C GLY A 32 5.32 -5.62 -5.53
N ALA A 33 4.63 -5.54 -4.39
CA ALA A 33 4.80 -4.45 -3.44
C ALA A 33 6.26 -4.25 -3.05
N THR A 34 6.66 -2.99 -2.88
CA THR A 34 7.94 -2.66 -2.28
C THR A 34 7.68 -1.72 -1.10
N VAL A 35 8.48 -1.82 -0.04
CA VAL A 35 8.36 -1.01 1.17
C VAL A 35 9.70 -0.34 1.42
N ALA A 36 9.67 0.94 1.80
CA ALA A 36 10.89 1.70 1.94
C ALA A 36 11.56 1.44 3.29
N ALA A 37 12.71 0.77 3.26
CA ALA A 37 13.61 0.69 4.41
C ALA A 37 13.90 2.10 4.91
N VAL A 38 13.88 2.31 6.24
CA VAL A 38 13.78 3.61 6.94
C VAL A 38 14.12 4.84 6.06
N PRO A 39 13.13 5.66 5.67
CA PRO A 39 13.37 6.96 5.08
C PRO A 39 14.15 7.86 6.05
N PRO A 40 14.84 8.90 5.56
CA PRO A 40 15.41 9.93 6.40
C PRO A 40 14.28 10.83 6.92
N SER A 41 13.31 10.25 7.61
CA SER A 41 12.11 10.91 8.10
C SER A 41 11.45 10.00 9.14
N ILE A 42 12.25 9.44 10.04
CA ILE A 42 11.84 8.63 11.19
C ILE A 42 11.39 7.24 10.70
N ARG A 43 11.19 6.30 11.63
CA ARG A 43 10.85 4.91 11.39
C ARG A 43 9.72 4.72 10.38
N ASP A 44 8.71 5.58 10.44
CA ASP A 44 7.52 5.52 9.61
C ASP A 44 7.89 5.62 8.13
N THR A 45 7.04 5.01 7.29
CA THR A 45 7.38 4.72 5.92
C THR A 45 6.10 4.41 5.14
N ALA A 46 6.25 3.97 3.89
CA ALA A 46 5.15 3.73 2.98
C ALA A 46 5.51 2.61 2.00
N ALA A 47 4.50 2.04 1.35
CA ALA A 47 4.70 1.17 0.21
C ALA A 47 4.86 2.00 -1.05
N TYR A 48 5.63 1.50 -2.01
CA TYR A 48 5.88 2.10 -3.31
C TYR A 48 5.49 1.01 -4.31
N MET A 49 4.31 1.13 -4.94
CA MET A 49 3.74 0.11 -5.80
C MET A 49 2.69 0.71 -6.75
N THR A 50 1.96 -0.12 -7.52
CA THR A 50 0.88 0.33 -8.38
C THR A 50 -0.24 -0.71 -8.43
N LEU A 51 -1.48 -0.32 -8.11
CA LEU A 51 -2.64 -1.19 -8.22
C LEU A 51 -3.00 -1.13 -9.68
N THR A 52 -3.24 -2.31 -10.27
CA THR A 52 -3.29 -2.52 -11.70
C THR A 52 -4.59 -3.27 -12.01
N ASN A 53 -5.68 -2.52 -12.22
CA ASN A 53 -7.00 -3.12 -12.32
C ASN A 53 -7.22 -3.73 -13.70
N LYS A 54 -7.64 -4.99 -13.73
CA LYS A 54 -7.90 -5.75 -14.94
C LYS A 54 -9.15 -6.61 -14.65
N SER A 55 -10.22 -5.91 -14.27
CA SER A 55 -11.54 -6.48 -14.03
C SER A 55 -12.63 -5.40 -14.19
N ASP A 56 -12.40 -4.18 -13.71
CA ASP A 56 -13.31 -3.05 -13.75
C ASP A 56 -14.56 -3.27 -12.92
N GLN A 57 -14.34 -3.43 -11.60
CA GLN A 57 -15.36 -3.57 -10.59
C GLN A 57 -15.00 -2.62 -9.43
N PRO A 58 -15.99 -2.20 -8.61
CA PRO A 58 -15.78 -1.29 -7.50
C PRO A 58 -15.21 -2.03 -6.27
N ILE A 59 -13.91 -2.33 -6.32
CA ILE A 59 -13.22 -3.04 -5.24
C ILE A 59 -12.80 -2.02 -4.18
N LYS A 60 -12.78 -2.44 -2.90
CA LYS A 60 -12.35 -1.65 -1.76
C LYS A 60 -11.35 -2.42 -0.91
N LEU A 61 -10.07 -2.10 -1.12
CA LEU A 61 -8.91 -2.65 -0.46
C LEU A 61 -8.79 -1.88 0.85
N VAL A 62 -8.83 -2.58 1.99
CA VAL A 62 -8.70 -1.96 3.31
C VAL A 62 -7.91 -2.91 4.21
N GLY A 63 -6.73 -3.33 3.75
CA GLY A 63 -5.78 -3.99 4.62
C GLY A 63 -4.39 -3.95 4.00
N ALA A 64 -3.37 -3.92 4.86
CA ALA A 64 -1.97 -4.05 4.52
C ALA A 64 -1.23 -4.54 5.78
N ALA A 65 -1.61 -5.72 6.27
CA ALA A 65 -1.12 -6.24 7.54
C ALA A 65 0.21 -6.96 7.32
N THR A 66 1.18 -6.85 8.23
CA THR A 66 2.51 -7.37 7.99
C THR A 66 3.34 -7.34 9.29
N PRO A 67 4.29 -8.25 9.50
CA PRO A 67 5.27 -8.15 10.57
C PRO A 67 6.35 -7.11 10.21
N LEU A 68 5.93 -5.93 9.78
CA LEU A 68 6.79 -4.83 9.36
C LEU A 68 6.40 -3.59 10.17
N ALA A 69 5.21 -3.03 9.90
CA ALA A 69 4.71 -1.81 10.50
C ALA A 69 3.56 -2.11 11.46
N THR A 70 3.43 -1.33 12.52
CA THR A 70 2.39 -1.51 13.54
C THR A 70 1.09 -0.87 13.08
N SER A 71 1.20 0.26 12.38
CA SER A 71 0.09 1.13 12.04
C SER A 71 -0.04 1.27 10.53
N PRO A 72 -0.56 0.27 9.80
CA PRO A 72 -0.74 0.34 8.36
C PRO A 72 -1.95 1.20 8.03
N MET A 73 -1.70 2.46 7.64
CA MET A 73 -2.70 3.49 7.39
C MET A 73 -2.77 3.76 5.89
N LEU A 74 -3.97 3.71 5.32
CA LEU A 74 -4.21 3.95 3.91
C LEU A 74 -4.29 5.47 3.67
N MET A 75 -3.76 5.94 2.54
CA MET A 75 -3.62 7.37 2.24
C MET A 75 -3.75 7.63 0.74
N THR A 76 -4.19 8.82 0.33
CA THR A 76 -4.71 8.99 -1.02
C THR A 76 -4.68 10.45 -1.47
N THR A 77 -3.66 10.85 -2.24
CA THR A 77 -3.51 12.23 -2.70
C THR A 77 -3.05 12.25 -4.14
N THR A 78 -3.86 11.66 -5.02
CA THR A 78 -3.66 11.72 -6.46
C THR A 78 -5.02 11.69 -7.16
N HIS A 79 -5.29 12.69 -8.01
CA HIS A 79 -6.58 12.96 -8.61
C HIS A 79 -6.84 11.99 -9.76
N SER A 80 -6.93 10.70 -9.42
CA SER A 80 -7.05 9.53 -10.28
C SER A 80 -6.78 8.26 -9.48
N GLY A 81 -6.10 8.37 -8.32
CA GLY A 81 -6.11 7.35 -7.30
C GLY A 81 -7.39 7.49 -6.49
N GLY A 82 -7.34 7.13 -5.21
CA GLY A 82 -8.52 7.18 -4.35
C GLY A 82 -9.16 8.58 -4.25
N MET A 83 -8.35 9.58 -3.92
CA MET A 83 -8.80 10.90 -3.50
C MET A 83 -7.62 11.90 -3.53
N ALA A 84 -7.84 13.08 -2.93
CA ALA A 84 -7.00 14.27 -3.04
C ALA A 84 -6.71 14.76 -1.63
N GLY A 85 -6.39 13.84 -0.73
CA GLY A 85 -6.24 14.11 0.69
C GLY A 85 -5.21 13.17 1.31
N MET A 86 -4.00 13.66 1.58
CA MET A 86 -2.92 12.85 2.17
C MET A 86 -3.20 12.71 3.67
N LYS A 87 -4.31 12.07 4.00
CA LYS A 87 -4.87 11.93 5.33
C LYS A 87 -5.23 10.46 5.59
N MET A 88 -5.51 10.13 6.85
CA MET A 88 -5.78 8.77 7.27
C MET A 88 -7.23 8.44 6.91
N VAL A 89 -7.46 8.19 5.62
CA VAL A 89 -8.79 7.91 5.09
C VAL A 89 -9.32 6.56 5.60
N PRO A 90 -10.64 6.32 5.48
CA PRO A 90 -11.24 4.99 5.55
C PRO A 90 -10.36 3.92 4.89
N TRP A 91 -10.02 4.14 3.61
CA TRP A 91 -9.32 3.25 2.71
C TRP A 91 -9.37 3.95 1.35
N LEU A 92 -9.08 3.24 0.25
CA LEU A 92 -9.33 3.74 -1.10
C LEU A 92 -10.12 2.71 -1.92
N THR A 93 -11.38 3.03 -2.24
CA THR A 93 -12.16 2.24 -3.17
C THR A 93 -11.66 2.57 -4.57
N ILE A 94 -11.42 1.54 -5.38
CA ILE A 94 -11.03 1.65 -6.78
C ILE A 94 -12.28 1.39 -7.63
N PRO A 95 -12.93 2.43 -8.15
CA PRO A 95 -14.26 2.34 -8.73
C PRO A 95 -14.17 1.80 -10.16
N ALA A 96 -13.78 0.53 -10.32
CA ALA A 96 -13.18 0.06 -11.56
C ALA A 96 -11.92 0.88 -11.86
N ARG A 97 -11.20 0.56 -12.94
CA ARG A 97 -10.02 1.29 -13.40
C ARG A 97 -9.06 1.80 -12.33
N GLY A 98 -8.93 1.04 -11.24
CA GLY A 98 -7.87 1.14 -10.27
C GLY A 98 -6.48 0.91 -10.87
N THR A 99 -5.99 1.85 -11.67
CA THR A 99 -4.65 1.86 -12.21
C THR A 99 -3.90 3.02 -11.56
N LEU A 100 -3.84 3.01 -10.22
CA LEU A 100 -3.24 4.09 -9.46
C LEU A 100 -1.88 3.65 -8.93
N THR A 101 -1.02 4.63 -8.65
CA THR A 101 0.37 4.41 -8.31
C THR A 101 0.55 4.88 -6.88
N LEU A 102 0.87 3.93 -6.02
CA LEU A 102 1.05 4.15 -4.61
C LEU A 102 2.47 4.68 -4.44
N GLN A 103 2.64 5.96 -4.17
CA GLN A 103 3.93 6.61 -3.96
C GLN A 103 3.85 7.56 -2.77
N ARG A 104 5.03 7.83 -2.19
CA ARG A 104 5.18 8.39 -0.84
C ARG A 104 4.29 9.59 -0.56
N ASP A 105 4.14 10.49 -1.55
CA ASP A 105 3.25 11.63 -1.45
C ASP A 105 2.40 11.74 -2.73
N GLY A 106 1.76 10.64 -3.10
CA GLY A 106 0.86 10.62 -4.25
C GLY A 106 0.01 9.36 -4.25
N ASP A 107 -0.82 9.26 -3.20
CA ASP A 107 -1.65 8.11 -2.86
C ASP A 107 -0.76 6.93 -2.49
N HIS A 108 -1.07 6.18 -1.43
CA HIS A 108 -0.18 5.16 -0.90
C HIS A 108 -0.77 4.44 0.32
N VAL A 109 -0.02 3.50 0.88
CA VAL A 109 -0.22 3.00 2.24
C VAL A 109 0.97 3.50 3.05
N MET A 110 0.72 4.22 4.14
CA MET A 110 1.71 4.53 5.16
C MET A 110 1.76 3.36 6.13
N LEU A 111 2.78 2.52 5.94
CA LEU A 111 3.13 1.45 6.85
C LEU A 111 3.88 2.10 8.02
N MET A 112 3.11 2.78 8.88
CA MET A 112 3.64 3.62 9.94
C MET A 112 3.97 2.79 11.19
N GLY A 113 4.90 3.26 12.01
CA GLY A 113 5.21 2.60 13.28
C GLY A 113 5.98 1.30 13.06
N LEU A 114 7.15 1.39 12.44
CA LEU A 114 8.03 0.26 12.15
C LEU A 114 8.31 -0.56 13.42
N LYS A 115 8.12 -1.88 13.38
CA LYS A 115 8.48 -2.78 14.48
C LYS A 115 9.99 -3.04 14.53
N ARG A 116 10.52 -3.82 13.58
CA ARG A 116 11.84 -4.46 13.66
C ARG A 116 12.79 -3.96 12.57
N PRO A 117 14.12 -4.05 12.75
CA PRO A 117 15.10 -3.53 11.80
C PRO A 117 14.97 -4.20 10.43
N LEU A 118 15.20 -3.42 9.38
CA LEU A 118 14.97 -3.78 7.99
C LEU A 118 16.28 -3.75 7.23
N LYS A 119 16.49 -4.68 6.29
CA LYS A 119 17.59 -4.60 5.34
C LYS A 119 17.06 -4.23 3.96
N VAL A 120 17.65 -3.22 3.34
CA VAL A 120 17.51 -2.94 1.92
C VAL A 120 17.89 -4.21 1.15
N GLY A 121 16.92 -4.92 0.56
CA GLY A 121 17.16 -6.18 -0.13
C GLY A 121 16.38 -7.32 0.49
N GLU A 122 15.83 -7.13 1.68
CA GLU A 122 15.00 -8.10 2.34
C GLU A 122 13.65 -8.14 1.64
N THR A 123 12.81 -9.00 2.16
CA THR A 123 11.47 -9.23 1.69
C THR A 123 10.66 -9.74 2.87
N VAL A 124 9.50 -9.13 3.11
CA VAL A 124 8.61 -9.48 4.21
C VAL A 124 7.22 -9.71 3.60
N ASN A 125 6.45 -10.65 4.16
CA ASN A 125 5.12 -10.91 3.65
C ASN A 125 4.18 -9.78 4.06
N ILE A 126 3.25 -9.44 3.18
CA ILE A 126 2.12 -8.56 3.45
C ILE A 126 0.85 -9.37 3.22
N THR A 127 -0.14 -9.22 4.08
CA THR A 127 -1.48 -9.73 3.87
C THR A 127 -2.40 -8.52 3.67
N LEU A 128 -2.86 -8.31 2.44
CA LEU A 128 -3.88 -7.31 2.18
C LEU A 128 -5.27 -7.90 2.43
N LYS A 129 -6.27 -7.04 2.59
CA LYS A 129 -7.61 -7.44 2.98
C LYS A 129 -8.61 -6.45 2.37
N ALA A 130 -9.15 -6.78 1.21
CA ALA A 130 -10.26 -6.05 0.62
C ALA A 130 -11.57 -6.55 1.19
N THR A 131 -12.46 -5.63 1.59
CA THR A 131 -13.72 -6.02 2.21
C THR A 131 -14.74 -6.52 1.19
N ASP A 132 -14.36 -6.61 -0.10
CA ASP A 132 -14.99 -7.49 -1.07
C ASP A 132 -14.86 -8.96 -0.64
N GLY A 133 -13.96 -9.25 0.31
CA GLY A 133 -13.74 -10.56 0.90
C GLY A 133 -12.46 -11.18 0.33
N ARG A 134 -11.38 -10.40 0.28
CA ARG A 134 -10.05 -10.88 -0.06
C ARG A 134 -9.20 -10.84 1.22
N THR A 135 -8.16 -11.67 1.26
CA THR A 135 -7.23 -11.86 2.36
C THR A 135 -5.97 -12.42 1.68
N LEU A 136 -5.25 -11.57 0.96
CA LEU A 136 -4.27 -12.02 -0.03
C LEU A 136 -2.86 -11.78 0.51
N ASN A 137 -2.03 -12.82 0.49
CA ASN A 137 -0.66 -12.82 0.95
C ASN A 137 0.22 -12.51 -0.26
N VAL A 138 1.17 -11.59 -0.09
CA VAL A 138 2.01 -11.07 -1.14
C VAL A 138 3.40 -10.90 -0.53
N ALA A 139 4.45 -10.98 -1.34
CA ALA A 139 5.82 -10.76 -0.90
C ALA A 139 6.18 -9.30 -1.15
N ALA A 140 6.45 -8.54 -0.09
CA ALA A 140 6.80 -7.13 -0.17
C ALA A 140 8.31 -6.96 -0.07
N THR A 141 8.94 -6.40 -1.10
CA THR A 141 10.39 -6.26 -1.14
C THR A 141 10.81 -5.00 -0.37
N VAL A 142 11.74 -5.14 0.57
CA VAL A 142 12.08 -4.06 1.48
C VAL A 142 13.28 -3.34 0.90
N LYS A 143 13.07 -2.21 0.21
CA LYS A 143 14.16 -1.36 -0.25
C LYS A 143 13.62 0.04 -0.54
N LYS A 144 14.39 1.06 -0.17
CA LYS A 144 13.94 2.44 -0.18
C LYS A 144 13.52 2.96 -1.56
N ASN A 145 14.40 2.81 -2.57
CA ASN A 145 14.13 3.15 -3.97
C ASN A 145 13.92 4.65 -4.14
N ILE A 146 14.87 5.34 -4.81
CA ILE A 146 14.79 6.76 -5.15
C ILE A 146 14.27 7.60 -3.97
N GLU A 147 14.94 7.46 -2.81
CA GLU A 147 14.58 8.11 -1.58
C GLU A 147 15.84 8.78 -1.01
N GLY A 148 15.66 9.71 -0.06
CA GLY A 148 16.63 10.79 0.11
C GLY A 148 16.66 11.63 -1.17
N ARG A 149 15.53 11.63 -1.88
CA ARG A 149 15.19 12.36 -3.08
C ARG A 149 13.78 12.88 -2.76
CU CU1 B . 0.84 9.81 3.70
N MET A 1 -18.17 -34.12 -86.67
CA MET A 1 -17.97 -34.52 -85.28
C MET A 1 -18.09 -33.25 -84.43
N GLY A 2 -17.65 -33.26 -83.18
CA GLY A 2 -17.67 -32.10 -82.30
C GLY A 2 -16.71 -32.35 -81.15
N HIS A 3 -16.45 -31.33 -80.33
CA HIS A 3 -15.51 -31.37 -79.22
C HIS A 3 -15.83 -30.16 -78.34
N THR A 4 -15.36 -30.15 -77.09
CA THR A 4 -15.44 -29.01 -76.20
C THR A 4 -14.39 -29.20 -75.10
N MET A 5 -14.24 -28.19 -74.24
CA MET A 5 -13.26 -28.13 -73.18
C MET A 5 -13.75 -27.13 -72.11
N PRO A 6 -14.53 -27.57 -71.12
CA PRO A 6 -15.00 -26.68 -70.06
C PRO A 6 -13.83 -26.30 -69.15
N ALA A 7 -13.96 -25.18 -68.43
CA ALA A 7 -12.97 -24.69 -67.49
C ALA A 7 -13.66 -23.69 -66.56
N HIS A 8 -13.03 -23.39 -65.42
CA HIS A 8 -13.48 -22.42 -64.43
C HIS A 8 -12.28 -22.12 -63.52
N THR A 9 -12.39 -21.11 -62.67
CA THR A 9 -11.40 -20.80 -61.65
C THR A 9 -12.11 -20.08 -60.49
N PRO A 10 -12.04 -20.59 -59.24
CA PRO A 10 -12.69 -19.96 -58.12
C PRO A 10 -11.83 -18.82 -57.58
N PRO A 11 -12.41 -17.68 -57.15
CA PRO A 11 -11.68 -16.63 -56.48
C PRO A 11 -11.36 -17.06 -55.03
N ALA A 12 -10.45 -16.34 -54.37
CA ALA A 12 -10.12 -16.56 -52.97
C ALA A 12 -9.54 -15.24 -52.43
N GLN A 13 -9.70 -15.01 -51.12
CA GLN A 13 -9.22 -13.83 -50.42
C GLN A 13 -9.41 -14.08 -48.92
N THR A 14 -8.92 -13.18 -48.07
CA THR A 14 -9.18 -13.16 -46.64
C THR A 14 -8.77 -11.77 -46.12
N ALA A 15 -8.93 -11.55 -44.82
CA ALA A 15 -8.63 -10.30 -44.13
C ALA A 15 -8.66 -10.51 -42.61
N PRO A 16 -7.72 -11.26 -42.04
CA PRO A 16 -7.67 -11.50 -40.60
C PRO A 16 -7.25 -10.23 -39.86
N ALA A 17 -7.78 -10.02 -38.65
CA ALA A 17 -7.43 -8.91 -37.78
C ALA A 17 -7.87 -9.28 -36.37
N ALA A 18 -7.25 -8.67 -35.35
CA ALA A 18 -7.58 -8.86 -33.95
C ALA A 18 -6.88 -7.75 -33.16
N GLN A 19 -7.32 -7.49 -31.93
CA GLN A 19 -6.70 -6.55 -31.00
C GLN A 19 -6.90 -7.08 -29.58
N LYS A 20 -6.21 -6.48 -28.61
CA LYS A 20 -6.40 -6.72 -27.19
C LYS A 20 -5.72 -5.58 -26.44
N ALA A 21 -5.89 -5.52 -25.12
CA ALA A 21 -5.28 -4.53 -24.24
C ALA A 21 -5.32 -5.11 -22.82
N GLY A 22 -4.77 -4.38 -21.85
CA GLY A 22 -4.76 -4.77 -20.45
C GLY A 22 -4.28 -3.57 -19.63
N ALA A 23 -4.26 -3.70 -18.30
CA ALA A 23 -3.81 -2.68 -17.37
C ALA A 23 -3.51 -3.37 -16.04
N GLN A 24 -2.96 -2.62 -15.08
CA GLN A 24 -2.68 -3.08 -13.73
C GLN A 24 -2.97 -1.92 -12.78
N ALA A 25 -3.07 -2.22 -11.48
CA ALA A 25 -3.29 -1.25 -10.41
C ALA A 25 -2.75 -1.89 -9.13
N LEU A 26 -2.57 -1.10 -8.07
CA LEU A 26 -1.99 -1.56 -6.80
C LEU A 26 -2.59 -0.74 -5.65
N PRO A 27 -2.93 -1.37 -4.52
CA PRO A 27 -3.53 -0.69 -3.39
C PRO A 27 -2.46 0.04 -2.57
N VAL A 28 -2.90 0.82 -1.59
CA VAL A 28 -2.06 1.79 -0.90
C VAL A 28 -1.22 1.12 0.19
N THR A 29 -0.35 0.20 -0.19
CA THR A 29 0.48 -0.54 0.74
C THR A 29 1.72 -1.06 0.03
N VAL A 30 2.52 -0.14 -0.53
CA VAL A 30 3.77 -0.47 -1.19
C VAL A 30 4.91 0.38 -0.62
N GLN A 31 5.10 0.26 0.70
CA GLN A 31 6.17 0.94 1.39
C GLN A 31 6.54 0.16 2.65
N GLY A 32 7.85 0.04 2.94
CA GLY A 32 8.32 -0.44 4.23
C GLY A 32 8.14 0.65 5.28
N ALA A 33 8.25 0.31 6.56
CA ALA A 33 8.07 1.26 7.65
C ALA A 33 9.39 1.51 8.39
N THR A 34 9.47 2.67 9.04
CA THR A 34 10.52 2.97 10.00
C THR A 34 9.84 3.33 11.31
N VAL A 35 10.52 3.20 12.44
CA VAL A 35 10.00 3.54 13.76
C VAL A 35 11.05 4.38 14.48
N ALA A 36 10.61 5.41 15.20
CA ALA A 36 11.52 6.41 15.74
C ALA A 36 12.25 5.96 17.02
N ALA A 37 12.65 4.69 17.08
CA ALA A 37 13.20 4.05 18.27
C ALA A 37 12.31 4.37 19.48
N VAL A 38 12.89 4.52 20.67
CA VAL A 38 12.28 5.30 21.74
C VAL A 38 12.85 6.72 21.56
N PRO A 39 12.06 7.69 21.10
CA PRO A 39 12.49 9.08 21.08
C PRO A 39 12.56 9.59 22.53
N PRO A 40 13.19 10.73 22.80
CA PRO A 40 13.27 11.28 24.15
C PRO A 40 11.92 11.88 24.57
N SER A 41 10.90 11.02 24.69
CA SER A 41 9.53 11.40 25.05
C SER A 41 8.75 10.13 25.39
N ILE A 42 9.24 9.38 26.39
CA ILE A 42 8.60 8.21 26.97
C ILE A 42 8.78 7.00 26.03
N ARG A 43 8.55 5.79 26.56
CA ARG A 43 8.72 4.52 25.85
C ARG A 43 7.94 4.51 24.53
N ASP A 44 6.75 5.11 24.55
CA ASP A 44 5.86 5.29 23.41
C ASP A 44 6.62 5.81 22.19
N THR A 45 6.17 5.45 20.99
CA THR A 45 6.80 5.93 19.77
C THR A 45 5.77 5.92 18.65
N ALA A 46 6.22 6.07 17.40
CA ALA A 46 5.38 6.09 16.23
C ALA A 46 6.20 5.59 15.05
N ALA A 47 5.49 5.11 14.03
CA ALA A 47 6.10 4.79 12.75
C ALA A 47 6.24 6.05 11.92
N TYR A 48 7.20 6.05 11.01
CA TYR A 48 7.35 7.00 9.94
C TYR A 48 7.34 6.13 8.69
N MET A 49 6.42 6.41 7.77
CA MET A 49 6.13 5.57 6.62
C MET A 49 5.49 6.47 5.56
N THR A 50 5.08 5.91 4.44
CA THR A 50 4.37 6.63 3.39
C THR A 50 3.43 5.65 2.71
N LEU A 51 2.14 5.98 2.64
CA LEU A 51 1.15 5.26 1.87
C LEU A 51 1.25 5.78 0.45
N THR A 52 1.24 4.86 -0.52
CA THR A 52 1.45 5.13 -1.94
C THR A 52 0.41 4.35 -2.73
N ASN A 53 -0.70 4.99 -3.14
CA ASN A 53 -1.75 4.27 -3.87
C ASN A 53 -1.40 4.24 -5.36
N LYS A 54 -1.88 3.22 -6.07
CA LYS A 54 -1.81 3.17 -7.51
C LYS A 54 -3.14 2.61 -7.99
N SER A 55 -4.22 3.29 -7.61
CA SER A 55 -5.58 3.00 -7.98
C SER A 55 -6.38 4.13 -7.38
N ASP A 56 -7.62 4.29 -7.83
CA ASP A 56 -8.49 5.37 -7.41
C ASP A 56 -9.69 4.78 -6.69
N GLN A 57 -9.50 4.47 -5.40
CA GLN A 57 -10.53 3.92 -4.52
C GLN A 57 -10.28 4.44 -3.11
N PRO A 58 -11.34 4.63 -2.30
CA PRO A 58 -11.22 5.00 -0.90
C PRO A 58 -10.71 3.81 -0.09
N ILE A 59 -9.43 3.48 -0.25
CA ILE A 59 -8.80 2.36 0.44
C ILE A 59 -8.38 2.81 1.84
N LYS A 60 -8.23 1.85 2.76
CA LYS A 60 -7.93 2.12 4.15
C LYS A 60 -7.05 1.02 4.71
N LEU A 61 -6.45 1.28 5.88
CA LEU A 61 -5.59 0.37 6.59
C LEU A 61 -5.99 0.55 8.05
N VAL A 62 -6.30 -0.55 8.77
CA VAL A 62 -6.66 -0.52 10.18
C VAL A 62 -5.94 -1.66 10.89
N GLY A 63 -4.62 -1.74 10.71
CA GLY A 63 -3.78 -2.56 11.55
C GLY A 63 -2.33 -2.14 11.45
N ALA A 64 -1.60 -2.37 12.54
CA ALA A 64 -0.16 -2.28 12.69
C ALA A 64 0.20 -3.17 13.88
N ALA A 65 -0.08 -4.46 13.74
CA ALA A 65 0.04 -5.45 14.80
C ALA A 65 1.51 -5.87 14.85
N THR A 66 2.27 -5.16 15.68
CA THR A 66 3.69 -5.36 15.88
C THR A 66 3.93 -6.05 17.22
N PRO A 67 4.79 -7.10 17.28
CA PRO A 67 5.15 -7.76 18.52
C PRO A 67 6.15 -6.88 19.29
N LEU A 68 5.70 -5.68 19.67
CA LEU A 68 6.57 -4.57 20.03
C LEU A 68 5.81 -3.50 20.81
N ALA A 69 4.65 -3.08 20.30
CA ALA A 69 3.80 -2.09 20.94
C ALA A 69 2.74 -2.82 21.74
N THR A 70 2.56 -2.48 23.01
CA THR A 70 1.39 -2.92 23.76
C THR A 70 0.14 -2.20 23.22
N SER A 71 0.31 -0.95 22.78
CA SER A 71 -0.78 -0.05 22.41
C SER A 71 -0.53 0.55 21.03
N PRO A 72 -0.67 -0.22 19.94
CA PRO A 72 -0.68 0.32 18.59
C PRO A 72 -1.96 1.12 18.37
N MET A 73 -1.85 2.41 18.01
CA MET A 73 -2.97 3.33 17.91
C MET A 73 -2.74 4.32 16.77
N LEU A 74 -3.68 4.38 15.83
CA LEU A 74 -3.60 5.24 14.66
C LEU A 74 -4.07 6.66 15.01
N MET A 75 -3.38 7.69 14.47
CA MET A 75 -3.66 9.10 14.72
C MET A 75 -3.51 9.92 13.44
N THR A 76 -4.24 11.03 13.35
CA THR A 76 -4.53 11.73 12.11
C THR A 76 -4.48 13.25 12.30
N THR A 77 -3.56 13.96 11.64
CA THR A 77 -3.66 15.42 11.52
C THR A 77 -3.12 15.98 10.20
N THR A 78 -3.70 15.55 9.07
CA THR A 78 -3.40 16.16 7.79
C THR A 78 -4.66 16.19 6.92
N HIS A 79 -5.05 17.40 6.52
CA HIS A 79 -6.29 17.69 5.80
C HIS A 79 -6.14 17.29 4.33
N SER A 80 -5.89 16.01 4.07
CA SER A 80 -5.73 15.43 2.74
C SER A 80 -5.88 13.91 2.82
N GLY A 81 -5.05 13.27 3.64
CA GLY A 81 -5.12 11.85 3.91
C GLY A 81 -5.93 11.63 5.18
N GLY A 82 -5.22 11.54 6.31
CA GLY A 82 -5.80 11.28 7.61
C GLY A 82 -5.99 12.58 8.38
N MET A 83 -7.20 13.13 8.36
CA MET A 83 -7.57 14.26 9.21
C MET A 83 -8.23 13.75 10.48
N ALA A 84 -7.92 14.41 11.60
CA ALA A 84 -8.83 14.64 12.71
C ALA A 84 -8.06 15.20 13.90
N GLY A 85 -7.47 16.38 13.71
CA GLY A 85 -6.87 17.19 14.75
C GLY A 85 -5.98 16.41 15.74
N MET A 86 -5.24 15.41 15.24
CA MET A 86 -4.33 14.58 16.02
C MET A 86 -5.07 13.83 17.13
N LYS A 87 -6.30 13.38 16.85
CA LYS A 87 -7.07 12.55 17.77
C LYS A 87 -6.86 11.06 17.46
N MET A 88 -7.19 10.19 18.42
CA MET A 88 -7.05 8.74 18.26
C MET A 88 -8.27 8.26 17.47
N VAL A 89 -8.05 7.74 16.27
CA VAL A 89 -9.13 7.51 15.31
C VAL A 89 -9.57 6.04 15.26
N PRO A 90 -10.71 5.77 14.57
CA PRO A 90 -10.95 4.49 13.92
C PRO A 90 -9.67 3.92 13.29
N TRP A 91 -9.06 4.69 12.38
CA TRP A 91 -7.98 4.33 11.49
C TRP A 91 -7.92 5.47 10.48
N LEU A 92 -7.14 5.32 9.40
CA LEU A 92 -7.07 6.29 8.31
C LEU A 92 -7.46 5.65 6.96
N THR A 93 -8.66 6.00 6.47
CA THR A 93 -9.05 5.79 5.08
C THR A 93 -8.46 6.94 4.27
N ILE A 94 -7.78 6.63 3.15
CA ILE A 94 -7.27 7.64 2.23
C ILE A 94 -8.13 7.62 0.97
N PRO A 95 -8.59 8.78 0.48
CA PRO A 95 -9.42 8.81 -0.71
C PRO A 95 -8.55 8.57 -1.95
N ALA A 96 -9.09 7.79 -2.90
CA ALA A 96 -8.63 7.79 -4.28
C ALA A 96 -7.16 7.42 -4.41
N ARG A 97 -6.48 7.92 -5.46
CA ARG A 97 -5.03 7.89 -5.63
C ARG A 97 -4.26 8.69 -4.57
N GLY A 98 -4.54 8.47 -3.28
CA GLY A 98 -3.83 9.08 -2.17
C GLY A 98 -2.37 8.67 -2.15
N THR A 99 -1.54 9.53 -1.56
CA THR A 99 -0.21 9.16 -1.11
C THR A 99 0.13 9.96 0.14
N LEU A 100 -0.21 9.36 1.29
CA LEU A 100 -0.04 9.98 2.60
C LEU A 100 1.39 9.74 3.11
N THR A 101 1.83 10.54 4.08
CA THR A 101 3.20 10.55 4.57
C THR A 101 3.09 10.49 6.08
N LEU A 102 3.29 9.29 6.63
CA LEU A 102 3.02 9.01 8.02
C LEU A 102 4.22 9.49 8.81
N GLN A 103 4.00 10.39 9.77
CA GLN A 103 5.03 11.11 10.50
C GLN A 103 4.47 11.54 11.85
N ARG A 104 5.34 11.73 12.84
CA ARG A 104 4.92 12.00 14.23
C ARG A 104 4.30 13.40 14.35
N ASP A 105 3.06 13.52 13.88
CA ASP A 105 2.18 14.67 13.78
C ASP A 105 1.18 14.35 12.65
N GLY A 106 1.47 14.78 11.42
CA GLY A 106 0.58 14.79 10.26
C GLY A 106 0.22 13.41 9.75
N ASP A 107 -0.63 12.73 10.53
CA ASP A 107 -1.05 11.35 10.40
C ASP A 107 0.10 10.39 10.66
N HIS A 108 -0.16 9.35 11.44
CA HIS A 108 0.83 8.36 11.79
C HIS A 108 0.21 7.16 12.50
N VAL A 109 1.05 6.13 12.68
CA VAL A 109 0.77 5.00 13.53
C VAL A 109 1.54 5.30 14.82
N MET A 110 0.85 5.47 15.95
CA MET A 110 1.54 5.40 17.22
C MET A 110 1.68 3.95 17.60
N LEU A 111 2.81 3.70 18.23
CA LEU A 111 3.23 2.47 18.85
C LEU A 111 3.47 2.82 20.31
N MET A 112 2.39 2.92 21.10
CA MET A 112 2.49 3.25 22.50
C MET A 112 2.78 1.98 23.30
N GLY A 113 3.40 2.16 24.47
CA GLY A 113 3.70 1.08 25.38
C GLY A 113 4.67 0.09 24.73
N LEU A 114 5.81 0.58 24.25
CA LEU A 114 6.83 -0.24 23.62
C LEU A 114 7.34 -1.27 24.64
N LYS A 115 7.60 -2.49 24.16
CA LYS A 115 7.86 -3.67 24.99
C LYS A 115 9.35 -3.98 24.97
N ARG A 116 9.90 -4.35 23.80
CA ARG A 116 11.30 -4.74 23.69
C ARG A 116 12.23 -3.60 24.14
N PRO A 117 13.42 -3.92 24.67
CA PRO A 117 14.51 -2.96 24.71
C PRO A 117 14.94 -2.70 23.26
N LEU A 118 14.52 -1.56 22.71
CA LEU A 118 14.75 -1.21 21.32
C LEU A 118 16.21 -1.28 20.91
N LYS A 119 16.45 -1.37 19.61
CA LYS A 119 17.76 -1.28 18.98
C LYS A 119 17.64 -0.32 17.81
N VAL A 120 18.55 0.67 17.75
CA VAL A 120 18.74 1.50 16.57
C VAL A 120 19.28 0.57 15.47
N GLY A 121 18.38 0.04 14.64
CA GLY A 121 18.68 -0.96 13.63
C GLY A 121 17.99 -2.29 13.94
N GLU A 122 17.00 -2.32 14.83
CA GLU A 122 16.03 -3.40 14.83
C GLU A 122 15.18 -3.29 13.58
N THR A 123 14.46 -4.36 13.36
CA THR A 123 13.82 -4.71 12.10
C THR A 123 12.63 -5.61 12.42
N VAL A 124 11.54 -5.01 12.90
CA VAL A 124 10.43 -5.75 13.46
C VAL A 124 9.41 -6.02 12.36
N ASN A 125 9.02 -7.29 12.16
CA ASN A 125 7.94 -7.61 11.25
C ASN A 125 6.61 -7.24 11.92
N ILE A 126 5.81 -6.40 11.27
CA ILE A 126 4.51 -5.96 11.74
C ILE A 126 3.44 -6.48 10.79
N THR A 127 2.36 -7.05 11.31
CA THR A 127 1.25 -7.47 10.47
C THR A 127 0.25 -6.33 10.35
N LEU A 128 -0.08 -5.92 9.12
CA LEU A 128 -1.12 -4.96 8.88
C LEU A 128 -2.47 -5.66 8.93
N LYS A 129 -3.56 -4.89 8.86
CA LYS A 129 -4.90 -5.39 8.57
C LYS A 129 -5.70 -4.25 7.95
N ALA A 130 -5.87 -4.27 6.63
CA ALA A 130 -6.92 -3.47 6.01
C ALA A 130 -8.23 -4.23 6.11
N THR A 131 -9.35 -3.50 6.20
CA THR A 131 -10.70 -4.04 6.06
C THR A 131 -10.79 -5.03 4.90
N ASP A 132 -10.03 -4.71 3.87
CA ASP A 132 -9.94 -5.35 2.58
C ASP A 132 -9.47 -6.81 2.70
N GLY A 133 -8.98 -7.23 3.88
CA GLY A 133 -8.39 -8.54 4.08
C GLY A 133 -6.89 -8.53 3.79
N ARG A 134 -6.31 -7.35 3.55
CA ARG A 134 -4.90 -7.20 3.24
C ARG A 134 -4.14 -7.22 4.56
N THR A 135 -4.06 -8.41 5.15
CA THR A 135 -3.36 -8.66 6.40
C THR A 135 -1.88 -8.89 6.10
N LEU A 136 -1.23 -7.82 5.64
CA LEU A 136 0.10 -7.88 5.03
C LEU A 136 1.14 -7.96 6.14
N ASN A 137 2.41 -8.14 5.78
CA ASN A 137 3.55 -8.11 6.68
C ASN A 137 4.45 -7.00 6.18
N VAL A 138 4.85 -6.09 7.06
CA VAL A 138 5.70 -4.97 6.75
C VAL A 138 6.90 -5.00 7.68
N ALA A 139 8.09 -4.62 7.20
CA ALA A 139 9.26 -4.46 8.03
C ALA A 139 9.24 -3.05 8.63
N ALA A 140 9.35 -2.96 9.95
CA ALA A 140 9.47 -1.73 10.71
C ALA A 140 10.92 -1.57 11.18
N THR A 141 11.60 -0.59 10.58
CA THR A 141 13.02 -0.32 10.78
C THR A 141 13.18 0.63 11.96
N VAL A 142 13.64 0.14 13.11
CA VAL A 142 13.61 0.90 14.36
C VAL A 142 14.86 1.75 14.42
N LYS A 143 14.82 3.03 14.01
CA LYS A 143 16.03 3.84 14.00
C LYS A 143 15.78 5.36 14.04
N LYS A 144 15.08 5.87 15.05
CA LYS A 144 14.97 7.30 15.28
C LYS A 144 14.28 8.08 14.14
N ASN A 145 13.98 9.35 14.39
CA ASN A 145 13.31 10.21 13.43
C ASN A 145 14.32 10.62 12.35
N ILE A 146 14.35 9.90 11.23
CA ILE A 146 15.17 10.17 10.05
C ILE A 146 16.64 9.80 10.27
N GLU A 147 17.21 10.23 11.40
CA GLU A 147 18.61 10.04 11.80
C GLU A 147 19.18 8.70 11.32
N GLY A 148 20.29 8.75 10.58
CA GLY A 148 21.07 7.59 10.17
C GLY A 148 21.06 7.45 8.66
N ARG A 149 20.15 6.62 8.13
CA ARG A 149 20.04 6.25 6.73
C ARG A 149 18.81 5.35 6.61
CU CU1 B . -0.43 10.07 17.52
N MET A 1 -15.41 -18.76 -68.52
CA MET A 1 -15.84 -19.62 -67.41
C MET A 1 -14.68 -19.68 -66.41
N GLY A 2 -14.92 -20.12 -65.18
CA GLY A 2 -13.95 -19.99 -64.11
C GLY A 2 -13.93 -18.54 -63.58
N HIS A 3 -13.38 -18.36 -62.38
CA HIS A 3 -13.27 -17.08 -61.69
C HIS A 3 -11.80 -16.65 -61.68
N THR A 4 -11.44 -15.74 -60.78
CA THR A 4 -10.06 -15.43 -60.42
C THR A 4 -10.10 -14.86 -59.00
N MET A 5 -8.95 -14.42 -58.48
CA MET A 5 -8.81 -13.88 -57.15
C MET A 5 -7.58 -12.96 -57.11
N PRO A 6 -7.60 -11.88 -56.30
CA PRO A 6 -6.47 -10.98 -56.19
C PRO A 6 -5.38 -11.59 -55.31
N ALA A 7 -4.17 -11.00 -55.38
CA ALA A 7 -3.08 -11.35 -54.49
C ALA A 7 -3.36 -10.79 -53.08
N HIS A 8 -4.33 -11.39 -52.39
CA HIS A 8 -4.83 -10.92 -51.11
C HIS A 8 -3.80 -11.10 -49.99
N THR A 9 -2.77 -10.25 -49.98
CA THR A 9 -1.83 -10.16 -48.87
C THR A 9 -2.59 -9.84 -47.57
N PRO A 10 -2.17 -10.38 -46.42
CA PRO A 10 -2.58 -9.82 -45.15
C PRO A 10 -1.96 -8.43 -45.00
N PRO A 11 -2.54 -7.55 -44.17
CA PRO A 11 -1.95 -6.27 -43.82
C PRO A 11 -0.87 -6.47 -42.74
N ALA A 12 -0.24 -5.37 -42.30
CA ALA A 12 0.54 -5.39 -41.08
C ALA A 12 -0.37 -5.69 -39.88
N GLN A 13 0.18 -6.30 -38.84
CA GLN A 13 -0.55 -6.72 -37.64
C GLN A 13 -0.04 -5.99 -36.42
N THR A 14 -0.87 -5.93 -35.37
CA THR A 14 -0.52 -5.44 -34.04
C THR A 14 -1.64 -5.93 -33.12
N ALA A 15 -1.46 -5.80 -31.79
CA ALA A 15 -2.45 -6.19 -30.80
C ALA A 15 -2.07 -5.59 -29.44
N PRO A 16 -3.03 -5.18 -28.61
CA PRO A 16 -2.78 -4.77 -27.24
C PRO A 16 -2.66 -6.02 -26.35
N ALA A 17 -2.59 -5.80 -25.03
CA ALA A 17 -2.70 -6.85 -24.02
C ALA A 17 -3.58 -6.29 -22.90
N ALA A 18 -4.13 -7.15 -22.05
CA ALA A 18 -5.01 -6.75 -20.96
C ALA A 18 -4.98 -7.80 -19.85
N GLN A 19 -4.85 -7.35 -18.61
CA GLN A 19 -4.83 -8.18 -17.41
C GLN A 19 -6.14 -8.98 -17.27
N LYS A 20 -6.09 -10.03 -16.45
CA LYS A 20 -7.18 -10.98 -16.25
C LYS A 20 -7.15 -11.41 -14.77
N ALA A 21 -8.02 -12.36 -14.40
CA ALA A 21 -8.11 -12.89 -13.04
C ALA A 21 -8.36 -11.78 -12.02
N GLY A 22 -9.43 -11.01 -12.24
CA GLY A 22 -9.86 -9.95 -11.35
C GLY A 22 -10.45 -10.50 -10.06
N ALA A 23 -9.61 -11.09 -9.20
CA ALA A 23 -9.98 -11.69 -7.93
C ALA A 23 -10.38 -10.62 -6.91
N GLN A 24 -11.53 -10.00 -7.15
CA GLN A 24 -12.14 -8.97 -6.32
C GLN A 24 -12.56 -9.59 -4.97
N ALA A 25 -11.61 -9.58 -4.02
CA ALA A 25 -11.74 -10.25 -2.73
C ALA A 25 -10.57 -9.88 -1.81
N LEU A 26 -9.35 -9.90 -2.34
CA LEU A 26 -8.15 -9.67 -1.54
C LEU A 26 -8.18 -8.27 -0.90
N PRO A 27 -7.99 -8.18 0.43
CA PRO A 27 -8.04 -6.91 1.12
C PRO A 27 -6.76 -6.11 0.84
N VAL A 28 -6.80 -4.82 1.20
CA VAL A 28 -5.81 -3.84 0.77
C VAL A 28 -4.55 -3.90 1.66
N THR A 29 -3.90 -5.06 1.68
CA THR A 29 -2.74 -5.28 2.52
C THR A 29 -1.89 -6.41 1.94
N VAL A 30 -1.45 -6.23 0.69
CA VAL A 30 -0.58 -7.18 0.02
C VAL A 30 0.70 -6.48 -0.43
N GLN A 31 1.41 -5.90 0.54
CA GLN A 31 2.78 -5.42 0.36
C GLN A 31 3.47 -5.53 1.72
N GLY A 32 4.72 -6.01 1.73
CA GLY A 32 5.55 -6.03 2.92
C GLY A 32 5.96 -4.60 3.27
N ALA A 33 5.83 -4.22 4.54
CA ALA A 33 6.05 -2.85 4.98
C ALA A 33 7.48 -2.63 5.46
N THR A 34 7.98 -1.40 5.32
CA THR A 34 9.29 -1.00 5.78
C THR A 34 9.12 0.07 6.87
N VAL A 35 9.67 -0.14 8.07
CA VAL A 35 9.52 0.78 9.20
C VAL A 35 10.84 1.52 9.45
N ALA A 36 10.82 2.84 9.39
CA ALA A 36 12.05 3.61 9.53
C ALA A 36 12.47 3.73 10.99
N ALA A 37 13.25 2.78 11.52
CA ALA A 37 13.86 2.88 12.85
C ALA A 37 14.39 4.29 13.08
N VAL A 38 13.91 4.94 14.15
CA VAL A 38 13.64 6.37 14.21
C VAL A 38 14.58 7.28 13.37
N PRO A 39 14.04 8.09 12.47
CA PRO A 39 14.77 9.21 11.88
C PRO A 39 15.33 10.16 12.94
N PRO A 40 16.26 11.05 12.57
CA PRO A 40 16.58 12.21 13.38
C PRO A 40 15.51 13.29 13.18
N SER A 41 14.22 12.97 13.40
CA SER A 41 13.14 13.95 13.26
C SER A 41 12.12 13.77 14.37
N ILE A 42 12.61 13.76 15.61
CA ILE A 42 11.93 13.36 16.83
C ILE A 42 12.10 11.84 16.96
N ARG A 43 11.67 11.26 18.08
CA ARG A 43 11.47 9.82 18.22
C ARG A 43 10.23 9.38 17.43
N ASP A 44 10.15 9.78 16.16
CA ASP A 44 9.13 9.37 15.21
C ASP A 44 9.55 8.06 14.55
N THR A 45 8.59 7.33 14.01
CA THR A 45 8.83 6.35 12.98
C THR A 45 7.50 6.15 12.26
N ALA A 46 7.53 5.47 11.12
CA ALA A 46 6.41 5.29 10.24
C ALA A 46 6.69 4.05 9.41
N ALA A 47 5.63 3.39 8.94
CA ALA A 47 5.74 2.36 7.93
C ALA A 47 5.63 3.01 6.56
N TYR A 48 6.32 2.45 5.57
CA TYR A 48 6.25 2.84 4.18
C TYR A 48 5.97 1.55 3.44
N MET A 49 4.92 1.54 2.62
CA MET A 49 4.38 0.37 1.95
C MET A 49 3.53 0.87 0.80
N THR A 50 2.85 -0.04 0.11
CA THR A 50 1.87 0.27 -0.91
C THR A 50 0.56 -0.44 -0.56
N LEU A 51 -0.51 0.31 -0.31
CA LEU A 51 -1.82 -0.26 -0.05
C LEU A 51 -2.39 -0.51 -1.44
N THR A 52 -2.54 -1.80 -1.74
CA THR A 52 -2.72 -2.34 -3.06
C THR A 52 -4.03 -3.14 -3.10
N ASN A 53 -5.12 -2.50 -3.54
CA ASN A 53 -6.45 -3.07 -3.42
C ASN A 53 -6.77 -4.05 -4.54
N LYS A 54 -7.45 -5.16 -4.23
CA LYS A 54 -8.06 -6.04 -5.21
C LYS A 54 -9.38 -6.57 -4.62
N SER A 55 -10.28 -5.65 -4.33
CA SER A 55 -11.61 -5.93 -3.79
C SER A 55 -12.61 -4.84 -4.20
N ASP A 56 -12.18 -3.57 -4.18
CA ASP A 56 -12.90 -2.41 -4.62
C ASP A 56 -14.11 -2.17 -3.70
N GLN A 57 -13.79 -1.95 -2.43
CA GLN A 57 -14.74 -1.78 -1.33
C GLN A 57 -14.18 -0.68 -0.40
N PRO A 58 -15.03 0.05 0.32
CA PRO A 58 -14.61 1.13 1.20
C PRO A 58 -13.97 0.57 2.48
N ILE A 59 -12.64 0.40 2.49
CA ILE A 59 -11.96 -0.19 3.65
C ILE A 59 -11.44 0.90 4.59
N LYS A 60 -11.46 0.58 5.89
CA LYS A 60 -11.22 1.47 7.02
C LYS A 60 -10.23 0.82 7.99
N LEU A 61 -8.93 0.94 7.71
CA LEU A 61 -7.88 0.24 8.45
C LEU A 61 -7.52 0.98 9.74
N VAL A 62 -8.41 0.94 10.73
CA VAL A 62 -8.20 1.69 11.98
C VAL A 62 -7.30 0.91 12.94
N GLY A 63 -6.09 0.55 12.51
CA GLY A 63 -5.06 0.16 13.46
C GLY A 63 -3.69 0.16 12.82
N ALA A 64 -2.64 0.31 13.63
CA ALA A 64 -1.26 0.01 13.27
C ALA A 64 -0.43 -0.20 14.52
N ALA A 65 -0.77 -1.18 15.37
CA ALA A 65 -0.07 -1.38 16.63
C ALA A 65 1.22 -2.17 16.37
N THR A 66 2.18 -2.14 17.31
CA THR A 66 3.47 -2.81 17.14
C THR A 66 4.21 -2.82 18.49
N PRO A 67 5.02 -3.85 18.77
CA PRO A 67 5.93 -3.83 19.90
C PRO A 67 7.19 -3.02 19.53
N LEU A 68 6.99 -1.74 19.14
CA LEU A 68 8.08 -0.89 18.66
C LEU A 68 7.88 0.55 19.15
N ALA A 69 6.86 1.24 18.61
CA ALA A 69 6.50 2.61 18.97
C ALA A 69 5.09 2.66 19.55
N THR A 70 4.73 3.79 20.17
CA THR A 70 3.66 3.90 21.15
C THR A 70 2.39 4.49 20.54
N SER A 71 2.52 5.50 19.69
CA SER A 71 1.42 6.29 19.16
C SER A 71 1.20 5.96 17.68
N PRO A 72 0.33 4.97 17.35
CA PRO A 72 0.04 4.60 15.98
C PRO A 72 -0.91 5.62 15.36
N MET A 73 -0.35 6.64 14.74
CA MET A 73 -1.06 7.81 14.28
C MET A 73 -1.12 7.80 12.76
N LEU A 74 -2.33 7.65 12.23
CA LEU A 74 -2.58 7.53 10.81
C LEU A 74 -2.56 8.94 10.19
N MET A 75 -1.86 9.07 9.06
CA MET A 75 -1.76 10.29 8.28
C MET A 75 -2.27 10.00 6.87
N THR A 76 -2.35 11.02 6.02
CA THR A 76 -2.67 10.83 4.61
C THR A 76 -2.21 12.06 3.84
N THR A 77 -1.57 11.88 2.69
CA THR A 77 -1.08 13.01 1.90
C THR A 77 -0.93 12.54 0.46
N THR A 78 -2.03 12.04 -0.11
CA THR A 78 -2.10 11.59 -1.49
C THR A 78 -3.52 11.80 -2.03
N HIS A 79 -3.63 12.55 -3.13
CA HIS A 79 -4.88 12.73 -3.86
C HIS A 79 -5.23 11.41 -4.56
N SER A 80 -5.82 10.48 -3.81
CA SER A 80 -6.24 9.11 -4.16
C SER A 80 -6.02 8.15 -2.99
N GLY A 81 -5.34 8.59 -1.93
CA GLY A 81 -5.24 7.86 -0.68
C GLY A 81 -6.37 8.31 0.24
N GLY A 82 -6.07 8.45 1.54
CA GLY A 82 -7.05 8.93 2.50
C GLY A 82 -7.55 10.33 2.15
N MET A 83 -6.63 11.27 1.98
CA MET A 83 -6.84 12.68 1.65
C MET A 83 -5.48 13.29 1.32
N ALA A 84 -5.41 14.62 1.26
CA ALA A 84 -4.23 15.38 0.91
C ALA A 84 -3.93 16.30 2.09
N GLY A 85 -3.68 15.70 3.26
CA GLY A 85 -3.74 16.43 4.51
C GLY A 85 -3.03 15.66 5.61
N MET A 86 -1.72 15.90 5.77
CA MET A 86 -0.86 15.12 6.66
C MET A 86 -1.08 15.51 8.12
N LYS A 87 -2.29 15.24 8.60
CA LYS A 87 -2.76 15.46 9.95
C LYS A 87 -3.08 14.10 10.57
N MET A 88 -3.29 14.06 11.89
CA MET A 88 -3.54 12.81 12.60
C MET A 88 -5.00 12.44 12.35
N VAL A 89 -5.25 11.76 11.24
CA VAL A 89 -6.61 11.40 10.85
C VAL A 89 -7.11 10.26 11.74
N PRO A 90 -8.44 10.11 11.88
CA PRO A 90 -9.03 8.95 12.55
C PRO A 90 -8.48 7.63 11.98
N TRP A 91 -8.27 7.59 10.67
CA TRP A 91 -7.66 6.53 9.90
C TRP A 91 -7.62 7.05 8.47
N LEU A 92 -6.94 6.34 7.56
CA LEU A 92 -6.99 6.64 6.13
C LEU A 92 -7.97 5.67 5.46
N THR A 93 -9.22 6.11 5.24
CA THR A 93 -10.23 5.27 4.61
C THR A 93 -9.94 5.23 3.12
N ILE A 94 -9.90 4.04 2.52
CA ILE A 94 -9.67 3.90 1.09
C ILE A 94 -11.02 3.63 0.42
N PRO A 95 -11.56 4.59 -0.36
CA PRO A 95 -12.91 4.52 -0.88
C PRO A 95 -12.95 3.62 -2.11
N ALA A 96 -12.77 2.31 -1.92
CA ALA A 96 -12.53 1.38 -3.01
C ALA A 96 -11.19 1.72 -3.68
N ARG A 97 -10.76 0.90 -4.65
CA ARG A 97 -9.55 1.03 -5.45
C ARG A 97 -8.29 1.61 -4.78
N GLY A 98 -8.15 1.53 -3.46
CA GLY A 98 -6.96 1.97 -2.73
C GLY A 98 -5.67 1.50 -3.38
N THR A 99 -5.01 2.41 -4.10
CA THR A 99 -3.70 2.18 -4.68
C THR A 99 -2.84 3.37 -4.28
N LEU A 100 -2.75 3.62 -2.98
CA LEU A 100 -1.90 4.68 -2.45
C LEU A 100 -0.61 4.08 -1.92
N THR A 101 0.38 4.94 -1.70
CA THR A 101 1.74 4.54 -1.43
C THR A 101 2.13 5.30 -0.18
N LEU A 102 2.37 4.58 0.90
CA LEU A 102 2.66 5.17 2.19
C LEU A 102 4.12 5.59 2.11
N GLN A 103 4.36 6.90 2.07
CA GLN A 103 5.64 7.55 1.84
C GLN A 103 5.85 8.61 2.91
N ARG A 104 7.12 8.81 3.26
CA ARG A 104 7.62 9.75 4.26
C ARG A 104 6.72 10.97 4.48
N ASP A 105 6.38 11.66 3.39
CA ASP A 105 5.37 12.71 3.40
C ASP A 105 4.52 12.62 2.14
N GLY A 106 3.78 11.52 1.99
CA GLY A 106 2.88 11.33 0.86
C GLY A 106 1.94 10.17 1.15
N ASP A 107 1.06 10.38 2.14
CA ASP A 107 0.27 9.35 2.81
C ASP A 107 1.19 8.41 3.58
N HIS A 108 0.73 7.85 4.68
CA HIS A 108 1.49 7.00 5.61
C HIS A 108 0.81 6.90 6.98
N VAL A 109 1.38 6.08 7.86
CA VAL A 109 1.07 6.04 9.27
C VAL A 109 2.37 6.39 10.00
N MET A 110 2.34 7.37 10.92
CA MET A 110 3.44 7.62 11.83
C MET A 110 3.18 6.84 13.12
N LEU A 111 3.96 5.79 13.33
CA LEU A 111 4.01 5.08 14.57
C LEU A 111 4.98 5.84 15.48
N MET A 112 4.52 6.95 16.04
CA MET A 112 5.38 7.92 16.71
C MET A 112 5.62 7.46 18.15
N GLY A 113 6.73 7.86 18.76
CA GLY A 113 6.96 7.60 20.17
C GLY A 113 7.58 6.23 20.38
N LEU A 114 8.88 6.06 20.08
CA LEU A 114 9.56 4.79 20.34
C LEU A 114 9.32 4.30 21.78
N LYS A 115 9.09 3.00 21.98
CA LYS A 115 9.22 2.37 23.29
C LYS A 115 10.71 2.10 23.55
N ARG A 116 11.34 1.31 22.67
CA ARG A 116 12.75 0.93 22.77
C ARG A 116 13.20 -0.02 21.64
N PRO A 117 12.59 -1.21 21.49
CA PRO A 117 13.15 -2.26 20.64
C PRO A 117 12.96 -1.94 19.15
N LEU A 118 13.91 -1.22 18.57
CA LEU A 118 14.00 -0.96 17.14
C LEU A 118 15.46 -0.96 16.71
N LYS A 119 15.72 -1.22 15.43
CA LYS A 119 17.05 -1.22 14.86
C LYS A 119 16.86 -1.17 13.34
N VAL A 120 17.74 -0.49 12.60
CA VAL A 120 17.80 -0.67 11.16
C VAL A 120 18.38 -2.06 10.90
N GLY A 121 17.56 -3.04 10.50
CA GLY A 121 18.09 -4.36 10.18
C GLY A 121 16.97 -5.38 10.15
N GLU A 122 16.31 -5.51 11.29
CA GLU A 122 15.44 -6.55 11.73
C GLU A 122 14.11 -6.52 11.01
N THR A 123 13.23 -7.39 11.47
CA THR A 123 11.85 -7.52 11.05
C THR A 123 11.02 -7.63 12.33
N VAL A 124 9.98 -6.80 12.46
CA VAL A 124 9.07 -6.79 13.60
C VAL A 124 7.66 -7.03 13.05
N ASN A 125 6.86 -7.81 13.76
CA ASN A 125 5.47 -8.00 13.40
C ASN A 125 4.69 -6.78 13.86
N ILE A 126 3.94 -6.16 12.93
CA ILE A 126 2.99 -5.12 13.26
C ILE A 126 1.73 -5.83 13.75
N THR A 127 0.69 -5.10 14.14
CA THR A 127 -0.61 -5.67 14.34
C THR A 127 -1.67 -4.67 13.91
N LEU A 128 -2.39 -5.03 12.86
CA LEU A 128 -3.57 -4.32 12.42
C LEU A 128 -4.73 -4.84 13.26
N LYS A 129 -5.64 -3.95 13.66
CA LYS A 129 -6.87 -4.32 14.34
C LYS A 129 -7.93 -3.31 13.91
N ALA A 130 -8.60 -3.59 12.79
CA ALA A 130 -9.48 -2.61 12.16
C ALA A 130 -10.87 -2.62 12.80
N THR A 131 -11.50 -1.46 12.86
CA THR A 131 -12.90 -1.29 13.29
C THR A 131 -13.84 -2.13 12.43
N ASP A 132 -13.41 -2.45 11.20
CA ASP A 132 -14.06 -3.38 10.32
C ASP A 132 -14.32 -4.75 10.97
N GLY A 133 -13.50 -5.13 11.95
CA GLY A 133 -13.69 -6.36 12.71
C GLY A 133 -12.74 -7.43 12.19
N ARG A 134 -11.46 -7.09 12.10
CA ARG A 134 -10.39 -8.02 11.78
C ARG A 134 -9.15 -7.62 12.57
N THR A 135 -8.23 -8.57 12.70
CA THR A 135 -6.92 -8.46 13.32
C THR A 135 -5.96 -9.07 12.32
N LEU A 136 -4.75 -8.54 12.17
CA LEU A 136 -3.76 -9.02 11.21
C LEU A 136 -2.37 -8.72 11.76
N ASN A 137 -1.35 -9.49 11.35
CA ASN A 137 -0.06 -9.60 12.02
C ASN A 137 1.06 -9.60 10.99
N VAL A 138 1.19 -8.51 10.24
CA VAL A 138 2.06 -8.48 9.08
C VAL A 138 3.50 -8.25 9.53
N ALA A 139 4.46 -8.92 8.88
CA ALA A 139 5.87 -8.77 9.18
C ALA A 139 6.40 -7.53 8.45
N ALA A 140 7.00 -6.59 9.18
CA ALA A 140 7.52 -5.34 8.64
C ALA A 140 9.02 -5.25 8.90
N THR A 141 9.80 -4.93 7.87
CA THR A 141 11.26 -4.87 7.94
C THR A 141 11.65 -3.49 8.46
N VAL A 142 12.47 -3.42 9.51
CA VAL A 142 12.79 -2.16 10.14
C VAL A 142 14.00 -1.60 9.38
N LYS A 143 13.74 -0.64 8.48
CA LYS A 143 14.69 -0.09 7.53
C LYS A 143 14.35 1.39 7.32
N LYS A 144 15.31 2.29 7.55
CA LYS A 144 15.18 3.71 7.24
C LYS A 144 14.83 3.91 5.76
N ASN A 145 15.61 3.26 4.89
CA ASN A 145 15.72 3.65 3.48
C ASN A 145 16.30 5.07 3.40
N ILE A 146 16.31 5.67 2.21
CA ILE A 146 16.61 7.09 2.11
C ILE A 146 15.47 7.88 2.76
N GLU A 147 15.81 9.00 3.41
CA GLU A 147 14.87 9.94 3.98
C GLU A 147 15.53 11.32 3.88
N GLY A 148 14.88 12.39 4.36
CA GLY A 148 15.50 13.72 4.40
C GLY A 148 14.44 14.77 4.16
N ARG A 149 13.41 14.74 4.99
CA ARG A 149 12.01 14.86 4.65
C ARG A 149 11.49 13.43 4.85
CU CU1 B . 3.25 12.26 8.98
N MET A 1 28.54 -22.36 -52.74
CA MET A 1 27.26 -22.93 -52.30
C MET A 1 26.78 -22.13 -51.10
N GLY A 2 25.51 -22.27 -50.71
CA GLY A 2 24.91 -21.55 -49.59
C GLY A 2 23.43 -21.93 -49.56
N HIS A 3 22.68 -21.37 -48.62
CA HIS A 3 21.25 -21.59 -48.48
C HIS A 3 20.67 -20.44 -47.66
N THR A 4 19.35 -20.26 -47.68
CA THR A 4 18.65 -19.31 -46.84
C THR A 4 17.24 -19.87 -46.65
N MET A 5 16.64 -19.63 -45.48
CA MET A 5 15.32 -20.12 -45.10
C MET A 5 14.42 -18.92 -44.81
N PRO A 6 13.10 -19.04 -44.99
CA PRO A 6 12.16 -17.97 -44.65
C PRO A 6 12.01 -17.85 -43.13
N ALA A 7 11.22 -16.86 -42.70
CA ALA A 7 10.83 -16.65 -41.31
C ALA A 7 9.45 -16.03 -41.32
N HIS A 8 8.77 -16.02 -40.16
CA HIS A 8 7.40 -15.56 -40.01
C HIS A 8 7.24 -14.97 -38.61
N THR A 9 6.07 -14.42 -38.29
CA THR A 9 5.78 -13.87 -36.98
C THR A 9 4.25 -13.95 -36.79
N PRO A 10 3.74 -14.38 -35.63
CA PRO A 10 2.30 -14.50 -35.42
C PRO A 10 1.67 -13.10 -35.27
N PRO A 11 0.35 -12.98 -35.47
CA PRO A 11 -0.39 -11.76 -35.21
C PRO A 11 -0.59 -11.56 -33.70
N ALA A 12 -1.28 -10.49 -33.31
CA ALA A 12 -1.71 -10.20 -31.95
C ALA A 12 -3.12 -9.64 -32.02
N GLN A 13 -3.82 -9.60 -30.87
CA GLN A 13 -5.18 -9.09 -30.76
C GLN A 13 -5.32 -8.39 -29.41
N THR A 14 -6.41 -7.63 -29.24
CA THR A 14 -6.74 -6.88 -28.04
C THR A 14 -8.23 -7.05 -27.78
N ALA A 15 -8.63 -7.18 -26.51
CA ALA A 15 -10.03 -7.31 -26.10
C ALA A 15 -10.34 -6.23 -25.06
N PRO A 16 -11.60 -5.75 -24.99
CA PRO A 16 -12.02 -4.77 -24.00
C PRO A 16 -12.20 -5.42 -22.62
N ALA A 17 -12.55 -4.62 -21.61
CA ALA A 17 -12.88 -5.05 -20.28
C ALA A 17 -13.84 -4.03 -19.67
N ALA A 18 -14.49 -4.37 -18.55
CA ALA A 18 -15.41 -3.50 -17.84
C ALA A 18 -15.59 -4.05 -16.43
N GLN A 19 -16.22 -3.28 -15.53
CA GLN A 19 -16.50 -3.69 -14.16
C GLN A 19 -17.74 -2.92 -13.72
N LYS A 20 -18.56 -3.52 -12.84
CA LYS A 20 -19.72 -2.90 -12.23
C LYS A 20 -20.07 -3.73 -10.99
N ALA A 21 -20.40 -3.09 -9.87
CA ALA A 21 -20.80 -3.73 -8.62
C ALA A 21 -21.55 -2.69 -7.80
N GLY A 22 -22.16 -3.09 -6.67
CA GLY A 22 -22.92 -2.19 -5.83
C GLY A 22 -23.58 -2.95 -4.68
N ALA A 23 -24.62 -2.36 -4.09
CA ALA A 23 -25.30 -2.86 -2.90
C ALA A 23 -24.29 -3.03 -1.76
N GLN A 24 -24.62 -3.89 -0.79
CA GLN A 24 -23.71 -4.26 0.30
C GLN A 24 -23.32 -2.99 1.08
N ALA A 25 -22.07 -2.91 1.54
CA ALA A 25 -21.49 -1.72 2.15
C ALA A 25 -19.99 -1.80 1.91
N LEU A 26 -19.33 -0.65 1.77
CA LEU A 26 -17.90 -0.57 1.50
C LEU A 26 -17.16 -0.42 2.83
N PRO A 27 -16.23 -1.32 3.19
CA PRO A 27 -15.41 -1.17 4.38
C PRO A 27 -14.39 -0.06 4.17
N VAL A 28 -13.86 0.51 5.25
CA VAL A 28 -13.06 1.73 5.18
C VAL A 28 -11.61 1.46 4.81
N THR A 29 -11.40 0.75 3.70
CA THR A 29 -10.09 0.34 3.24
C THR A 29 -10.16 0.07 1.73
N VAL A 30 -10.48 1.10 0.95
CA VAL A 30 -10.52 1.02 -0.52
C VAL A 30 -9.34 1.81 -1.09
N GLN A 31 -8.12 1.39 -0.73
CA GLN A 31 -6.89 2.00 -1.18
C GLN A 31 -5.89 0.94 -1.63
N GLY A 32 -5.10 1.25 -2.68
CA GLY A 32 -3.99 0.47 -3.14
C GLY A 32 -2.70 0.98 -2.50
N ALA A 33 -2.38 0.48 -1.31
CA ALA A 33 -1.21 0.89 -0.56
C ALA A 33 0.07 0.79 -1.41
N THR A 34 0.97 1.77 -1.27
CA THR A 34 2.29 1.73 -1.87
C THR A 34 3.31 1.76 -0.74
N VAL A 35 4.39 0.99 -0.85
CA VAL A 35 5.53 1.05 0.06
C VAL A 35 6.72 1.60 -0.70
N ALA A 36 7.44 2.54 -0.09
CA ALA A 36 8.68 3.03 -0.65
C ALA A 36 9.68 1.88 -0.68
N ALA A 37 10.17 1.57 -1.88
CA ALA A 37 11.17 0.52 -2.07
C ALA A 37 12.37 0.77 -1.15
N VAL A 38 13.11 1.83 -1.46
CA VAL A 38 14.20 2.37 -0.65
C VAL A 38 14.14 3.90 -0.75
N PRO A 39 13.67 4.61 0.29
CA PRO A 39 13.76 6.06 0.34
C PRO A 39 15.22 6.50 0.39
N PRO A 40 15.52 7.79 0.14
CA PRO A 40 16.85 8.36 0.29
C PRO A 40 17.15 8.55 1.78
N SER A 41 17.27 7.42 2.47
CA SER A 41 17.54 7.28 3.87
C SER A 41 18.15 5.89 4.06
N ILE A 42 17.51 4.87 3.47
CA ILE A 42 17.89 3.48 3.51
C ILE A 42 17.62 2.93 4.91
N ARG A 43 17.25 1.65 5.01
CA ARG A 43 16.95 0.96 6.25
C ARG A 43 15.57 1.36 6.79
N ASP A 44 15.30 2.66 6.89
CA ASP A 44 13.95 3.13 7.16
C ASP A 44 13.15 3.09 5.85
N THR A 45 11.83 2.97 5.97
CA THR A 45 10.88 3.07 4.87
C THR A 45 9.46 3.08 5.43
N ALA A 46 8.47 3.31 4.57
CA ALA A 46 7.09 3.51 4.97
C ALA A 46 6.13 3.22 3.83
N ALA A 47 4.86 3.01 4.21
CA ALA A 47 3.75 2.97 3.27
C ALA A 47 3.16 4.36 3.12
N TYR A 48 2.79 4.76 1.90
CA TYR A 48 2.32 6.08 1.55
C TYR A 48 1.10 5.92 0.64
N MET A 49 -0.08 6.31 1.12
CA MET A 49 -1.36 6.11 0.45
C MET A 49 -2.41 7.03 1.09
N THR A 50 -3.68 6.89 0.72
CA THR A 50 -4.79 7.66 1.29
C THR A 50 -5.87 6.71 1.83
N LEU A 51 -6.23 6.76 3.12
CA LEU A 51 -7.32 5.94 3.64
C LEU A 51 -8.62 6.65 3.34
N THR A 52 -9.59 5.89 2.86
CA THR A 52 -10.83 6.38 2.29
C THR A 52 -12.02 5.90 3.13
N ASN A 53 -12.26 6.55 4.27
CA ASN A 53 -13.34 6.13 5.17
C ASN A 53 -14.68 6.66 4.65
N LYS A 54 -15.44 5.79 3.98
CA LYS A 54 -16.76 6.09 3.45
C LYS A 54 -17.83 5.35 4.25
N SER A 55 -17.82 5.55 5.57
CA SER A 55 -18.81 5.01 6.48
C SER A 55 -18.46 5.51 7.89
N ASP A 56 -19.48 5.72 8.73
CA ASP A 56 -19.34 6.32 10.04
C ASP A 56 -19.07 5.22 11.06
N GLN A 57 -17.88 4.61 10.99
CA GLN A 57 -17.46 3.55 11.90
C GLN A 57 -16.10 3.88 12.49
N PRO A 58 -15.93 3.87 13.83
CA PRO A 58 -14.67 4.15 14.49
C PRO A 58 -13.77 2.92 14.48
N ILE A 59 -12.80 2.84 13.55
CA ILE A 59 -11.87 1.73 13.49
C ILE A 59 -10.56 2.14 14.20
N LYS A 60 -9.96 1.20 14.93
CA LYS A 60 -8.65 1.32 15.53
C LYS A 60 -7.80 0.14 15.09
N LEU A 61 -6.99 0.38 14.06
CA LEU A 61 -6.04 -0.60 13.56
C LEU A 61 -4.81 -0.55 14.46
N VAL A 62 -4.29 -1.69 14.92
CA VAL A 62 -3.13 -1.73 15.79
C VAL A 62 -2.25 -2.90 15.34
N GLY A 63 -1.91 -2.90 14.04
CA GLY A 63 -0.83 -3.74 13.57
C GLY A 63 -0.38 -3.30 12.19
N ALA A 64 0.84 -3.69 11.86
CA ALA A 64 1.41 -3.81 10.53
C ALA A 64 2.55 -4.80 10.72
N ALA A 65 2.63 -5.88 9.94
CA ALA A 65 3.65 -6.92 10.08
C ALA A 65 3.85 -7.55 8.70
N THR A 66 5.08 -7.93 8.35
CA THR A 66 5.41 -8.22 6.96
C THR A 66 6.82 -8.81 6.84
N PRO A 67 7.10 -9.56 5.75
CA PRO A 67 8.47 -9.90 5.36
C PRO A 67 9.25 -8.66 4.88
N LEU A 68 8.63 -7.48 4.76
CA LEU A 68 9.27 -6.29 4.24
C LEU A 68 10.28 -5.70 5.24
N ALA A 69 9.82 -5.37 6.45
CA ALA A 69 10.56 -4.58 7.43
C ALA A 69 10.43 -5.15 8.84
N THR A 70 11.34 -4.78 9.74
CA THR A 70 11.51 -5.39 11.06
C THR A 70 10.72 -4.66 12.14
N SER A 71 10.73 -3.32 12.09
CA SER A 71 10.18 -2.44 13.09
C SER A 71 9.00 -1.64 12.50
N PRO A 72 7.80 -2.22 12.45
CA PRO A 72 6.61 -1.54 11.97
C PRO A 72 6.09 -0.59 13.04
N MET A 73 6.27 0.72 12.81
CA MET A 73 5.95 1.80 13.72
C MET A 73 4.98 2.76 13.05
N LEU A 74 3.81 2.96 13.67
CA LEU A 74 2.79 3.87 13.19
C LEU A 74 3.12 5.30 13.65
N MET A 75 2.93 6.28 12.77
CA MET A 75 3.07 7.70 13.07
C MET A 75 1.77 8.44 12.76
N THR A 76 1.68 9.69 13.22
CA THR A 76 0.55 10.54 12.97
C THR A 76 1.08 11.95 12.70
N THR A 77 0.82 12.51 11.51
CA THR A 77 1.19 13.89 11.20
C THR A 77 0.05 14.52 10.39
N THR A 78 -1.18 14.38 10.84
CA THR A 78 -2.36 14.91 10.18
C THR A 78 -3.49 15.09 11.18
N HIS A 79 -3.45 16.20 11.93
CA HIS A 79 -4.48 16.58 12.89
C HIS A 79 -5.83 16.77 12.17
N SER A 80 -6.56 15.67 12.04
CA SER A 80 -7.82 15.53 11.29
C SER A 80 -8.11 14.04 11.11
N GLY A 81 -7.08 13.24 10.80
CA GLY A 81 -7.19 11.79 10.80
C GLY A 81 -6.85 11.34 12.21
N GLY A 82 -5.55 11.21 12.46
CA GLY A 82 -4.99 11.20 13.80
C GLY A 82 -4.68 12.63 14.25
N MET A 83 -3.53 12.80 14.91
CA MET A 83 -3.02 14.03 15.49
C MET A 83 -1.85 14.56 14.65
N ALA A 84 -1.02 15.45 15.22
CA ALA A 84 0.13 16.06 14.57
C ALA A 84 1.32 15.77 15.47
N GLY A 85 1.80 14.52 15.41
CA GLY A 85 2.80 14.03 16.34
C GLY A 85 3.56 12.87 15.70
N MET A 86 4.56 13.14 14.87
CA MET A 86 5.26 12.14 14.06
C MET A 86 6.25 11.36 14.93
N LYS A 87 5.72 10.69 15.94
CA LYS A 87 6.41 9.88 16.94
C LYS A 87 5.76 8.50 16.93
N MET A 88 6.36 7.54 17.63
CA MET A 88 5.92 6.15 17.57
C MET A 88 4.70 5.98 18.47
N VAL A 89 3.57 6.52 18.00
CA VAL A 89 2.29 6.40 18.67
C VAL A 89 1.86 4.92 18.70
N PRO A 90 1.00 4.52 19.65
CA PRO A 90 0.56 3.14 19.77
C PRO A 90 -0.17 2.66 18.52
N TRP A 91 -0.78 3.57 17.75
CA TRP A 91 -1.36 3.35 16.43
C TRP A 91 -1.83 4.71 15.93
N LEU A 92 -2.40 4.77 14.72
CA LEU A 92 -3.15 5.93 14.23
C LEU A 92 -4.62 5.52 14.08
N THR A 93 -5.48 5.98 14.97
CA THR A 93 -6.88 5.55 15.01
C THR A 93 -7.64 6.27 13.89
N ILE A 94 -8.70 5.66 13.35
CA ILE A 94 -9.59 6.33 12.41
C ILE A 94 -10.99 6.39 13.04
N PRO A 95 -11.29 7.45 13.81
CA PRO A 95 -12.47 7.56 14.64
C PRO A 95 -13.70 7.93 13.80
N ALA A 96 -13.99 7.10 12.79
CA ALA A 96 -14.88 7.43 11.72
C ALA A 96 -14.30 8.58 10.89
N ARG A 97 -14.72 8.61 9.63
CA ARG A 97 -14.25 9.55 8.61
C ARG A 97 -12.75 9.82 8.65
N GLY A 98 -11.94 8.78 8.88
CA GLY A 98 -10.52 8.80 8.54
C GLY A 98 -10.34 8.83 7.02
N THR A 99 -10.67 9.96 6.39
CA THR A 99 -10.29 10.22 5.02
C THR A 99 -8.89 10.80 5.03
N LEU A 100 -7.95 10.05 5.61
CA LEU A 100 -6.65 10.60 5.94
C LEU A 100 -5.65 10.28 4.84
N THR A 101 -4.48 10.90 4.97
CA THR A 101 -3.44 10.93 3.97
C THR A 101 -2.18 10.48 4.70
N LEU A 102 -1.51 9.51 4.10
CA LEU A 102 -0.40 8.79 4.66
C LEU A 102 0.75 9.10 3.72
N GLN A 103 1.66 9.97 4.13
CA GLN A 103 2.81 10.39 3.33
C GLN A 103 3.93 10.67 4.31
N ARG A 104 5.14 10.98 3.82
CA ARG A 104 6.27 11.38 4.66
C ARG A 104 5.83 12.31 5.81
N ASP A 105 5.07 13.35 5.44
CA ASP A 105 4.55 14.42 6.27
C ASP A 105 3.08 14.21 6.71
N GLY A 106 2.50 13.01 6.61
CA GLY A 106 1.11 12.78 7.00
C GLY A 106 0.91 11.40 7.57
N ASP A 107 -0.07 11.21 8.46
CA ASP A 107 -0.28 10.01 9.28
C ASP A 107 0.11 8.70 8.57
N HIS A 108 1.30 8.15 8.79
CA HIS A 108 1.83 7.09 7.95
C HIS A 108 2.31 5.89 8.77
N VAL A 109 2.71 4.82 8.08
CA VAL A 109 3.23 3.59 8.66
C VAL A 109 4.71 3.53 8.32
N MET A 110 5.61 3.74 9.29
CA MET A 110 7.04 3.54 9.09
C MET A 110 7.37 2.06 9.30
N LEU A 111 7.56 1.37 8.17
CA LEU A 111 8.00 0.00 8.10
C LEU A 111 9.52 0.05 8.19
N MET A 112 10.03 0.39 9.38
CA MET A 112 11.43 0.73 9.56
C MET A 112 12.24 -0.56 9.74
N GLY A 113 13.51 -0.57 9.31
CA GLY A 113 14.34 -1.74 9.43
C GLY A 113 14.04 -2.72 8.31
N LEU A 114 14.23 -2.26 7.07
CA LEU A 114 14.07 -3.01 5.84
C LEU A 114 14.87 -4.32 5.92
N LYS A 115 14.23 -5.47 5.63
CA LYS A 115 14.90 -6.76 5.56
C LYS A 115 15.47 -6.98 4.14
N ARG A 116 14.60 -7.21 3.16
CA ARG A 116 15.02 -7.51 1.79
C ARG A 116 15.41 -6.22 1.06
N PRO A 117 16.22 -6.29 -0.01
CA PRO A 117 16.44 -5.14 -0.88
C PRO A 117 15.21 -4.93 -1.76
N LEU A 118 14.12 -4.41 -1.18
CA LEU A 118 12.84 -4.23 -1.85
C LEU A 118 12.98 -3.54 -3.21
N LYS A 119 12.33 -4.11 -4.22
CA LYS A 119 12.45 -3.73 -5.62
C LYS A 119 11.31 -2.78 -5.98
N VAL A 120 11.66 -1.65 -6.60
CA VAL A 120 10.67 -0.82 -7.29
C VAL A 120 9.97 -1.70 -8.34
N GLY A 121 8.71 -2.10 -8.09
CA GLY A 121 7.96 -2.97 -8.99
C GLY A 121 7.59 -4.30 -8.33
N GLU A 122 8.05 -4.58 -7.11
CA GLU A 122 7.52 -5.68 -6.33
C GLU A 122 6.10 -5.31 -5.89
N THR A 123 5.53 -6.25 -5.15
CA THR A 123 4.25 -6.14 -4.47
C THR A 123 4.32 -7.12 -3.31
N VAL A 124 4.09 -6.66 -2.08
CA VAL A 124 4.36 -7.43 -0.87
C VAL A 124 3.20 -7.24 0.11
N ASN A 125 2.88 -8.31 0.86
CA ASN A 125 1.81 -8.28 1.84
C ASN A 125 2.25 -7.50 3.07
N ILE A 126 1.40 -6.56 3.50
CA ILE A 126 1.39 -5.98 4.82
C ILE A 126 0.17 -6.54 5.56
N THR A 127 0.42 -7.20 6.71
CA THR A 127 -0.64 -7.76 7.53
C THR A 127 -0.88 -6.82 8.71
N LEU A 128 -2.10 -6.30 8.84
CA LEU A 128 -2.52 -5.49 9.96
C LEU A 128 -3.38 -6.31 10.91
N LYS A 129 -3.64 -5.74 12.10
CA LYS A 129 -4.49 -6.29 13.14
C LYS A 129 -5.23 -5.14 13.81
N ALA A 130 -6.46 -4.89 13.39
CA ALA A 130 -7.37 -4.06 14.16
C ALA A 130 -8.04 -4.91 15.22
N THR A 131 -8.05 -4.39 16.46
CA THR A 131 -8.79 -4.99 17.57
C THR A 131 -10.29 -5.04 17.28
N ASP A 132 -10.76 -4.29 16.27
CA ASP A 132 -12.11 -4.36 15.76
C ASP A 132 -12.39 -5.69 15.06
N GLY A 133 -11.34 -6.40 14.63
CA GLY A 133 -11.45 -7.70 13.99
C GLY A 133 -10.64 -7.79 12.69
N ARG A 134 -10.17 -6.65 12.15
CA ARG A 134 -9.49 -6.63 10.85
C ARG A 134 -8.03 -7.06 11.06
N THR A 135 -7.85 -8.35 11.30
CA THR A 135 -6.64 -9.09 11.05
C THR A 135 -6.68 -9.49 9.59
N LEU A 136 -5.86 -8.86 8.75
CA LEU A 136 -5.97 -9.01 7.30
C LEU A 136 -4.61 -8.69 6.67
N ASN A 137 -4.32 -9.33 5.54
CA ASN A 137 -3.13 -9.19 4.73
C ASN A 137 -3.54 -8.42 3.49
N VAL A 138 -2.76 -7.40 3.16
CA VAL A 138 -3.09 -6.43 2.14
C VAL A 138 -1.85 -6.30 1.27
N ALA A 139 -1.98 -6.54 -0.03
CA ALA A 139 -0.87 -6.55 -0.97
C ALA A 139 -0.57 -5.11 -1.39
N ALA A 140 0.53 -4.57 -0.91
CA ALA A 140 0.95 -3.21 -1.20
C ALA A 140 1.99 -3.21 -2.31
N THR A 141 1.95 -2.22 -3.19
CA THR A 141 2.84 -2.13 -4.34
C THR A 141 4.16 -1.53 -3.89
N VAL A 142 5.29 -2.19 -4.17
CA VAL A 142 6.57 -1.75 -3.66
C VAL A 142 7.13 -0.79 -4.69
N LYS A 143 6.85 0.50 -4.52
CA LYS A 143 7.55 1.55 -5.24
C LYS A 143 7.38 2.84 -4.46
N LYS A 144 8.44 3.64 -4.37
CA LYS A 144 8.31 4.98 -3.85
C LYS A 144 7.63 5.88 -4.87
N ASN A 145 6.95 6.92 -4.38
CA ASN A 145 6.22 7.89 -5.17
C ASN A 145 6.38 9.21 -4.43
N ILE A 146 6.55 10.32 -5.15
CA ILE A 146 6.88 11.63 -4.61
C ILE A 146 8.00 11.57 -3.56
N GLU A 147 8.98 10.69 -3.78
CA GLU A 147 10.14 10.50 -2.93
C GLU A 147 11.30 10.05 -3.82
N GLY A 148 12.13 10.99 -4.26
CA GLY A 148 13.04 10.77 -5.39
C GLY A 148 12.24 10.90 -6.69
N ARG A 149 11.22 10.06 -6.85
CA ARG A 149 10.13 10.24 -7.79
C ARG A 149 8.89 9.73 -7.07
CU CU1 B . 7.35 8.73 10.55
N MET A 1 -8.78 -44.16 -49.09
CA MET A 1 -8.21 -44.10 -47.73
C MET A 1 -7.48 -42.76 -47.62
N GLY A 2 -6.80 -42.49 -46.50
CA GLY A 2 -6.22 -41.20 -46.23
C GLY A 2 -7.30 -40.24 -45.70
N HIS A 3 -6.87 -39.25 -44.90
CA HIS A 3 -7.71 -38.23 -44.30
C HIS A 3 -6.77 -37.17 -43.72
N THR A 4 -7.28 -36.05 -43.24
CA THR A 4 -6.49 -35.03 -42.56
C THR A 4 -7.41 -34.13 -41.74
N MET A 5 -6.81 -33.16 -41.05
CA MET A 5 -7.47 -32.18 -40.19
C MET A 5 -6.45 -31.09 -39.81
N PRO A 6 -6.11 -30.18 -40.74
CA PRO A 6 -5.22 -29.07 -40.44
C PRO A 6 -5.93 -28.08 -39.51
N ALA A 7 -5.15 -27.33 -38.74
CA ALA A 7 -5.63 -26.32 -37.81
C ALA A 7 -4.46 -25.39 -37.49
N HIS A 8 -4.73 -24.27 -36.80
CA HIS A 8 -3.73 -23.33 -36.33
C HIS A 8 -4.36 -22.54 -35.18
N THR A 9 -3.55 -21.79 -34.43
CA THR A 9 -3.96 -21.03 -33.27
C THR A 9 -2.93 -19.90 -33.05
N PRO A 10 -2.89 -18.89 -33.94
CA PRO A 10 -1.91 -17.81 -33.82
C PRO A 10 -2.19 -16.96 -32.57
N PRO A 11 -1.15 -16.34 -31.99
CA PRO A 11 -1.28 -15.49 -30.82
C PRO A 11 -1.91 -14.15 -31.18
N ALA A 12 -2.16 -13.32 -30.16
CA ALA A 12 -2.61 -11.94 -30.29
C ALA A 12 -1.96 -11.13 -29.18
N GLN A 13 -1.99 -9.80 -29.28
CA GLN A 13 -1.35 -8.88 -28.36
C GLN A 13 -2.01 -7.50 -28.57
N THR A 14 -1.83 -6.59 -27.62
CA THR A 14 -2.25 -5.20 -27.73
C THR A 14 -1.38 -4.37 -26.79
N ALA A 15 -1.68 -3.07 -26.68
CA ALA A 15 -0.91 -2.10 -25.92
C ALA A 15 -1.79 -0.89 -25.59
N PRO A 16 -2.53 -0.91 -24.47
CA PRO A 16 -3.39 0.20 -24.10
C PRO A 16 -2.57 1.38 -23.58
N ALA A 17 -3.18 2.56 -23.53
CA ALA A 17 -2.59 3.79 -23.03
C ALA A 17 -3.75 4.74 -22.70
N ALA A 18 -3.46 5.88 -22.06
CA ALA A 18 -4.45 6.88 -21.69
C ALA A 18 -3.75 8.21 -21.48
N GLN A 19 -4.53 9.30 -21.42
CA GLN A 19 -4.04 10.63 -21.07
C GLN A 19 -3.83 10.74 -19.56
N LYS A 20 -3.53 11.95 -19.08
CA LYS A 20 -3.29 12.24 -17.67
C LYS A 20 -3.55 13.73 -17.43
N ALA A 21 -3.49 14.15 -16.16
CA ALA A 21 -3.77 15.52 -15.74
C ALA A 21 -5.21 15.92 -16.09
N GLY A 22 -5.46 17.19 -16.42
CA GLY A 22 -6.79 17.70 -16.72
C GLY A 22 -7.62 17.86 -15.45
N ALA A 23 -7.88 16.76 -14.74
CA ALA A 23 -8.62 16.77 -13.49
C ALA A 23 -7.79 17.48 -12.40
N GLN A 24 -8.07 18.77 -12.18
CA GLN A 24 -7.39 19.56 -11.15
C GLN A 24 -7.83 19.13 -9.75
N ALA A 25 -7.31 17.99 -9.32
CA ALA A 25 -7.55 17.36 -8.03
C ALA A 25 -6.37 16.43 -7.76
N LEU A 26 -6.27 15.83 -6.58
CA LEU A 26 -5.18 14.92 -6.24
C LEU A 26 -5.71 13.78 -5.36
N PRO A 27 -5.42 12.52 -5.71
CA PRO A 27 -5.92 11.38 -4.97
C PRO A 27 -5.07 11.18 -3.71
N VAL A 28 -5.43 10.19 -2.90
CA VAL A 28 -4.93 10.05 -1.54
C VAL A 28 -3.55 9.37 -1.52
N THR A 29 -2.58 9.99 -2.16
CA THR A 29 -1.23 9.47 -2.25
C THR A 29 -0.27 10.62 -2.54
N VAL A 30 -0.01 11.44 -1.52
CA VAL A 30 1.03 12.46 -1.62
C VAL A 30 1.79 12.56 -0.30
N GLN A 31 2.30 11.41 0.17
CA GLN A 31 3.32 11.35 1.19
C GLN A 31 4.11 10.05 1.00
N GLY A 32 5.42 10.11 1.16
CA GLY A 32 6.29 8.94 1.11
C GLY A 32 6.17 8.15 2.42
N ALA A 33 6.31 6.83 2.36
CA ALA A 33 6.16 6.00 3.53
C ALA A 33 7.43 6.03 4.38
N THR A 34 7.29 5.81 5.69
CA THR A 34 8.41 5.61 6.59
C THR A 34 8.06 4.39 7.46
N VAL A 35 8.92 3.36 7.52
CA VAL A 35 8.70 2.14 8.28
C VAL A 35 9.71 2.05 9.42
N ALA A 36 9.28 1.64 10.61
CA ALA A 36 10.19 1.63 11.75
C ALA A 36 11.23 0.51 11.65
N ALA A 37 12.44 0.84 11.20
CA ALA A 37 13.60 -0.06 11.18
C ALA A 37 13.78 -0.75 12.54
N VAL A 38 13.61 -2.08 12.59
CA VAL A 38 13.47 -2.93 13.78
C VAL A 38 13.48 -2.14 15.10
N PRO A 39 12.31 -1.79 15.64
CA PRO A 39 12.23 -1.12 16.94
C PRO A 39 12.61 -2.14 18.03
N PRO A 40 12.83 -1.71 19.29
CA PRO A 40 13.09 -2.62 20.39
C PRO A 40 11.78 -3.33 20.79
N SER A 41 11.20 -4.08 19.86
CA SER A 41 9.92 -4.75 20.00
C SER A 41 9.84 -5.85 18.93
N ILE A 42 10.96 -6.57 18.71
CA ILE A 42 11.07 -7.65 17.76
C ILE A 42 10.98 -7.08 16.33
N ARG A 43 11.06 -7.95 15.32
CA ARG A 43 10.91 -7.60 13.92
C ARG A 43 9.60 -6.87 13.65
N ASP A 44 8.56 -7.16 14.43
CA ASP A 44 7.26 -6.52 14.41
C ASP A 44 7.43 -5.00 14.35
N THR A 45 6.66 -4.32 13.51
CA THR A 45 6.83 -2.91 13.27
C THR A 45 5.55 -2.37 12.65
N ALA A 46 5.61 -1.11 12.21
CA ALA A 46 4.59 -0.48 11.41
C ALA A 46 5.19 0.67 10.62
N ALA A 47 4.41 1.19 9.64
CA ALA A 47 4.76 2.40 8.92
C ALA A 47 3.89 3.56 9.36
N TYR A 48 4.45 4.77 9.21
CA TYR A 48 3.96 5.99 9.78
C TYR A 48 4.10 7.07 8.70
N MET A 49 2.96 7.57 8.21
CA MET A 49 2.84 8.42 7.04
C MET A 49 1.48 9.09 7.09
N THR A 50 1.07 9.80 6.03
CA THR A 50 -0.32 10.26 5.91
C THR A 50 -0.93 9.87 4.57
N LEU A 51 -2.24 9.58 4.61
CA LEU A 51 -3.13 9.65 3.46
C LEU A 51 -3.67 11.06 3.47
N THR A 52 -3.31 11.83 2.46
CA THR A 52 -3.58 13.25 2.39
C THR A 52 -4.43 13.52 1.14
N ASN A 53 -5.75 13.33 1.23
CA ASN A 53 -6.58 13.33 0.02
C ASN A 53 -6.93 14.75 -0.37
N LYS A 54 -6.88 15.07 -1.67
CA LYS A 54 -7.36 16.34 -2.20
C LYS A 54 -8.30 16.01 -3.35
N SER A 55 -9.29 15.18 -3.04
CA SER A 55 -10.43 14.84 -3.86
C SER A 55 -11.50 14.33 -2.91
N ASP A 56 -12.71 14.87 -2.99
CA ASP A 56 -13.85 14.44 -2.19
C ASP A 56 -14.41 13.14 -2.73
N GLN A 57 -13.60 12.07 -2.71
CA GLN A 57 -13.95 10.72 -3.14
C GLN A 57 -13.45 9.73 -2.09
N PRO A 58 -14.24 8.72 -1.70
CA PRO A 58 -13.87 7.75 -0.66
C PRO A 58 -12.91 6.69 -1.21
N ILE A 59 -11.61 6.83 -0.94
CA ILE A 59 -10.59 5.88 -1.40
C ILE A 59 -10.04 5.10 -0.20
N LYS A 60 -10.59 3.92 0.03
CA LYS A 60 -10.22 3.04 1.14
C LYS A 60 -8.97 2.23 0.78
N LEU A 61 -7.88 2.43 1.52
CA LEU A 61 -6.57 1.84 1.27
C LEU A 61 -6.51 0.50 1.99
N VAL A 62 -6.24 -0.58 1.25
CA VAL A 62 -6.14 -1.91 1.82
C VAL A 62 -5.04 -2.72 1.12
N GLY A 63 -3.83 -2.16 1.11
CA GLY A 63 -2.63 -2.95 0.83
C GLY A 63 -1.41 -2.20 1.34
N ALA A 64 -0.37 -2.93 1.76
CA ALA A 64 0.94 -2.38 2.11
C ALA A 64 1.98 -3.49 2.00
N ALA A 65 2.38 -3.86 0.78
CA ALA A 65 3.40 -4.89 0.53
C ALA A 65 4.74 -4.23 0.27
N THR A 66 5.85 -4.95 0.48
CA THR A 66 7.20 -4.47 0.23
C THR A 66 8.15 -5.67 0.42
N PRO A 67 9.22 -5.81 -0.38
CA PRO A 67 10.19 -6.90 -0.22
C PRO A 67 11.09 -6.62 0.99
N LEU A 68 10.49 -6.52 2.17
CA LEU A 68 11.11 -5.96 3.37
C LEU A 68 10.39 -6.53 4.59
N ALA A 69 9.06 -6.43 4.61
CA ALA A 69 8.15 -7.08 5.53
C ALA A 69 7.62 -8.38 4.91
N THR A 70 6.95 -9.21 5.71
CA THR A 70 6.41 -10.51 5.27
C THR A 70 4.98 -10.73 5.75
N SER A 71 4.41 -9.82 6.53
CA SER A 71 3.13 -10.06 7.20
C SER A 71 2.41 -8.72 7.42
N PRO A 72 1.90 -8.07 6.35
CA PRO A 72 1.25 -6.79 6.44
C PRO A 72 -0.17 -6.92 7.02
N MET A 73 -0.47 -6.11 8.04
CA MET A 73 -1.76 -6.10 8.72
C MET A 73 -2.17 -4.65 9.03
N LEU A 74 -3.38 -4.26 8.66
CA LEU A 74 -3.92 -2.93 8.94
C LEU A 74 -4.53 -2.89 10.34
N MET A 75 -4.26 -1.82 11.09
CA MET A 75 -4.85 -1.53 12.41
C MET A 75 -5.90 -0.42 12.25
N THR A 76 -6.54 0.00 13.34
CA THR A 76 -7.41 1.18 13.37
C THR A 76 -7.55 1.68 14.81
N THR A 77 -6.82 2.72 15.19
CA THR A 77 -6.70 3.13 16.58
C THR A 77 -6.49 4.64 16.64
N THR A 78 -7.42 5.39 16.04
CA THR A 78 -7.45 6.85 16.05
C THR A 78 -8.79 7.31 16.61
N HIS A 79 -8.79 8.44 17.30
CA HIS A 79 -10.00 9.13 17.72
C HIS A 79 -10.21 10.32 16.78
N SER A 80 -10.04 10.10 15.47
CA SER A 80 -10.09 11.17 14.46
C SER A 80 -10.26 10.58 13.06
N GLY A 81 -9.40 9.64 12.66
CA GLY A 81 -9.45 9.04 11.33
C GLY A 81 -10.46 7.90 11.27
N GLY A 82 -10.00 6.65 11.14
CA GLY A 82 -10.85 5.48 11.28
C GLY A 82 -11.31 5.21 12.72
N MET A 83 -11.45 3.94 13.09
CA MET A 83 -11.92 3.48 14.39
C MET A 83 -10.81 3.65 15.43
N ALA A 84 -11.19 3.61 16.72
CA ALA A 84 -10.35 3.93 17.86
C ALA A 84 -10.14 2.65 18.66
N GLY A 85 -9.75 1.58 17.99
CA GLY A 85 -9.78 0.25 18.56
C GLY A 85 -8.62 -0.59 18.06
N MET A 86 -7.48 -0.60 18.76
CA MET A 86 -6.29 -1.33 18.34
C MET A 86 -6.52 -2.84 18.28
N LYS A 87 -7.07 -3.26 17.15
CA LYS A 87 -7.23 -4.62 16.68
C LYS A 87 -6.75 -4.66 15.23
N MET A 88 -6.37 -5.82 14.73
CA MET A 88 -6.02 -5.97 13.33
C MET A 88 -7.34 -6.11 12.56
N VAL A 89 -7.41 -5.54 11.36
CA VAL A 89 -8.63 -5.42 10.59
C VAL A 89 -8.34 -5.65 9.10
N PRO A 90 -9.37 -5.88 8.27
CA PRO A 90 -9.29 -5.65 6.83
C PRO A 90 -8.59 -4.33 6.54
N TRP A 91 -9.08 -3.22 7.12
CA TRP A 91 -8.61 -1.87 6.95
C TRP A 91 -9.54 -0.93 7.71
N LEU A 92 -9.67 0.30 7.21
CA LEU A 92 -10.74 1.23 7.48
C LEU A 92 -10.96 2.01 6.19
N THR A 93 -12.16 2.60 6.03
CA THR A 93 -12.51 3.40 4.86
C THR A 93 -12.30 4.88 5.22
N ILE A 94 -11.50 5.61 4.43
CA ILE A 94 -11.39 7.05 4.59
C ILE A 94 -12.46 7.64 3.66
N PRO A 95 -13.41 8.42 4.19
CA PRO A 95 -14.41 9.01 3.32
C PRO A 95 -13.81 10.26 2.66
N ALA A 96 -14.25 10.51 1.41
CA ALA A 96 -14.02 11.76 0.72
C ALA A 96 -12.56 12.24 0.83
N ARG A 97 -12.39 13.55 1.04
CA ARG A 97 -11.13 14.26 1.21
C ARG A 97 -10.34 13.88 2.48
N GLY A 98 -10.41 12.63 2.93
CA GLY A 98 -9.88 12.25 4.21
C GLY A 98 -8.38 12.52 4.35
N THR A 99 -7.97 12.77 5.60
CA THR A 99 -6.62 13.21 5.95
C THR A 99 -6.13 12.35 7.12
N LEU A 100 -6.02 11.04 6.88
CA LEU A 100 -5.65 10.10 7.90
C LEU A 100 -4.13 10.15 8.06
N THR A 101 -3.65 9.91 9.28
CA THR A 101 -2.25 10.06 9.64
C THR A 101 -1.89 8.82 10.46
N LEU A 102 -1.10 7.93 9.85
CA LEU A 102 -0.70 6.65 10.38
C LEU A 102 0.42 6.97 11.36
N GLN A 103 0.19 6.72 12.65
CA GLN A 103 1.06 7.12 13.75
C GLN A 103 1.29 5.93 14.68
N ARG A 104 2.37 6.02 15.47
CA ARG A 104 2.91 4.98 16.35
C ARG A 104 1.86 3.97 16.82
N ASP A 105 0.89 4.45 17.60
CA ASP A 105 -0.38 3.77 17.86
C ASP A 105 -1.49 4.76 17.45
N GLY A 106 -1.75 4.81 16.15
CA GLY A 106 -2.70 5.73 15.57
C GLY A 106 -3.02 5.28 14.16
N ASP A 107 -4.02 4.38 14.05
CA ASP A 107 -4.66 3.93 12.81
C ASP A 107 -3.64 3.71 11.70
N HIS A 108 -2.92 2.60 11.85
CA HIS A 108 -1.60 2.40 11.31
C HIS A 108 -1.50 1.06 10.58
N VAL A 109 -0.37 0.84 9.90
CA VAL A 109 -0.11 -0.30 9.03
C VAL A 109 1.05 -1.10 9.61
N MET A 110 0.75 -2.29 10.16
CA MET A 110 1.76 -3.19 10.70
C MET A 110 2.37 -4.00 9.58
N LEU A 111 3.52 -3.54 9.08
CA LEU A 111 4.33 -4.26 8.13
C LEU A 111 5.14 -5.28 8.91
N MET A 112 4.45 -6.30 9.42
CA MET A 112 5.02 -7.22 10.39
C MET A 112 5.88 -8.23 9.62
N GLY A 113 6.73 -8.95 10.34
CA GLY A 113 7.51 -10.01 9.75
C GLY A 113 8.65 -9.42 8.92
N LEU A 114 9.39 -8.43 9.44
CA LEU A 114 10.57 -7.93 8.74
C LEU A 114 11.51 -9.10 8.46
N LYS A 115 11.97 -9.22 7.21
CA LYS A 115 12.82 -10.32 6.79
C LYS A 115 14.04 -10.40 7.73
N ARG A 116 14.94 -9.42 7.64
CA ARG A 116 16.13 -9.28 8.48
C ARG A 116 17.05 -8.12 8.04
N PRO A 117 17.65 -8.16 6.84
CA PRO A 117 18.84 -7.37 6.53
C PRO A 117 18.51 -5.92 6.13
N LEU A 118 17.69 -5.25 6.95
CA LEU A 118 17.28 -3.86 6.73
C LEU A 118 18.10 -2.92 7.61
N LYS A 119 18.17 -1.66 7.18
CA LYS A 119 19.01 -0.65 7.80
C LYS A 119 18.11 0.40 8.41
N VAL A 120 18.71 1.33 9.16
CA VAL A 120 18.09 2.58 9.53
C VAL A 120 18.55 3.61 8.51
N GLY A 121 17.62 4.34 7.90
CA GLY A 121 17.92 5.26 6.82
C GLY A 121 18.13 4.54 5.50
N GLU A 122 17.40 3.43 5.29
CA GLU A 122 17.32 2.79 3.99
C GLU A 122 16.24 3.48 3.18
N THR A 123 15.96 2.89 2.02
CA THR A 123 14.87 3.23 1.12
C THR A 123 14.57 1.99 0.28
N VAL A 124 13.31 1.54 0.31
CA VAL A 124 12.84 0.36 -0.40
C VAL A 124 11.47 0.70 -0.99
N ASN A 125 11.10 0.07 -2.08
CA ASN A 125 9.78 0.28 -2.68
C ASN A 125 8.72 -0.35 -1.77
N ILE A 126 7.66 0.40 -1.48
CA ILE A 126 6.39 -0.18 -1.10
C ILE A 126 5.63 -0.45 -2.40
N THR A 127 4.72 -1.41 -2.37
CA THR A 127 3.64 -1.48 -3.33
C THR A 127 2.35 -1.66 -2.54
N LEU A 128 1.36 -0.81 -2.81
CA LEU A 128 0.03 -0.93 -2.25
C LEU A 128 -0.94 -1.23 -3.38
N LYS A 129 -2.07 -1.83 -3.02
CA LYS A 129 -3.03 -2.42 -3.94
C LYS A 129 -4.41 -2.25 -3.31
N ALA A 130 -4.88 -1.01 -3.24
CA ALA A 130 -6.14 -0.71 -2.60
C ALA A 130 -7.27 -1.02 -3.56
N THR A 131 -8.12 -1.96 -3.20
CA THR A 131 -9.10 -2.60 -4.06
C THR A 131 -8.48 -2.87 -5.45
N ASP A 132 -8.78 -1.99 -6.40
CA ASP A 132 -8.19 -1.90 -7.73
C ASP A 132 -8.22 -0.43 -8.16
N GLY A 133 -7.88 0.44 -7.19
CA GLY A 133 -7.96 1.88 -7.28
C GLY A 133 -6.60 2.51 -7.00
N ARG A 134 -5.91 2.09 -5.93
CA ARG A 134 -4.53 2.47 -5.65
C ARG A 134 -3.65 1.22 -5.74
N THR A 135 -3.43 0.75 -6.96
CA THR A 135 -2.34 -0.14 -7.31
C THR A 135 -1.15 0.77 -7.63
N LEU A 136 -0.21 0.92 -6.68
CA LEU A 136 0.79 1.97 -6.73
C LEU A 136 2.03 1.57 -5.94
N ASN A 137 3.14 2.28 -6.16
CA ASN A 137 4.51 1.87 -5.89
C ASN A 137 5.24 2.99 -5.15
N VAL A 138 4.80 3.27 -3.93
CA VAL A 138 5.27 4.42 -3.19
C VAL A 138 6.61 4.06 -2.51
N ALA A 139 7.50 5.03 -2.32
CA ALA A 139 8.79 4.76 -1.70
C ALA A 139 8.63 4.73 -0.18
N ALA A 140 9.27 3.76 0.48
CA ALA A 140 9.33 3.64 1.92
C ALA A 140 10.76 3.83 2.40
N THR A 141 11.02 4.82 3.26
CA THR A 141 12.28 4.87 3.99
C THR A 141 12.15 3.99 5.22
N VAL A 142 13.25 3.37 5.65
CA VAL A 142 13.24 2.39 6.72
C VAL A 142 13.99 3.03 7.88
N LYS A 143 13.30 3.57 8.89
CA LYS A 143 13.91 4.21 10.05
C LYS A 143 12.96 4.21 11.24
N LYS A 144 13.39 3.71 12.41
CA LYS A 144 12.64 3.81 13.65
C LYS A 144 12.35 5.28 14.01
N ASN A 145 11.14 5.74 13.68
CA ASN A 145 10.68 7.09 13.98
C ASN A 145 10.40 7.21 15.49
N ILE A 146 11.45 7.30 16.30
CA ILE A 146 11.36 7.45 17.75
C ILE A 146 10.79 6.15 18.34
N GLU A 147 11.64 5.12 18.44
CA GLU A 147 11.29 3.82 18.97
C GLU A 147 12.51 3.26 19.69
N GLY A 148 12.48 3.27 21.02
CA GLY A 148 13.70 3.20 21.82
C GLY A 148 14.33 4.59 21.85
N ARG A 149 14.78 5.06 20.67
CA ARG A 149 15.13 6.43 20.39
C ARG A 149 14.78 6.67 18.92
CU CU1 B . -0.75 -2.37 15.33
N MET A 1 -17.26 -5.98 -78.06
CA MET A 1 -16.24 -6.51 -77.13
C MET A 1 -15.83 -5.40 -76.18
N GLY A 2 -14.94 -5.68 -75.23
CA GLY A 2 -14.45 -4.67 -74.29
C GLY A 2 -15.42 -4.54 -73.11
N HIS A 3 -15.36 -5.51 -72.19
CA HIS A 3 -16.10 -5.51 -70.94
C HIS A 3 -15.33 -6.39 -69.95
N THR A 4 -15.53 -6.19 -68.65
CA THR A 4 -14.94 -6.96 -67.57
C THR A 4 -15.57 -6.50 -66.25
N MET A 5 -15.13 -7.08 -65.13
CA MET A 5 -15.51 -6.73 -63.77
C MET A 5 -14.67 -7.59 -62.80
N PRO A 6 -13.39 -7.26 -62.60
CA PRO A 6 -12.53 -8.03 -61.71
C PRO A 6 -12.86 -7.71 -60.24
N ALA A 7 -12.75 -8.69 -59.36
CA ALA A 7 -12.98 -8.54 -57.93
C ALA A 7 -12.38 -9.75 -57.22
N HIS A 8 -12.13 -9.64 -55.91
CA HIS A 8 -11.72 -10.72 -55.03
C HIS A 8 -11.94 -10.24 -53.59
N THR A 9 -11.68 -11.09 -52.60
CA THR A 9 -11.92 -10.81 -51.19
C THR A 9 -11.23 -11.87 -50.32
N PRO A 10 -9.89 -11.94 -50.28
CA PRO A 10 -9.18 -12.94 -49.51
C PRO A 10 -9.39 -12.70 -48.01
N PRO A 11 -9.94 -13.67 -47.25
CA PRO A 11 -10.23 -13.50 -45.83
C PRO A 11 -8.98 -13.74 -44.98
N ALA A 12 -9.06 -13.38 -43.70
CA ALA A 12 -8.04 -13.65 -42.69
C ALA A 12 -8.73 -13.59 -41.32
N GLN A 13 -8.14 -14.19 -40.29
CA GLN A 13 -8.65 -14.24 -38.93
C GLN A 13 -7.57 -14.87 -38.03
N THR A 14 -7.79 -14.85 -36.71
CA THR A 14 -6.98 -15.56 -35.73
C THR A 14 -7.77 -15.60 -34.42
N ALA A 15 -7.20 -16.21 -33.38
CA ALA A 15 -7.80 -16.40 -32.07
C ALA A 15 -6.75 -16.94 -31.08
N PRO A 16 -5.82 -16.10 -30.61
CA PRO A 16 -4.74 -16.54 -29.74
C PRO A 16 -5.27 -16.90 -28.34
N ALA A 17 -4.89 -18.07 -27.83
CA ALA A 17 -5.23 -18.52 -26.50
C ALA A 17 -4.47 -17.69 -25.46
N ALA A 18 -5.05 -16.55 -25.07
CA ALA A 18 -4.46 -15.61 -24.11
C ALA A 18 -4.41 -16.16 -22.68
N GLN A 19 -3.65 -17.23 -22.46
CA GLN A 19 -3.47 -17.87 -21.17
C GLN A 19 -2.56 -17.02 -20.28
N LYS A 20 -3.07 -15.87 -19.83
CA LYS A 20 -2.33 -14.92 -19.00
C LYS A 20 -2.13 -15.47 -17.58
N ALA A 21 -1.19 -16.42 -17.45
CA ALA A 21 -0.78 -17.00 -16.17
C ALA A 21 -0.12 -15.95 -15.27
N GLY A 22 -0.93 -15.11 -14.63
CA GLY A 22 -0.51 -14.08 -13.70
C GLY A 22 0.52 -14.61 -12.68
N ALA A 23 1.71 -14.01 -12.66
CA ALA A 23 2.82 -14.44 -11.82
C ALA A 23 2.60 -14.08 -10.35
N GLN A 24 1.66 -14.78 -9.71
CA GLN A 24 1.37 -14.72 -8.28
C GLN A 24 0.63 -13.44 -7.88
N ALA A 25 -0.23 -13.56 -6.87
CA ALA A 25 -0.94 -12.44 -6.27
C ALA A 25 -1.36 -12.83 -4.87
N LEU A 26 -1.80 -11.84 -4.09
CA LEU A 26 -2.39 -12.00 -2.78
C LEU A 26 -3.61 -11.07 -2.71
N PRO A 27 -4.58 -11.31 -1.82
CA PRO A 27 -5.82 -10.55 -1.84
C PRO A 27 -5.64 -9.15 -1.24
N VAL A 28 -4.80 -9.03 -0.20
CA VAL A 28 -4.67 -7.82 0.59
C VAL A 28 -3.20 -7.49 0.88
N THR A 29 -3.02 -6.31 1.46
CA THR A 29 -1.79 -5.60 1.72
C THR A 29 -1.11 -6.22 2.94
N VAL A 30 -0.68 -7.47 2.79
CA VAL A 30 -0.06 -8.26 3.84
C VAL A 30 1.46 -8.04 3.80
N GLN A 31 1.95 -7.04 4.55
CA GLN A 31 3.34 -6.63 4.54
C GLN A 31 3.71 -6.11 5.93
N GLY A 32 4.86 -6.52 6.46
CA GLY A 32 5.32 -6.20 7.81
C GLY A 32 5.81 -4.76 7.94
N ALA A 33 5.76 -4.20 9.15
CA ALA A 33 6.01 -2.78 9.37
C ALA A 33 7.43 -2.51 9.84
N THR A 34 7.84 -1.24 9.72
CA THR A 34 9.02 -0.72 10.39
C THR A 34 8.67 0.69 10.89
N VAL A 35 9.38 1.20 11.89
CA VAL A 35 9.22 2.55 12.42
C VAL A 35 10.63 3.16 12.56
N ALA A 36 10.83 4.42 12.17
CA ALA A 36 12.17 5.02 12.18
C ALA A 36 12.56 5.58 13.55
N ALA A 37 12.23 4.86 14.64
CA ALA A 37 12.22 5.36 16.02
C ALA A 37 11.63 6.77 16.06
N VAL A 38 12.03 7.65 16.98
CA VAL A 38 11.83 9.08 16.80
C VAL A 38 13.12 9.67 16.23
N PRO A 39 13.08 10.39 15.09
CA PRO A 39 14.17 11.27 14.68
C PRO A 39 14.29 12.40 15.71
N PRO A 40 15.30 13.28 15.63
CA PRO A 40 15.37 14.48 16.46
C PRO A 40 14.38 15.53 15.94
N SER A 41 13.11 15.14 15.81
CA SER A 41 12.07 15.90 15.12
C SER A 41 10.77 15.68 15.89
N ILE A 42 10.73 16.11 17.15
CA ILE A 42 9.62 15.94 18.06
C ILE A 42 9.55 14.48 18.53
N ARG A 43 8.79 14.23 19.60
CA ARG A 43 8.57 12.91 20.17
C ARG A 43 7.54 12.14 19.33
N ASP A 44 7.79 12.13 18.02
CA ASP A 44 6.86 11.81 16.94
C ASP A 44 7.59 10.95 15.92
N THR A 45 6.84 10.22 15.09
CA THR A 45 7.36 9.32 14.08
C THR A 45 6.22 8.82 13.19
N ALA A 46 6.58 7.97 12.24
CA ALA A 46 5.66 7.28 11.35
C ALA A 46 6.14 5.85 11.16
N ALA A 47 5.25 4.97 10.71
CA ALA A 47 5.65 3.67 10.20
C ALA A 47 6.03 3.80 8.72
N TYR A 48 6.85 2.86 8.27
CA TYR A 48 7.44 2.80 6.94
C TYR A 48 7.15 1.38 6.47
N MET A 49 6.24 1.23 5.50
CA MET A 49 5.81 -0.05 4.96
C MET A 49 5.23 0.16 3.56
N THR A 50 4.74 -0.91 2.94
CA THR A 50 4.16 -0.92 1.61
C THR A 50 2.78 -1.57 1.67
N LEU A 51 1.71 -0.83 1.32
CA LEU A 51 0.42 -1.46 1.15
C LEU A 51 0.53 -2.10 -0.21
N THR A 52 0.58 -3.41 -0.18
CA THR A 52 0.86 -4.27 -1.31
C THR A 52 -0.45 -4.75 -1.89
N ASN A 53 -1.22 -3.85 -2.54
CA ASN A 53 -2.50 -4.26 -3.06
C ASN A 53 -2.32 -4.93 -4.42
N LYS A 54 -2.91 -6.11 -4.62
CA LYS A 54 -2.95 -6.79 -5.90
C LYS A 54 -4.37 -7.33 -6.10
N SER A 55 -5.36 -6.45 -6.04
CA SER A 55 -6.75 -6.83 -6.17
C SER A 55 -7.61 -5.64 -6.61
N ASP A 56 -8.83 -5.96 -7.04
CA ASP A 56 -9.90 -5.07 -7.49
C ASP A 56 -11.01 -5.01 -6.44
N GLN A 57 -10.69 -5.23 -5.16
CA GLN A 57 -11.59 -5.17 -4.02
C GLN A 57 -11.16 -4.00 -3.14
N PRO A 58 -12.08 -3.16 -2.65
CA PRO A 58 -11.73 -2.08 -1.75
C PRO A 58 -11.35 -2.65 -0.38
N ILE A 59 -10.14 -2.37 0.10
CA ILE A 59 -9.64 -2.89 1.38
C ILE A 59 -8.99 -1.77 2.18
N LYS A 60 -9.79 -0.96 2.87
CA LYS A 60 -9.28 0.14 3.67
C LYS A 60 -8.73 -0.37 5.01
N LEU A 61 -8.23 0.54 5.85
CA LEU A 61 -7.50 0.26 7.06
C LEU A 61 -7.68 1.49 7.93
N VAL A 62 -7.97 1.35 9.23
CA VAL A 62 -8.10 2.48 10.14
C VAL A 62 -7.71 2.04 11.56
N GLY A 63 -6.52 1.48 11.72
CA GLY A 63 -5.97 1.27 13.05
C GLY A 63 -4.47 0.97 12.98
N ALA A 64 -3.74 1.34 14.02
CA ALA A 64 -2.37 0.93 14.29
C ALA A 64 -2.08 1.09 15.79
N ALA A 65 -2.68 0.23 16.61
CA ALA A 65 -2.55 0.31 18.06
C ALA A 65 -1.26 -0.40 18.47
N THR A 66 -0.53 0.14 19.45
CA THR A 66 0.78 -0.40 19.81
C THR A 66 1.28 0.19 21.12
N PRO A 67 1.99 -0.57 21.96
CA PRO A 67 2.69 -0.05 23.12
C PRO A 67 4.01 0.64 22.69
N LEU A 68 3.93 1.57 21.73
CA LEU A 68 5.09 2.25 21.14
C LEU A 68 4.87 3.76 21.18
N ALA A 69 3.81 4.21 20.49
CA ALA A 69 3.37 5.60 20.42
C ALA A 69 1.96 5.71 21.00
N THR A 70 1.54 6.93 21.34
CA THR A 70 0.25 7.20 21.96
C THR A 70 -0.83 7.41 20.91
N SER A 71 -0.50 8.15 19.85
CA SER A 71 -1.45 8.74 18.92
C SER A 71 -1.16 8.28 17.49
N PRO A 72 -1.74 7.16 17.03
CA PRO A 72 -1.61 6.72 15.65
C PRO A 72 -2.54 7.55 14.75
N MET A 73 -2.02 8.70 14.32
CA MET A 73 -2.71 9.62 13.45
C MET A 73 -2.51 9.15 12.00
N LEU A 74 -3.58 8.81 11.30
CA LEU A 74 -3.47 8.33 9.93
C LEU A 74 -3.31 9.51 8.98
N MET A 75 -2.29 9.43 8.13
CA MET A 75 -1.89 10.49 7.21
C MET A 75 -2.18 10.09 5.78
N THR A 76 -2.55 11.07 4.97
CA THR A 76 -2.55 10.95 3.53
C THR A 76 -1.17 11.29 2.93
N THR A 77 -1.03 11.01 1.64
CA THR A 77 0.03 11.50 0.76
C THR A 77 -0.39 12.69 -0.09
N THR A 78 0.60 13.17 -0.85
CA THR A 78 0.47 14.22 -1.85
C THR A 78 0.27 13.57 -3.22
N HIS A 79 -0.93 12.99 -3.44
CA HIS A 79 -1.35 12.39 -4.70
C HIS A 79 -0.39 11.31 -5.19
N SER A 80 -0.40 10.16 -4.52
CA SER A 80 0.43 9.01 -4.87
C SER A 80 -0.12 7.77 -4.16
N GLY A 81 -1.42 7.51 -4.37
CA GLY A 81 -2.20 6.56 -3.60
C GLY A 81 -3.31 7.35 -2.92
N GLY A 82 -3.05 7.83 -1.71
CA GLY A 82 -3.95 8.78 -1.04
C GLY A 82 -4.03 10.13 -1.78
N MET A 83 -4.93 10.98 -1.27
CA MET A 83 -5.54 12.12 -1.98
C MET A 83 -4.57 13.11 -2.62
N ALA A 84 -4.10 14.12 -1.88
CA ALA A 84 -3.53 15.33 -2.48
C ALA A 84 -2.96 16.28 -1.42
N GLY A 85 -2.40 15.75 -0.33
CA GLY A 85 -1.62 16.54 0.59
C GLY A 85 -1.35 15.78 1.87
N MET A 86 -0.14 15.90 2.43
CA MET A 86 0.19 15.27 3.70
C MET A 86 -0.64 15.88 4.83
N LYS A 87 -1.78 15.26 5.13
CA LYS A 87 -2.72 15.75 6.12
C LYS A 87 -3.35 14.62 6.95
N MET A 88 -3.91 14.97 8.11
CA MET A 88 -4.49 14.06 9.09
C MET A 88 -5.94 13.70 8.69
N VAL A 89 -6.16 12.46 8.27
CA VAL A 89 -7.43 12.04 7.68
C VAL A 89 -8.22 11.14 8.62
N PRO A 90 -9.51 10.90 8.32
CA PRO A 90 -10.25 9.73 8.79
C PRO A 90 -9.34 8.49 8.79
N TRP A 91 -8.72 8.21 7.64
CA TRP A 91 -7.86 7.08 7.37
C TRP A 91 -7.52 7.17 5.89
N LEU A 92 -6.85 6.15 5.33
CA LEU A 92 -6.55 6.06 3.91
C LEU A 92 -7.28 4.87 3.28
N THR A 93 -8.38 5.14 2.57
CA THR A 93 -9.12 4.13 1.84
C THR A 93 -8.34 3.81 0.56
N ILE A 94 -7.94 2.55 0.36
CA ILE A 94 -7.45 2.12 -0.94
C ILE A 94 -8.64 1.54 -1.71
N PRO A 95 -9.05 2.17 -2.83
CA PRO A 95 -10.23 1.73 -3.58
C PRO A 95 -9.82 0.56 -4.46
N ALA A 96 -9.33 -0.52 -3.82
CA ALA A 96 -8.57 -1.56 -4.47
C ALA A 96 -7.27 -0.98 -5.02
N ARG A 97 -6.47 -1.79 -5.71
CA ARG A 97 -5.30 -1.36 -6.48
C ARG A 97 -4.21 -0.54 -5.75
N GLY A 98 -4.38 -0.21 -4.47
CA GLY A 98 -3.47 0.62 -3.71
C GLY A 98 -2.16 -0.10 -3.40
N THR A 99 -1.28 -0.16 -4.39
CA THR A 99 0.10 -0.54 -4.19
C THR A 99 0.85 0.70 -3.72
N LEU A 100 0.38 1.29 -2.63
CA LEU A 100 0.91 2.54 -2.13
C LEU A 100 1.93 2.28 -1.02
N THR A 101 2.45 3.37 -0.47
CA THR A 101 3.61 3.43 0.38
C THR A 101 3.20 4.17 1.64
N LEU A 102 3.48 3.60 2.81
CA LEU A 102 3.39 4.29 4.08
C LEU A 102 4.81 4.76 4.35
N GLN A 103 5.06 6.06 4.37
CA GLN A 103 6.38 6.66 4.29
C GLN A 103 6.36 8.07 4.89
N ARG A 104 7.53 8.58 5.28
CA ARG A 104 7.72 9.92 5.82
C ARG A 104 6.97 11.01 5.04
N ASP A 105 7.21 11.07 3.73
CA ASP A 105 6.70 12.13 2.87
C ASP A 105 5.19 12.24 2.94
N GLY A 106 4.51 11.18 2.51
CA GLY A 106 3.09 11.22 2.23
C GLY A 106 2.54 9.79 2.15
N ASP A 107 1.37 9.59 2.78
CA ASP A 107 0.64 8.35 3.08
C ASP A 107 1.46 7.64 4.15
N HIS A 108 0.86 7.40 5.32
CA HIS A 108 1.53 6.80 6.45
C HIS A 108 0.58 6.76 7.64
N VAL A 109 0.98 6.09 8.71
CA VAL A 109 0.49 6.37 10.05
C VAL A 109 1.58 7.22 10.69
N MET A 110 1.25 8.42 11.18
CA MET A 110 2.08 9.15 12.12
C MET A 110 1.78 8.60 13.52
N LEU A 111 2.67 7.76 13.99
CA LEU A 111 2.66 7.16 15.31
C LEU A 111 3.24 8.19 16.28
N MET A 112 2.44 9.21 16.58
CA MET A 112 2.88 10.38 17.33
C MET A 112 2.80 10.10 18.83
N GLY A 113 3.68 10.70 19.63
CA GLY A 113 3.56 10.64 21.08
C GLY A 113 4.29 9.41 21.62
N LEU A 114 5.62 9.43 21.53
CA LEU A 114 6.54 8.47 22.15
C LEU A 114 6.06 7.98 23.52
N LYS A 115 6.11 6.66 23.78
CA LYS A 115 6.15 6.15 25.15
C LYS A 115 7.56 5.77 25.57
N ARG A 116 8.19 4.73 24.98
CA ARG A 116 9.48 4.23 25.48
C ARG A 116 10.20 3.23 24.56
N PRO A 117 9.62 2.07 24.20
CA PRO A 117 10.38 0.98 23.58
C PRO A 117 10.62 1.26 22.10
N LEU A 118 11.55 2.16 21.80
CA LEU A 118 11.92 2.54 20.45
C LEU A 118 13.44 2.57 20.26
N LYS A 119 14.11 1.51 20.69
CA LYS A 119 15.54 1.33 20.46
C LYS A 119 15.77 1.21 18.95
N VAL A 120 16.92 1.68 18.47
CA VAL A 120 17.40 1.29 17.16
C VAL A 120 17.64 -0.22 17.19
N GLY A 121 16.79 -1.00 16.51
CA GLY A 121 16.76 -2.44 16.71
C GLY A 121 15.92 -2.73 17.93
N GLU A 122 14.68 -2.24 17.94
CA GLU A 122 13.61 -2.86 18.70
C GLU A 122 12.73 -3.58 17.71
N THR A 123 11.70 -4.19 18.25
CA THR A 123 10.57 -4.74 17.52
C THR A 123 9.39 -4.79 18.48
N VAL A 124 8.22 -4.35 18.00
CA VAL A 124 6.98 -4.35 18.76
C VAL A 124 5.91 -4.95 17.85
N ASN A 125 5.08 -5.84 18.39
CA ASN A 125 3.88 -6.25 17.69
C ASN A 125 2.83 -5.15 17.87
N ILE A 126 2.46 -4.50 16.78
CA ILE A 126 1.33 -3.59 16.74
C ILE A 126 0.07 -4.43 16.59
N THR A 127 -1.09 -3.79 16.50
CA THR A 127 -2.28 -4.41 15.96
C THR A 127 -2.99 -3.39 15.09
N LEU A 128 -3.16 -3.70 13.80
CA LEU A 128 -3.89 -2.84 12.89
C LEU A 128 -5.38 -3.15 13.03
N LYS A 129 -6.25 -2.36 12.38
CA LYS A 129 -7.69 -2.58 12.40
C LYS A 129 -8.31 -1.92 11.17
N ALA A 130 -8.66 -2.73 10.17
CA ALA A 130 -9.66 -2.34 9.20
C ALA A 130 -11.03 -2.67 9.78
N THR A 131 -11.86 -1.63 9.92
CA THR A 131 -13.25 -1.71 10.34
C THR A 131 -14.01 -2.79 9.56
N ASP A 132 -13.63 -2.94 8.29
CA ASP A 132 -14.15 -3.90 7.34
C ASP A 132 -14.09 -5.33 7.89
N GLY A 133 -13.05 -5.63 8.69
CA GLY A 133 -12.88 -6.91 9.36
C GLY A 133 -11.50 -7.48 9.09
N ARG A 134 -10.44 -6.73 9.42
CA ARG A 134 -9.06 -7.21 9.38
C ARG A 134 -8.36 -6.60 10.59
N THR A 135 -7.59 -7.40 11.34
CA THR A 135 -7.09 -7.00 12.65
C THR A 135 -5.83 -7.78 13.02
N LEU A 136 -4.79 -7.66 12.19
CA LEU A 136 -3.55 -8.42 12.34
C LEU A 136 -2.65 -7.76 13.37
N ASN A 137 -1.86 -8.57 14.07
CA ASN A 137 -0.98 -8.24 15.17
C ASN A 137 0.43 -8.04 14.63
N VAL A 138 0.60 -7.00 13.81
CA VAL A 138 1.67 -6.97 12.83
C VAL A 138 2.98 -6.61 13.50
N ALA A 139 4.10 -7.15 13.01
CA ALA A 139 5.41 -6.85 13.59
C ALA A 139 5.93 -5.54 13.00
N ALA A 140 6.37 -4.64 13.88
CA ALA A 140 7.03 -3.41 13.54
C ALA A 140 8.44 -3.40 14.14
N THR A 141 9.46 -3.39 13.30
CA THR A 141 10.86 -3.24 13.73
C THR A 141 11.16 -1.75 13.88
N VAL A 142 11.79 -1.33 14.99
CA VAL A 142 12.04 0.09 15.21
C VAL A 142 13.51 0.27 14.88
N LYS A 143 13.86 1.13 13.91
CA LYS A 143 15.25 1.30 13.50
C LYS A 143 15.47 2.63 12.76
N LYS A 144 15.88 3.70 13.47
CA LYS A 144 16.13 4.99 12.84
C LYS A 144 17.31 4.96 11.87
N ASN A 145 18.39 4.25 12.22
CA ASN A 145 19.64 4.22 11.46
C ASN A 145 19.50 3.33 10.22
N ILE A 146 18.58 3.71 9.34
CA ILE A 146 18.28 3.12 8.04
C ILE A 146 17.89 4.28 7.13
N GLU A 147 16.92 5.07 7.57
CA GLU A 147 16.42 6.28 6.92
C GLU A 147 17.57 7.24 6.61
N GLY A 148 18.28 7.66 7.65
CA GLY A 148 19.60 8.28 7.51
C GLY A 148 19.62 9.70 6.96
N ARG A 149 18.60 10.52 7.27
CA ARG A 149 18.51 11.98 7.19
C ARG A 149 17.03 12.28 7.43
CU CU1 B . 2.97 13.07 8.17
N MET A 1 0.13 -33.96 -46.52
CA MET A 1 1.17 -34.04 -47.56
C MET A 1 1.27 -32.66 -48.19
N GLY A 2 2.42 -32.29 -48.74
CA GLY A 2 2.68 -30.91 -49.13
C GLY A 2 2.88 -30.03 -47.90
N HIS A 3 3.43 -28.83 -48.10
CA HIS A 3 3.67 -27.83 -47.07
C HIS A 3 2.67 -26.69 -47.23
N THR A 4 2.43 -25.95 -46.15
CA THR A 4 1.60 -24.76 -46.10
C THR A 4 2.23 -23.79 -45.10
N MET A 5 1.73 -22.56 -45.04
CA MET A 5 2.16 -21.55 -44.07
C MET A 5 0.99 -20.59 -43.83
N PRO A 6 0.84 -20.03 -42.62
CA PRO A 6 -0.27 -19.16 -42.28
C PRO A 6 -0.06 -17.77 -42.90
N ALA A 7 -0.14 -17.68 -44.22
CA ALA A 7 0.03 -16.43 -44.97
C ALA A 7 -1.21 -15.54 -44.82
N HIS A 8 -1.49 -15.09 -43.59
CA HIS A 8 -2.62 -14.26 -43.23
C HIS A 8 -2.19 -13.31 -42.11
N THR A 9 -3.07 -12.39 -41.72
CA THR A 9 -2.86 -11.46 -40.61
C THR A 9 -4.24 -11.10 -40.08
N PRO A 10 -4.49 -11.09 -38.77
CA PRO A 10 -5.81 -10.79 -38.24
C PRO A 10 -6.11 -9.30 -38.43
N PRO A 11 -7.38 -8.92 -38.70
CA PRO A 11 -7.79 -7.53 -38.75
C PRO A 11 -7.83 -6.93 -37.34
N ALA A 12 -8.22 -7.73 -36.35
CA ALA A 12 -8.29 -7.31 -34.96
C ALA A 12 -6.88 -7.04 -34.42
N GLN A 13 -6.65 -5.83 -33.92
CA GLN A 13 -5.42 -5.47 -33.21
C GLN A 13 -5.33 -6.28 -31.90
N THR A 14 -4.12 -6.34 -31.33
CA THR A 14 -3.82 -6.95 -30.04
C THR A 14 -4.87 -6.61 -28.99
N ALA A 15 -5.29 -7.61 -28.21
CA ALA A 15 -6.33 -7.46 -27.19
C ALA A 15 -5.97 -6.34 -26.20
N PRO A 16 -6.95 -5.53 -25.76
CA PRO A 16 -6.71 -4.45 -24.82
C PRO A 16 -6.45 -5.01 -23.41
N ALA A 17 -5.68 -4.28 -22.61
CA ALA A 17 -5.34 -4.68 -21.24
C ALA A 17 -6.59 -4.74 -20.35
N ALA A 18 -7.46 -3.74 -20.47
CA ALA A 18 -8.73 -3.61 -19.76
C ALA A 18 -8.56 -3.39 -18.25
N GLN A 19 -8.02 -4.36 -17.53
CA GLN A 19 -7.90 -4.34 -16.08
C GLN A 19 -6.82 -3.36 -15.63
N LYS A 20 -7.09 -2.05 -15.75
CA LYS A 20 -6.12 -1.01 -15.48
C LYS A 20 -6.84 0.28 -15.05
N ALA A 21 -7.32 1.04 -16.02
CA ALA A 21 -7.96 2.34 -15.80
C ALA A 21 -9.48 2.19 -15.83
N GLY A 22 -10.19 3.26 -15.46
CA GLY A 22 -11.64 3.33 -15.54
C GLY A 22 -12.32 2.49 -14.46
N ALA A 23 -12.25 1.16 -14.60
CA ALA A 23 -13.02 0.21 -13.81
C ALA A 23 -12.81 0.40 -12.31
N GLN A 24 -13.84 0.88 -11.60
CA GLN A 24 -13.90 0.89 -10.16
C GLN A 24 -14.27 -0.52 -9.69
N ALA A 25 -13.53 -1.05 -8.72
CA ALA A 25 -13.66 -2.39 -8.15
C ALA A 25 -12.56 -2.61 -7.13
N LEU A 26 -11.33 -2.25 -7.53
CA LEU A 26 -10.13 -2.45 -6.72
C LEU A 26 -10.25 -1.68 -5.39
N PRO A 27 -10.01 -2.34 -4.24
CA PRO A 27 -10.13 -1.71 -2.93
C PRO A 27 -8.98 -0.73 -2.71
N VAL A 28 -8.96 -0.06 -1.55
CA VAL A 28 -8.12 1.10 -1.33
C VAL A 28 -6.70 0.70 -0.96
N THR A 29 -6.04 -0.09 -1.81
CA THR A 29 -4.83 -0.80 -1.44
C THR A 29 -4.02 -1.12 -2.69
N VAL A 30 -3.66 -0.10 -3.47
CA VAL A 30 -2.86 -0.27 -4.69
C VAL A 30 -1.66 0.67 -4.68
N GLN A 31 -0.84 0.52 -3.64
CA GLN A 31 0.51 1.07 -3.60
C GLN A 31 1.33 0.08 -2.77
N GLY A 32 2.65 0.06 -2.97
CA GLY A 32 3.56 -0.74 -2.15
C GLY A 32 3.70 -0.11 -0.76
N ALA A 33 4.74 -0.51 -0.02
CA ALA A 33 5.07 0.09 1.27
C ALA A 33 6.58 0.22 1.36
N THR A 34 7.07 1.38 1.80
CA THR A 34 8.49 1.60 2.05
C THR A 34 8.66 1.98 3.52
N VAL A 35 9.26 1.10 4.32
CA VAL A 35 9.36 1.25 5.77
C VAL A 35 10.76 1.76 6.13
N ALA A 36 10.85 2.84 6.91
CA ALA A 36 12.11 3.50 7.19
C ALA A 36 12.92 2.73 8.23
N ALA A 37 14.02 2.11 7.81
CA ALA A 37 15.02 1.57 8.73
C ALA A 37 15.38 2.65 9.76
N VAL A 38 15.29 2.30 11.06
CA VAL A 38 15.41 3.17 12.25
C VAL A 38 15.98 4.56 11.94
N PRO A 39 15.11 5.57 11.73
CA PRO A 39 15.55 6.95 11.55
C PRO A 39 16.10 7.49 12.88
N PRO A 40 16.59 8.74 12.92
CA PRO A 40 16.66 9.50 14.15
C PRO A 40 15.23 9.81 14.62
N SER A 41 14.51 8.77 15.04
CA SER A 41 13.18 8.83 15.63
C SER A 41 12.99 7.60 16.52
N ILE A 42 14.08 7.14 17.17
CA ILE A 42 14.05 6.03 18.10
C ILE A 42 13.70 4.76 17.30
N ARG A 43 13.55 3.62 17.97
CA ARG A 43 13.01 2.40 17.37
C ARG A 43 11.52 2.48 17.04
N ASP A 44 11.00 3.67 16.69
CA ASP A 44 9.70 3.82 16.04
C ASP A 44 9.98 4.20 14.60
N THR A 45 9.01 3.89 13.73
CA THR A 45 9.09 4.21 12.33
C THR A 45 7.70 4.06 11.75
N ALA A 46 7.57 4.29 10.45
CA ALA A 46 6.33 4.16 9.71
C ALA A 46 6.60 3.62 8.32
N ALA A 47 5.52 3.17 7.69
CA ALA A 47 5.48 2.93 6.27
C ALA A 47 5.20 4.26 5.57
N TYR A 48 5.90 4.52 4.46
CA TYR A 48 5.77 5.70 3.64
C TYR A 48 5.17 5.19 2.34
N MET A 49 3.88 5.46 2.15
CA MET A 49 3.12 5.02 0.99
C MET A 49 1.85 5.87 0.85
N THR A 50 1.00 5.49 -0.09
CA THR A 50 -0.25 6.12 -0.41
C THR A 50 -1.37 5.11 -0.13
N LEU A 51 -2.52 5.56 0.36
CA LEU A 51 -3.76 4.81 0.25
C LEU A 51 -4.49 5.40 -0.94
N THR A 52 -4.78 4.55 -1.92
CA THR A 52 -5.23 4.92 -3.26
C THR A 52 -6.48 4.12 -3.60
N ASN A 53 -7.61 4.81 -3.76
CA ASN A 53 -8.92 4.19 -3.94
C ASN A 53 -9.28 4.01 -5.42
N LYS A 54 -9.83 2.85 -5.80
CA LYS A 54 -10.56 2.70 -7.07
C LYS A 54 -11.87 1.95 -6.78
N SER A 55 -12.68 2.48 -5.87
CA SER A 55 -13.93 1.87 -5.44
C SER A 55 -15.04 2.91 -5.32
N ASP A 56 -14.77 4.01 -4.59
CA ASP A 56 -15.75 4.97 -4.12
C ASP A 56 -16.73 4.30 -3.14
N GLN A 57 -16.18 3.56 -2.18
CA GLN A 57 -16.91 2.97 -1.05
C GLN A 57 -16.23 3.43 0.23
N PRO A 58 -16.98 3.80 1.28
CA PRO A 58 -16.41 4.19 2.56
C PRO A 58 -15.80 2.98 3.25
N ILE A 59 -14.49 2.99 3.51
CA ILE A 59 -13.78 1.84 4.08
C ILE A 59 -13.10 2.26 5.39
N LYS A 60 -13.22 1.41 6.41
CA LYS A 60 -12.57 1.57 7.69
C LYS A 60 -11.31 0.70 7.72
N LEU A 61 -10.13 1.30 7.49
CA LEU A 61 -8.88 0.58 7.46
C LEU A 61 -8.39 0.55 8.90
N VAL A 62 -8.28 -0.66 9.45
CA VAL A 62 -7.79 -0.89 10.80
C VAL A 62 -7.00 -2.20 10.85
N GLY A 63 -6.04 -2.38 9.94
CA GLY A 63 -4.99 -3.37 10.15
C GLY A 63 -3.82 -3.08 9.24
N ALA A 64 -2.59 -3.21 9.76
CA ALA A 64 -1.34 -3.05 9.04
C ALA A 64 -0.26 -3.81 9.80
N ALA A 65 -0.38 -5.14 9.84
CA ALA A 65 0.54 -6.00 10.59
C ALA A 65 1.77 -6.28 9.74
N THR A 66 2.87 -6.67 10.37
CA THR A 66 4.12 -7.03 9.70
C THR A 66 5.10 -7.58 10.75
N PRO A 67 5.87 -8.63 10.45
CA PRO A 67 6.90 -9.14 11.35
C PRO A 67 8.10 -8.21 11.32
N LEU A 68 7.90 -6.99 11.82
CA LEU A 68 8.77 -5.84 11.61
C LEU A 68 8.55 -4.84 12.75
N ALA A 69 7.29 -4.50 13.02
CA ALA A 69 6.89 -3.77 14.19
C ALA A 69 6.48 -4.77 15.27
N THR A 70 6.86 -4.51 16.52
CA THR A 70 6.33 -5.23 17.67
C THR A 70 5.08 -4.51 18.18
N SER A 71 4.93 -3.21 17.87
CA SER A 71 3.80 -2.39 18.25
C SER A 71 3.35 -1.58 17.02
N PRO A 72 2.46 -2.13 16.18
CA PRO A 72 1.90 -1.42 15.04
C PRO A 72 0.64 -0.66 15.45
N MET A 73 0.62 0.66 15.20
CA MET A 73 -0.50 1.53 15.48
C MET A 73 -0.79 2.39 14.25
N LEU A 74 -2.04 2.82 14.06
CA LEU A 74 -2.39 3.87 13.10
C LEU A 74 -2.30 5.25 13.75
N MET A 75 -2.12 6.29 12.94
CA MET A 75 -1.94 7.66 13.39
C MET A 75 -2.40 8.62 12.29
N THR A 76 -2.83 9.84 12.64
CA THR A 76 -3.41 10.76 11.66
C THR A 76 -2.94 12.20 11.86
N THR A 77 -2.30 12.81 10.85
CA THR A 77 -2.12 14.26 10.87
C THR A 77 -2.16 14.81 9.45
N THR A 78 -3.20 14.44 8.71
CA THR A 78 -3.51 14.98 7.39
C THR A 78 -5.03 14.96 7.11
N HIS A 79 -5.69 16.07 7.47
CA HIS A 79 -7.10 16.40 7.21
C HIS A 79 -7.59 15.89 5.85
N SER A 80 -6.78 16.05 4.81
CA SER A 80 -7.10 15.70 3.44
C SER A 80 -7.66 14.27 3.29
N GLY A 81 -7.30 13.37 4.21
CA GLY A 81 -7.90 12.05 4.32
C GLY A 81 -8.33 11.76 5.76
N GLY A 82 -7.40 11.95 6.69
CA GLY A 82 -7.61 11.74 8.11
C GLY A 82 -7.97 13.05 8.82
N MET A 83 -7.22 13.43 9.87
CA MET A 83 -7.53 14.58 10.70
C MET A 83 -6.25 15.35 11.11
N ALA A 84 -6.00 15.49 12.40
CA ALA A 84 -5.00 16.40 12.95
C ALA A 84 -4.75 15.98 14.39
N GLY A 85 -4.25 14.77 14.55
CA GLY A 85 -3.99 14.19 15.86
C GLY A 85 -2.97 13.09 15.72
N MET A 86 -1.67 13.44 15.78
CA MET A 86 -0.56 12.50 15.63
C MET A 86 -0.47 11.64 16.90
N LYS A 87 -1.51 10.85 17.14
CA LYS A 87 -1.74 10.03 18.32
C LYS A 87 -2.50 8.78 17.87
N MET A 88 -2.69 7.81 18.78
CA MET A 88 -3.34 6.55 18.43
C MET A 88 -4.85 6.75 18.39
N VAL A 89 -5.32 7.40 17.33
CA VAL A 89 -6.73 7.52 17.03
C VAL A 89 -7.36 6.13 16.78
N PRO A 90 -8.69 6.01 16.87
CA PRO A 90 -9.41 4.85 16.38
C PRO A 90 -9.28 4.76 14.86
N TRP A 91 -8.14 4.24 14.41
CA TRP A 91 -7.83 3.83 13.05
C TRP A 91 -7.98 4.97 12.02
N LEU A 92 -8.03 4.61 10.72
CA LEU A 92 -8.16 5.57 9.64
C LEU A 92 -9.30 5.11 8.71
N THR A 93 -10.49 5.70 8.86
CA THR A 93 -11.59 5.53 7.92
C THR A 93 -11.40 6.48 6.74
N ILE A 94 -11.40 5.95 5.51
CA ILE A 94 -11.40 6.76 4.30
C ILE A 94 -12.85 6.93 3.82
N PRO A 95 -13.35 8.17 3.68
CA PRO A 95 -14.74 8.42 3.31
C PRO A 95 -14.93 8.30 1.79
N ALA A 96 -14.74 7.09 1.27
CA ALA A 96 -14.69 6.83 -0.16
C ALA A 96 -13.50 7.57 -0.77
N ARG A 97 -13.37 7.51 -2.10
CA ARG A 97 -12.27 7.93 -2.97
C ARG A 97 -10.96 8.42 -2.31
N GLY A 98 -10.48 7.72 -1.28
CA GLY A 98 -9.27 8.04 -0.55
C GLY A 98 -8.04 8.21 -1.44
N THR A 99 -7.25 9.23 -1.15
CA THR A 99 -5.95 9.50 -1.75
C THR A 99 -5.10 10.21 -0.69
N LEU A 100 -4.88 9.56 0.46
CA LEU A 100 -4.00 10.07 1.50
C LEU A 100 -2.59 9.49 1.35
N THR A 101 -1.63 10.12 2.04
CA THR A 101 -0.21 9.85 1.93
C THR A 101 0.25 9.53 3.34
N LEU A 102 0.49 8.25 3.61
CA LEU A 102 0.93 7.78 4.89
C LEU A 102 2.44 8.01 4.95
N GLN A 103 2.91 8.77 5.95
CA GLN A 103 4.29 9.17 6.16
C GLN A 103 4.46 9.49 7.65
N ARG A 104 5.69 9.44 8.18
CA ARG A 104 5.94 9.33 9.62
C ARG A 104 5.40 10.49 10.48
N ASP A 105 4.74 11.49 9.90
CA ASP A 105 4.17 12.65 10.56
C ASP A 105 2.72 12.81 10.08
N GLY A 106 2.54 13.24 8.84
CA GLY A 106 1.26 13.56 8.25
C GLY A 106 0.49 12.30 7.88
N ASP A 107 -0.09 11.67 8.92
CA ASP A 107 -0.92 10.47 8.85
C ASP A 107 -0.10 9.27 8.46
N HIS A 108 -0.29 8.14 9.15
CA HIS A 108 0.57 6.98 8.94
C HIS A 108 0.14 5.78 9.78
N VAL A 109 0.86 4.68 9.55
CA VAL A 109 1.00 3.58 10.49
C VAL A 109 2.32 3.78 11.22
N MET A 110 2.34 3.89 12.54
CA MET A 110 3.56 3.78 13.31
C MET A 110 3.84 2.30 13.52
N LEU A 111 4.81 1.80 12.77
CA LEU A 111 5.34 0.45 12.81
C LEU A 111 6.50 0.39 13.80
N MET A 112 6.20 0.42 15.11
CA MET A 112 7.22 0.57 16.15
C MET A 112 7.76 -0.77 16.64
N GLY A 113 9.02 -0.81 17.06
CA GLY A 113 9.51 -1.85 17.99
C GLY A 113 10.42 -2.91 17.37
N LEU A 114 11.23 -2.51 16.39
CA LEU A 114 12.46 -3.14 15.90
C LEU A 114 12.46 -4.68 15.84
N LYS A 115 11.40 -5.28 15.30
CA LYS A 115 11.23 -6.71 15.32
C LYS A 115 12.23 -7.44 14.41
N ARG A 116 12.85 -6.72 13.48
CA ARG A 116 13.97 -7.18 12.67
C ARG A 116 15.03 -6.08 12.70
N PRO A 117 16.33 -6.41 12.56
CA PRO A 117 17.39 -5.43 12.43
C PRO A 117 17.31 -4.78 11.04
N LEU A 118 16.32 -3.90 10.86
CA LEU A 118 15.94 -3.24 9.61
C LEU A 118 17.13 -2.80 8.76
N LYS A 119 17.41 -3.52 7.67
CA LYS A 119 18.40 -3.09 6.68
C LYS A 119 17.75 -2.19 5.65
N VAL A 120 18.37 -1.04 5.37
CA VAL A 120 18.07 -0.28 4.18
C VAL A 120 18.39 -1.17 2.97
N GLY A 121 17.35 -1.74 2.33
CA GLY A 121 17.49 -2.71 1.26
C GLY A 121 16.86 -4.05 1.61
N GLU A 122 16.29 -4.22 2.82
CA GLU A 122 15.52 -5.39 3.11
C GLU A 122 14.18 -5.27 2.39
N THR A 123 13.40 -6.31 2.59
CA THR A 123 12.03 -6.45 2.13
C THR A 123 11.35 -7.44 3.07
N VAL A 124 10.16 -7.09 3.53
CA VAL A 124 9.38 -7.87 4.49
C VAL A 124 7.93 -7.89 4.02
N ASN A 125 7.22 -9.00 4.21
CA ASN A 125 5.83 -9.11 3.81
C ASN A 125 4.95 -8.41 4.85
N ILE A 126 4.12 -7.45 4.42
CA ILE A 126 3.14 -6.81 5.28
C ILE A 126 1.93 -7.74 5.35
N THR A 127 0.96 -7.46 6.24
CA THR A 127 -0.33 -8.10 6.13
C THR A 127 -1.40 -7.12 6.62
N LEU A 128 -2.30 -6.78 5.70
CA LEU A 128 -3.38 -5.85 5.90
C LEU A 128 -4.53 -6.62 6.53
N LYS A 129 -5.37 -5.95 7.32
CA LYS A 129 -6.58 -6.55 7.87
C LYS A 129 -7.59 -5.43 8.15
N ALA A 130 -8.25 -4.95 7.10
CA ALA A 130 -9.30 -3.95 7.28
C ALA A 130 -10.54 -4.70 7.75
N THR A 131 -11.06 -4.29 8.91
CA THR A 131 -11.97 -5.03 9.76
C THR A 131 -11.49 -6.48 9.90
N ASP A 132 -11.92 -7.33 8.97
CA ASP A 132 -11.23 -8.57 8.63
C ASP A 132 -11.76 -9.10 7.30
N GLY A 133 -11.64 -8.28 6.25
CA GLY A 133 -12.09 -8.64 4.91
C GLY A 133 -11.20 -8.03 3.84
N ARG A 134 -9.93 -7.76 4.16
CA ARG A 134 -8.94 -7.27 3.21
C ARG A 134 -7.58 -7.84 3.60
N THR A 135 -7.46 -9.17 3.59
CA THR A 135 -6.32 -9.88 4.12
C THR A 135 -5.20 -9.93 3.08
N LEU A 136 -4.71 -8.75 2.68
CA LEU A 136 -3.69 -8.61 1.64
C LEU A 136 -2.32 -8.82 2.27
N ASN A 137 -1.37 -9.33 1.48
CA ASN A 137 -0.06 -9.82 1.89
C ASN A 137 1.01 -9.20 0.98
N VAL A 138 1.12 -7.87 0.98
CA VAL A 138 1.94 -7.16 0.02
C VAL A 138 3.40 -7.15 0.48
N ALA A 139 4.36 -7.08 -0.45
CA ALA A 139 5.77 -6.98 -0.11
C ALA A 139 6.12 -5.52 0.17
N ALA A 140 6.59 -5.24 1.39
CA ALA A 140 7.06 -3.93 1.79
C ALA A 140 8.58 -3.89 1.68
N THR A 141 9.13 -2.84 1.09
CA THR A 141 10.57 -2.62 1.05
C THR A 141 10.98 -1.97 2.37
N VAL A 142 12.15 -2.30 2.91
CA VAL A 142 12.67 -1.60 4.08
C VAL A 142 13.71 -0.63 3.55
N LYS A 143 13.42 0.67 3.53
CA LYS A 143 14.40 1.67 3.19
C LYS A 143 13.98 3.00 3.80
N LYS A 144 14.96 3.83 4.20
CA LYS A 144 14.69 5.19 4.63
C LYS A 144 14.09 6.02 3.48
N ASN A 145 13.47 7.15 3.85
CA ASN A 145 12.76 8.05 2.95
C ASN A 145 12.95 9.46 3.46
N ILE A 146 13.77 10.25 2.75
CA ILE A 146 14.17 11.61 3.14
C ILE A 146 14.82 11.56 4.52
N GLU A 147 16.08 11.14 4.55
CA GLU A 147 16.91 11.05 5.72
C GLU A 147 18.32 10.84 5.20
N GLY A 148 19.22 11.75 5.56
CA GLY A 148 20.53 11.87 4.92
C GLY A 148 20.35 12.65 3.62
N ARG A 149 19.53 13.70 3.68
CA ARG A 149 19.01 14.43 2.54
C ARG A 149 17.93 13.58 1.85
CU CU1 B . 2.96 9.01 14.77
N MET A 1 -5.09 -39.88 -70.88
CA MET A 1 -4.95 -39.47 -72.30
C MET A 1 -5.78 -38.20 -72.47
N GLY A 2 -5.10 -37.06 -72.45
CA GLY A 2 -5.63 -35.91 -71.72
C GLY A 2 -5.62 -36.24 -70.21
N HIS A 3 -5.80 -35.22 -69.37
CA HIS A 3 -5.90 -35.33 -67.93
C HIS A 3 -6.35 -33.95 -67.41
N THR A 4 -6.65 -33.85 -66.12
CA THR A 4 -6.99 -32.60 -65.44
C THR A 4 -6.22 -32.54 -64.12
N MET A 5 -6.28 -31.42 -63.40
CA MET A 5 -5.67 -31.25 -62.08
C MET A 5 -6.53 -30.28 -61.27
N PRO A 6 -6.56 -30.41 -59.94
CA PRO A 6 -7.26 -29.46 -59.07
C PRO A 6 -6.42 -28.19 -58.89
N ALA A 7 -6.97 -27.23 -58.14
CA ALA A 7 -6.28 -26.05 -57.67
C ALA A 7 -6.96 -25.64 -56.36
N HIS A 8 -6.28 -24.86 -55.51
CA HIS A 8 -6.78 -24.44 -54.21
C HIS A 8 -5.88 -23.30 -53.72
N THR A 9 -6.21 -22.66 -52.60
CA THR A 9 -5.42 -21.62 -51.96
C THR A 9 -5.47 -21.85 -50.45
N PRO A 10 -4.42 -21.51 -49.70
CA PRO A 10 -4.53 -21.34 -48.26
C PRO A 10 -5.45 -20.14 -47.98
N PRO A 11 -6.03 -20.05 -46.77
CA PRO A 11 -6.76 -18.88 -46.31
C PRO A 11 -5.78 -17.78 -45.88
N ALA A 12 -6.33 -16.69 -45.32
CA ALA A 12 -5.57 -15.63 -44.67
C ALA A 12 -6.31 -15.28 -43.38
N GLN A 13 -5.66 -14.52 -42.48
CA GLN A 13 -6.20 -14.15 -41.18
C GLN A 13 -5.45 -12.91 -40.68
N THR A 14 -5.95 -12.32 -39.59
CA THR A 14 -5.35 -11.18 -38.91
C THR A 14 -5.36 -11.47 -37.40
N ALA A 15 -4.87 -10.55 -36.58
CA ALA A 15 -4.89 -10.65 -35.13
C ALA A 15 -5.36 -9.31 -34.55
N PRO A 16 -6.05 -9.30 -33.40
CA PRO A 16 -6.50 -8.08 -32.76
C PRO A 16 -5.34 -7.41 -32.00
N ALA A 17 -5.65 -6.34 -31.26
CA ALA A 17 -4.76 -5.69 -30.33
C ALA A 17 -5.57 -5.35 -29.07
N ALA A 18 -4.91 -4.91 -28.00
CA ALA A 18 -5.53 -4.56 -26.74
C ALA A 18 -4.74 -3.41 -26.12
N GLN A 19 -5.23 -2.83 -25.02
CA GLN A 19 -4.59 -1.77 -24.27
C GLN A 19 -4.80 -2.08 -22.78
N LYS A 20 -4.01 -1.43 -21.91
CA LYS A 20 -4.22 -1.50 -20.47
C LYS A 20 -5.45 -0.65 -20.10
N ALA A 21 -6.09 -0.96 -18.98
CA ALA A 21 -7.22 -0.21 -18.44
C ALA A 21 -7.16 -0.34 -16.92
N GLY A 22 -8.08 0.33 -16.22
CA GLY A 22 -8.24 0.29 -14.78
C GLY A 22 -9.63 0.80 -14.45
N ALA A 23 -10.11 0.61 -13.21
CA ALA A 23 -11.48 0.88 -12.85
C ALA A 23 -11.79 2.37 -12.83
N GLN A 24 -11.30 3.10 -11.82
CA GLN A 24 -11.58 4.52 -11.62
C GLN A 24 -10.33 5.20 -11.05
N ALA A 25 -9.17 4.89 -11.65
CA ALA A 25 -7.86 5.22 -11.10
C ALA A 25 -7.69 4.58 -9.71
N LEU A 26 -6.65 4.98 -9.00
CA LEU A 26 -6.46 4.56 -7.61
C LEU A 26 -7.58 5.15 -6.74
N PRO A 27 -7.97 4.49 -5.64
CA PRO A 27 -9.06 4.94 -4.78
C PRO A 27 -8.58 6.06 -3.85
N VAL A 28 -8.10 5.70 -2.66
CA VAL A 28 -7.65 6.66 -1.65
C VAL A 28 -6.39 6.14 -0.95
N THR A 29 -5.39 5.71 -1.71
CA THR A 29 -4.13 5.26 -1.17
C THR A 29 -3.05 5.33 -2.25
N VAL A 30 -2.12 6.30 -2.17
CA VAL A 30 -0.94 6.32 -3.02
C VAL A 30 0.18 7.16 -2.40
N GLN A 31 1.03 6.57 -1.56
CA GLN A 31 2.31 7.14 -1.16
C GLN A 31 3.23 5.99 -0.69
N GLY A 32 4.55 6.18 -0.81
CA GLY A 32 5.56 5.18 -0.44
C GLY A 32 5.90 5.21 1.05
N ALA A 33 5.45 4.20 1.79
CA ALA A 33 5.69 4.07 3.22
C ALA A 33 7.17 4.06 3.59
N THR A 34 7.49 4.49 4.80
CA THR A 34 8.79 4.23 5.43
C THR A 34 8.51 3.81 6.87
N VAL A 35 9.39 3.00 7.47
CA VAL A 35 9.32 2.62 8.88
C VAL A 35 10.54 3.22 9.56
N ALA A 36 10.41 3.78 10.76
CA ALA A 36 11.52 4.46 11.42
C ALA A 36 12.52 3.51 12.09
N ALA A 37 12.94 2.46 11.37
CA ALA A 37 13.80 1.36 11.83
C ALA A 37 13.62 1.11 13.33
N VAL A 38 14.71 1.14 14.12
CA VAL A 38 14.59 1.39 15.56
C VAL A 38 15.04 2.84 15.83
N PRO A 39 14.16 3.70 16.37
CA PRO A 39 14.55 4.99 16.91
C PRO A 39 15.10 4.76 18.33
N PRO A 40 15.74 5.75 18.97
CA PRO A 40 16.10 5.64 20.38
C PRO A 40 14.83 5.76 21.23
N SER A 41 13.97 4.75 21.16
CA SER A 41 12.75 4.65 21.93
C SER A 41 12.36 3.19 22.05
N ILE A 42 13.33 2.31 22.25
CA ILE A 42 13.13 0.86 22.36
C ILE A 42 12.67 0.27 21.02
N ARG A 43 12.49 -1.05 20.97
CA ARG A 43 12.09 -1.85 19.83
C ARG A 43 10.91 -1.28 19.03
N ASP A 44 9.96 -0.63 19.69
CA ASP A 44 8.81 -0.07 19.01
C ASP A 44 9.23 1.06 18.07
N THR A 45 8.42 1.23 17.02
CA THR A 45 8.73 2.13 15.94
C THR A 45 7.42 2.39 15.21
N ALA A 46 7.44 3.27 14.21
CA ALA A 46 6.24 3.72 13.52
C ALA A 46 6.50 3.90 12.04
N ALA A 47 5.42 3.91 11.26
CA ALA A 47 5.50 4.29 9.86
C ALA A 47 5.49 5.81 9.77
N TYR A 48 6.27 6.32 8.83
CA TYR A 48 6.20 7.69 8.37
C TYR A 48 5.84 7.55 6.89
N MET A 49 4.60 7.91 6.57
CA MET A 49 3.86 7.52 5.38
C MET A 49 2.77 8.58 5.18
N THR A 50 1.91 8.47 4.16
CA THR A 50 0.77 9.36 3.99
C THR A 50 -0.36 8.63 3.26
N LEU A 51 -1.60 8.82 3.71
CA LEU A 51 -2.78 8.43 2.96
C LEU A 51 -3.17 9.60 2.10
N THR A 52 -3.10 9.38 0.78
CA THR A 52 -3.50 10.31 -0.25
C THR A 52 -4.95 9.99 -0.63
N ASN A 53 -5.94 10.57 0.06
CA ASN A 53 -7.34 10.30 -0.28
C ASN A 53 -7.75 11.08 -1.52
N LYS A 54 -7.35 10.58 -2.69
CA LYS A 54 -7.71 11.15 -3.97
C LYS A 54 -9.08 10.60 -4.34
N SER A 55 -10.09 10.83 -3.50
CA SER A 55 -11.48 10.55 -3.81
C SER A 55 -12.35 11.11 -2.69
N ASP A 56 -13.52 11.62 -3.05
CA ASP A 56 -14.60 12.01 -2.15
C ASP A 56 -15.30 10.76 -1.62
N GLN A 57 -14.55 9.78 -1.13
CA GLN A 57 -15.06 8.46 -0.79
C GLN A 57 -14.52 8.04 0.58
N PRO A 58 -15.37 7.64 1.54
CA PRO A 58 -14.95 7.17 2.84
C PRO A 58 -14.62 5.67 2.81
N ILE A 59 -13.40 5.29 3.17
CA ILE A 59 -12.95 3.89 3.24
C ILE A 59 -11.89 3.77 4.31
N LYS A 60 -12.13 3.01 5.37
CA LYS A 60 -11.19 2.88 6.47
C LYS A 60 -10.07 1.90 6.12
N LEU A 61 -8.86 2.10 6.67
CA LEU A 61 -7.77 1.14 6.55
C LEU A 61 -7.52 0.49 7.91
N VAL A 62 -7.28 -0.82 7.99
CA VAL A 62 -7.03 -1.48 9.26
C VAL A 62 -6.16 -2.72 9.02
N GLY A 63 -5.02 -2.51 8.36
CA GLY A 63 -3.99 -3.53 8.26
C GLY A 63 -2.69 -2.86 7.86
N ALA A 64 -1.57 -3.37 8.39
CA ALA A 64 -0.22 -2.95 8.07
C ALA A 64 0.73 -4.09 8.45
N ALA A 65 0.63 -5.22 7.76
CA ALA A 65 1.45 -6.39 8.05
C ALA A 65 2.80 -6.23 7.38
N THR A 66 3.81 -6.98 7.83
CA THR A 66 5.17 -6.91 7.29
C THR A 66 5.97 -8.03 7.96
N PRO A 67 7.02 -8.56 7.30
CA PRO A 67 7.99 -9.42 7.94
C PRO A 67 9.04 -8.63 8.74
N LEU A 68 8.99 -7.29 8.75
CA LEU A 68 9.94 -6.42 9.46
C LEU A 68 9.53 -6.28 10.93
N ALA A 69 8.29 -5.87 11.15
CA ALA A 69 7.68 -5.68 12.46
C ALA A 69 6.89 -6.92 12.88
N THR A 70 6.30 -6.91 14.08
CA THR A 70 5.49 -8.04 14.57
C THR A 70 4.28 -7.57 15.39
N SER A 71 4.07 -6.27 15.55
CA SER A 71 3.00 -5.73 16.35
C SER A 71 2.56 -4.40 15.72
N PRO A 72 1.74 -4.44 14.65
CA PRO A 72 1.25 -3.27 13.95
C PRO A 72 0.00 -2.70 14.61
N MET A 73 0.18 -1.68 15.43
CA MET A 73 -0.90 -1.01 16.14
C MET A 73 -1.20 0.32 15.45
N LEU A 74 -2.43 0.49 14.98
CA LEU A 74 -2.87 1.70 14.30
C LEU A 74 -3.21 2.76 15.36
N MET A 75 -2.87 4.02 15.11
CA MET A 75 -2.95 5.10 16.09
C MET A 75 -3.34 6.41 15.39
N THR A 76 -4.05 7.30 16.09
CA THR A 76 -4.71 8.43 15.43
C THR A 76 -4.62 9.72 16.24
N THR A 77 -3.87 10.73 15.78
CA THR A 77 -3.89 12.04 16.43
C THR A 77 -3.70 13.16 15.39
N THR A 78 -4.49 13.09 14.33
CA THR A 78 -4.62 14.11 13.30
C THR A 78 -6.11 14.40 13.08
N HIS A 79 -6.60 15.44 13.76
CA HIS A 79 -8.01 15.71 14.00
C HIS A 79 -8.71 16.11 12.69
N SER A 80 -9.17 15.14 11.90
CA SER A 80 -9.97 15.31 10.68
C SER A 80 -9.91 13.99 9.91
N GLY A 81 -8.76 13.70 9.30
CA GLY A 81 -8.52 12.43 8.64
C GLY A 81 -8.45 11.31 9.69
N GLY A 82 -7.76 11.60 10.80
CA GLY A 82 -7.75 10.79 12.00
C GLY A 82 -8.61 11.47 13.08
N MET A 83 -8.54 10.95 14.30
CA MET A 83 -9.19 11.55 15.46
C MET A 83 -8.14 12.20 16.36
N ALA A 84 -8.24 12.04 17.68
CA ALA A 84 -7.54 12.81 18.67
C ALA A 84 -7.21 11.90 19.85
N GLY A 85 -6.59 10.76 19.54
CA GLY A 85 -6.34 9.71 20.51
C GLY A 85 -5.08 8.96 20.11
N MET A 86 -3.92 9.40 20.60
CA MET A 86 -2.64 8.75 20.35
C MET A 86 -2.57 7.47 21.21
N LYS A 87 -3.52 6.57 21.00
CA LYS A 87 -3.80 5.40 21.80
C LYS A 87 -4.21 4.27 20.86
N MET A 88 -4.34 3.04 21.38
CA MET A 88 -4.57 1.88 20.54
C MET A 88 -6.06 1.77 20.17
N VAL A 89 -6.51 2.71 19.33
CA VAL A 89 -7.78 2.65 18.64
C VAL A 89 -7.80 1.45 17.69
N PRO A 90 -8.97 1.01 17.20
CA PRO A 90 -9.07 0.01 16.16
C PRO A 90 -8.21 0.35 14.93
N TRP A 91 -8.13 1.63 14.57
CA TRP A 91 -7.66 2.15 13.30
C TRP A 91 -7.88 3.67 13.22
N LEU A 92 -7.97 4.20 12.00
CA LEU A 92 -8.52 5.51 11.68
C LEU A 92 -9.54 5.29 10.55
N THR A 93 -10.74 5.85 10.70
CA THR A 93 -11.76 5.85 9.67
C THR A 93 -11.66 7.17 8.92
N ILE A 94 -11.13 7.13 7.69
CA ILE A 94 -10.88 8.32 6.88
C ILE A 94 -12.17 8.67 6.13
N PRO A 95 -12.86 9.77 6.48
CA PRO A 95 -14.21 10.00 5.99
C PRO A 95 -14.18 10.74 4.64
N ALA A 96 -13.41 10.21 3.69
CA ALA A 96 -13.03 10.94 2.49
C ALA A 96 -12.15 12.14 2.83
N ARG A 97 -11.47 12.68 1.82
CA ARG A 97 -10.52 13.79 1.92
C ARG A 97 -9.46 13.58 3.01
N GLY A 98 -9.26 12.32 3.42
CA GLY A 98 -8.27 11.91 4.38
C GLY A 98 -6.87 11.99 3.77
N THR A 99 -6.40 13.21 3.52
CA THR A 99 -5.02 13.46 3.12
C THR A 99 -4.19 13.53 4.40
N LEU A 100 -4.22 12.46 5.21
CA LEU A 100 -3.52 12.50 6.49
C LEU A 100 -2.12 11.89 6.35
N THR A 101 -1.23 12.30 7.24
CA THR A 101 0.20 12.09 7.11
C THR A 101 0.66 11.40 8.37
N LEU A 102 1.17 10.18 8.21
CA LEU A 102 1.47 9.29 9.30
C LEU A 102 2.84 9.69 9.82
N GLN A 103 2.96 9.91 11.14
CA GLN A 103 4.15 10.44 11.76
C GLN A 103 4.19 10.02 13.22
N ARG A 104 5.34 10.18 13.89
CA ARG A 104 5.40 9.89 15.32
C ARG A 104 4.58 10.92 16.10
N ASP A 105 3.30 10.57 16.28
CA ASP A 105 2.25 11.14 17.13
C ASP A 105 1.01 11.33 16.27
N GLY A 106 1.08 12.29 15.35
CA GLY A 106 -0.04 12.83 14.61
C GLY A 106 -0.59 11.86 13.58
N ASP A 107 -1.24 10.81 14.07
CA ASP A 107 -1.75 9.67 13.33
C ASP A 107 -0.59 8.86 12.74
N HIS A 108 -0.69 7.53 12.80
CA HIS A 108 0.36 6.64 12.34
C HIS A 108 -0.05 5.18 12.52
N VAL A 109 0.84 4.26 12.12
CA VAL A 109 0.84 2.92 12.64
C VAL A 109 2.15 2.77 13.41
N MET A 110 2.07 2.30 14.65
CA MET A 110 3.20 1.84 15.43
C MET A 110 3.45 0.40 14.98
N LEU A 111 4.37 0.23 14.03
CA LEU A 111 4.81 -1.06 13.53
C LEU A 111 5.86 -1.57 14.51
N MET A 112 5.41 -1.84 15.73
CA MET A 112 6.31 -2.22 16.81
C MET A 112 6.61 -3.71 16.76
N GLY A 113 7.42 -4.17 17.70
CA GLY A 113 7.88 -5.55 17.70
C GLY A 113 8.85 -5.77 16.54
N LEU A 114 9.83 -4.89 16.35
CA LEU A 114 10.81 -5.05 15.28
C LEU A 114 11.67 -6.28 15.56
N LYS A 115 11.63 -7.28 14.67
CA LYS A 115 12.27 -8.57 14.95
C LYS A 115 13.76 -8.40 15.23
N ARG A 116 14.50 -7.88 14.26
CA ARG A 116 15.96 -7.94 14.19
C ARG A 116 16.53 -6.98 13.14
N PRO A 117 16.17 -7.08 11.84
CA PRO A 117 16.93 -6.41 10.79
C PRO A 117 16.58 -4.90 10.69
N LEU A 118 16.97 -4.09 11.68
CA LEU A 118 16.87 -2.64 11.60
C LEU A 118 17.93 -2.03 10.67
N LYS A 119 17.95 -2.46 9.41
CA LYS A 119 18.87 -1.88 8.44
C LYS A 119 18.37 -0.50 8.04
N VAL A 120 18.91 0.53 8.70
CA VAL A 120 18.68 1.93 8.35
C VAL A 120 19.11 2.17 6.90
N GLY A 121 18.18 2.01 5.95
CA GLY A 121 18.43 2.17 4.52
C GLY A 121 17.87 1.04 3.68
N GLU A 122 17.41 -0.06 4.30
CA GLU A 122 16.84 -1.17 3.58
C GLU A 122 15.42 -0.82 3.19
N THR A 123 14.77 -1.77 2.56
CA THR A 123 13.39 -1.68 2.12
C THR A 123 12.78 -3.07 2.12
N VAL A 124 11.59 -3.19 2.72
CA VAL A 124 10.87 -4.44 2.92
C VAL A 124 9.43 -4.19 2.50
N ASN A 125 8.77 -5.16 1.85
CA ASN A 125 7.36 -5.00 1.51
C ASN A 125 6.52 -5.02 2.78
N ILE A 126 5.66 -4.00 2.93
CA ILE A 126 4.55 -4.03 3.87
C ILE A 126 3.42 -4.77 3.16
N THR A 127 2.30 -5.04 3.84
CA THR A 127 1.04 -5.34 3.19
C THR A 127 -0.11 -4.77 4.03
N LEU A 128 -0.83 -3.80 3.47
CA LEU A 128 -1.98 -3.20 4.16
C LEU A 128 -3.28 -3.97 3.90
N LYS A 129 -4.36 -3.60 4.59
CA LYS A 129 -5.69 -4.16 4.37
C LYS A 129 -6.72 -3.15 4.87
N ALA A 130 -7.44 -2.54 3.95
CA ALA A 130 -8.70 -1.89 4.23
C ALA A 130 -9.82 -2.93 4.21
N THR A 131 -10.59 -2.98 5.29
CA THR A 131 -11.69 -3.93 5.44
C THR A 131 -12.90 -3.41 4.66
N ASP A 132 -12.73 -3.29 3.34
CA ASP A 132 -13.68 -2.81 2.34
C ASP A 132 -12.92 -2.73 1.01
N GLY A 133 -11.95 -1.82 0.96
CA GLY A 133 -11.31 -1.42 -0.28
C GLY A 133 -10.37 -2.48 -0.87
N ARG A 134 -9.16 -2.59 -0.32
CA ARG A 134 -8.15 -3.49 -0.85
C ARG A 134 -7.03 -3.78 0.15
N THR A 135 -6.08 -4.57 -0.34
CA THR A 135 -4.83 -5.01 0.27
C THR A 135 -3.79 -4.67 -0.81
N LEU A 136 -2.61 -4.22 -0.40
CA LEU A 136 -1.59 -3.68 -1.30
C LEU A 136 -0.25 -3.85 -0.58
N ASN A 137 0.83 -4.08 -1.32
CA ASN A 137 2.06 -4.71 -0.87
C ASN A 137 3.25 -3.77 -1.08
N VAL A 138 3.18 -2.60 -0.44
CA VAL A 138 4.00 -1.45 -0.83
C VAL A 138 5.41 -1.64 -0.29
N ALA A 139 6.42 -1.14 -1.01
CA ALA A 139 7.82 -1.28 -0.60
C ALA A 139 8.12 -0.20 0.43
N ALA A 140 8.31 -0.61 1.69
CA ALA A 140 8.50 0.28 2.82
C ALA A 140 9.97 0.40 3.19
N THR A 141 10.53 1.60 3.19
CA THR A 141 11.95 1.83 3.46
C THR A 141 12.18 1.88 4.97
N VAL A 142 13.11 1.07 5.47
CA VAL A 142 13.39 0.89 6.88
C VAL A 142 14.47 1.91 7.23
N LYS A 143 14.08 3.06 7.78
CA LYS A 143 15.01 4.15 8.02
C LYS A 143 14.50 5.05 9.15
N LYS A 144 15.08 4.87 10.34
CA LYS A 144 15.02 5.84 11.43
C LYS A 144 15.50 7.21 10.96
N ASN A 145 16.77 7.29 10.55
CA ASN A 145 17.39 8.51 10.07
C ASN A 145 17.42 9.60 11.16
N ILE A 146 17.67 10.85 10.75
CA ILE A 146 17.68 11.99 11.65
C ILE A 146 16.34 12.13 12.39
N GLU A 147 15.24 11.74 11.73
CA GLU A 147 13.92 11.70 12.32
C GLU A 147 13.92 10.78 13.55
N GLY A 148 14.20 9.49 13.34
CA GLY A 148 14.28 8.52 14.42
C GLY A 148 15.63 8.63 15.14
N ARG A 149 15.94 9.82 15.65
CA ARG A 149 17.04 10.13 16.53
C ARG A 149 16.44 10.48 17.90
CU CU1 B . 1.42 5.86 18.81
N MET A 1 -15.12 -30.96 -44.40
CA MET A 1 -15.03 -30.27 -43.10
C MET A 1 -15.95 -29.06 -43.16
N GLY A 2 -15.45 -27.88 -42.79
CA GLY A 2 -16.26 -26.67 -42.58
C GLY A 2 -16.75 -26.59 -41.13
N HIS A 3 -15.91 -26.64 -40.07
CA HIS A 3 -14.45 -26.76 -39.99
C HIS A 3 -13.68 -25.87 -40.97
N THR A 4 -13.33 -24.62 -40.65
CA THR A 4 -13.38 -23.90 -39.36
C THR A 4 -12.24 -24.26 -38.41
N MET A 5 -11.65 -25.47 -38.55
CA MET A 5 -10.35 -25.85 -38.03
C MET A 5 -10.06 -25.42 -36.58
N PRO A 6 -10.27 -26.32 -35.59
CA PRO A 6 -9.94 -26.09 -34.18
C PRO A 6 -8.45 -25.85 -33.83
N ALA A 7 -7.65 -25.24 -34.72
CA ALA A 7 -6.36 -24.67 -34.37
C ALA A 7 -6.63 -23.35 -33.63
N HIS A 8 -7.31 -23.47 -32.49
CA HIS A 8 -8.21 -22.44 -32.01
C HIS A 8 -9.33 -22.27 -33.04
N THR A 9 -9.07 -21.53 -34.11
CA THR A 9 -10.09 -21.03 -35.01
C THR A 9 -11.15 -20.31 -34.16
N PRO A 10 -12.46 -20.57 -34.36
CA PRO A 10 -13.51 -19.98 -33.53
C PRO A 10 -13.48 -18.46 -33.70
N PRO A 11 -12.92 -17.72 -32.73
CA PRO A 11 -12.32 -16.39 -32.85
C PRO A 11 -12.76 -15.55 -34.06
N ALA A 12 -13.42 -14.39 -33.93
CA ALA A 12 -12.91 -13.25 -33.16
C ALA A 12 -11.40 -13.00 -33.36
N GLN A 13 -10.83 -13.52 -34.45
CA GLN A 13 -9.42 -13.46 -34.81
C GLN A 13 -8.49 -13.81 -33.62
N THR A 14 -8.24 -15.11 -33.40
CA THR A 14 -7.42 -15.65 -32.31
C THR A 14 -8.36 -15.78 -31.08
N ALA A 15 -8.24 -16.71 -30.13
CA ALA A 15 -7.21 -17.68 -29.74
C ALA A 15 -6.09 -17.15 -28.82
N PRO A 16 -6.22 -16.01 -28.08
CA PRO A 16 -5.09 -15.43 -27.37
C PRO A 16 -4.48 -16.30 -26.25
N ALA A 17 -4.92 -16.40 -24.97
CA ALA A 17 -5.94 -15.79 -24.12
C ALA A 17 -7.38 -16.28 -24.26
N ALA A 18 -7.74 -16.93 -25.37
CA ALA A 18 -8.89 -17.82 -25.42
C ALA A 18 -8.33 -19.22 -25.23
N GLN A 19 -8.57 -19.82 -24.06
CA GLN A 19 -7.83 -20.95 -23.51
C GLN A 19 -8.34 -21.32 -22.12
N LYS A 20 -8.34 -20.44 -21.10
CA LYS A 20 -8.09 -19.01 -21.09
C LYS A 20 -9.45 -18.33 -20.89
N ALA A 21 -9.95 -17.65 -21.92
CA ALA A 21 -11.18 -16.87 -21.83
C ALA A 21 -10.90 -15.61 -21.02
N GLY A 22 -9.72 -15.02 -21.23
CA GLY A 22 -9.12 -14.00 -20.39
C GLY A 22 -9.15 -12.63 -21.06
N ALA A 23 -10.07 -11.69 -20.77
CA ALA A 23 -11.24 -11.69 -19.89
C ALA A 23 -11.04 -12.35 -18.52
N GLN A 24 -11.79 -13.42 -18.21
CA GLN A 24 -12.03 -13.90 -16.86
C GLN A 24 -12.31 -12.68 -15.96
N ALA A 25 -11.70 -12.65 -14.78
CA ALA A 25 -11.52 -11.45 -14.00
C ALA A 25 -10.26 -11.69 -13.19
N LEU A 26 -9.39 -10.69 -13.12
CA LEU A 26 -8.15 -10.75 -12.36
C LEU A 26 -8.35 -9.89 -11.12
N PRO A 27 -8.05 -10.38 -9.90
CA PRO A 27 -8.13 -9.55 -8.71
C PRO A 27 -7.16 -8.40 -8.92
N VAL A 28 -7.62 -7.16 -8.74
CA VAL A 28 -7.05 -6.00 -9.42
C VAL A 28 -5.82 -5.45 -8.68
N THR A 29 -4.86 -6.34 -8.44
CA THR A 29 -3.66 -6.09 -7.68
C THR A 29 -2.59 -7.06 -8.18
N VAL A 30 -2.33 -7.08 -9.48
CA VAL A 30 -1.31 -7.95 -10.07
C VAL A 30 0.05 -7.26 -9.92
N GLN A 31 0.44 -7.06 -8.65
CA GLN A 31 1.56 -6.23 -8.26
C GLN A 31 2.38 -6.92 -7.16
N GLY A 32 3.66 -6.56 -7.07
CA GLY A 32 4.55 -6.91 -5.97
C GLY A 32 4.81 -5.65 -5.16
N ALA A 33 4.78 -5.72 -3.83
CA ALA A 33 4.96 -4.53 -3.02
C ALA A 33 6.45 -4.24 -2.83
N THR A 34 6.79 -2.96 -2.65
CA THR A 34 8.12 -2.56 -2.25
C THR A 34 7.98 -1.52 -1.14
N VAL A 35 8.85 -1.56 -0.12
CA VAL A 35 8.77 -0.67 1.04
C VAL A 35 10.12 0.04 1.19
N ALA A 36 10.09 1.36 1.41
CA ALA A 36 11.29 2.21 1.40
C ALA A 36 12.15 2.10 2.67
N ALA A 37 12.26 0.89 3.22
CA ALA A 37 12.85 0.59 4.53
C ALA A 37 12.54 1.71 5.53
N VAL A 38 13.56 2.34 6.13
CA VAL A 38 13.40 3.56 6.94
C VAL A 38 14.04 4.73 6.19
N PRO A 39 13.24 5.68 5.66
CA PRO A 39 13.75 6.96 5.17
C PRO A 39 14.35 7.77 6.33
N PRO A 40 15.16 8.81 6.08
CA PRO A 40 15.65 9.71 7.11
C PRO A 40 14.51 10.64 7.56
N SER A 41 13.43 10.06 8.08
CA SER A 41 12.22 10.77 8.45
C SER A 41 11.43 9.90 9.43
N ILE A 42 12.13 9.38 10.45
CA ILE A 42 11.58 8.55 11.50
C ILE A 42 11.33 7.14 10.96
N ARG A 43 11.06 6.17 11.84
CA ARG A 43 10.86 4.78 11.46
C ARG A 43 9.70 4.60 10.46
N ASP A 44 8.74 5.52 10.50
CA ASP A 44 7.64 5.67 9.58
C ASP A 44 8.10 5.48 8.14
N THR A 45 7.28 4.80 7.32
CA THR A 45 7.64 4.48 5.96
C THR A 45 6.36 4.18 5.18
N ALA A 46 6.50 3.83 3.90
CA ALA A 46 5.38 3.66 2.99
C ALA A 46 5.71 2.63 1.92
N ALA A 47 4.67 2.05 1.32
CA ALA A 47 4.80 1.17 0.18
C ALA A 47 4.86 1.99 -1.11
N TYR A 48 5.56 1.46 -2.12
CA TYR A 48 5.72 2.05 -3.44
C TYR A 48 5.35 0.95 -4.43
N MET A 49 4.15 1.02 -5.02
CA MET A 49 3.68 0.02 -5.97
C MET A 49 2.55 0.59 -6.84
N THR A 50 1.96 -0.22 -7.73
CA THR A 50 0.85 0.18 -8.59
C THR A 50 -0.27 -0.88 -8.58
N LEU A 51 -1.50 -0.47 -8.22
CA LEU A 51 -2.69 -1.31 -8.31
C LEU A 51 -3.09 -1.21 -9.77
N THR A 52 -3.38 -2.36 -10.37
CA THR A 52 -3.40 -2.55 -11.81
C THR A 52 -4.70 -3.24 -12.18
N ASN A 53 -5.66 -2.50 -12.76
CA ASN A 53 -6.99 -3.04 -13.00
C ASN A 53 -7.03 -3.85 -14.28
N LYS A 54 -7.57 -5.07 -14.19
CA LYS A 54 -7.81 -5.94 -15.33
C LYS A 54 -9.15 -6.63 -15.10
N SER A 55 -10.21 -5.82 -14.97
CA SER A 55 -11.58 -6.30 -14.90
C SER A 55 -12.57 -5.15 -15.05
N ASP A 56 -12.30 -4.00 -14.40
CA ASP A 56 -13.21 -2.89 -14.26
C ASP A 56 -14.42 -3.26 -13.40
N GLN A 57 -14.19 -3.26 -12.08
CA GLN A 57 -15.21 -3.38 -11.05
C GLN A 57 -14.77 -2.55 -9.83
N PRO A 58 -15.70 -2.08 -8.99
CA PRO A 58 -15.41 -1.26 -7.82
C PRO A 58 -14.89 -2.11 -6.66
N ILE A 59 -13.66 -2.61 -6.76
CA ILE A 59 -13.02 -3.35 -5.67
C ILE A 59 -12.41 -2.33 -4.70
N LYS A 60 -12.91 -2.25 -3.47
CA LYS A 60 -12.24 -1.51 -2.42
C LYS A 60 -11.25 -2.42 -1.70
N LEU A 61 -10.10 -1.89 -1.27
CA LEU A 61 -9.04 -2.59 -0.59
C LEU A 61 -8.87 -1.85 0.73
N VAL A 62 -8.91 -2.57 1.86
CA VAL A 62 -8.73 -1.98 3.19
C VAL A 62 -7.99 -2.96 4.09
N GLY A 63 -6.80 -3.39 3.67
CA GLY A 63 -5.85 -4.00 4.59
C GLY A 63 -4.45 -3.94 4.01
N ALA A 64 -3.43 -3.88 4.88
CA ALA A 64 -2.03 -3.94 4.49
C ALA A 64 -1.21 -4.42 5.69
N ALA A 65 -1.51 -5.61 6.19
CA ALA A 65 -0.92 -6.13 7.42
C ALA A 65 0.42 -6.79 7.11
N THR A 66 1.42 -6.59 7.97
CA THR A 66 2.75 -7.15 7.78
C THR A 66 3.50 -7.15 9.12
N PRO A 67 4.35 -8.15 9.41
CA PRO A 67 5.22 -8.13 10.57
C PRO A 67 6.39 -7.16 10.34
N LEU A 68 6.06 -5.89 10.07
CA LEU A 68 7.00 -4.83 9.74
C LEU A 68 6.55 -3.56 10.45
N ALA A 69 5.36 -3.07 10.10
CA ALA A 69 4.77 -1.86 10.64
C ALA A 69 3.71 -2.19 11.69
N THR A 70 3.57 -1.34 12.71
CA THR A 70 2.53 -1.46 13.72
C THR A 70 1.24 -0.85 13.18
N SER A 71 1.37 0.28 12.45
CA SER A 71 0.25 1.10 12.04
C SER A 71 0.20 1.20 10.50
N PRO A 72 -0.34 0.18 9.81
CA PRO A 72 -0.51 0.22 8.36
C PRO A 72 -1.72 1.07 8.01
N MET A 73 -1.48 2.36 7.74
CA MET A 73 -2.49 3.35 7.47
C MET A 73 -2.55 3.65 5.97
N LEU A 74 -3.74 3.64 5.40
CA LEU A 74 -3.99 3.93 3.99
C LEU A 74 -4.09 5.44 3.80
N MET A 75 -3.60 5.95 2.66
CA MET A 75 -3.58 7.38 2.36
C MET A 75 -3.78 7.63 0.87
N THR A 76 -4.23 8.82 0.48
CA THR A 76 -4.80 9.03 -0.84
C THR A 76 -4.70 10.49 -1.30
N THR A 77 -3.82 10.75 -2.26
CA THR A 77 -3.72 12.08 -2.86
C THR A 77 -3.34 12.00 -4.34
N THR A 78 -4.16 11.28 -5.11
CA THR A 78 -4.09 11.20 -6.56
C THR A 78 -5.49 10.96 -7.14
N HIS A 79 -6.15 12.08 -7.49
CA HIS A 79 -7.44 12.21 -8.16
C HIS A 79 -7.75 11.06 -9.12
N SER A 80 -6.77 10.71 -9.96
CA SER A 80 -6.91 9.76 -11.04
C SER A 80 -7.45 8.39 -10.62
N GLY A 81 -7.28 8.03 -9.34
CA GLY A 81 -7.78 6.76 -8.80
C GLY A 81 -8.33 6.97 -7.40
N GLY A 82 -7.54 7.61 -6.53
CA GLY A 82 -7.90 7.89 -5.15
C GLY A 82 -8.46 9.31 -4.99
N MET A 83 -8.48 9.81 -3.74
CA MET A 83 -8.88 11.18 -3.44
C MET A 83 -7.68 12.11 -3.68
N ALA A 84 -7.70 13.31 -3.07
CA ALA A 84 -6.81 14.41 -3.39
C ALA A 84 -6.45 15.10 -2.08
N GLY A 85 -6.12 14.32 -1.05
CA GLY A 85 -5.87 14.87 0.27
C GLY A 85 -5.10 13.86 1.10
N MET A 86 -3.83 14.10 1.37
CA MET A 86 -2.90 13.15 1.99
C MET A 86 -3.22 13.01 3.49
N LYS A 87 -4.41 12.48 3.77
CA LYS A 87 -5.05 12.40 5.08
C LYS A 87 -5.42 10.94 5.37
N MET A 88 -5.73 10.65 6.63
CA MET A 88 -5.97 9.29 7.10
C MET A 88 -7.39 8.87 6.75
N VAL A 89 -7.62 8.61 5.46
CA VAL A 89 -8.86 8.06 4.95
C VAL A 89 -9.12 6.65 5.51
N PRO A 90 -10.38 6.19 5.48
CA PRO A 90 -10.73 4.84 5.90
C PRO A 90 -10.05 3.76 5.04
N TRP A 91 -9.80 4.05 3.75
CA TRP A 91 -9.08 3.25 2.78
C TRP A 91 -9.15 4.04 1.47
N LEU A 92 -8.83 3.42 0.32
CA LEU A 92 -9.08 3.99 -0.99
C LEU A 92 -9.85 3.00 -1.88
N THR A 93 -11.07 3.37 -2.27
CA THR A 93 -11.89 2.61 -3.20
C THR A 93 -11.37 2.90 -4.62
N ILE A 94 -11.05 1.87 -5.43
CA ILE A 94 -10.76 2.05 -6.85
C ILE A 94 -11.98 1.65 -7.67
N PRO A 95 -12.76 2.62 -8.19
CA PRO A 95 -14.09 2.33 -8.72
C PRO A 95 -14.01 1.84 -10.16
N ALA A 96 -13.51 0.62 -10.38
CA ALA A 96 -13.07 0.18 -11.70
C ALA A 96 -11.93 1.09 -12.18
N ARG A 97 -11.25 0.72 -13.27
CA ARG A 97 -10.05 1.42 -13.76
C ARG A 97 -9.07 1.87 -12.68
N GLY A 98 -9.00 1.10 -11.59
CA GLY A 98 -7.97 1.20 -10.59
C GLY A 98 -6.58 0.88 -11.13
N THR A 99 -6.02 1.79 -11.93
CA THR A 99 -4.63 1.79 -12.34
C THR A 99 -3.95 2.93 -11.58
N LEU A 100 -4.05 2.86 -10.25
CA LEU A 100 -3.55 3.87 -9.34
C LEU A 100 -2.14 3.46 -8.90
N THR A 101 -1.30 4.43 -8.57
CA THR A 101 0.09 4.20 -8.21
C THR A 101 0.24 4.71 -6.79
N LEU A 102 0.56 3.78 -5.90
CA LEU A 102 0.78 4.04 -4.50
C LEU A 102 2.21 4.55 -4.41
N GLN A 103 2.38 5.87 -4.26
CA GLN A 103 3.66 6.55 -4.10
C GLN A 103 3.58 7.59 -2.97
N ARG A 104 4.75 7.91 -2.42
CA ARG A 104 4.89 8.64 -1.17
C ARG A 104 4.02 9.90 -1.12
N ASP A 105 3.98 10.66 -2.22
CA ASP A 105 3.24 11.92 -2.31
C ASP A 105 2.07 11.82 -3.32
N GLY A 106 1.48 10.63 -3.51
CA GLY A 106 0.43 10.48 -4.51
C GLY A 106 -0.32 9.18 -4.33
N ASP A 107 -1.07 9.11 -3.22
CA ASP A 107 -1.81 7.94 -2.75
C ASP A 107 -0.85 6.82 -2.36
N HIS A 108 -1.09 6.11 -1.27
CA HIS A 108 -0.12 5.12 -0.77
C HIS A 108 -0.65 4.40 0.46
N VAL A 109 0.16 3.48 1.00
CA VAL A 109 0.01 2.95 2.34
C VAL A 109 1.19 3.48 3.14
N MET A 110 0.94 4.21 4.23
CA MET A 110 1.92 4.53 5.24
C MET A 110 1.99 3.35 6.21
N LEU A 111 3.01 2.52 6.02
CA LEU A 111 3.36 1.42 6.90
C LEU A 111 4.12 2.04 8.08
N MET A 112 3.36 2.72 8.96
CA MET A 112 3.92 3.56 10.02
C MET A 112 4.22 2.75 11.28
N GLY A 113 5.16 3.24 12.09
CA GLY A 113 5.46 2.67 13.39
C GLY A 113 6.15 1.31 13.24
N LEU A 114 7.36 1.30 12.69
CA LEU A 114 8.14 0.09 12.49
C LEU A 114 8.35 -0.68 13.80
N LYS A 115 8.31 -2.02 13.75
CA LYS A 115 8.62 -2.87 14.89
C LYS A 115 10.12 -3.18 15.01
N ARG A 116 10.78 -3.60 13.92
CA ARG A 116 12.11 -4.18 13.96
C ARG A 116 12.91 -3.77 12.72
N PRO A 117 14.26 -3.83 12.77
CA PRO A 117 15.12 -3.37 11.69
C PRO A 117 15.00 -4.26 10.45
N LEU A 118 15.43 -3.71 9.30
CA LEU A 118 15.25 -4.28 7.97
C LEU A 118 16.53 -4.06 7.18
N LYS A 119 16.77 -4.83 6.11
CA LYS A 119 17.85 -4.58 5.16
C LYS A 119 17.27 -4.20 3.82
N VAL A 120 17.95 -3.28 3.12
CA VAL A 120 17.70 -3.05 1.71
C VAL A 120 18.06 -4.34 0.97
N GLY A 121 17.06 -5.12 0.56
CA GLY A 121 17.28 -6.42 -0.05
C GLY A 121 16.44 -7.49 0.64
N GLU A 122 15.87 -7.22 1.80
CA GLU A 122 15.02 -8.17 2.47
C GLU A 122 13.67 -8.20 1.76
N THR A 123 12.82 -9.03 2.33
CA THR A 123 11.48 -9.29 1.84
C THR A 123 10.64 -9.76 3.01
N VAL A 124 9.46 -9.18 3.17
CA VAL A 124 8.48 -9.55 4.18
C VAL A 124 7.16 -9.83 3.46
N ASN A 125 6.33 -10.74 3.99
CA ASN A 125 5.04 -11.04 3.39
C ASN A 125 4.00 -10.04 3.89
N ILE A 126 3.23 -9.44 2.98
CA ILE A 126 2.11 -8.57 3.29
C ILE A 126 0.80 -9.34 3.08
N THR A 127 -0.08 -9.31 4.07
CA THR A 127 -1.45 -9.73 3.92
C THR A 127 -2.32 -8.49 3.81
N LEU A 128 -2.82 -8.22 2.61
CA LEU A 128 -3.97 -7.35 2.47
C LEU A 128 -5.21 -8.17 2.76
N LYS A 129 -6.26 -7.46 3.21
CA LYS A 129 -7.48 -8.05 3.71
C LYS A 129 -8.62 -7.09 3.41
N ALA A 130 -9.25 -7.23 2.25
CA ALA A 130 -10.36 -6.37 1.85
C ALA A 130 -11.66 -6.87 2.48
N THR A 131 -12.52 -5.92 2.87
CA THR A 131 -13.85 -6.19 3.41
C THR A 131 -14.63 -7.13 2.49
N ASP A 132 -14.44 -7.00 1.16
CA ASP A 132 -14.98 -7.90 0.14
C ASP A 132 -14.32 -9.28 0.15
N GLY A 133 -14.11 -9.88 1.31
CA GLY A 133 -13.61 -11.23 1.52
C GLY A 133 -12.36 -11.53 0.72
N ARG A 134 -11.36 -10.65 0.78
CA ARG A 134 -10.04 -10.92 0.22
C ARG A 134 -9.06 -11.08 1.38
N THR A 135 -8.05 -11.94 1.23
CA THR A 135 -7.03 -12.27 2.20
C THR A 135 -5.84 -12.79 1.39
N LEU A 136 -4.81 -11.97 1.17
CA LEU A 136 -3.66 -12.35 0.33
C LEU A 136 -2.39 -12.51 1.17
N ASN A 137 -1.27 -12.82 0.50
CA ASN A 137 0.04 -13.07 1.08
C ASN A 137 1.11 -12.66 0.06
N VAL A 138 1.18 -11.36 -0.28
CA VAL A 138 2.04 -10.91 -1.36
C VAL A 138 3.45 -10.70 -0.80
N ALA A 139 4.48 -10.75 -1.65
CA ALA A 139 5.83 -10.43 -1.23
C ALA A 139 6.01 -8.91 -1.28
N ALA A 140 6.54 -8.35 -0.18
CA ALA A 140 6.91 -6.95 -0.07
C ALA A 140 8.43 -6.85 0.08
N THR A 141 9.08 -6.29 -0.94
CA THR A 141 10.54 -6.19 -1.00
C THR A 141 10.97 -4.95 -0.23
N VAL A 142 11.87 -5.11 0.74
CA VAL A 142 12.36 -3.97 1.50
C VAL A 142 13.50 -3.36 0.68
N LYS A 143 13.32 -2.16 0.16
CA LYS A 143 14.41 -1.43 -0.47
C LYS A 143 14.11 0.05 -0.48
N LYS A 144 15.01 0.88 0.07
CA LYS A 144 14.95 2.34 0.09
C LYS A 144 14.49 2.87 -1.27
N ASN A 145 15.36 2.77 -2.29
CA ASN A 145 15.00 2.75 -3.71
C ASN A 145 14.18 3.96 -4.19
N ILE A 146 14.83 4.91 -4.87
CA ILE A 146 14.31 6.25 -5.16
C ILE A 146 13.84 6.90 -3.86
N GLU A 147 14.85 7.13 -3.02
CA GLU A 147 14.79 7.49 -1.61
C GLU A 147 16.05 8.34 -1.42
N GLY A 148 16.01 9.31 -0.51
CA GLY A 148 16.96 10.40 -0.46
C GLY A 148 16.97 11.16 -1.78
N ARG A 149 15.79 11.23 -2.41
CA ARG A 149 15.48 11.93 -3.64
C ARG A 149 14.17 12.66 -3.34
CU CU1 B . 0.76 9.85 3.71
N MET A 1 7.23 -35.03 -32.64
CA MET A 1 7.43 -34.48 -34.00
C MET A 1 7.70 -33.00 -33.81
N GLY A 2 7.48 -32.15 -34.82
CA GLY A 2 7.52 -30.71 -34.67
C GLY A 2 6.28 -30.19 -33.95
N HIS A 3 6.03 -28.88 -34.08
CA HIS A 3 5.01 -28.05 -33.44
C HIS A 3 5.72 -27.10 -32.46
N THR A 4 5.17 -25.90 -32.24
CA THR A 4 5.71 -24.89 -31.35
C THR A 4 4.54 -24.14 -30.73
N MET A 5 4.75 -23.54 -29.54
CA MET A 5 3.75 -22.78 -28.81
C MET A 5 4.29 -21.36 -28.58
N PRO A 6 3.74 -20.34 -29.26
CA PRO A 6 4.17 -18.96 -29.07
C PRO A 6 3.55 -18.38 -27.78
N ALA A 7 4.00 -17.18 -27.39
CA ALA A 7 3.46 -16.43 -26.26
C ALA A 7 3.83 -14.97 -26.46
N HIS A 8 3.07 -14.06 -25.82
CA HIS A 8 3.24 -12.61 -25.89
C HIS A 8 2.64 -12.02 -24.61
N THR A 9 2.72 -10.70 -24.44
CA THR A 9 2.03 -9.97 -23.38
C THR A 9 1.64 -8.60 -23.94
N PRO A 10 0.51 -8.02 -23.52
CA PRO A 10 0.25 -6.61 -23.72
C PRO A 10 1.15 -5.79 -22.79
N PRO A 11 1.29 -4.48 -23.03
CA PRO A 11 1.86 -3.53 -22.09
C PRO A 11 0.78 -3.12 -21.07
N ALA A 12 1.07 -2.12 -20.23
CA ALA A 12 0.12 -1.52 -19.31
C ALA A 12 0.55 -0.07 -19.06
N GLN A 13 -0.36 0.77 -18.57
CA GLN A 13 -0.13 2.15 -18.17
C GLN A 13 -1.07 2.46 -17.01
N THR A 14 -0.79 3.51 -16.24
CA THR A 14 -1.54 3.86 -15.03
C THR A 14 -1.69 5.38 -14.96
N ALA A 15 -2.91 5.87 -14.72
CA ALA A 15 -3.20 7.30 -14.59
C ALA A 15 -3.33 7.67 -13.10
N PRO A 16 -2.49 8.58 -12.57
CA PRO A 16 -2.63 9.07 -11.21
C PRO A 16 -3.82 10.02 -11.10
N ALA A 17 -3.92 10.77 -9.98
CA ALA A 17 -4.85 11.88 -9.81
C ALA A 17 -4.39 12.68 -8.60
N ALA A 18 -4.74 13.97 -8.54
CA ALA A 18 -4.41 14.87 -7.43
C ALA A 18 -5.57 15.85 -7.28
N GLN A 19 -5.73 16.42 -6.09
CA GLN A 19 -6.73 17.43 -5.76
C GLN A 19 -6.11 18.35 -4.71
N LYS A 20 -6.63 19.57 -4.59
CA LYS A 20 -6.34 20.43 -3.45
C LYS A 20 -7.05 19.82 -2.23
N ALA A 21 -6.44 19.89 -1.05
CA ALA A 21 -7.09 19.49 0.19
C ALA A 21 -8.27 20.43 0.47
N GLY A 22 -9.22 19.95 1.28
CA GLY A 22 -10.36 20.74 1.72
C GLY A 22 -9.95 21.66 2.88
N ALA A 23 -10.85 21.86 3.84
CA ALA A 23 -10.62 22.75 4.98
C ALA A 23 -9.69 22.10 6.01
N GLN A 24 -8.43 21.88 5.61
CA GLN A 24 -7.33 21.38 6.42
C GLN A 24 -7.75 20.28 7.40
N ALA A 25 -8.14 19.16 6.82
CA ALA A 25 -8.65 17.99 7.52
C ALA A 25 -8.37 16.75 6.68
N LEU A 26 -8.53 15.57 7.26
CA LEU A 26 -8.29 14.29 6.63
C LEU A 26 -9.42 13.33 7.05
N PRO A 27 -9.71 12.28 6.25
CA PRO A 27 -10.80 11.36 6.54
C PRO A 27 -10.32 10.28 7.53
N VAL A 28 -9.71 9.20 7.02
CA VAL A 28 -9.24 8.10 7.84
C VAL A 28 -7.89 7.62 7.30
N THR A 29 -7.00 8.58 7.06
CA THR A 29 -5.81 8.35 6.26
C THR A 29 -4.76 9.39 6.65
N VAL A 30 -4.04 9.14 7.73
CA VAL A 30 -2.87 9.92 8.09
C VAL A 30 -1.82 8.95 8.65
N GLN A 31 -1.52 7.95 7.83
CA GLN A 31 -0.50 6.95 8.07
C GLN A 31 0.83 7.56 7.61
N GLY A 32 1.87 7.51 8.45
CA GLY A 32 3.19 8.04 8.09
C GLY A 32 3.86 7.21 7.01
N ALA A 33 3.70 5.88 7.10
CA ALA A 33 4.34 4.84 6.30
C ALA A 33 5.85 4.72 6.55
N THR A 34 6.24 3.55 7.06
CA THR A 34 7.60 3.17 7.38
C THR A 34 8.01 1.99 6.49
N VAL A 35 8.61 2.25 5.33
CA VAL A 35 8.89 1.18 4.37
C VAL A 35 10.20 0.50 4.79
N ALA A 36 10.18 -0.82 5.01
CA ALA A 36 11.37 -1.52 5.51
C ALA A 36 12.42 -1.81 4.42
N ALA A 37 12.68 -0.83 3.56
CA ALA A 37 13.62 -0.91 2.44
C ALA A 37 13.46 -2.27 1.73
N VAL A 38 14.58 -2.94 1.43
CA VAL A 38 14.61 -4.37 1.15
C VAL A 38 15.18 -5.06 2.39
N PRO A 39 14.38 -5.82 3.16
CA PRO A 39 14.89 -6.70 4.21
C PRO A 39 15.72 -7.82 3.57
N PRO A 40 16.41 -8.65 4.36
CA PRO A 40 17.10 -9.82 3.85
C PRO A 40 16.08 -10.93 3.52
N SER A 41 15.12 -10.65 2.63
CA SER A 41 14.07 -11.58 2.26
C SER A 41 13.52 -11.21 0.88
N ILE A 42 14.39 -11.02 -0.11
CA ILE A 42 14.00 -10.71 -1.49
C ILE A 42 13.37 -9.31 -1.55
N ARG A 43 13.08 -8.83 -2.75
CA ARG A 43 12.54 -7.50 -3.02
C ARG A 43 11.09 -7.28 -2.52
N ASP A 44 10.60 -8.04 -1.55
CA ASP A 44 9.34 -7.75 -0.87
C ASP A 44 9.67 -6.97 0.40
N THR A 45 8.68 -6.23 0.89
CA THR A 45 8.81 -5.37 2.05
C THR A 45 7.40 -4.87 2.37
N ALA A 46 7.26 -4.05 3.41
CA ALA A 46 5.98 -3.52 3.82
C ALA A 46 6.14 -2.22 4.58
N ALA A 47 4.99 -1.60 4.87
CA ALA A 47 4.86 -0.52 5.84
C ALA A 47 4.70 -1.14 7.23
N TYR A 48 5.16 -0.44 8.28
CA TYR A 48 5.08 -0.88 9.67
C TYR A 48 4.55 0.28 10.51
N MET A 49 3.26 0.59 10.34
CA MET A 49 2.65 1.87 10.69
C MET A 49 1.18 1.66 11.01
N THR A 50 0.39 2.72 11.25
CA THR A 50 -0.99 2.61 11.72
C THR A 50 -1.92 3.33 10.75
N LEU A 51 -3.10 2.78 10.50
CA LEU A 51 -4.19 3.55 9.92
C LEU A 51 -4.87 4.24 11.06
N THR A 52 -5.45 5.41 10.80
CA THR A 52 -6.03 6.28 11.82
C THR A 52 -7.32 6.91 11.31
N ASN A 53 -8.44 6.62 11.97
CA ASN A 53 -9.73 7.25 11.69
C ASN A 53 -9.75 8.65 12.31
N LYS A 54 -10.18 9.67 11.56
CA LYS A 54 -10.51 10.97 12.12
C LYS A 54 -11.80 11.45 11.46
N SER A 55 -12.84 10.64 11.63
CA SER A 55 -14.17 10.88 11.08
C SER A 55 -15.19 10.00 11.77
N ASP A 56 -14.85 8.70 11.90
CA ASP A 56 -15.69 7.64 12.41
C ASP A 56 -16.85 7.38 11.46
N GLN A 57 -16.50 7.11 10.21
CA GLN A 57 -17.35 6.56 9.17
C GLN A 57 -16.59 5.40 8.50
N PRO A 58 -17.28 4.38 7.96
CA PRO A 58 -16.66 3.22 7.33
C PRO A 58 -16.20 3.55 5.90
N ILE A 59 -15.00 4.09 5.76
CA ILE A 59 -14.45 4.50 4.47
C ILE A 59 -13.30 3.55 4.11
N LYS A 60 -13.44 2.85 2.98
CA LYS A 60 -12.40 1.98 2.48
C LYS A 60 -11.37 2.77 1.68
N LEU A 61 -10.11 2.32 1.65
CA LEU A 61 -9.08 2.90 0.82
C LEU A 61 -8.39 1.78 0.03
N VAL A 62 -8.01 2.05 -1.22
CA VAL A 62 -7.47 1.04 -2.12
C VAL A 62 -6.54 1.74 -3.11
N GLY A 63 -5.52 2.43 -2.60
CA GLY A 63 -4.44 2.93 -3.43
C GLY A 63 -3.22 3.24 -2.59
N ALA A 64 -2.04 3.01 -3.15
CA ALA A 64 -0.74 3.36 -2.59
C ALA A 64 0.23 3.48 -3.77
N ALA A 65 0.03 4.51 -4.59
CA ALA A 65 0.75 4.71 -5.83
C ALA A 65 2.07 5.38 -5.49
N THR A 66 3.16 4.63 -5.59
CA THR A 66 4.46 5.02 -5.09
C THR A 66 5.51 4.94 -6.20
N PRO A 67 6.51 5.83 -6.20
CA PRO A 67 7.71 5.68 -7.01
C PRO A 67 8.65 4.63 -6.41
N LEU A 68 8.44 4.18 -5.17
CA LEU A 68 9.33 3.25 -4.49
C LEU A 68 9.06 1.80 -4.92
N ALA A 69 7.82 1.31 -4.76
CA ALA A 69 7.45 -0.09 -5.00
C ALA A 69 6.69 -0.27 -6.31
N THR A 70 6.98 -1.34 -7.05
CA THR A 70 6.28 -1.67 -8.30
C THR A 70 4.91 -2.24 -7.99
N SER A 71 4.82 -3.12 -6.99
CA SER A 71 3.66 -3.94 -6.73
C SER A 71 3.16 -3.69 -5.29
N PRO A 72 2.38 -2.61 -5.08
CA PRO A 72 1.87 -2.24 -3.77
C PRO A 72 0.57 -2.99 -3.48
N MET A 73 0.70 -4.20 -2.93
CA MET A 73 -0.44 -5.02 -2.54
C MET A 73 -0.88 -4.60 -1.15
N LEU A 74 -2.17 -4.30 -0.99
CA LEU A 74 -2.80 -4.14 0.31
C LEU A 74 -3.17 -5.55 0.82
N MET A 75 -3.01 -5.80 2.13
CA MET A 75 -3.18 -7.12 2.71
C MET A 75 -3.69 -6.99 4.15
N THR A 76 -4.32 -8.05 4.69
CA THR A 76 -5.23 -7.85 5.81
C THR A 76 -5.38 -9.11 6.69
N THR A 77 -4.72 -9.15 7.85
CA THR A 77 -4.99 -10.18 8.84
C THR A 77 -4.73 -9.72 10.28
N THR A 78 -5.35 -8.60 10.67
CA THR A 78 -5.51 -8.17 12.06
C THR A 78 -7.00 -8.16 12.41
N HIS A 79 -7.44 -9.20 13.10
CA HIS A 79 -8.83 -9.47 13.48
C HIS A 79 -9.51 -8.22 14.05
N SER A 80 -8.81 -7.51 14.94
CA SER A 80 -9.34 -6.32 15.61
C SER A 80 -9.20 -5.05 14.76
N GLY A 81 -9.09 -5.16 13.43
CA GLY A 81 -9.00 -3.99 12.56
C GLY A 81 -9.33 -4.35 11.12
N GLY A 82 -8.46 -5.15 10.50
CA GLY A 82 -8.55 -5.59 9.12
C GLY A 82 -8.43 -7.11 9.00
N MET A 83 -9.59 -7.79 8.93
CA MET A 83 -9.75 -9.18 8.50
C MET A 83 -8.84 -10.17 9.23
N ALA A 84 -8.61 -11.35 8.65
CA ALA A 84 -8.01 -12.50 9.32
C ALA A 84 -7.50 -13.49 8.28
N GLY A 85 -6.92 -13.00 7.19
CA GLY A 85 -6.44 -13.87 6.13
C GLY A 85 -5.43 -13.12 5.26
N MET A 86 -4.14 -13.44 5.40
CA MET A 86 -3.03 -12.68 4.80
C MET A 86 -2.90 -13.00 3.29
N LYS A 87 -3.99 -12.83 2.56
CA LYS A 87 -4.16 -13.19 1.16
C LYS A 87 -4.25 -11.93 0.31
N MET A 88 -4.11 -12.05 -1.01
CA MET A 88 -4.06 -10.88 -1.89
C MET A 88 -5.47 -10.38 -2.19
N VAL A 89 -6.09 -9.82 -1.16
CA VAL A 89 -7.37 -9.13 -1.19
C VAL A 89 -7.35 -7.91 -2.12
N PRO A 90 -8.52 -7.36 -2.49
CA PRO A 90 -8.63 -6.05 -3.09
C PRO A 90 -7.89 -4.95 -2.32
N TRP A 91 -7.91 -4.99 -0.97
CA TRP A 91 -7.61 -3.86 -0.10
C TRP A 91 -7.80 -4.20 1.38
N LEU A 92 -7.84 -3.16 2.22
CA LEU A 92 -8.41 -3.20 3.56
C LEU A 92 -9.54 -2.16 3.62
N THR A 93 -10.78 -2.61 3.82
CA THR A 93 -11.88 -1.76 4.25
C THR A 93 -11.78 -1.63 5.76
N ILE A 94 -11.96 -0.42 6.29
CA ILE A 94 -11.78 -0.14 7.70
C ILE A 94 -13.01 0.65 8.16
N PRO A 95 -13.52 0.38 9.38
CA PRO A 95 -14.80 0.92 9.81
C PRO A 95 -14.65 2.37 10.29
N ALA A 96 -15.77 2.94 10.76
CA ALA A 96 -15.71 3.99 11.76
C ALA A 96 -14.83 3.50 12.91
N ARG A 97 -13.98 4.36 13.49
CA ARG A 97 -12.96 3.92 14.45
C ARG A 97 -11.99 2.88 13.87
N GLY A 98 -11.92 2.77 12.55
CA GLY A 98 -10.86 2.06 11.87
C GLY A 98 -9.54 2.78 12.11
N THR A 99 -8.79 2.30 13.08
CA THR A 99 -7.49 2.78 13.47
C THR A 99 -6.67 1.53 13.74
N LEU A 100 -6.19 0.91 12.66
CA LEU A 100 -5.58 -0.40 12.72
C LEU A 100 -4.06 -0.29 12.62
N THR A 101 -3.39 -1.43 12.61
CA THR A 101 -1.97 -1.60 12.82
C THR A 101 -1.43 -2.34 11.60
N LEU A 102 -0.84 -1.59 10.67
CA LEU A 102 -0.28 -2.12 9.44
C LEU A 102 1.08 -2.73 9.76
N GLN A 103 1.12 -4.04 10.05
CA GLN A 103 2.31 -4.82 10.36
C GLN A 103 2.46 -5.92 9.31
N ARG A 104 3.68 -6.20 8.88
CA ARG A 104 3.96 -7.01 7.70
C ARG A 104 3.33 -8.41 7.73
N ASP A 105 2.97 -8.91 8.92
CA ASP A 105 2.07 -10.01 9.14
C ASP A 105 0.63 -9.48 9.28
N GLY A 106 0.32 -8.82 10.40
CA GLY A 106 -1.01 -8.49 10.84
C GLY A 106 -1.54 -7.25 10.13
N ASP A 107 -2.04 -7.44 8.89
CA ASP A 107 -2.64 -6.40 8.04
C ASP A 107 -1.59 -5.36 7.66
N HIS A 108 -1.49 -4.96 6.40
CA HIS A 108 -0.38 -4.14 5.96
C HIS A 108 -0.51 -3.78 4.48
N VAL A 109 0.47 -2.99 4.00
CA VAL A 109 0.74 -2.82 2.58
C VAL A 109 2.03 -3.59 2.33
N MET A 110 2.00 -4.64 1.49
CA MET A 110 3.19 -5.27 0.95
C MET A 110 3.61 -4.41 -0.25
N LEU A 111 4.57 -3.53 -0.02
CA LEU A 111 5.12 -2.62 -1.00
C LEU A 111 6.19 -3.36 -1.80
N MET A 112 5.79 -4.36 -2.60
CA MET A 112 6.74 -5.30 -3.18
C MET A 112 7.37 -4.76 -4.46
N GLY A 113 8.55 -5.29 -4.80
CA GLY A 113 9.19 -5.04 -6.07
C GLY A 113 9.74 -3.62 -6.13
N LEU A 114 10.67 -3.28 -5.24
CA LEU A 114 11.24 -1.94 -5.21
C LEU A 114 11.95 -1.60 -6.53
N LYS A 115 11.63 -0.43 -7.09
CA LYS A 115 12.13 0.07 -8.37
C LYS A 115 13.17 1.17 -8.14
N ARG A 116 12.78 2.27 -7.48
CA ARG A 116 13.74 3.24 -6.98
C ARG A 116 14.68 2.53 -6.00
N PRO A 117 15.98 2.87 -5.97
CA PRO A 117 16.91 2.28 -5.02
C PRO A 117 16.54 2.72 -3.60
N LEU A 118 16.50 1.76 -2.68
CA LEU A 118 16.25 2.03 -1.27
C LEU A 118 17.43 2.77 -0.64
N LYS A 119 17.18 3.40 0.52
CA LYS A 119 18.18 4.09 1.31
C LYS A 119 17.60 4.18 2.72
N VAL A 120 18.27 3.61 3.71
CA VAL A 120 17.80 3.63 5.09
C VAL A 120 17.88 5.07 5.60
N GLY A 121 16.75 5.70 5.93
CA GLY A 121 16.73 7.09 6.30
C GLY A 121 16.66 7.91 5.01
N GLU A 122 15.56 7.73 4.29
CA GLU A 122 15.07 8.66 3.29
C GLU A 122 13.58 8.83 3.54
N THR A 123 12.96 9.55 2.62
CA THR A 123 11.57 9.93 2.68
C THR A 123 11.06 10.10 1.25
N VAL A 124 10.02 9.37 0.88
CA VAL A 124 9.53 9.25 -0.49
C VAL A 124 8.03 9.55 -0.50
N ASN A 125 7.59 10.50 -1.34
CA ASN A 125 6.17 10.80 -1.47
C ASN A 125 5.46 9.65 -2.18
N ILE A 126 4.38 9.15 -1.57
CA ILE A 126 3.43 8.22 -2.18
C ILE A 126 2.10 8.95 -2.31
N THR A 127 1.32 8.61 -3.34
CA THR A 127 0.00 9.18 -3.58
C THR A 127 -1.06 8.10 -3.33
N LEU A 128 -2.11 8.44 -2.59
CA LEU A 128 -3.27 7.59 -2.40
C LEU A 128 -4.19 7.79 -3.61
N LYS A 129 -5.04 6.81 -3.93
CA LYS A 129 -6.12 6.96 -4.89
C LYS A 129 -7.19 5.93 -4.54
N ALA A 130 -8.11 6.26 -3.64
CA ALA A 130 -9.14 5.33 -3.20
C ALA A 130 -10.28 5.30 -4.23
N THR A 131 -11.04 4.21 -4.23
CA THR A 131 -12.22 4.00 -5.10
C THR A 131 -13.23 5.15 -4.96
N ASP A 132 -13.30 5.74 -3.77
CA ASP A 132 -14.06 6.94 -3.48
C ASP A 132 -13.76 8.08 -4.48
N GLY A 133 -12.52 8.14 -4.97
CA GLY A 133 -11.94 9.28 -5.65
C GLY A 133 -10.97 10.01 -4.72
N ARG A 134 -10.67 9.43 -3.55
CA ARG A 134 -9.87 10.10 -2.55
C ARG A 134 -8.41 9.91 -2.89
N THR A 135 -7.86 10.91 -3.59
CA THR A 135 -6.43 11.08 -3.73
C THR A 135 -5.90 11.82 -2.51
N LEU A 136 -4.67 11.52 -2.11
CA LEU A 136 -3.98 12.09 -0.97
C LEU A 136 -2.49 11.91 -1.24
N ASN A 137 -1.62 12.45 -0.38
CA ASN A 137 -0.18 12.31 -0.48
C ASN A 137 0.32 12.00 0.92
N VAL A 138 1.27 11.07 1.03
CA VAL A 138 1.92 10.70 2.29
C VAL A 138 3.41 10.67 2.02
N ALA A 139 4.22 11.15 2.97
CA ALA A 139 5.67 11.13 2.87
C ALA A 139 6.19 9.93 3.64
N ALA A 140 6.49 8.86 2.92
CA ALA A 140 6.83 7.56 3.48
C ALA A 140 8.31 7.50 3.84
N THR A 141 8.62 7.22 5.10
CA THR A 141 10.00 7.13 5.58
C THR A 141 10.54 5.74 5.25
N VAL A 142 11.77 5.63 4.76
CA VAL A 142 12.38 4.34 4.48
C VAL A 142 13.21 3.94 5.71
N LYS A 143 12.80 2.90 6.45
CA LYS A 143 13.44 2.49 7.70
C LYS A 143 13.31 0.97 7.86
N LYS A 144 14.42 0.23 7.69
CA LYS A 144 14.44 -1.23 7.76
C LYS A 144 14.93 -1.77 9.11
N ASN A 145 15.01 -3.09 9.19
CA ASN A 145 15.28 -3.88 10.40
C ASN A 145 14.01 -3.89 11.24
N ILE A 146 14.10 -4.37 12.48
CA ILE A 146 13.05 -4.26 13.46
C ILE A 146 12.61 -2.79 13.56
N GLU A 147 11.33 -2.52 13.28
CA GLU A 147 10.76 -1.19 13.15
C GLU A 147 9.25 -1.31 13.32
N GLY A 148 8.57 -0.19 13.51
CA GLY A 148 7.13 -0.11 13.72
C GLY A 148 6.80 0.01 15.21
N ARG A 149 7.25 1.08 15.85
CA ARG A 149 6.92 1.42 17.22
C ARG A 149 7.20 2.92 17.34
CU CU1 B . 1.19 -9.96 3.34
N MET A 1 -11.58 -24.29 -87.67
CA MET A 1 -10.95 -22.96 -87.53
C MET A 1 -11.46 -22.36 -86.22
N GLY A 2 -10.78 -21.36 -85.68
CA GLY A 2 -11.08 -20.81 -84.36
C GLY A 2 -10.50 -21.71 -83.26
N HIS A 3 -10.16 -21.10 -82.12
CA HIS A 3 -9.60 -21.74 -80.95
C HIS A 3 -9.63 -20.71 -79.83
N THR A 4 -9.57 -21.15 -78.57
CA THR A 4 -9.37 -20.30 -77.41
C THR A 4 -8.97 -21.20 -76.24
N MET A 5 -8.72 -20.58 -75.08
CA MET A 5 -8.34 -21.25 -73.84
C MET A 5 -8.54 -20.28 -72.67
N PRO A 6 -9.79 -19.96 -72.31
CA PRO A 6 -10.08 -19.04 -71.22
C PRO A 6 -9.75 -19.71 -69.88
N ALA A 7 -9.10 -18.98 -68.96
CA ALA A 7 -8.81 -19.43 -67.62
C ALA A 7 -8.48 -18.20 -66.78
N HIS A 8 -8.67 -18.30 -65.46
CA HIS A 8 -8.31 -17.28 -64.48
C HIS A 8 -8.32 -17.97 -63.11
N THR A 9 -7.78 -17.31 -62.08
CA THR A 9 -7.67 -17.86 -60.73
C THR A 9 -7.33 -16.74 -59.74
N PRO A 10 -8.23 -15.76 -59.52
CA PRO A 10 -7.95 -14.64 -58.63
C PRO A 10 -7.87 -15.12 -57.17
N PRO A 11 -6.73 -14.97 -56.48
CA PRO A 11 -6.57 -15.42 -55.12
C PRO A 11 -7.21 -14.44 -54.14
N ALA A 12 -7.65 -14.94 -52.98
CA ALA A 12 -8.14 -14.12 -51.87
C ALA A 12 -8.04 -14.97 -50.60
N GLN A 13 -7.69 -14.35 -49.47
CA GLN A 13 -7.55 -15.01 -48.18
C GLN A 13 -7.37 -13.92 -47.12
N THR A 14 -7.58 -14.26 -45.84
CA THR A 14 -7.28 -13.43 -44.68
C THR A 14 -7.45 -14.32 -43.45
N ALA A 15 -7.26 -13.76 -42.25
CA ALA A 15 -7.36 -14.45 -40.97
C ALA A 15 -7.37 -13.47 -39.80
N PRO A 16 -8.39 -12.61 -39.68
CA PRO A 16 -8.49 -11.67 -38.56
C PRO A 16 -8.82 -12.44 -37.26
N ALA A 17 -8.05 -12.22 -36.20
CA ALA A 17 -8.29 -12.81 -34.89
C ALA A 17 -7.53 -12.00 -33.85
N ALA A 18 -8.06 -11.93 -32.62
CA ALA A 18 -7.45 -11.29 -31.47
C ALA A 18 -8.26 -11.70 -30.24
N GLN A 19 -7.67 -11.61 -29.04
CA GLN A 19 -8.34 -11.89 -27.78
C GLN A 19 -7.49 -11.26 -26.67
N LYS A 20 -8.10 -10.99 -25.51
CA LYS A 20 -7.46 -10.62 -24.26
C LYS A 20 -8.46 -10.92 -23.15
N ALA A 21 -8.07 -10.76 -21.88
CA ALA A 21 -8.91 -11.00 -20.72
C ALA A 21 -8.22 -10.36 -19.51
N GLY A 22 -8.87 -10.41 -18.34
CA GLY A 22 -8.34 -9.97 -17.06
C GLY A 22 -9.21 -10.60 -15.98
N ALA A 23 -8.71 -10.66 -14.74
CA ALA A 23 -9.38 -11.30 -13.62
C ALA A 23 -8.63 -10.94 -12.33
N GLN A 24 -9.04 -11.53 -11.21
CA GLN A 24 -8.44 -11.36 -9.88
C GLN A 24 -8.80 -10.00 -9.27
N ALA A 25 -8.38 -9.80 -8.02
CA ALA A 25 -8.60 -8.59 -7.22
C ALA A 25 -7.59 -8.63 -6.08
N LEU A 26 -7.58 -7.59 -5.24
CA LEU A 26 -6.62 -7.41 -4.15
C LEU A 26 -7.31 -6.63 -3.06
N PRO A 27 -7.21 -7.00 -1.77
CA PRO A 27 -7.72 -6.18 -0.68
C PRO A 27 -6.83 -4.94 -0.55
N VAL A 28 -7.36 -3.83 -0.03
CA VAL A 28 -6.65 -2.55 -0.05
C VAL A 28 -5.67 -2.45 1.11
N THR A 29 -4.80 -3.44 1.22
CA THR A 29 -4.05 -3.70 2.44
C THR A 29 -2.74 -4.39 2.05
N VAL A 30 -1.93 -3.72 1.22
CA VAL A 30 -0.62 -4.19 0.84
C VAL A 30 0.41 -3.14 1.26
N GLN A 31 0.39 -2.80 2.55
CA GLN A 31 1.44 -2.06 3.22
C GLN A 31 2.31 -3.05 4.00
N GLY A 32 3.64 -2.89 3.97
CA GLY A 32 4.53 -3.53 4.93
C GLY A 32 4.62 -2.62 6.16
N ALA A 33 5.83 -2.42 6.70
CA ALA A 33 6.09 -1.31 7.60
C ALA A 33 7.59 -1.04 7.66
N THR A 34 7.94 0.24 7.76
CA THR A 34 9.26 0.67 8.20
C THR A 34 9.02 1.77 9.22
N VAL A 35 9.96 1.97 10.16
CA VAL A 35 9.88 2.97 11.22
C VAL A 35 11.16 3.77 11.18
N ALA A 36 11.08 5.11 11.36
CA ALA A 36 12.24 5.99 11.30
C ALA A 36 13.15 5.90 12.54
N ALA A 37 13.32 4.70 13.09
CA ALA A 37 13.79 4.42 14.44
C ALA A 37 13.36 5.53 15.40
N VAL A 38 14.29 6.16 16.12
CA VAL A 38 14.07 7.44 16.77
C VAL A 38 14.91 8.46 16.01
N PRO A 39 14.30 9.41 15.28
CA PRO A 39 15.03 10.55 14.73
C PRO A 39 15.64 11.34 15.89
N PRO A 40 16.66 12.17 15.65
CA PRO A 40 17.27 12.99 16.69
C PRO A 40 16.36 14.17 17.07
N SER A 41 15.16 13.86 17.56
CA SER A 41 14.16 14.84 17.92
C SER A 41 13.12 14.16 18.80
N ILE A 42 13.55 13.67 19.98
CA ILE A 42 12.71 13.09 21.02
C ILE A 42 12.30 11.66 20.63
N ARG A 43 11.95 10.83 21.63
CA ARG A 43 11.50 9.46 21.42
C ARG A 43 10.08 9.36 20.83
N ASP A 44 9.74 10.25 19.89
CA ASP A 44 8.62 10.04 18.99
C ASP A 44 9.20 9.64 17.64
N THR A 45 8.38 8.99 16.83
CA THR A 45 8.73 8.63 15.49
C THR A 45 7.44 8.45 14.71
N ALA A 46 7.55 7.90 13.50
CA ALA A 46 6.41 7.52 12.70
C ALA A 46 6.81 6.28 11.89
N ALA A 47 5.81 5.54 11.40
CA ALA A 47 6.06 4.54 10.38
C ALA A 47 6.10 5.24 9.02
N TYR A 48 6.67 4.57 8.02
CA TYR A 48 6.85 5.08 6.67
C TYR A 48 6.43 3.95 5.73
N MET A 49 5.23 4.07 5.17
CA MET A 49 4.56 3.09 4.31
C MET A 49 3.43 3.78 3.53
N THR A 50 2.57 3.02 2.85
CA THR A 50 1.47 3.57 2.06
C THR A 50 0.30 2.59 2.08
N LEU A 51 -0.88 3.05 2.51
CA LEU A 51 -2.10 2.27 2.40
C LEU A 51 -2.59 2.45 0.98
N THR A 52 -2.88 1.33 0.33
CA THR A 52 -2.93 1.26 -1.13
C THR A 52 -4.31 0.80 -1.59
N ASN A 53 -5.19 1.74 -1.95
CA ASN A 53 -6.51 1.41 -2.48
C ASN A 53 -6.45 0.99 -3.96
N LYS A 54 -5.67 -0.06 -4.23
CA LYS A 54 -5.59 -0.65 -5.55
C LYS A 54 -6.75 -1.64 -5.69
N SER A 55 -7.99 -1.13 -5.54
CA SER A 55 -9.19 -1.98 -5.50
C SER A 55 -10.50 -1.18 -5.33
N ASP A 56 -10.46 -0.04 -4.61
CA ASP A 56 -11.62 0.70 -4.13
C ASP A 56 -12.39 -0.07 -3.05
N GLN A 57 -11.94 0.05 -1.79
CA GLN A 57 -12.70 -0.33 -0.62
C GLN A 57 -12.37 0.61 0.56
N PRO A 58 -13.34 0.94 1.42
CA PRO A 58 -13.11 1.74 2.62
C PRO A 58 -12.73 0.86 3.82
N ILE A 59 -11.44 0.77 4.18
CA ILE A 59 -10.94 -0.08 5.27
C ILE A 59 -10.42 0.81 6.41
N LYS A 60 -11.18 0.94 7.49
CA LYS A 60 -10.83 1.84 8.58
C LYS A 60 -9.85 1.15 9.54
N LEU A 61 -8.56 1.43 9.34
CA LEU A 61 -7.49 0.78 10.08
C LEU A 61 -7.31 1.46 11.44
N VAL A 62 -7.37 0.71 12.55
CA VAL A 62 -7.33 1.27 13.89
C VAL A 62 -6.60 0.31 14.83
N GLY A 63 -5.38 -0.06 14.45
CA GLY A 63 -4.48 -0.77 15.34
C GLY A 63 -3.06 -0.62 14.82
N ALA A 64 -2.12 -0.55 15.78
CA ALA A 64 -0.69 -0.68 15.55
C ALA A 64 -0.07 -1.08 16.90
N ALA A 65 -0.43 -2.27 17.38
CA ALA A 65 0.05 -2.78 18.66
C ALA A 65 1.43 -3.36 18.44
N THR A 66 2.29 -3.30 19.46
CA THR A 66 3.72 -3.50 19.24
C THR A 66 4.42 -3.64 20.59
N PRO A 67 5.55 -4.37 20.66
CA PRO A 67 6.44 -4.35 21.81
C PRO A 67 7.33 -3.10 21.82
N LEU A 68 7.27 -2.24 20.79
CA LEU A 68 8.29 -1.23 20.50
C LEU A 68 7.88 0.19 20.94
N ALA A 69 6.61 0.54 20.73
CA ALA A 69 6.06 1.85 21.05
C ALA A 69 5.30 1.80 22.36
N THR A 70 5.64 2.69 23.29
CA THR A 70 4.90 2.86 24.54
C THR A 70 3.57 3.56 24.26
N SER A 71 3.55 4.41 23.24
CA SER A 71 2.45 5.30 22.92
C SER A 71 2.09 5.19 21.42
N PRO A 72 1.56 4.05 20.97
CA PRO A 72 1.14 3.88 19.58
C PRO A 72 -0.18 4.59 19.33
N MET A 73 -0.16 5.64 18.49
CA MET A 73 -1.35 6.42 18.18
C MET A 73 -1.37 6.82 16.71
N LEU A 74 -2.57 6.80 16.10
CA LEU A 74 -2.78 7.15 14.70
C LEU A 74 -2.93 8.67 14.56
N MET A 75 -2.53 9.20 13.42
CA MET A 75 -2.42 10.63 13.13
C MET A 75 -2.64 10.89 11.66
N THR A 76 -2.80 12.17 11.27
CA THR A 76 -2.69 12.55 9.87
C THR A 76 -2.02 13.92 9.74
N THR A 77 -1.46 14.23 8.56
CA THR A 77 -0.93 15.56 8.25
C THR A 77 -0.93 15.75 6.74
N THR A 78 -2.11 15.66 6.12
CA THR A 78 -2.28 15.75 4.68
C THR A 78 -3.69 16.21 4.37
N HIS A 79 -3.83 17.21 3.52
CA HIS A 79 -5.13 17.62 2.99
C HIS A 79 -5.62 16.56 2.01
N SER A 80 -4.70 16.02 1.20
CA SER A 80 -4.97 15.00 0.21
C SER A 80 -5.49 13.71 0.84
N GLY A 81 -4.85 13.29 1.94
CA GLY A 81 -5.22 12.08 2.66
C GLY A 81 -6.27 12.39 3.73
N GLY A 82 -6.01 11.94 4.96
CA GLY A 82 -6.95 12.05 6.08
C GLY A 82 -7.33 13.49 6.40
N MET A 83 -6.39 14.26 6.94
CA MET A 83 -6.60 15.64 7.38
C MET A 83 -5.25 16.29 7.71
N ALA A 84 -5.20 17.62 7.80
CA ALA A 84 -4.01 18.35 8.20
C ALA A 84 -3.97 18.36 9.73
N GLY A 85 -4.04 17.18 10.33
CA GLY A 85 -4.50 17.00 11.69
C GLY A 85 -3.52 16.17 12.51
N MET A 86 -2.31 16.71 12.78
CA MET A 86 -1.23 15.94 13.40
C MET A 86 -1.43 15.87 14.91
N LYS A 87 -2.52 15.23 15.30
CA LYS A 87 -3.00 15.04 16.66
C LYS A 87 -3.46 13.58 16.84
N MET A 88 -3.70 13.19 18.09
CA MET A 88 -3.99 11.80 18.45
C MET A 88 -5.46 11.50 18.16
N VAL A 89 -5.79 11.37 16.89
CA VAL A 89 -7.13 11.04 16.44
C VAL A 89 -7.46 9.57 16.78
N PRO A 90 -8.75 9.20 16.83
CA PRO A 90 -9.20 7.82 16.79
C PRO A 90 -8.44 7.00 15.74
N TRP A 91 -8.38 7.48 14.49
CA TRP A 91 -7.80 6.84 13.33
C TRP A 91 -8.12 7.69 12.10
N LEU A 92 -8.08 7.06 10.91
CA LEU A 92 -8.69 7.55 9.70
C LEU A 92 -9.53 6.40 9.15
N THR A 93 -10.73 6.70 8.65
CA THR A 93 -11.44 5.82 7.74
C THR A 93 -10.92 6.11 6.35
N ILE A 94 -9.98 5.31 5.84
CA ILE A 94 -9.41 5.56 4.52
C ILE A 94 -10.41 4.97 3.52
N PRO A 95 -10.93 5.77 2.58
CA PRO A 95 -12.07 5.38 1.77
C PRO A 95 -11.66 4.50 0.58
N ALA A 96 -12.62 4.19 -0.31
CA ALA A 96 -12.30 3.87 -1.69
C ALA A 96 -11.35 4.95 -2.25
N ARG A 97 -10.47 4.62 -3.19
CA ARG A 97 -9.33 5.44 -3.61
C ARG A 97 -8.41 5.89 -2.47
N GLY A 98 -8.61 5.39 -1.24
CA GLY A 98 -7.84 5.77 -0.08
C GLY A 98 -6.42 5.24 -0.22
N THR A 99 -5.60 6.01 -0.93
CA THR A 99 -4.23 5.68 -1.28
C THR A 99 -3.32 6.60 -0.47
N LEU A 100 -3.41 6.48 0.84
CA LEU A 100 -2.80 7.41 1.76
C LEU A 100 -1.36 6.99 2.03
N THR A 101 -0.55 7.98 2.37
CA THR A 101 0.89 7.86 2.46
C THR A 101 1.22 8.04 3.93
N LEU A 102 1.66 6.96 4.55
CA LEU A 102 1.96 6.85 5.96
C LEU A 102 3.37 7.40 6.11
N GLN A 103 3.55 8.57 6.73
CA GLN A 103 4.86 9.22 6.80
C GLN A 103 4.95 10.17 8.00
N ARG A 104 6.16 10.67 8.30
CA ARG A 104 6.41 11.61 9.40
C ARG A 104 5.26 12.60 9.61
N ASP A 105 4.78 13.17 8.50
CA ASP A 105 3.66 14.09 8.45
C ASP A 105 2.79 13.66 7.26
N GLY A 106 1.72 12.92 7.54
CA GLY A 106 0.81 12.33 6.56
C GLY A 106 0.32 10.96 7.04
N ASP A 107 -1.00 10.83 7.27
CA ASP A 107 -1.75 9.63 7.65
C ASP A 107 -0.93 8.54 8.33
N HIS A 108 -0.40 8.80 9.52
CA HIS A 108 0.66 7.99 10.09
C HIS A 108 0.28 7.33 11.40
N VAL A 109 1.09 6.33 11.80
CA VAL A 109 1.11 5.78 13.13
C VAL A 109 2.35 6.39 13.79
N MET A 110 2.16 7.10 14.91
CA MET A 110 3.25 7.47 15.78
C MET A 110 3.52 6.30 16.70
N LEU A 111 4.53 5.50 16.35
CA LEU A 111 5.04 4.42 17.19
C LEU A 111 5.96 5.05 18.25
N MET A 112 5.39 5.97 19.04
CA MET A 112 6.11 6.84 19.94
C MET A 112 6.38 6.15 21.27
N GLY A 113 7.34 6.68 22.04
CA GLY A 113 7.37 6.51 23.48
C GLY A 113 8.50 5.62 23.99
N LEU A 114 9.29 5.01 23.08
CA LEU A 114 10.44 4.15 23.38
C LEU A 114 10.14 3.08 24.45
N LYS A 115 9.67 1.92 24.02
CA LYS A 115 9.34 0.80 24.88
C LYS A 115 10.51 -0.19 24.95
N ARG A 116 11.15 -0.42 23.79
CA ARG A 116 12.35 -1.23 23.61
C ARG A 116 13.20 -0.48 22.60
N PRO A 117 14.55 -0.63 22.62
CA PRO A 117 15.44 0.15 21.78
C PRO A 117 15.11 -0.01 20.30
N LEU A 118 14.79 1.10 19.63
CA LEU A 118 14.55 1.13 18.20
C LEU A 118 15.88 1.00 17.47
N LYS A 119 16.42 -0.22 17.48
CA LYS A 119 17.77 -0.52 17.02
C LYS A 119 17.81 -0.50 15.49
N VAL A 120 18.40 0.57 14.96
CA VAL A 120 18.64 0.76 13.54
C VAL A 120 19.13 -0.53 12.87
N GLY A 121 18.33 -1.07 11.94
CA GLY A 121 18.70 -2.23 11.15
C GLY A 121 17.76 -3.40 11.44
N GLU A 122 17.18 -3.47 12.64
CA GLU A 122 16.36 -4.62 12.99
C GLU A 122 14.99 -4.50 12.34
N THR A 123 14.16 -5.44 12.72
CA THR A 123 12.79 -5.56 12.26
C THR A 123 11.97 -6.20 13.37
N VAL A 124 10.83 -5.60 13.70
CA VAL A 124 10.02 -5.94 14.86
C VAL A 124 8.58 -6.17 14.39
N ASN A 125 7.95 -7.24 14.84
CA ASN A 125 6.56 -7.53 14.51
C ASN A 125 5.65 -6.58 15.27
N ILE A 126 5.00 -5.66 14.56
CA ILE A 126 3.82 -4.98 15.07
C ILE A 126 2.59 -5.84 14.76
N THR A 127 1.40 -5.39 15.13
CA THR A 127 0.14 -6.04 14.80
C THR A 127 -0.94 -4.98 14.63
N LEU A 128 -1.58 -4.91 13.45
CA LEU A 128 -2.65 -3.97 13.17
C LEU A 128 -4.00 -4.50 13.59
N LYS A 129 -5.07 -3.70 13.43
CA LYS A 129 -6.46 -4.08 13.60
C LYS A 129 -7.31 -3.11 12.81
N ALA A 130 -7.74 -3.49 11.61
CA ALA A 130 -8.76 -2.75 10.88
C ALA A 130 -10.13 -3.31 11.21
N THR A 131 -11.02 -2.44 11.70
CA THR A 131 -12.38 -2.82 12.05
C THR A 131 -13.23 -2.78 10.77
N ASP A 132 -12.82 -3.64 9.83
CA ASP A 132 -13.40 -3.91 8.51
C ASP A 132 -12.67 -5.16 8.01
N GLY A 133 -11.35 -5.02 7.87
CA GLY A 133 -10.47 -6.03 7.32
C GLY A 133 -10.10 -7.08 8.35
N ARG A 134 -8.98 -6.90 9.05
CA ARG A 134 -8.46 -7.90 9.97
C ARG A 134 -7.51 -7.25 10.96
N THR A 135 -7.08 -8.04 11.94
CA THR A 135 -5.82 -7.89 12.64
C THR A 135 -4.83 -8.81 11.93
N LEU A 136 -3.56 -8.39 11.85
CA LEU A 136 -2.50 -9.11 11.18
C LEU A 136 -1.20 -8.63 11.82
N ASN A 137 -0.23 -9.54 11.97
CA ASN A 137 1.10 -9.28 12.50
C ASN A 137 1.97 -8.88 11.33
N VAL A 138 2.72 -7.79 11.49
CA VAL A 138 3.32 -7.10 10.37
C VAL A 138 4.76 -6.74 10.77
N ALA A 139 5.74 -7.14 9.97
CA ALA A 139 7.15 -6.97 10.28
C ALA A 139 7.59 -5.57 9.89
N ALA A 140 7.89 -4.73 10.88
CA ALA A 140 8.27 -3.35 10.69
C ALA A 140 9.78 -3.18 10.81
N THR A 141 10.45 -2.72 9.75
CA THR A 141 11.90 -2.54 9.75
C THR A 141 12.28 -1.18 10.37
N VAL A 142 13.16 -1.19 11.36
CA VAL A 142 13.37 -0.05 12.24
C VAL A 142 14.71 0.58 11.88
N LYS A 143 14.71 1.78 11.29
CA LYS A 143 15.95 2.44 10.90
C LYS A 143 15.75 3.95 10.76
N LYS A 144 16.78 4.77 11.01
CA LYS A 144 16.72 6.21 10.81
C LYS A 144 17.45 6.68 9.55
N ASN A 145 16.99 7.78 8.95
CA ASN A 145 17.43 8.32 7.66
C ASN A 145 17.28 7.33 6.51
N ILE A 146 17.57 7.76 5.28
CA ILE A 146 17.74 6.85 4.16
C ILE A 146 18.93 5.99 4.56
N GLU A 147 18.71 4.69 4.73
CA GLU A 147 19.56 3.84 5.55
C GLU A 147 19.47 2.43 4.95
N GLY A 148 20.56 2.02 4.31
CA GLY A 148 20.58 0.93 3.34
C GLY A 148 19.84 1.36 2.07
N ARG A 149 18.52 1.49 2.19
CA ARG A 149 17.63 2.19 1.29
C ARG A 149 16.55 2.75 2.21
CU CU1 B . 2.01 12.59 14.65
N MET A 1 -8.44 -30.66 -86.93
CA MET A 1 -9.62 -31.26 -86.29
C MET A 1 -9.31 -31.31 -84.80
N GLY A 2 -10.34 -31.41 -83.95
CA GLY A 2 -10.15 -31.31 -82.51
C GLY A 2 -9.87 -29.86 -82.10
N HIS A 3 -9.83 -29.62 -80.78
CA HIS A 3 -9.67 -28.32 -80.15
C HIS A 3 -9.52 -28.57 -78.66
N THR A 4 -9.47 -27.51 -77.85
CA THR A 4 -9.54 -27.60 -76.40
C THR A 4 -9.98 -26.23 -75.87
N MET A 5 -10.06 -26.08 -74.56
CA MET A 5 -10.47 -24.87 -73.87
C MET A 5 -9.95 -24.94 -72.43
N PRO A 6 -8.93 -24.15 -72.06
CA PRO A 6 -8.41 -24.13 -70.71
C PRO A 6 -9.26 -23.23 -69.81
N ALA A 7 -9.24 -23.48 -68.50
CA ALA A 7 -9.95 -22.70 -67.49
C ALA A 7 -9.18 -22.79 -66.18
N HIS A 8 -9.59 -22.03 -65.17
CA HIS A 8 -8.98 -22.00 -63.85
C HIS A 8 -10.01 -21.41 -62.88
N THR A 9 -9.62 -21.16 -61.63
CA THR A 9 -10.40 -20.41 -60.66
C THR A 9 -9.39 -19.74 -59.72
N PRO A 10 -9.55 -18.45 -59.38
CA PRO A 10 -8.62 -17.76 -58.51
C PRO A 10 -8.76 -18.27 -57.06
N PRO A 11 -7.73 -18.10 -56.22
CA PRO A 11 -7.77 -18.46 -54.81
C PRO A 11 -8.62 -17.45 -54.02
N ALA A 12 -8.74 -17.70 -52.71
CA ALA A 12 -9.40 -16.81 -51.76
C ALA A 12 -8.67 -16.94 -50.42
N GLN A 13 -8.99 -16.07 -49.46
CA GLN A 13 -8.36 -16.03 -48.14
C GLN A 13 -9.27 -15.26 -47.19
N THR A 14 -8.86 -15.12 -45.94
CA THR A 14 -9.50 -14.28 -44.93
C THR A 14 -8.47 -14.00 -43.85
N ALA A 15 -8.88 -13.36 -42.75
CA ALA A 15 -8.03 -13.01 -41.62
C ALA A 15 -8.90 -12.73 -40.39
N PRO A 16 -8.90 -13.60 -39.37
CA PRO A 16 -9.64 -13.36 -38.14
C PRO A 16 -8.90 -12.36 -37.26
N ALA A 17 -9.48 -12.00 -36.11
CA ALA A 17 -8.89 -11.12 -35.11
C ALA A 17 -9.55 -11.44 -33.77
N ALA A 18 -8.98 -10.90 -32.68
CA ALA A 18 -9.48 -11.08 -31.32
C ALA A 18 -8.93 -9.94 -30.47
N GLN A 19 -9.45 -9.78 -29.24
CA GLN A 19 -9.02 -8.80 -28.26
C GLN A 19 -9.18 -9.42 -26.87
N LYS A 20 -8.81 -8.68 -25.82
CA LYS A 20 -9.01 -9.06 -24.43
C LYS A 20 -9.05 -7.76 -23.62
N ALA A 21 -9.34 -7.85 -22.32
CA ALA A 21 -9.40 -6.72 -21.40
C ALA A 21 -9.11 -7.25 -19.99
N GLY A 22 -9.18 -6.36 -18.99
CA GLY A 22 -9.02 -6.67 -17.59
C GLY A 22 -9.74 -5.60 -16.77
N ALA A 23 -9.68 -5.67 -15.45
CA ALA A 23 -10.39 -4.74 -14.56
C ALA A 23 -9.53 -4.42 -13.34
N GLN A 24 -9.18 -5.44 -12.56
CA GLN A 24 -8.35 -5.27 -11.37
C GLN A 24 -7.01 -4.62 -11.73
N ALA A 25 -6.69 -3.49 -11.09
CA ALA A 25 -5.49 -2.70 -11.36
C ALA A 25 -4.45 -2.95 -10.26
N LEU A 26 -4.72 -2.47 -9.05
CA LEU A 26 -3.78 -2.47 -7.94
C LEU A 26 -4.63 -2.35 -6.66
N PRO A 27 -4.43 -3.18 -5.62
CA PRO A 27 -5.17 -3.04 -4.38
C PRO A 27 -4.73 -1.76 -3.66
N VAL A 28 -5.56 -1.24 -2.75
CA VAL A 28 -5.33 0.06 -2.12
C VAL A 28 -4.34 -0.06 -0.97
N THR A 29 -3.16 -0.64 -1.24
CA THR A 29 -2.17 -0.95 -0.22
C THR A 29 -0.78 -1.04 -0.86
N VAL A 30 -0.38 0.01 -1.59
CA VAL A 30 1.01 0.20 -1.99
C VAL A 30 1.59 1.26 -1.05
N GLN A 31 1.98 0.78 0.13
CA GLN A 31 2.61 1.48 1.23
C GLN A 31 3.92 0.78 1.57
N GLY A 32 5.00 1.55 1.73
CA GLY A 32 6.32 1.04 2.09
C GLY A 32 6.61 1.35 3.55
N ALA A 33 6.37 0.40 4.46
CA ALA A 33 6.55 0.62 5.88
C ALA A 33 8.02 0.83 6.25
N THR A 34 8.32 2.01 6.78
CA THR A 34 9.55 2.27 7.49
C THR A 34 9.21 2.59 8.94
N VAL A 35 10.08 2.26 9.89
CA VAL A 35 9.94 2.64 11.29
C VAL A 35 11.23 3.31 11.75
N ALA A 36 11.12 4.34 12.58
CA ALA A 36 12.29 5.06 13.04
C ALA A 36 13.09 4.23 14.04
N ALA A 37 14.33 3.95 13.67
CA ALA A 37 15.33 3.26 14.48
C ALA A 37 15.69 4.08 15.73
N VAL A 38 14.89 3.92 16.79
CA VAL A 38 15.09 4.54 18.10
C VAL A 38 15.43 6.04 17.97
N PRO A 39 14.44 6.87 17.65
CA PRO A 39 14.63 8.30 17.43
C PRO A 39 14.87 9.01 18.77
N PRO A 40 15.26 10.29 18.76
CA PRO A 40 15.57 11.06 19.96
C PRO A 40 14.33 11.29 20.84
N SER A 41 13.99 10.23 21.57
CA SER A 41 13.08 10.14 22.69
C SER A 41 13.49 8.89 23.47
N ILE A 42 13.66 7.76 22.74
CA ILE A 42 13.67 6.41 23.26
C ILE A 42 12.26 6.09 23.77
N ARG A 43 11.91 4.83 23.95
CA ARG A 43 10.60 4.36 24.37
C ARG A 43 9.57 4.48 23.24
N ASP A 44 9.47 5.65 22.61
CA ASP A 44 8.53 5.98 21.57
C ASP A 44 9.18 5.77 20.20
N THR A 45 8.38 5.54 19.15
CA THR A 45 8.78 5.69 17.75
C THR A 45 7.51 5.71 16.90
N ALA A 46 7.65 5.77 15.57
CA ALA A 46 6.55 5.84 14.63
C ALA A 46 6.94 5.24 13.29
N ALA A 47 5.95 4.76 12.54
CA ALA A 47 6.13 4.33 11.16
C ALA A 47 5.90 5.50 10.21
N TYR A 48 6.59 5.48 9.06
CA TYR A 48 6.42 6.43 7.97
C TYR A 48 6.14 5.56 6.76
N MET A 49 5.01 5.81 6.11
CA MET A 49 4.52 5.09 4.96
C MET A 49 3.50 5.96 4.25
N THR A 50 2.81 5.42 3.24
CA THR A 50 1.76 6.15 2.54
C THR A 50 0.66 5.18 2.14
N LEU A 51 -0.59 5.44 2.58
CA LEU A 51 -1.75 4.71 2.08
C LEU A 51 -2.11 5.35 0.75
N THR A 52 -1.73 4.67 -0.30
CA THR A 52 -1.94 5.03 -1.68
C THR A 52 -3.25 4.39 -2.11
N ASN A 53 -4.38 5.10 -2.02
CA ASN A 53 -5.69 4.48 -2.16
C ASN A 53 -6.05 4.33 -3.64
N LYS A 54 -5.19 3.67 -4.43
CA LYS A 54 -5.32 3.67 -5.85
C LYS A 54 -6.17 2.49 -6.31
N SER A 55 -7.36 2.84 -6.79
CA SER A 55 -8.57 2.07 -7.05
C SER A 55 -9.74 2.85 -6.47
N ASP A 56 -9.45 3.77 -5.54
CA ASP A 56 -10.23 4.97 -5.33
C ASP A 56 -11.50 4.57 -4.56
N GLN A 57 -11.30 4.03 -3.34
CA GLN A 57 -12.31 3.40 -2.50
C GLN A 57 -12.04 3.69 -1.01
N PRO A 58 -13.05 4.00 -0.18
CA PRO A 58 -12.85 4.43 1.20
C PRO A 58 -12.47 3.26 2.12
N ILE A 59 -11.17 3.01 2.32
CA ILE A 59 -10.66 1.92 3.14
C ILE A 59 -9.79 2.51 4.26
N LYS A 60 -10.27 2.40 5.50
CA LYS A 60 -9.51 2.80 6.69
C LYS A 60 -8.53 1.70 7.10
N LEU A 61 -7.62 2.03 8.02
CA LEU A 61 -6.65 1.10 8.59
C LEU A 61 -6.71 1.33 10.09
N VAL A 62 -6.88 0.26 10.89
CA VAL A 62 -6.88 0.33 12.35
C VAL A 62 -6.25 -0.93 12.93
N GLY A 63 -5.02 -1.23 12.52
CA GLY A 63 -4.20 -2.17 13.26
C GLY A 63 -2.73 -2.00 12.88
N ALA A 64 -1.83 -2.23 13.84
CA ALA A 64 -0.39 -2.22 13.64
C ALA A 64 0.28 -3.06 14.74
N ALA A 65 0.06 -4.37 14.75
CA ALA A 65 0.66 -5.27 15.74
C ALA A 65 2.06 -5.66 15.26
N THR A 66 3.03 -5.84 16.17
CA THR A 66 4.41 -6.08 15.77
C THR A 66 5.25 -6.48 16.99
N PRO A 67 6.33 -7.27 16.83
CA PRO A 67 7.33 -7.47 17.86
C PRO A 67 8.22 -6.22 18.03
N LEU A 68 7.62 -5.02 18.09
CA LEU A 68 8.31 -3.76 18.29
C LEU A 68 7.53 -2.95 19.35
N ALA A 69 6.42 -2.34 18.95
CA ALA A 69 5.63 -1.48 19.82
C ALA A 69 4.97 -2.30 20.93
N THR A 70 4.88 -1.73 22.13
CA THR A 70 4.02 -2.24 23.20
C THR A 70 2.69 -1.46 23.20
N SER A 71 2.72 -0.20 22.75
CA SER A 71 1.60 0.72 22.71
C SER A 71 1.46 1.27 21.29
N PRO A 72 1.10 0.44 20.30
CA PRO A 72 0.86 0.89 18.94
C PRO A 72 -0.42 1.74 18.89
N MET A 73 -0.25 3.06 18.76
CA MET A 73 -1.33 4.03 18.80
C MET A 73 -1.39 4.79 17.48
N LEU A 74 -2.56 4.86 16.86
CA LEU A 74 -2.78 5.59 15.63
C LEU A 74 -2.98 7.07 15.97
N MET A 75 -2.36 7.97 15.20
CA MET A 75 -2.39 9.41 15.39
C MET A 75 -2.61 10.09 14.04
N THR A 76 -3.21 11.29 14.02
CA THR A 76 -3.73 11.91 12.80
C THR A 76 -3.62 13.43 12.91
N THR A 77 -2.72 14.04 12.11
CA THR A 77 -2.62 15.50 12.09
C THR A 77 -2.35 16.02 10.66
N THR A 78 -3.23 15.66 9.74
CA THR A 78 -3.17 16.03 8.33
C THR A 78 -4.57 16.40 7.85
N HIS A 79 -4.76 17.69 7.56
CA HIS A 79 -6.03 18.23 7.04
C HIS A 79 -6.48 17.46 5.79
N SER A 80 -5.56 17.15 4.90
CA SER A 80 -5.79 16.37 3.69
C SER A 80 -5.78 14.86 3.96
N GLY A 81 -5.92 14.43 5.22
CA GLY A 81 -5.86 13.05 5.65
C GLY A 81 -7.06 12.74 6.56
N GLY A 82 -6.84 11.92 7.59
CA GLY A 82 -7.89 11.52 8.51
C GLY A 82 -8.47 12.72 9.27
N MET A 83 -7.67 13.31 10.16
CA MET A 83 -8.02 14.47 10.97
C MET A 83 -6.76 15.33 11.13
N ALA A 84 -6.94 16.54 11.67
CA ALA A 84 -5.91 17.56 11.78
C ALA A 84 -5.71 17.82 13.26
N GLY A 85 -5.42 16.76 14.03
CA GLY A 85 -5.51 16.84 15.47
C GLY A 85 -4.63 15.80 16.14
N MET A 86 -3.30 16.01 16.14
CA MET A 86 -2.34 15.14 16.81
C MET A 86 -2.75 14.83 18.25
N LYS A 87 -3.36 13.66 18.40
CA LYS A 87 -3.64 12.97 19.65
C LYS A 87 -3.76 11.50 19.29
N MET A 88 -3.75 10.60 20.28
CA MET A 88 -3.91 9.19 20.02
C MET A 88 -5.41 8.92 19.85
N VAL A 89 -5.80 8.19 18.80
CA VAL A 89 -7.19 8.05 18.38
C VAL A 89 -7.53 6.58 18.08
N PRO A 90 -8.83 6.25 17.92
CA PRO A 90 -9.26 5.04 17.23
C PRO A 90 -8.38 4.72 16.03
N TRP A 91 -8.24 5.66 15.09
CA TRP A 91 -7.52 5.51 13.84
C TRP A 91 -7.63 6.79 13.01
N LEU A 92 -7.39 6.66 11.71
CA LEU A 92 -7.77 7.57 10.67
C LEU A 92 -8.60 6.78 9.66
N THR A 93 -9.63 7.39 9.10
CA THR A 93 -10.40 6.87 7.98
C THR A 93 -10.06 7.76 6.79
N ILE A 94 -9.79 7.15 5.63
CA ILE A 94 -9.31 7.83 4.46
C ILE A 94 -10.32 7.55 3.34
N PRO A 95 -10.66 8.55 2.52
CA PRO A 95 -11.71 8.40 1.53
C PRO A 95 -11.18 7.68 0.29
N ALA A 96 -12.09 7.44 -0.64
CA ALA A 96 -11.72 7.13 -2.01
C ALA A 96 -10.65 8.12 -2.49
N ARG A 97 -9.57 7.58 -3.06
CA ARG A 97 -8.38 8.23 -3.58
C ARG A 97 -7.63 9.05 -2.53
N GLY A 98 -7.77 8.69 -1.25
CA GLY A 98 -6.88 9.23 -0.24
C GLY A 98 -5.42 8.88 -0.53
N THR A 99 -4.53 9.81 -0.21
CA THR A 99 -3.09 9.66 -0.31
C THR A 99 -2.53 10.07 1.05
N LEU A 100 -2.86 9.28 2.07
CA LEU A 100 -2.54 9.67 3.43
C LEU A 100 -1.07 9.29 3.59
N THR A 101 -0.28 10.24 4.07
CA THR A 101 1.17 10.24 3.90
C THR A 101 1.73 10.30 5.31
N LEU A 102 2.02 9.14 5.87
CA LEU A 102 2.21 8.99 7.30
C LEU A 102 3.63 9.46 7.61
N GLN A 103 3.73 10.44 8.50
CA GLN A 103 4.97 11.12 8.85
C GLN A 103 4.86 11.63 10.29
N ARG A 104 5.99 11.78 10.96
CA ARG A 104 6.07 11.92 12.40
C ARG A 104 5.36 13.17 12.96
N ASP A 105 4.90 14.08 12.10
CA ASP A 105 4.07 15.20 12.52
C ASP A 105 3.00 15.51 11.47
N GLY A 106 2.44 14.47 10.85
CA GLY A 106 1.37 14.65 9.88
C GLY A 106 0.68 13.33 9.59
N ASP A 107 0.04 12.81 10.64
CA ASP A 107 -0.67 11.53 10.67
C ASP A 107 0.34 10.39 10.60
N HIS A 108 0.18 9.38 11.45
CA HIS A 108 1.17 8.31 11.57
C HIS A 108 0.70 7.25 12.57
N VAL A 109 1.42 6.12 12.60
CA VAL A 109 1.26 5.11 13.63
C VAL A 109 2.40 5.37 14.62
N MET A 110 2.06 5.74 15.85
CA MET A 110 3.00 5.88 16.95
C MET A 110 3.20 4.48 17.56
N LEU A 111 4.24 3.80 17.11
CA LEU A 111 4.63 2.47 17.51
C LEU A 111 5.40 2.57 18.83
N MET A 112 4.70 3.00 19.89
CA MET A 112 5.37 3.35 21.13
C MET A 112 5.64 2.10 21.98
N GLY A 113 6.53 2.22 22.94
CA GLY A 113 6.92 1.14 23.82
C GLY A 113 7.93 0.22 23.13
N LEU A 114 9.15 0.70 22.90
CA LEU A 114 10.28 -0.13 22.47
C LEU A 114 10.56 -1.21 23.53
N LYS A 115 9.83 -2.32 23.50
CA LYS A 115 10.02 -3.40 24.46
C LYS A 115 11.46 -3.92 24.45
N ARG A 116 11.99 -4.17 23.26
CA ARG A 116 13.44 -4.21 23.01
C ARG A 116 13.79 -3.03 22.09
N PRO A 117 15.05 -2.55 22.10
CA PRO A 117 15.55 -1.59 21.13
C PRO A 117 15.75 -2.26 19.77
N LEU A 118 16.09 -1.46 18.76
CA LEU A 118 16.22 -1.88 17.36
C LEU A 118 17.55 -1.41 16.80
N LYS A 119 17.85 -1.82 15.56
CA LYS A 119 19.06 -1.52 14.84
C LYS A 119 18.68 -0.92 13.50
N VAL A 120 19.53 -0.04 12.96
CA VAL A 120 19.29 0.52 11.65
C VAL A 120 19.48 -0.59 10.60
N GLY A 121 18.54 -0.70 9.66
CA GLY A 121 18.62 -1.69 8.58
C GLY A 121 18.10 -3.05 9.06
N GLU A 122 17.18 -3.04 10.03
CA GLU A 122 16.47 -4.23 10.43
C GLU A 122 15.35 -4.50 9.42
N THR A 123 14.49 -5.43 9.79
CA THR A 123 13.36 -5.87 9.00
C THR A 123 12.32 -6.43 9.98
N VAL A 124 11.53 -5.54 10.57
CA VAL A 124 10.56 -5.88 11.59
C VAL A 124 9.25 -6.21 10.90
N ASN A 125 8.67 -7.38 11.17
CA ASN A 125 7.34 -7.68 10.67
C ASN A 125 6.30 -6.83 11.38
N ILE A 126 5.21 -6.53 10.67
CA ILE A 126 4.01 -5.91 11.20
C ILE A 126 2.84 -6.77 10.73
N THR A 127 1.79 -6.85 11.53
CA THR A 127 0.50 -7.36 11.09
C THR A 127 -0.54 -6.27 11.34
N LEU A 128 -1.17 -5.79 10.26
CA LEU A 128 -2.34 -4.95 10.38
C LEU A 128 -3.60 -5.82 10.38
N LYS A 129 -4.68 -5.27 10.93
CA LYS A 129 -5.98 -5.92 11.06
C LYS A 129 -7.03 -4.82 11.20
N ALA A 130 -7.54 -4.28 10.08
CA ALA A 130 -8.51 -3.20 10.12
C ALA A 130 -9.91 -3.79 10.33
N THR A 131 -10.84 -2.96 10.83
CA THR A 131 -12.21 -3.36 11.18
C THR A 131 -12.94 -4.02 10.00
N ASP A 132 -12.63 -3.60 8.77
CA ASP A 132 -13.17 -4.19 7.55
C ASP A 132 -12.74 -5.66 7.35
N GLY A 133 -11.86 -6.19 8.21
CA GLY A 133 -11.28 -7.53 8.07
C GLY A 133 -10.00 -7.49 7.26
N ARG A 134 -9.45 -6.30 6.96
CA ARG A 134 -8.28 -6.17 6.12
C ARG A 134 -7.09 -6.50 7.02
N THR A 135 -6.68 -7.76 6.96
CA THR A 135 -5.69 -8.37 7.82
C THR A 135 -4.52 -8.77 6.94
N LEU A 136 -3.32 -8.30 7.25
CA LEU A 136 -2.16 -8.49 6.37
C LEU A 136 -0.89 -8.42 7.19
N ASN A 137 0.08 -9.27 6.86
CA ASN A 137 1.42 -9.33 7.43
C ASN A 137 2.35 -8.67 6.42
N VAL A 138 3.21 -7.78 6.89
CA VAL A 138 4.08 -6.96 6.07
C VAL A 138 5.44 -6.95 6.76
N ALA A 139 6.49 -6.57 6.03
CA ALA A 139 7.84 -6.37 6.54
C ALA A 139 8.13 -4.86 6.50
N ALA A 140 8.64 -4.30 7.59
CA ALA A 140 8.92 -2.87 7.73
C ALA A 140 10.40 -2.67 8.00
N THR A 141 11.03 -1.71 7.30
CA THR A 141 12.45 -1.44 7.44
C THR A 141 12.66 -0.51 8.64
N VAL A 142 13.55 -0.87 9.56
CA VAL A 142 13.82 -0.01 10.70
C VAL A 142 14.97 0.92 10.32
N LYS A 143 14.69 2.19 10.10
CA LYS A 143 15.70 3.20 9.87
C LYS A 143 15.13 4.58 10.21
N LYS A 144 15.78 5.33 11.10
CA LYS A 144 15.36 6.68 11.44
C LYS A 144 15.63 7.65 10.29
N ASN A 145 14.83 7.55 9.23
CA ASN A 145 14.86 8.43 8.06
C ASN A 145 14.78 9.88 8.53
N ILE A 146 15.91 10.60 8.50
CA ILE A 146 16.09 12.01 8.87
C ILE A 146 15.76 12.40 10.33
N GLU A 147 14.92 11.64 11.03
CA GLU A 147 14.45 11.94 12.38
C GLU A 147 15.64 12.25 13.31
N GLY A 148 15.71 13.47 13.82
CA GLY A 148 16.86 13.95 14.58
C GLY A 148 18.04 14.24 13.65
N ARG A 149 18.53 13.20 12.98
CA ARG A 149 19.69 13.16 12.09
C ARG A 149 20.97 12.94 12.91
CU CU1 B . 2.11 11.30 16.76
N MET A 1 -10.69 -24.49 -88.26
CA MET A 1 -10.69 -23.07 -87.83
C MET A 1 -11.39 -23.03 -86.48
N GLY A 2 -11.21 -21.95 -85.71
CA GLY A 2 -11.78 -21.83 -84.38
C GLY A 2 -10.87 -22.50 -83.35
N HIS A 3 -10.46 -21.75 -82.32
CA HIS A 3 -9.68 -22.21 -81.20
C HIS A 3 -9.76 -21.14 -80.11
N THR A 4 -9.56 -21.52 -78.85
CA THR A 4 -9.40 -20.61 -77.73
C THR A 4 -8.87 -21.44 -76.55
N MET A 5 -8.65 -20.78 -75.41
CA MET A 5 -8.21 -21.37 -74.16
C MET A 5 -8.40 -20.35 -73.03
N PRO A 6 -9.63 -20.04 -72.62
CA PRO A 6 -9.89 -19.10 -71.55
C PRO A 6 -9.48 -19.71 -70.21
N ALA A 7 -8.94 -18.89 -69.30
CA ALA A 7 -8.57 -19.30 -67.96
C ALA A 7 -8.41 -18.05 -67.10
N HIS A 8 -8.65 -18.17 -65.79
CA HIS A 8 -8.38 -17.14 -64.80
C HIS A 8 -8.43 -17.84 -63.43
N THR A 9 -8.01 -17.15 -62.36
CA THR A 9 -7.90 -17.72 -61.02
C THR A 9 -7.55 -16.60 -60.01
N PRO A 10 -8.47 -15.66 -59.73
CA PRO A 10 -8.20 -14.57 -58.80
C PRO A 10 -8.10 -15.11 -57.37
N PRO A 11 -6.96 -14.97 -56.67
CA PRO A 11 -6.79 -15.49 -55.32
C PRO A 11 -7.39 -14.52 -54.29
N ALA A 12 -7.69 -15.02 -53.09
CA ALA A 12 -8.12 -14.23 -51.95
C ALA A 12 -7.92 -15.08 -50.70
N GLN A 13 -7.65 -14.44 -49.55
CA GLN A 13 -7.46 -15.09 -48.26
C GLN A 13 -7.43 -14.01 -47.18
N THR A 14 -7.73 -14.37 -45.93
CA THR A 14 -7.53 -13.56 -44.74
C THR A 14 -7.75 -14.47 -43.53
N ALA A 15 -7.51 -13.95 -42.32
CA ALA A 15 -7.66 -14.66 -41.06
C ALA A 15 -7.40 -13.72 -39.87
N PRO A 16 -8.26 -12.71 -39.62
CA PRO A 16 -8.10 -11.82 -38.49
C PRO A 16 -8.46 -12.55 -37.19
N ALA A 17 -7.77 -12.23 -36.09
CA ALA A 17 -8.05 -12.76 -34.77
C ALA A 17 -7.37 -11.86 -33.73
N ALA A 18 -7.93 -11.80 -32.51
CA ALA A 18 -7.38 -11.08 -31.37
C ALA A 18 -8.18 -11.53 -30.15
N GLN A 19 -7.60 -11.40 -28.94
CA GLN A 19 -8.26 -11.75 -27.69
C GLN A 19 -7.47 -11.10 -26.55
N LYS A 20 -8.10 -10.96 -25.38
CA LYS A 20 -7.51 -10.55 -24.11
C LYS A 20 -8.64 -10.60 -23.08
N ALA A 21 -8.29 -10.46 -21.80
CA ALA A 21 -9.21 -10.50 -20.65
C ALA A 21 -8.41 -10.03 -19.42
N GLY A 22 -9.05 -10.03 -18.25
CA GLY A 22 -8.42 -9.75 -16.97
C GLY A 22 -9.25 -10.44 -15.89
N ALA A 23 -8.71 -10.57 -14.68
CA ALA A 23 -9.35 -11.28 -13.57
C ALA A 23 -8.58 -10.96 -12.28
N GLN A 24 -9.00 -11.57 -11.17
CA GLN A 24 -8.42 -11.43 -9.84
C GLN A 24 -8.72 -10.04 -9.24
N ALA A 25 -8.25 -9.82 -8.00
CA ALA A 25 -8.45 -8.61 -7.22
C ALA A 25 -7.40 -8.63 -6.11
N LEU A 26 -7.35 -7.58 -5.28
CA LEU A 26 -6.36 -7.42 -4.23
C LEU A 26 -7.03 -6.63 -3.08
N PRO A 27 -6.92 -7.05 -1.81
CA PRO A 27 -7.44 -6.26 -0.71
C PRO A 27 -6.66 -4.96 -0.61
N VAL A 28 -7.28 -3.88 -0.12
CA VAL A 28 -6.75 -2.53 -0.25
C VAL A 28 -5.72 -2.24 0.85
N THR A 29 -4.73 -3.13 0.99
CA THR A 29 -3.87 -3.16 2.15
C THR A 29 -2.57 -3.88 1.79
N VAL A 30 -1.87 -3.43 0.74
CA VAL A 30 -0.57 -3.97 0.36
C VAL A 30 0.53 -3.03 0.82
N GLN A 31 0.56 -2.79 2.14
CA GLN A 31 1.62 -2.08 2.84
C GLN A 31 2.60 -3.07 3.48
N GLY A 32 3.62 -2.55 4.16
CA GLY A 32 4.50 -3.27 5.07
C GLY A 32 4.72 -2.38 6.29
N ALA A 33 5.95 -2.26 6.80
CA ALA A 33 6.29 -1.22 7.74
C ALA A 33 7.81 -1.01 7.79
N THR A 34 8.24 0.26 7.71
CA THR A 34 9.58 0.67 8.03
C THR A 34 9.44 1.81 9.05
N VAL A 35 10.24 1.81 10.14
CA VAL A 35 10.08 2.74 11.25
C VAL A 35 11.38 3.53 11.43
N ALA A 36 11.29 4.86 11.63
CA ALA A 36 12.46 5.73 11.63
C ALA A 36 13.26 5.68 12.94
N ALA A 37 13.49 4.48 13.47
CA ALA A 37 13.93 4.19 14.83
C ALA A 37 13.51 5.30 15.80
N VAL A 38 14.44 5.98 16.46
CA VAL A 38 14.21 7.28 17.08
C VAL A 38 15.03 8.30 16.29
N PRO A 39 14.40 9.24 15.57
CA PRO A 39 15.11 10.38 15.01
C PRO A 39 15.69 11.21 16.15
N PRO A 40 16.65 12.12 15.88
CA PRO A 40 17.19 12.99 16.92
C PRO A 40 16.19 14.11 17.26
N SER A 41 15.02 13.72 17.78
CA SER A 41 13.95 14.63 18.12
C SER A 41 12.97 13.91 19.04
N ILE A 42 13.44 13.49 20.23
CA ILE A 42 12.64 12.92 21.29
C ILE A 42 12.24 11.47 20.94
N ARG A 43 11.84 10.68 21.94
CA ARG A 43 11.42 9.30 21.79
C ARG A 43 10.11 9.10 21.00
N ASP A 44 9.73 10.03 20.12
CA ASP A 44 8.66 9.83 19.17
C ASP A 44 9.27 9.46 17.84
N THR A 45 8.48 8.82 17.00
CA THR A 45 8.88 8.35 15.70
C THR A 45 7.61 8.02 14.96
N ALA A 46 7.73 7.48 13.74
CA ALA A 46 6.60 7.01 12.99
C ALA A 46 7.05 5.93 12.01
N ALA A 47 6.07 5.25 11.42
CA ALA A 47 6.33 4.39 10.28
C ALA A 47 6.39 5.25 9.02
N TYR A 48 6.99 4.72 7.96
CA TYR A 48 7.09 5.34 6.65
C TYR A 48 6.66 4.26 5.66
N MET A 49 5.44 4.39 5.14
CA MET A 49 4.74 3.40 4.34
C MET A 49 3.60 4.05 3.56
N THR A 50 2.73 3.26 2.91
CA THR A 50 1.62 3.75 2.12
C THR A 50 0.52 2.68 2.14
N LEU A 51 -0.72 3.06 2.46
CA LEU A 51 -1.88 2.22 2.25
C LEU A 51 -2.34 2.43 0.83
N THR A 52 -2.65 1.32 0.14
CA THR A 52 -2.85 1.28 -1.30
C THR A 52 -4.23 0.73 -1.63
N ASN A 53 -5.17 1.59 -2.01
CA ASN A 53 -6.42 1.13 -2.62
C ASN A 53 -6.20 0.77 -4.08
N LYS A 54 -6.32 -0.52 -4.39
CA LYS A 54 -6.43 -1.02 -5.75
C LYS A 54 -7.57 -2.05 -5.74
N SER A 55 -8.79 -1.56 -5.54
CA SER A 55 -10.03 -2.34 -5.47
C SER A 55 -11.25 -1.45 -5.27
N ASP A 56 -11.10 -0.35 -4.52
CA ASP A 56 -12.16 0.55 -4.07
C ASP A 56 -13.00 -0.08 -2.96
N GLN A 57 -12.47 -0.09 -1.74
CA GLN A 57 -13.22 -0.40 -0.54
C GLN A 57 -12.75 0.49 0.63
N PRO A 58 -13.65 0.86 1.56
CA PRO A 58 -13.30 1.59 2.77
C PRO A 58 -12.89 0.62 3.89
N ILE A 59 -11.60 0.61 4.31
CA ILE A 59 -11.10 -0.26 5.38
C ILE A 59 -10.45 0.62 6.46
N LYS A 60 -11.16 0.91 7.56
CA LYS A 60 -10.68 1.84 8.57
C LYS A 60 -9.72 1.14 9.56
N LEU A 61 -8.42 1.41 9.39
CA LEU A 61 -7.36 0.78 10.18
C LEU A 61 -7.20 1.50 11.52
N VAL A 62 -7.28 0.78 12.64
CA VAL A 62 -7.19 1.38 13.97
C VAL A 62 -6.44 0.43 14.91
N GLY A 63 -5.24 0.01 14.52
CA GLY A 63 -4.35 -0.69 15.40
C GLY A 63 -2.93 -0.61 14.87
N ALA A 64 -1.97 -0.52 15.79
CA ALA A 64 -0.55 -0.70 15.57
C ALA A 64 0.07 -1.10 16.90
N ALA A 65 -0.28 -2.28 17.39
CA ALA A 65 0.17 -2.81 18.66
C ALA A 65 1.55 -3.42 18.46
N THR A 66 2.41 -3.37 19.48
CA THR A 66 3.83 -3.60 19.31
C THR A 66 4.51 -3.72 20.68
N PRO A 67 5.62 -4.47 20.78
CA PRO A 67 6.49 -4.44 21.94
C PRO A 67 7.41 -3.20 21.94
N LEU A 68 7.34 -2.34 20.91
CA LEU A 68 8.36 -1.34 20.61
C LEU A 68 7.94 0.10 20.99
N ALA A 69 6.65 0.41 20.83
CA ALA A 69 6.08 1.72 21.13
C ALA A 69 5.29 1.66 22.44
N THR A 70 5.63 2.51 23.40
CA THR A 70 4.86 2.67 24.63
C THR A 70 3.54 3.37 24.35
N SER A 71 3.52 4.23 23.32
CA SER A 71 2.44 5.14 23.01
C SER A 71 2.14 5.11 21.50
N PRO A 72 1.60 4.00 20.97
CA PRO A 72 1.21 3.91 19.58
C PRO A 72 -0.10 4.67 19.34
N MET A 73 -0.05 5.74 18.53
CA MET A 73 -1.22 6.56 18.25
C MET A 73 -1.25 6.96 16.77
N LEU A 74 -2.45 6.96 16.18
CA LEU A 74 -2.70 7.31 14.79
C LEU A 74 -2.82 8.83 14.65
N MET A 75 -2.35 9.37 13.51
CA MET A 75 -2.28 10.79 13.22
C MET A 75 -2.55 11.04 11.75
N THR A 76 -2.74 12.30 11.35
CA THR A 76 -2.67 12.67 9.94
C THR A 76 -2.09 14.06 9.78
N THR A 77 -1.53 14.38 8.61
CA THR A 77 -1.08 15.74 8.28
C THR A 77 -1.08 15.91 6.77
N THR A 78 -2.25 15.78 6.15
CA THR A 78 -2.38 15.85 4.69
C THR A 78 -3.81 16.29 4.35
N HIS A 79 -3.93 17.17 3.36
CA HIS A 79 -5.21 17.54 2.77
C HIS A 79 -5.62 16.46 1.77
N SER A 80 -4.65 15.94 1.02
CA SER A 80 -4.84 14.90 0.03
C SER A 80 -5.34 13.59 0.66
N GLY A 81 -4.74 13.21 1.79
CA GLY A 81 -5.10 11.99 2.50
C GLY A 81 -6.17 12.26 3.55
N GLY A 82 -5.90 11.85 4.80
CA GLY A 82 -6.86 11.93 5.90
C GLY A 82 -7.29 13.36 6.24
N MET A 83 -6.42 14.12 6.92
CA MET A 83 -6.72 15.47 7.40
C MET A 83 -5.42 16.20 7.75
N ALA A 84 -5.44 17.53 7.83
CA ALA A 84 -4.28 18.35 8.13
C ALA A 84 -4.16 18.46 9.65
N GLY A 85 -4.16 17.32 10.32
CA GLY A 85 -4.53 17.22 11.72
C GLY A 85 -3.54 16.41 12.53
N MET A 86 -2.34 16.94 12.78
CA MET A 86 -1.25 16.17 13.40
C MET A 86 -1.45 16.10 14.92
N LYS A 87 -2.53 15.44 15.31
CA LYS A 87 -3.01 15.25 16.66
C LYS A 87 -3.44 13.80 16.85
N MET A 88 -3.70 13.41 18.10
CA MET A 88 -3.99 12.03 18.47
C MET A 88 -5.46 11.71 18.15
N VAL A 89 -5.74 11.58 16.86
CA VAL A 89 -7.07 11.21 16.38
C VAL A 89 -7.37 9.75 16.72
N PRO A 90 -8.65 9.36 16.76
CA PRO A 90 -9.06 7.96 16.74
C PRO A 90 -8.29 7.14 15.69
N TRP A 91 -8.29 7.61 14.44
CA TRP A 91 -7.71 6.96 13.27
C TRP A 91 -8.07 7.77 12.02
N LEU A 92 -8.03 7.12 10.86
CA LEU A 92 -8.61 7.58 9.62
C LEU A 92 -9.47 6.45 9.08
N THR A 93 -10.64 6.77 8.54
CA THR A 93 -11.40 5.87 7.69
C THR A 93 -10.89 6.08 6.27
N ILE A 94 -10.01 5.21 5.77
CA ILE A 94 -9.45 5.37 4.44
C ILE A 94 -10.50 4.79 3.47
N PRO A 95 -10.98 5.57 2.49
CA PRO A 95 -12.13 5.19 1.68
C PRO A 95 -11.73 4.29 0.51
N ALA A 96 -12.69 4.01 -0.38
CA ALA A 96 -12.37 3.65 -1.76
C ALA A 96 -11.40 4.70 -2.34
N ARG A 97 -10.51 4.32 -3.27
CA ARG A 97 -9.34 5.12 -3.68
C ARG A 97 -8.46 5.59 -2.53
N GLY A 98 -8.67 5.14 -1.30
CA GLY A 98 -7.89 5.52 -0.15
C GLY A 98 -6.45 5.02 -0.33
N THR A 99 -5.62 5.86 -0.92
CA THR A 99 -4.24 5.60 -1.26
C THR A 99 -3.38 6.55 -0.45
N LEU A 100 -3.43 6.38 0.87
CA LEU A 100 -2.85 7.34 1.80
C LEU A 100 -1.39 6.99 2.05
N THR A 101 -0.61 8.00 2.42
CA THR A 101 0.83 7.97 2.46
C THR A 101 1.21 8.20 3.91
N LEU A 102 1.72 7.14 4.55
CA LEU A 102 2.03 7.07 5.96
C LEU A 102 3.43 7.67 6.11
N GLN A 103 3.53 8.92 6.59
CA GLN A 103 4.81 9.64 6.58
C GLN A 103 4.88 10.66 7.71
N ARG A 104 6.06 11.25 7.93
CA ARG A 104 6.32 12.26 8.97
C ARG A 104 5.12 13.20 9.15
N ASP A 105 4.60 13.70 8.02
CA ASP A 105 3.44 14.55 7.94
C ASP A 105 2.49 13.95 6.89
N GLY A 106 1.52 13.15 7.32
CA GLY A 106 0.56 12.46 6.45
C GLY A 106 0.17 11.10 7.01
N ASP A 107 -1.12 10.92 7.33
CA ASP A 107 -1.80 9.69 7.74
C ASP A 107 -0.86 8.66 8.39
N HIS A 108 -0.29 9.00 9.55
CA HIS A 108 0.82 8.26 10.10
C HIS A 108 0.49 7.60 11.42
N VAL A 109 1.28 6.58 11.78
CA VAL A 109 1.24 5.93 13.06
C VAL A 109 2.44 6.46 13.84
N MET A 110 2.21 7.19 14.92
CA MET A 110 3.28 7.57 15.83
C MET A 110 3.52 6.39 16.77
N LEU A 111 4.52 5.59 16.43
CA LEU A 111 4.98 4.48 17.26
C LEU A 111 5.91 5.04 18.33
N MET A 112 5.36 5.94 19.16
CA MET A 112 6.14 6.73 20.10
C MET A 112 6.40 5.94 21.38
N GLY A 113 7.44 6.33 22.14
CA GLY A 113 7.52 6.04 23.55
C GLY A 113 8.77 5.28 24.00
N LEU A 114 9.59 4.80 23.05
CA LEU A 114 10.82 4.06 23.29
C LEU A 114 10.63 2.94 24.34
N LYS A 115 9.85 1.92 23.98
CA LYS A 115 9.52 0.82 24.88
C LYS A 115 10.69 -0.15 25.00
N ARG A 116 11.39 -0.38 23.88
CA ARG A 116 12.60 -1.17 23.76
C ARG A 116 13.49 -0.41 22.78
N PRO A 117 14.83 -0.54 22.86
CA PRO A 117 15.74 0.23 22.03
C PRO A 117 15.51 -0.03 20.54
N LEU A 118 14.98 0.97 19.82
CA LEU A 118 14.81 0.91 18.39
C LEU A 118 16.20 0.94 17.72
N LYS A 119 16.69 -0.22 17.33
CA LYS A 119 18.04 -0.43 16.81
C LYS A 119 17.98 -0.43 15.29
N VAL A 120 18.63 0.55 14.67
CA VAL A 120 18.84 0.60 13.23
C VAL A 120 19.32 -0.76 12.72
N GLY A 121 18.54 -1.39 11.82
CA GLY A 121 18.91 -2.64 11.18
C GLY A 121 18.03 -3.79 11.64
N GLU A 122 17.41 -3.69 12.84
CA GLU A 122 16.58 -4.78 13.30
C GLU A 122 15.23 -4.73 12.59
N THR A 123 14.37 -5.62 13.04
CA THR A 123 13.02 -5.79 12.57
C THR A 123 12.20 -6.39 13.70
N VAL A 124 11.02 -5.81 13.97
CA VAL A 124 10.19 -6.14 15.10
C VAL A 124 8.77 -6.40 14.61
N ASN A 125 8.11 -7.44 15.11
CA ASN A 125 6.74 -7.77 14.74
C ASN A 125 5.78 -6.82 15.45
N ILE A 126 5.09 -5.97 14.69
CA ILE A 126 3.91 -5.24 15.14
C ILE A 126 2.66 -6.05 14.79
N THR A 127 1.48 -5.57 15.20
CA THR A 127 0.21 -6.17 14.83
C THR A 127 -0.86 -5.08 14.72
N LEU A 128 -1.56 -5.01 13.58
CA LEU A 128 -2.61 -4.01 13.34
C LEU A 128 -3.99 -4.54 13.73
N LYS A 129 -5.04 -3.72 13.58
CA LYS A 129 -6.43 -4.07 13.74
C LYS A 129 -7.27 -3.06 12.96
N ALA A 130 -7.78 -3.44 11.79
CA ALA A 130 -8.78 -2.67 11.08
C ALA A 130 -10.17 -3.10 11.50
N THR A 131 -10.98 -2.15 11.99
CA THR A 131 -12.36 -2.42 12.37
C THR A 131 -13.23 -2.36 11.10
N ASP A 132 -12.93 -3.30 10.19
CA ASP A 132 -13.54 -3.53 8.88
C ASP A 132 -12.90 -4.82 8.38
N GLY A 133 -11.57 -4.76 8.21
CA GLY A 133 -10.76 -5.82 7.66
C GLY A 133 -10.40 -6.86 8.72
N ARG A 134 -9.20 -6.75 9.31
CA ARG A 134 -8.67 -7.77 10.20
C ARG A 134 -7.57 -7.17 11.07
N THR A 135 -7.08 -7.99 11.99
CA THR A 135 -5.77 -7.88 12.60
C THR A 135 -4.81 -8.69 11.74
N LEU A 136 -3.54 -8.29 11.71
CA LEU A 136 -2.48 -8.95 10.97
C LEU A 136 -1.18 -8.58 11.68
N ASN A 137 -0.24 -9.53 11.76
CA ASN A 137 1.07 -9.38 12.34
C ASN A 137 2.01 -8.99 11.22
N VAL A 138 2.83 -7.96 11.44
CA VAL A 138 3.55 -7.30 10.36
C VAL A 138 4.96 -7.03 10.87
N ALA A 139 5.98 -7.43 10.11
CA ALA A 139 7.37 -7.27 10.48
C ALA A 139 7.82 -5.86 10.08
N ALA A 140 8.01 -4.99 11.07
CA ALA A 140 8.42 -3.61 10.88
C ALA A 140 9.94 -3.51 10.97
N THR A 141 10.59 -3.06 9.89
CA THR A 141 12.04 -2.90 9.88
C THR A 141 12.41 -1.54 10.48
N VAL A 142 13.38 -1.52 11.39
CA VAL A 142 13.68 -0.37 12.21
C VAL A 142 14.92 0.28 11.62
N LYS A 143 14.79 1.48 11.04
CA LYS A 143 15.92 2.20 10.47
C LYS A 143 15.63 3.70 10.38
N LYS A 144 16.39 4.54 11.08
CA LYS A 144 16.29 6.00 10.96
C LYS A 144 17.12 6.52 9.78
N ASN A 145 17.01 7.82 9.52
CA ASN A 145 17.71 8.53 8.45
C ASN A 145 17.45 7.91 7.07
N ILE A 146 18.02 8.48 6.01
CA ILE A 146 18.07 7.79 4.73
C ILE A 146 18.93 6.56 5.00
N GLU A 147 18.32 5.38 4.97
CA GLU A 147 18.98 4.15 5.38
C GLU A 147 18.45 3.00 4.53
N GLY A 148 19.36 2.17 4.04
CA GLY A 148 19.08 1.01 3.21
C GLY A 148 18.59 1.38 1.81
N ARG A 149 17.37 1.93 1.72
CA ARG A 149 16.61 2.23 0.53
C ARG A 149 15.33 2.93 1.03
CU CU1 B . 2.06 12.80 14.67
N MET A 1 -20.24 -20.43 -77.09
CA MET A 1 -20.85 -20.56 -78.42
C MET A 1 -20.66 -19.23 -79.14
N GLY A 2 -21.74 -18.57 -79.58
CA GLY A 2 -21.66 -17.21 -80.12
C GLY A 2 -20.92 -16.27 -79.18
N HIS A 3 -21.09 -16.47 -77.87
CA HIS A 3 -20.27 -15.87 -76.84
C HIS A 3 -20.05 -16.90 -75.73
N THR A 4 -19.35 -16.50 -74.66
CA THR A 4 -19.04 -17.22 -73.44
C THR A 4 -18.16 -16.29 -72.59
N MET A 5 -18.18 -16.43 -71.27
CA MET A 5 -17.47 -15.54 -70.35
C MET A 5 -17.11 -16.33 -69.08
N PRO A 6 -15.87 -16.26 -68.59
CA PRO A 6 -15.45 -16.93 -67.37
C PRO A 6 -15.88 -16.11 -66.14
N ALA A 7 -15.59 -16.63 -64.95
CA ALA A 7 -15.80 -15.96 -63.67
C ALA A 7 -14.78 -16.53 -62.68
N HIS A 8 -14.60 -15.87 -61.53
CA HIS A 8 -13.68 -16.27 -60.47
C HIS A 8 -14.11 -15.52 -59.20
N THR A 9 -13.50 -15.84 -58.05
CA THR A 9 -13.76 -15.17 -56.78
C THR A 9 -12.51 -15.30 -55.91
N PRO A 10 -12.10 -14.26 -55.15
CA PRO A 10 -10.88 -14.30 -54.36
C PRO A 10 -11.08 -15.16 -53.09
N PRO A 11 -9.99 -15.69 -52.52
CA PRO A 11 -10.03 -16.39 -51.24
C PRO A 11 -10.12 -15.36 -50.09
N ALA A 12 -10.25 -15.86 -48.86
CA ALA A 12 -10.22 -15.07 -47.64
C ALA A 12 -9.66 -15.94 -46.52
N GLN A 13 -9.10 -15.32 -45.47
CA GLN A 13 -8.45 -15.99 -44.35
C GLN A 13 -8.29 -14.93 -43.25
N THR A 14 -7.96 -15.35 -42.03
CA THR A 14 -7.60 -14.46 -40.93
C THR A 14 -6.61 -15.22 -40.02
N ALA A 15 -6.16 -14.56 -38.94
CA ALA A 15 -5.16 -15.07 -38.03
C ALA A 15 -5.27 -14.32 -36.69
N PRO A 16 -5.81 -14.94 -35.64
CA PRO A 16 -5.99 -14.28 -34.34
C PRO A 16 -4.65 -14.16 -33.62
N ALA A 17 -4.08 -12.96 -33.56
CA ALA A 17 -2.85 -12.67 -32.83
C ALA A 17 -3.10 -12.75 -31.32
N ALA A 18 -3.25 -13.97 -30.80
CA ALA A 18 -3.61 -14.27 -29.42
C ALA A 18 -2.48 -13.94 -28.42
N GLN A 19 -2.15 -12.66 -28.28
CA GLN A 19 -1.30 -12.18 -27.20
C GLN A 19 -2.00 -12.39 -25.85
N LYS A 20 -1.23 -12.45 -24.77
CA LYS A 20 -1.71 -12.75 -23.43
C LYS A 20 -0.60 -12.35 -22.45
N ALA A 21 -0.98 -11.94 -21.24
CA ALA A 21 -0.08 -11.45 -20.20
C ALA A 21 -0.90 -11.30 -18.91
N GLY A 22 -0.28 -10.78 -17.84
CA GLY A 22 -0.98 -10.45 -16.61
C GLY A 22 -1.47 -11.70 -15.86
N ALA A 23 -0.62 -12.72 -15.79
CA ALA A 23 -0.94 -13.96 -15.09
C ALA A 23 -0.87 -13.79 -13.57
N GLN A 24 0.21 -13.14 -13.10
CA GLN A 24 0.49 -12.99 -11.68
C GLN A 24 -0.31 -11.85 -11.04
N ALA A 25 -0.31 -11.82 -9.71
CA ALA A 25 -0.94 -10.78 -8.88
C ALA A 25 -0.08 -10.61 -7.61
N LEU A 26 -0.43 -9.63 -6.76
CA LEU A 26 0.35 -9.31 -5.57
C LEU A 26 -0.59 -8.68 -4.53
N PRO A 27 -0.57 -9.10 -3.27
CA PRO A 27 -1.36 -8.48 -2.22
C PRO A 27 -0.83 -7.06 -1.95
N VAL A 28 -1.72 -6.11 -1.72
CA VAL A 28 -1.43 -4.69 -1.89
C VAL A 28 -0.73 -4.09 -0.66
N THR A 29 0.38 -4.69 -0.23
CA THR A 29 1.15 -4.20 0.91
C THR A 29 2.57 -4.77 0.86
N VAL A 30 3.27 -4.58 -0.27
CA VAL A 30 4.61 -5.13 -0.44
C VAL A 30 5.66 -4.19 0.15
N GLN A 31 5.62 -4.01 1.48
CA GLN A 31 6.68 -3.34 2.23
C GLN A 31 6.67 -3.81 3.69
N GLY A 32 7.83 -3.82 4.33
CA GLY A 32 7.99 -4.07 5.77
C GLY A 32 8.07 -2.72 6.48
N ALA A 33 7.54 -2.63 7.70
CA ALA A 33 7.43 -1.35 8.39
C ALA A 33 8.73 -0.97 9.08
N THR A 34 8.90 0.32 9.39
CA THR A 34 9.88 0.80 10.34
C THR A 34 9.12 1.59 11.41
N VAL A 35 9.49 1.46 12.69
CA VAL A 35 9.04 2.37 13.75
C VAL A 35 10.22 3.25 14.12
N ALA A 36 9.99 4.55 14.31
CA ALA A 36 11.08 5.49 14.54
C ALA A 36 11.60 5.47 15.98
N ALA A 37 11.73 4.28 16.55
CA ALA A 37 12.11 4.01 17.94
C ALA A 37 11.57 5.07 18.91
N VAL A 38 12.37 5.51 19.88
CA VAL A 38 12.16 6.76 20.59
C VAL A 38 13.05 7.79 19.91
N PRO A 39 12.51 8.75 19.16
CA PRO A 39 13.27 9.92 18.73
C PRO A 39 13.43 10.84 19.96
N PRO A 40 14.32 11.84 19.91
CA PRO A 40 14.53 12.77 21.02
C PRO A 40 13.34 13.73 21.16
N SER A 41 12.15 13.20 21.48
CA SER A 41 10.93 13.96 21.69
C SER A 41 9.90 13.08 22.42
N ILE A 42 10.30 12.55 23.59
CA ILE A 42 9.45 11.73 24.45
C ILE A 42 9.25 10.35 23.80
N ARG A 43 8.66 9.38 24.52
CA ARG A 43 8.37 8.04 24.00
C ARG A 43 7.74 8.07 22.61
N ASP A 44 6.83 9.01 22.43
CA ASP A 44 6.00 9.21 21.27
C ASP A 44 6.81 9.24 19.98
N THR A 45 6.25 8.64 18.93
CA THR A 45 6.99 8.29 17.74
C THR A 45 6.01 8.03 16.59
N ALA A 46 6.51 7.55 15.45
CA ALA A 46 5.73 7.26 14.28
C ALA A 46 6.29 6.07 13.50
N ALA A 47 5.44 5.45 12.67
CA ALA A 47 5.81 4.42 11.72
C ALA A 47 6.15 5.08 10.38
N TYR A 48 7.13 4.51 9.68
CA TYR A 48 7.61 4.97 8.39
C TYR A 48 7.59 3.70 7.53
N MET A 49 6.81 3.72 6.45
CA MET A 49 6.63 2.58 5.55
C MET A 49 6.07 3.09 4.23
N THR A 50 5.72 2.17 3.33
CA THR A 50 5.08 2.45 2.06
C THR A 50 3.88 1.50 1.92
N LEU A 51 2.71 1.99 1.48
CA LEU A 51 1.69 1.11 0.93
C LEU A 51 1.92 1.16 -0.56
N THR A 52 2.19 0.02 -1.18
CA THR A 52 2.45 -0.11 -2.60
C THR A 52 1.26 -0.85 -3.21
N ASN A 53 0.17 -0.13 -3.47
CA ASN A 53 -1.06 -0.79 -3.88
C ASN A 53 -1.01 -1.09 -5.39
N LYS A 54 -0.55 -2.29 -5.74
CA LYS A 54 -0.47 -2.70 -7.14
C LYS A 54 -1.82 -3.22 -7.64
N SER A 55 -2.88 -2.40 -7.53
CA SER A 55 -4.15 -2.63 -8.21
C SER A 55 -5.03 -1.40 -8.05
N ASP A 56 -6.00 -1.24 -8.93
CA ASP A 56 -6.97 -0.15 -8.86
C ASP A 56 -8.07 -0.54 -7.88
N GLN A 57 -7.72 -0.76 -6.61
CA GLN A 57 -8.63 -1.27 -5.59
C GLN A 57 -8.51 -0.47 -4.28
N PRO A 58 -9.58 0.21 -3.82
CA PRO A 58 -9.57 0.95 -2.57
C PRO A 58 -9.64 -0.01 -1.38
N ILE A 59 -8.67 0.05 -0.47
CA ILE A 59 -8.63 -0.77 0.75
C ILE A 59 -8.30 0.13 1.96
N LYS A 60 -9.28 0.43 2.82
CA LYS A 60 -9.11 1.43 3.86
C LYS A 60 -8.59 0.80 5.16
N LEU A 61 -7.44 1.25 5.65
CA LEU A 61 -6.76 0.61 6.77
C LEU A 61 -6.98 1.41 8.04
N VAL A 62 -7.44 0.74 9.12
CA VAL A 62 -7.77 1.36 10.39
C VAL A 62 -7.37 0.41 11.53
N GLY A 63 -6.10 0.04 11.55
CA GLY A 63 -5.50 -0.62 12.69
C GLY A 63 -3.99 -0.45 12.61
N ALA A 64 -3.33 -0.48 13.77
CA ALA A 64 -1.88 -0.59 13.91
C ALA A 64 -1.60 -1.13 15.31
N ALA A 65 -2.07 -2.34 15.59
CA ALA A 65 -1.99 -2.91 16.93
C ALA A 65 -0.62 -3.58 17.10
N THR A 66 0.03 -3.42 18.26
CA THR A 66 1.39 -3.89 18.44
C THR A 66 1.76 -3.83 19.92
N PRO A 67 2.68 -4.70 20.40
CA PRO A 67 3.31 -4.54 21.69
C PRO A 67 4.38 -3.43 21.61
N LEU A 68 3.95 -2.23 21.18
CA LEU A 68 4.73 -0.99 21.19
C LEU A 68 3.83 0.13 21.70
N ALA A 69 3.00 0.70 20.83
CA ALA A 69 2.18 1.87 21.12
C ALA A 69 1.02 1.51 22.04
N THR A 70 0.74 2.36 23.03
CA THR A 70 -0.55 2.41 23.69
C THR A 70 -1.52 3.25 22.86
N SER A 71 -1.02 4.26 22.12
CA SER A 71 -1.82 5.19 21.35
C SER A 71 -1.46 5.13 19.85
N PRO A 72 -1.83 4.07 19.12
CA PRO A 72 -1.63 3.98 17.69
C PRO A 72 -2.67 4.82 16.92
N MET A 73 -2.29 6.05 16.55
CA MET A 73 -3.16 6.98 15.83
C MET A 73 -2.73 7.07 14.36
N LEU A 74 -3.67 6.90 13.43
CA LEU A 74 -3.42 7.05 11.99
C LEU A 74 -3.52 8.52 11.59
N MET A 75 -2.70 8.94 10.62
CA MET A 75 -2.75 10.26 10.00
C MET A 75 -2.54 10.19 8.50
N THR A 76 -2.91 11.29 7.87
CA THR A 76 -2.89 11.60 6.47
C THR A 76 -1.71 12.51 6.12
N THR A 77 -1.38 12.60 4.83
CA THR A 77 -0.39 13.53 4.30
C THR A 77 -1.00 14.83 3.77
N THR A 78 -0.13 15.76 3.39
CA THR A 78 -0.50 17.07 2.91
C THR A 78 -0.44 17.06 1.38
N HIS A 79 -1.17 16.14 0.76
CA HIS A 79 -1.37 15.98 -0.69
C HIS A 79 -2.11 14.65 -0.90
N SER A 80 -2.21 14.25 -2.17
CA SER A 80 -2.72 13.00 -2.69
C SER A 80 -2.21 11.74 -1.98
N GLY A 81 -2.80 10.59 -2.30
CA GLY A 81 -2.59 9.35 -1.57
C GLY A 81 -3.38 9.44 -0.26
N GLY A 82 -2.96 10.37 0.59
CA GLY A 82 -3.81 10.97 1.60
C GLY A 82 -4.73 12.02 0.96
N MET A 83 -5.03 13.08 1.72
CA MET A 83 -5.97 14.14 1.34
C MET A 83 -5.20 15.46 1.18
N ALA A 84 -4.96 16.17 2.29
CA ALA A 84 -4.39 17.51 2.31
C ALA A 84 -4.31 18.01 3.76
N GLY A 85 -3.69 17.21 4.65
CA GLY A 85 -3.31 17.73 5.97
C GLY A 85 -3.22 16.65 7.04
N MET A 86 -2.29 16.83 7.99
CA MET A 86 -1.96 15.90 9.06
C MET A 86 -2.98 15.94 10.21
N LYS A 87 -4.27 15.98 9.86
CA LYS A 87 -5.36 16.10 10.81
C LYS A 87 -5.70 14.73 11.39
N MET A 88 -6.33 14.69 12.57
CA MET A 88 -6.63 13.43 13.27
C MET A 88 -7.90 12.81 12.68
N VAL A 89 -7.76 12.33 11.44
CA VAL A 89 -8.73 11.55 10.70
C VAL A 89 -9.11 10.26 11.47
N PRO A 90 -10.25 9.63 11.12
CA PRO A 90 -10.55 8.26 11.48
C PRO A 90 -9.40 7.28 11.22
N TRP A 91 -8.65 7.47 10.12
CA TRP A 91 -7.79 6.47 9.51
C TRP A 91 -7.24 6.96 8.17
N LEU A 92 -6.80 6.05 7.30
CA LEU A 92 -6.56 6.34 5.89
C LEU A 92 -7.40 5.40 5.00
N THR A 93 -8.36 5.98 4.26
CA THR A 93 -8.91 5.34 3.08
C THR A 93 -8.00 5.65 1.91
N ILE A 94 -7.19 4.67 1.51
CA ILE A 94 -6.35 4.80 0.33
C ILE A 94 -7.25 4.47 -0.86
N PRO A 95 -7.45 5.37 -1.82
CA PRO A 95 -8.31 5.08 -2.94
C PRO A 95 -7.51 4.37 -4.02
N ALA A 96 -8.09 3.32 -4.62
CA ALA A 96 -7.50 2.61 -5.74
C ALA A 96 -6.05 2.22 -5.42
N ARG A 97 -5.18 2.39 -6.40
CA ARG A 97 -3.75 2.16 -6.37
C ARG A 97 -3.02 3.16 -5.46
N GLY A 98 -3.39 3.20 -4.19
CA GLY A 98 -2.73 4.04 -3.22
C GLY A 98 -1.29 3.58 -2.97
N THR A 99 -0.39 4.09 -3.81
CA THR A 99 1.04 4.09 -3.60
C THR A 99 1.39 5.33 -2.77
N LEU A 100 0.94 5.36 -1.52
CA LEU A 100 1.30 6.41 -0.57
C LEU A 100 2.38 5.88 0.37
N THR A 101 2.91 6.73 1.25
CA THR A 101 4.08 6.38 2.03
C THR A 101 4.13 7.19 3.31
N LEU A 102 4.32 6.48 4.42
CA LEU A 102 4.17 6.95 5.75
C LEU A 102 5.47 7.63 6.18
N GLN A 103 5.39 8.88 6.65
CA GLN A 103 6.49 9.79 6.92
C GLN A 103 6.14 10.65 8.13
N ARG A 104 7.16 11.14 8.84
CA ARG A 104 7.01 12.04 9.99
C ARG A 104 6.23 13.33 9.64
N ASP A 105 6.28 13.77 8.38
CA ASP A 105 5.56 14.96 7.92
C ASP A 105 4.09 14.66 7.68
N GLY A 106 3.81 13.72 6.79
CA GLY A 106 2.47 13.53 6.26
C GLY A 106 2.29 12.08 5.82
N ASP A 107 1.13 11.51 6.17
CA ASP A 107 0.69 10.12 6.03
C ASP A 107 1.52 9.30 7.01
N HIS A 108 0.91 8.60 7.97
CA HIS A 108 1.68 7.87 9.00
C HIS A 108 0.77 7.19 10.01
N VAL A 109 1.37 6.35 10.86
CA VAL A 109 0.83 6.01 12.16
C VAL A 109 1.70 6.74 13.17
N MET A 110 1.13 7.57 14.04
CA MET A 110 1.78 8.00 15.26
C MET A 110 1.57 6.88 16.27
N LEU A 111 2.58 6.01 16.38
CA LEU A 111 2.60 4.88 17.30
C LEU A 111 2.97 5.45 18.68
N MET A 112 2.05 6.22 19.27
CA MET A 112 2.36 7.00 20.45
C MET A 112 2.20 6.21 21.75
N GLY A 113 2.72 6.78 22.82
CA GLY A 113 2.67 6.19 24.14
C GLY A 113 3.30 4.81 24.13
N LEU A 114 4.57 4.71 23.72
CA LEU A 114 5.25 3.42 23.69
C LEU A 114 5.30 2.85 25.10
N LYS A 115 4.77 1.63 25.31
CA LYS A 115 4.74 1.01 26.62
C LYS A 115 6.09 0.38 26.98
N ARG A 116 6.54 -0.60 26.20
CA ARG A 116 7.80 -1.30 26.42
C ARG A 116 9.00 -0.38 26.11
N PRO A 117 10.19 -0.64 26.69
CA PRO A 117 11.43 0.02 26.28
C PRO A 117 11.84 -0.45 24.88
N LEU A 118 12.32 0.49 24.06
CA LEU A 118 12.71 0.26 22.68
C LEU A 118 14.18 -0.17 22.57
N LYS A 119 14.63 -0.42 21.34
CA LYS A 119 15.96 -0.91 21.02
C LYS A 119 16.19 -0.64 19.53
N VAL A 120 16.90 0.43 19.19
CA VAL A 120 17.27 0.73 17.81
C VAL A 120 18.00 -0.49 17.22
N GLY A 121 17.45 -1.11 16.18
CA GLY A 121 18.03 -2.29 15.56
C GLY A 121 17.19 -3.53 15.83
N GLU A 122 16.24 -3.48 16.76
CA GLU A 122 15.33 -4.58 16.98
C GLU A 122 14.27 -4.56 15.89
N THR A 123 13.26 -5.38 16.10
CA THR A 123 12.11 -5.54 15.24
C THR A 123 10.98 -6.06 16.12
N VAL A 124 9.78 -5.53 15.94
CA VAL A 124 8.59 -5.96 16.65
C VAL A 124 7.50 -6.20 15.61
N ASN A 125 6.53 -7.06 15.90
CA ASN A 125 5.43 -7.28 14.97
C ASN A 125 4.40 -6.16 15.10
N ILE A 126 3.78 -5.79 13.99
CA ILE A 126 2.54 -5.03 13.95
C ILE A 126 1.45 -5.98 13.49
N THR A 127 0.24 -5.81 14.01
CA THR A 127 -0.96 -6.50 13.60
C THR A 127 -1.90 -5.44 13.05
N LEU A 128 -2.11 -5.51 11.75
CA LEU A 128 -2.92 -4.61 10.97
C LEU A 128 -4.32 -5.22 10.89
N LYS A 129 -5.34 -4.37 10.88
CA LYS A 129 -6.72 -4.77 10.69
C LYS A 129 -7.40 -3.68 9.88
N ALA A 130 -7.51 -3.90 8.56
CA ALA A 130 -8.21 -2.98 7.67
C ALA A 130 -9.70 -3.30 7.75
N THR A 131 -10.59 -2.31 7.70
CA THR A 131 -12.01 -2.62 7.87
C THR A 131 -12.51 -3.55 6.75
N ASP A 132 -11.92 -3.47 5.55
CA ASP A 132 -12.18 -4.41 4.47
C ASP A 132 -11.72 -5.83 4.86
N GLY A 133 -10.59 -5.93 5.58
CA GLY A 133 -9.94 -7.18 5.94
C GLY A 133 -9.17 -7.01 7.26
N ARG A 134 -9.83 -7.31 8.39
CA ARG A 134 -9.28 -7.09 9.72
C ARG A 134 -8.31 -8.23 10.09
N THR A 135 -7.32 -8.48 9.24
CA THR A 135 -6.46 -9.64 9.35
C THR A 135 -5.14 -9.41 8.62
N LEU A 136 -4.12 -8.83 9.27
CA LEU A 136 -2.76 -8.81 8.74
C LEU A 136 -1.78 -8.70 9.89
N ASN A 137 -0.53 -9.15 9.69
CA ASN A 137 0.54 -9.02 10.65
C ASN A 137 1.83 -8.90 9.86
N VAL A 138 2.70 -7.98 10.27
CA VAL A 138 3.87 -7.57 9.48
C VAL A 138 4.99 -7.26 10.48
N ALA A 139 6.24 -7.18 10.01
CA ALA A 139 7.38 -6.77 10.83
C ALA A 139 7.54 -5.25 10.80
N ALA A 140 7.82 -4.66 11.97
CA ALA A 140 8.18 -3.27 12.16
C ALA A 140 9.60 -3.19 12.70
N THR A 141 10.50 -2.62 11.90
CA THR A 141 11.92 -2.52 12.17
C THR A 141 12.15 -1.31 13.07
N VAL A 142 12.80 -1.47 14.22
CA VAL A 142 12.90 -0.36 15.16
C VAL A 142 14.09 0.52 14.76
N LYS A 143 13.85 1.62 14.03
CA LYS A 143 14.90 2.53 13.60
C LYS A 143 14.37 3.97 13.53
N LYS A 144 14.70 4.81 14.52
CA LYS A 144 14.61 6.26 14.37
C LYS A 144 15.37 6.71 13.11
N ASN A 145 14.68 7.47 12.24
CA ASN A 145 15.20 8.04 11.00
C ASN A 145 14.44 9.35 10.80
N ILE A 146 15.10 10.40 10.29
CA ILE A 146 14.54 11.76 10.22
C ILE A 146 13.85 12.07 11.56
N GLU A 147 14.62 11.93 12.64
CA GLU A 147 14.10 11.73 13.98
C GLU A 147 13.71 13.05 14.66
N GLY A 148 12.90 13.87 13.97
CA GLY A 148 12.42 15.13 14.52
C GLY A 148 12.04 16.09 13.41
N ARG A 149 12.98 16.35 12.50
CA ARG A 149 12.88 17.26 11.35
C ARG A 149 11.51 17.14 10.71
CU CU1 B . 0.37 12.81 12.78
N MET A 1 14.21 -35.09 -53.15
CA MET A 1 14.48 -34.50 -51.82
C MET A 1 13.25 -33.66 -51.48
N GLY A 2 13.25 -32.92 -50.37
CA GLY A 2 12.13 -32.06 -50.00
C GLY A 2 12.54 -31.21 -48.81
N HIS A 3 11.98 -30.00 -48.72
CA HIS A 3 12.32 -28.97 -47.75
C HIS A 3 11.08 -28.63 -46.91
N THR A 4 10.63 -29.58 -46.09
CA THR A 4 9.46 -29.42 -45.25
C THR A 4 9.77 -28.48 -44.09
N MET A 5 9.84 -27.17 -44.35
CA MET A 5 10.11 -26.13 -43.38
C MET A 5 8.78 -25.57 -42.84
N PRO A 6 8.38 -25.88 -41.59
CA PRO A 6 7.19 -25.29 -40.98
C PRO A 6 7.50 -23.87 -40.49
N ALA A 7 6.48 -23.17 -40.00
CA ALA A 7 6.59 -21.87 -39.35
C ALA A 7 5.32 -21.65 -38.53
N HIS A 8 5.33 -20.67 -37.62
CA HIS A 8 4.20 -20.25 -36.82
C HIS A 8 4.49 -18.84 -36.32
N THR A 9 3.47 -18.14 -35.80
CA THR A 9 3.57 -16.75 -35.36
C THR A 9 2.31 -16.38 -34.55
N PRO A 10 2.13 -16.94 -33.34
CA PRO A 10 0.96 -16.67 -32.53
C PRO A 10 0.97 -15.20 -32.07
N PRO A 11 -0.07 -14.40 -32.37
CA PRO A 11 -0.12 -13.00 -31.99
C PRO A 11 -0.56 -12.85 -30.52
N ALA A 12 -0.41 -11.64 -29.98
CA ALA A 12 -0.89 -11.27 -28.66
C ALA A 12 -1.13 -9.76 -28.65
N GLN A 13 -2.19 -9.31 -27.98
CA GLN A 13 -2.59 -7.91 -27.88
C GLN A 13 -3.65 -7.83 -26.77
N THR A 14 -3.95 -6.64 -26.25
CA THR A 14 -5.02 -6.42 -25.30
C THR A 14 -5.41 -4.93 -25.36
N ALA A 15 -6.35 -4.53 -24.50
CA ALA A 15 -6.91 -3.19 -24.42
C ALA A 15 -7.69 -3.02 -23.11
N PRO A 16 -7.00 -2.90 -21.96
CA PRO A 16 -7.64 -2.85 -20.65
C PRO A 16 -8.30 -1.48 -20.42
N ALA A 17 -9.47 -1.27 -21.02
CA ALA A 17 -10.32 -0.12 -20.73
C ALA A 17 -10.68 -0.08 -19.24
N ALA A 18 -10.94 1.13 -18.72
CA ALA A 18 -11.27 1.35 -17.31
C ALA A 18 -12.07 2.64 -17.18
N GLN A 19 -12.60 2.92 -16.00
CA GLN A 19 -13.33 4.14 -15.64
C GLN A 19 -12.98 4.49 -14.21
N LYS A 20 -13.46 5.65 -13.72
CA LYS A 20 -13.16 6.17 -12.39
C LYS A 20 -14.46 6.71 -11.77
N ALA A 21 -15.01 6.01 -10.77
CA ALA A 21 -16.21 6.44 -10.07
C ALA A 21 -16.02 7.79 -9.38
N GLY A 22 -14.88 7.97 -8.71
CA GLY A 22 -14.53 9.22 -8.05
C GLY A 22 -15.25 9.37 -6.71
N ALA A 23 -16.58 9.38 -6.73
CA ALA A 23 -17.40 9.51 -5.53
C ALA A 23 -18.60 8.58 -5.63
N GLN A 24 -19.08 8.10 -4.48
CA GLN A 24 -20.05 7.02 -4.34
C GLN A 24 -19.43 5.69 -4.74
N ALA A 25 -19.78 4.61 -4.03
CA ALA A 25 -19.34 3.23 -4.28
C ALA A 25 -17.86 2.98 -3.94
N LEU A 26 -16.98 3.94 -4.24
CA LEU A 26 -15.56 3.89 -3.94
C LEU A 26 -15.36 3.59 -2.45
N PRO A 27 -14.68 2.50 -2.09
CA PRO A 27 -14.35 2.24 -0.70
C PRO A 27 -13.34 3.28 -0.23
N VAL A 28 -13.14 3.41 1.08
CA VAL A 28 -12.38 4.51 1.66
C VAL A 28 -10.87 4.22 1.58
N THR A 29 -10.39 3.96 0.37
CA THR A 29 -9.07 3.40 0.11
C THR A 29 -8.64 3.81 -1.30
N VAL A 30 -8.59 5.12 -1.54
CA VAL A 30 -8.05 5.69 -2.76
C VAL A 30 -6.82 6.53 -2.41
N GLN A 31 -5.69 5.84 -2.33
CA GLN A 31 -4.37 6.39 -2.12
C GLN A 31 -3.38 5.53 -2.92
N GLY A 32 -2.21 6.09 -3.23
CA GLY A 32 -1.05 5.29 -3.61
C GLY A 32 -0.36 4.78 -2.34
N ALA A 33 0.89 4.33 -2.45
CA ALA A 33 1.70 4.03 -1.28
C ALA A 33 3.18 4.10 -1.65
N THR A 34 4.02 4.48 -0.67
CA THR A 34 5.45 4.40 -0.79
C THR A 34 6.00 3.79 0.50
N VAL A 35 7.17 3.14 0.44
CA VAL A 35 7.86 2.60 1.61
C VAL A 35 9.28 3.13 1.67
N ALA A 36 9.71 3.58 2.84
CA ALA A 36 11.08 4.02 3.02
C ALA A 36 12.00 2.79 3.07
N ALA A 37 12.82 2.60 2.04
CA ALA A 37 13.94 1.67 2.16
C ALA A 37 14.83 2.08 3.33
N VAL A 38 15.39 1.09 4.04
CA VAL A 38 16.14 1.21 5.31
C VAL A 38 16.66 2.62 5.58
N PRO A 39 15.97 3.41 6.42
CA PRO A 39 16.48 4.68 6.94
C PRO A 39 17.81 4.45 7.66
N PRO A 40 18.62 5.48 7.91
CA PRO A 40 19.85 5.33 8.67
C PRO A 40 19.54 5.20 10.17
N SER A 41 18.66 4.27 10.54
CA SER A 41 18.26 4.03 11.92
C SER A 41 17.72 2.61 12.03
N ILE A 42 18.55 1.63 11.62
CA ILE A 42 18.23 0.21 11.65
C ILE A 42 17.16 -0.07 10.58
N ARG A 43 16.90 -1.36 10.30
CA ARG A 43 15.92 -1.76 9.30
C ARG A 43 14.57 -1.09 9.48
N ASP A 44 14.13 -1.01 10.73
CA ASP A 44 12.74 -0.72 11.04
C ASP A 44 12.35 0.62 10.45
N THR A 45 11.26 0.58 9.69
CA THR A 45 10.90 1.64 8.78
C THR A 45 9.38 1.82 8.69
N ALA A 46 8.90 2.55 7.69
CA ALA A 46 7.53 3.00 7.57
C ALA A 46 7.11 3.21 6.13
N ALA A 47 5.79 3.17 5.89
CA ALA A 47 5.20 3.64 4.65
C ALA A 47 4.97 5.15 4.73
N TYR A 48 4.85 5.80 3.57
CA TYR A 48 4.28 7.13 3.45
C TYR A 48 3.14 6.98 2.44
N MET A 49 1.94 7.44 2.78
CA MET A 49 0.80 7.42 1.87
C MET A 49 -0.22 8.46 2.31
N THR A 50 -1.31 8.59 1.54
CA THR A 50 -2.52 9.28 1.93
C THR A 50 -3.52 8.22 2.41
N LEU A 51 -4.61 8.64 3.03
CA LEU A 51 -5.80 7.83 3.23
C LEU A 51 -6.99 8.73 2.91
N THR A 52 -8.08 8.18 2.36
CA THR A 52 -9.16 8.96 1.75
C THR A 52 -10.54 8.38 2.05
N ASN A 53 -11.36 9.07 2.86
CA ASN A 53 -12.77 8.73 2.99
C ASN A 53 -13.55 9.36 1.84
N LYS A 54 -14.21 8.53 1.03
CA LYS A 54 -15.34 8.98 0.23
C LYS A 54 -16.35 7.84 0.15
N SER A 55 -17.13 7.72 1.22
CA SER A 55 -18.11 6.70 1.54
C SER A 55 -18.48 6.78 3.03
N ASP A 56 -17.64 7.42 3.86
CA ASP A 56 -18.15 8.25 4.92
C ASP A 56 -18.72 7.40 6.05
N GLN A 57 -17.90 6.46 6.54
CA GLN A 57 -18.31 5.41 7.48
C GLN A 57 -17.14 5.11 8.42
N PRO A 58 -17.40 4.54 9.62
CA PRO A 58 -16.39 4.29 10.63
C PRO A 58 -15.57 3.04 10.29
N ILE A 59 -14.73 3.14 9.26
CA ILE A 59 -13.93 2.03 8.77
C ILE A 59 -12.63 1.94 9.57
N LYS A 60 -12.08 0.72 9.67
CA LYS A 60 -11.09 0.27 10.61
C LYS A 60 -10.09 -0.63 9.89
N LEU A 61 -9.13 0.01 9.21
CA LEU A 61 -8.26 -0.63 8.23
C LEU A 61 -7.08 -1.33 8.89
N VAL A 62 -7.39 -2.34 9.70
CA VAL A 62 -6.37 -3.06 10.46
C VAL A 62 -5.69 -4.14 9.62
N GLY A 63 -5.03 -3.75 8.52
CA GLY A 63 -4.08 -4.66 7.90
C GLY A 63 -3.08 -3.96 6.99
N ALA A 64 -1.86 -4.52 6.91
CA ALA A 64 -0.78 -4.07 6.05
C ALA A 64 0.18 -5.24 5.80
N ALA A 65 -0.32 -6.34 5.21
CA ALA A 65 0.46 -7.58 5.12
C ALA A 65 1.25 -7.58 3.82
N THR A 66 2.54 -7.93 3.86
CA THR A 66 3.42 -7.72 2.71
C THR A 66 4.69 -8.57 2.81
N PRO A 67 5.29 -8.99 1.68
CA PRO A 67 6.59 -9.64 1.67
C PRO A 67 7.73 -8.60 1.85
N LEU A 68 7.56 -7.64 2.76
CA LEU A 68 8.51 -6.56 3.02
C LEU A 68 8.84 -6.54 4.52
N ALA A 69 7.86 -6.18 5.35
CA ALA A 69 7.98 -6.13 6.80
C ALA A 69 7.64 -7.48 7.42
N THR A 70 8.39 -7.92 8.41
CA THR A 70 7.99 -9.02 9.28
C THR A 70 6.98 -8.51 10.31
N SER A 71 7.15 -7.26 10.75
CA SER A 71 6.37 -6.63 11.80
C SER A 71 5.69 -5.36 11.27
N PRO A 72 4.64 -5.49 10.44
CA PRO A 72 3.83 -4.35 10.05
C PRO A 72 2.92 -3.94 11.20
N MET A 73 3.13 -2.74 11.75
CA MET A 73 2.42 -2.24 12.92
C MET A 73 1.87 -0.85 12.64
N LEU A 74 0.61 -0.62 12.99
CA LEU A 74 -0.14 0.60 12.69
C LEU A 74 0.13 1.69 13.73
N MET A 75 0.07 2.95 13.30
CA MET A 75 0.35 4.13 14.11
C MET A 75 -0.75 5.18 14.06
N THR A 76 -0.51 6.34 14.69
CA THR A 76 -1.49 7.39 14.90
C THR A 76 -0.75 8.69 15.18
N THR A 77 -1.13 9.80 14.55
CA THR A 77 -0.60 11.13 14.83
C THR A 77 -1.40 11.87 15.87
N THR A 78 -1.02 13.12 16.07
CA THR A 78 -1.40 13.93 17.19
C THR A 78 -2.82 14.46 16.93
N HIS A 79 -3.79 13.56 17.01
CA HIS A 79 -5.21 13.78 16.70
C HIS A 79 -5.44 13.84 15.19
N SER A 80 -6.72 13.72 14.80
CA SER A 80 -7.19 13.71 13.41
C SER A 80 -6.73 12.45 12.68
N GLY A 81 -5.43 12.31 12.43
CA GLY A 81 -4.87 11.06 11.93
C GLY A 81 -4.79 10.11 13.12
N GLY A 82 -5.88 9.38 13.35
CA GLY A 82 -6.00 8.50 14.49
C GLY A 82 -6.16 9.27 15.81
N MET A 83 -5.87 8.59 16.93
CA MET A 83 -6.23 9.02 18.27
C MET A 83 -5.45 10.25 18.78
N ALA A 84 -4.17 10.10 19.13
CA ALA A 84 -3.47 11.03 20.00
C ALA A 84 -2.02 10.55 20.17
N GLY A 85 -1.26 10.57 19.08
CA GLY A 85 0.19 10.47 19.09
C GLY A 85 0.72 9.07 18.83
N MET A 86 2.05 8.97 18.63
CA MET A 86 2.79 7.92 17.93
C MET A 86 2.88 6.61 18.74
N LYS A 87 1.74 6.08 19.12
CA LYS A 87 1.55 4.86 19.88
C LYS A 87 1.26 3.71 18.93
N MET A 88 1.56 2.47 19.35
CA MET A 88 1.22 1.28 18.60
C MET A 88 -0.26 1.00 18.86
N VAL A 89 -1.08 1.81 18.20
CA VAL A 89 -2.53 1.77 18.30
C VAL A 89 -3.05 0.41 17.82
N PRO A 90 -4.21 -0.07 18.31
CA PRO A 90 -4.96 -1.17 17.70
C PRO A 90 -4.90 -1.15 16.17
N TRP A 91 -5.23 0.00 15.58
CA TRP A 91 -5.24 0.32 14.17
C TRP A 91 -5.70 1.77 14.11
N LEU A 92 -5.71 2.35 12.92
CA LEU A 92 -6.23 3.70 12.72
C LEU A 92 -7.65 3.61 12.17
N THR A 93 -8.65 3.80 13.03
CA THR A 93 -10.03 3.89 12.59
C THR A 93 -10.22 5.27 11.98
N ILE A 94 -10.90 5.31 10.83
CA ILE A 94 -11.26 6.50 10.10
C ILE A 94 -12.77 6.70 10.32
N PRO A 95 -13.18 7.59 11.27
CA PRO A 95 -14.51 7.60 11.85
C PRO A 95 -15.54 8.28 10.94
N ALA A 96 -15.63 7.86 9.68
CA ALA A 96 -16.17 8.68 8.61
C ALA A 96 -15.32 9.94 8.40
N ARG A 97 -15.19 10.34 7.14
CA ARG A 97 -14.44 11.50 6.68
C ARG A 97 -12.94 11.44 6.98
N GLY A 98 -12.49 10.33 7.58
CA GLY A 98 -11.10 10.08 7.86
C GLY A 98 -10.31 10.05 6.56
N THR A 99 -9.50 11.09 6.36
CA THR A 99 -8.86 11.46 5.12
C THR A 99 -7.56 12.12 5.53
N LEU A 100 -6.60 11.27 5.91
CA LEU A 100 -5.40 11.68 6.60
C LEU A 100 -4.17 11.40 5.72
N THR A 101 -3.00 11.29 6.34
CA THR A 101 -1.74 11.15 5.65
C THR A 101 -0.82 10.38 6.57
N LEU A 102 -0.38 9.22 6.11
CA LEU A 102 0.53 8.33 6.79
C LEU A 102 1.93 8.85 6.45
N GLN A 103 2.69 9.21 7.48
CA GLN A 103 3.83 10.10 7.40
C GLN A 103 4.76 9.80 8.57
N ARG A 104 6.06 10.10 8.43
CA ARG A 104 7.06 9.73 9.42
C ARG A 104 7.05 10.71 10.60
N ASP A 105 5.87 10.95 11.17
CA ASP A 105 5.64 11.84 12.32
C ASP A 105 4.93 11.01 13.38
N GLY A 106 3.65 10.67 13.15
CA GLY A 106 2.75 10.15 14.15
C GLY A 106 1.90 9.02 13.57
N ASP A 107 1.19 9.28 12.46
CA ASP A 107 0.25 8.34 11.83
C ASP A 107 0.97 7.71 10.66
N HIS A 108 0.96 6.38 10.55
CA HIS A 108 1.72 5.65 9.56
C HIS A 108 1.49 4.15 9.79
N VAL A 109 2.10 3.32 8.95
CA VAL A 109 2.37 1.94 9.25
C VAL A 109 3.88 1.86 9.42
N MET A 110 4.36 1.41 10.58
CA MET A 110 5.74 1.02 10.72
C MET A 110 5.85 -0.40 10.20
N LEU A 111 6.37 -0.50 8.99
CA LEU A 111 6.76 -1.71 8.30
C LEU A 111 8.11 -2.15 8.88
N MET A 112 8.07 -2.74 10.08
CA MET A 112 9.28 -3.08 10.83
C MET A 112 9.76 -4.50 10.50
N GLY A 113 11.00 -4.80 10.89
CA GLY A 113 11.57 -6.13 10.74
C GLY A 113 11.74 -6.49 9.26
N LEU A 114 12.68 -5.83 8.59
CA LEU A 114 13.12 -6.17 7.24
C LEU A 114 13.37 -7.68 7.12
N LYS A 115 12.88 -8.31 6.05
CA LYS A 115 13.19 -9.69 5.72
C LYS A 115 13.89 -9.81 4.36
N ARG A 116 13.23 -9.36 3.28
CA ARG A 116 13.81 -9.33 1.94
C ARG A 116 14.41 -7.95 1.68
N PRO A 117 15.55 -7.86 0.96
CA PRO A 117 16.24 -6.60 0.74
C PRO A 117 15.43 -5.67 -0.18
N LEU A 118 15.75 -4.38 -0.13
CA LEU A 118 15.00 -3.30 -0.77
C LEU A 118 15.90 -2.48 -1.69
N LYS A 119 15.31 -1.78 -2.67
CA LYS A 119 15.98 -0.81 -3.51
C LYS A 119 15.10 0.44 -3.62
N VAL A 120 15.73 1.62 -3.70
CA VAL A 120 15.08 2.92 -3.78
C VAL A 120 14.51 3.09 -5.20
N GLY A 121 13.46 2.34 -5.53
CA GLY A 121 13.10 2.08 -6.91
C GLY A 121 12.33 0.76 -7.07
N GLU A 122 12.35 -0.13 -6.07
CA GLU A 122 11.50 -1.29 -6.11
C GLU A 122 10.05 -0.83 -6.01
N THR A 123 9.19 -1.84 -5.99
CA THR A 123 7.76 -1.73 -5.76
C THR A 123 7.31 -3.06 -5.20
N VAL A 124 6.59 -3.04 -4.08
CA VAL A 124 6.13 -4.25 -3.40
C VAL A 124 4.64 -4.09 -3.09
N ASN A 125 3.89 -5.20 -3.14
CA ASN A 125 2.47 -5.17 -2.86
C ASN A 125 2.25 -5.06 -1.36
N ILE A 126 1.35 -4.15 -0.93
CA ILE A 126 0.79 -4.14 0.41
C ILE A 126 -0.62 -4.72 0.32
N THR A 127 -0.89 -5.73 1.14
CA THR A 127 -2.14 -6.46 1.17
C THR A 127 -2.93 -5.94 2.35
N LEU A 128 -3.93 -5.10 2.09
CA LEU A 128 -4.80 -4.57 3.13
C LEU A 128 -5.87 -5.63 3.40
N LYS A 129 -5.93 -6.13 4.64
CA LYS A 129 -6.87 -7.12 5.10
C LYS A 129 -7.49 -6.60 6.39
N ALA A 130 -8.50 -5.75 6.24
CA ALA A 130 -9.15 -5.10 7.37
C ALA A 130 -10.20 -6.03 7.97
N THR A 131 -10.51 -5.85 9.26
CA THR A 131 -11.66 -6.48 9.89
C THR A 131 -12.97 -6.05 9.23
N ASP A 132 -12.92 -4.99 8.42
CA ASP A 132 -14.01 -4.56 7.55
C ASP A 132 -14.31 -5.61 6.45
N GLY A 133 -13.45 -6.63 6.31
CA GLY A 133 -13.72 -7.85 5.58
C GLY A 133 -13.34 -7.71 4.11
N ARG A 134 -12.07 -7.37 3.84
CA ARG A 134 -11.59 -7.12 2.49
C ARG A 134 -10.20 -7.74 2.29
N THR A 135 -9.66 -7.65 1.08
CA THR A 135 -8.33 -8.11 0.71
C THR A 135 -7.92 -7.27 -0.50
N LEU A 136 -7.31 -6.11 -0.25
CA LEU A 136 -6.78 -5.25 -1.30
C LEU A 136 -5.36 -5.72 -1.63
N ASN A 137 -4.78 -5.15 -2.68
CA ASN A 137 -3.40 -5.37 -3.09
C ASN A 137 -2.95 -4.07 -3.75
N VAL A 138 -2.33 -3.18 -2.98
CA VAL A 138 -1.93 -1.88 -3.49
C VAL A 138 -0.42 -1.95 -3.76
N ALA A 139 0.04 -1.39 -4.89
CA ALA A 139 1.45 -1.40 -5.24
C ALA A 139 2.14 -0.23 -4.53
N ALA A 140 3.06 -0.52 -3.62
CA ALA A 140 3.76 0.47 -2.82
C ALA A 140 5.18 0.66 -3.36
N THR A 141 5.54 1.89 -3.73
CA THR A 141 6.82 2.19 -4.35
C THR A 141 7.90 2.33 -3.29
N VAL A 142 9.00 1.59 -3.41
CA VAL A 142 10.02 1.58 -2.37
C VAL A 142 10.93 2.79 -2.61
N LYS A 143 10.81 3.84 -1.80
CA LYS A 143 11.56 5.08 -1.88
C LYS A 143 11.88 5.58 -0.48
N LYS A 144 13.15 5.45 -0.08
CA LYS A 144 13.77 5.93 1.16
C LYS A 144 13.25 7.33 1.55
N ASN A 145 13.79 8.39 0.93
CA ASN A 145 13.20 9.72 0.84
C ASN A 145 13.08 10.43 2.20
N ILE A 146 13.93 11.45 2.39
CA ILE A 146 14.07 12.23 3.61
C ILE A 146 14.76 11.34 4.63
N GLU A 147 16.05 11.08 4.38
CA GLU A 147 16.85 10.08 5.04
C GLU A 147 18.15 10.65 5.63
N GLY A 148 18.14 11.93 6.03
CA GLY A 148 19.27 12.53 6.73
C GLY A 148 19.44 11.88 8.11
N ARG A 149 18.33 11.81 8.84
CA ARG A 149 18.06 10.93 9.96
C ARG A 149 16.60 10.54 9.79
CU CU1 B . 5.68 4.99 14.52
N MET A 1 -2.93 5.50 -68.79
CA MET A 1 -3.57 4.24 -68.40
C MET A 1 -2.86 3.76 -67.15
N GLY A 2 -3.51 2.92 -66.33
CA GLY A 2 -2.94 2.40 -65.10
C GLY A 2 -4.06 1.73 -64.31
N HIS A 3 -3.70 0.97 -63.27
CA HIS A 3 -4.62 0.32 -62.34
C HIS A 3 -3.78 -0.13 -61.15
N THR A 4 -4.41 -0.63 -60.09
CA THR A 4 -3.74 -1.19 -58.91
C THR A 4 -4.81 -1.86 -58.05
N MET A 5 -4.39 -2.79 -57.19
CA MET A 5 -5.24 -3.54 -56.28
C MET A 5 -4.53 -3.66 -54.93
N PRO A 6 -4.45 -2.59 -54.13
CA PRO A 6 -3.83 -2.64 -52.82
C PRO A 6 -4.68 -3.49 -51.87
N ALA A 7 -4.04 -4.05 -50.84
CA ALA A 7 -4.68 -4.89 -49.84
C ALA A 7 -3.79 -4.89 -48.60
N HIS A 8 -4.31 -5.41 -47.48
CA HIS A 8 -3.60 -5.58 -46.23
C HIS A 8 -4.35 -6.63 -45.41
N THR A 9 -3.88 -6.94 -44.22
CA THR A 9 -4.53 -7.87 -43.29
C THR A 9 -4.01 -7.54 -41.88
N PRO A 10 -4.69 -6.66 -41.13
CA PRO A 10 -4.23 -6.26 -39.81
C PRO A 10 -4.45 -7.43 -38.83
N PRO A 11 -3.48 -7.71 -37.94
CA PRO A 11 -3.61 -8.80 -36.98
C PRO A 11 -4.66 -8.45 -35.93
N ALA A 12 -5.45 -9.45 -35.50
CA ALA A 12 -6.46 -9.31 -34.47
C ALA A 12 -6.75 -10.71 -33.94
N GLN A 13 -7.35 -10.79 -32.75
CA GLN A 13 -7.79 -12.05 -32.14
C GLN A 13 -8.80 -11.71 -31.05
N THR A 14 -8.34 -11.02 -29.99
CA THR A 14 -9.18 -10.50 -28.91
C THR A 14 -10.13 -11.58 -28.38
N ALA A 15 -9.58 -12.74 -28.00
CA ALA A 15 -10.33 -13.89 -27.52
C ALA A 15 -10.01 -14.16 -26.05
N PRO A 16 -10.59 -13.39 -25.10
CA PRO A 16 -10.43 -13.66 -23.68
C PRO A 16 -11.22 -14.92 -23.29
N ALA A 17 -11.00 -15.41 -22.07
CA ALA A 17 -11.72 -16.53 -21.50
C ALA A 17 -11.63 -16.40 -19.97
N ALA A 18 -12.46 -17.14 -19.24
CA ALA A 18 -12.45 -17.17 -17.80
C ALA A 18 -13.02 -18.51 -17.35
N GLN A 19 -12.48 -19.06 -16.26
CA GLN A 19 -12.90 -20.33 -15.69
C GLN A 19 -12.39 -20.41 -14.25
N LYS A 20 -12.89 -19.51 -13.40
CA LYS A 20 -12.54 -19.43 -11.99
C LYS A 20 -13.73 -18.83 -11.24
N ALA A 21 -13.83 -19.10 -9.94
CA ALA A 21 -14.77 -18.46 -9.04
C ALA A 21 -13.96 -17.62 -8.05
N GLY A 22 -14.14 -17.83 -6.74
CA GLY A 22 -13.42 -17.17 -5.68
C GLY A 22 -13.77 -17.89 -4.38
N ALA A 23 -13.22 -17.44 -3.25
CA ALA A 23 -13.46 -18.00 -1.93
C ALA A 23 -13.10 -16.94 -0.90
N GLN A 24 -13.45 -17.16 0.37
CA GLN A 24 -13.05 -16.29 1.46
C GLN A 24 -11.52 -16.30 1.58
N ALA A 25 -10.93 -15.16 1.96
CA ALA A 25 -9.50 -15.00 2.11
C ALA A 25 -9.26 -13.76 2.97
N LEU A 26 -7.99 -13.40 3.21
CA LEU A 26 -7.64 -12.19 3.94
C LEU A 26 -8.10 -10.95 3.15
N PRO A 27 -8.24 -9.78 3.79
CA PRO A 27 -8.82 -8.62 3.14
C PRO A 27 -7.77 -7.94 2.25
N VAL A 28 -7.04 -6.96 2.81
CA VAL A 28 -6.04 -6.18 2.11
C VAL A 28 -4.89 -5.92 3.08
N THR A 29 -4.31 -6.98 3.63
CA THR A 29 -3.17 -6.88 4.52
C THR A 29 -2.46 -8.23 4.52
N VAL A 30 -1.45 -8.35 3.65
CA VAL A 30 -0.59 -9.53 3.63
C VAL A 30 0.77 -9.12 3.07
N GLN A 31 1.39 -8.16 3.76
CA GLN A 31 2.80 -7.84 3.61
C GLN A 31 3.34 -7.58 5.02
N GLY A 32 4.59 -7.96 5.27
CA GLY A 32 5.25 -7.68 6.54
C GLY A 32 5.52 -6.18 6.63
N ALA A 33 5.19 -5.55 7.76
CA ALA A 33 5.41 -4.13 7.92
C ALA A 33 6.91 -3.87 8.14
N THR A 34 7.39 -2.71 7.69
CA THR A 34 8.70 -2.21 8.06
C THR A 34 8.54 -0.73 8.36
N VAL A 35 9.33 -0.18 9.29
CA VAL A 35 9.30 1.23 9.68
C VAL A 35 10.72 1.78 9.66
N ALA A 36 10.89 3.00 9.17
CA ALA A 36 12.23 3.56 8.92
C ALA A 36 12.88 4.13 10.18
N ALA A 37 12.82 3.38 11.30
CA ALA A 37 13.18 3.84 12.64
C ALA A 37 12.64 5.26 12.83
N VAL A 38 13.50 6.28 12.93
CA VAL A 38 13.25 7.57 12.29
C VAL A 38 14.40 7.79 11.31
N PRO A 39 14.15 8.35 10.11
CA PRO A 39 15.21 8.93 9.31
C PRO A 39 15.85 10.07 10.10
N PRO A 40 17.11 10.43 9.83
CA PRO A 40 17.72 11.62 10.43
C PRO A 40 17.19 12.88 9.74
N SER A 41 15.87 13.09 9.82
CA SER A 41 15.19 14.21 9.23
C SER A 41 13.83 14.32 9.92
N ILE A 42 13.88 14.74 11.19
CA ILE A 42 12.75 14.99 12.09
C ILE A 42 12.38 13.69 12.82
N ARG A 43 11.77 13.83 14.00
CA ARG A 43 11.55 12.74 14.95
C ARG A 43 10.28 11.92 14.65
N ASP A 44 9.81 11.97 13.40
CA ASP A 44 8.70 11.19 12.88
C ASP A 44 9.25 10.02 12.07
N THR A 45 8.36 9.20 11.51
CA THR A 45 8.74 8.13 10.63
C THR A 45 7.53 7.71 9.82
N ALA A 46 7.72 6.68 8.99
CA ALA A 46 6.67 6.14 8.16
C ALA A 46 6.92 4.66 7.95
N ALA A 47 5.84 3.92 7.69
CA ALA A 47 5.92 2.51 7.35
C ALA A 47 6.18 2.37 5.85
N TYR A 48 6.91 1.32 5.47
CA TYR A 48 7.20 0.99 4.09
C TYR A 48 6.72 -0.45 3.91
N MET A 49 5.56 -0.60 3.28
CA MET A 49 4.88 -1.89 3.14
C MET A 49 3.86 -1.79 2.01
N THR A 50 3.09 -2.85 1.77
CA THR A 50 2.14 -2.92 0.67
C THR A 50 0.78 -3.43 1.18
N LEU A 51 -0.28 -2.73 0.79
CA LEU A 51 -1.64 -3.24 0.89
C LEU A 51 -1.83 -4.06 -0.37
N THR A 52 -1.89 -5.37 -0.16
CA THR A 52 -2.03 -6.39 -1.19
C THR A 52 -3.45 -6.97 -1.09
N ASN A 53 -4.30 -6.71 -2.09
CA ASN A 53 -5.71 -7.12 -2.02
C ASN A 53 -5.90 -8.59 -2.36
N LYS A 54 -6.72 -9.30 -1.59
CA LYS A 54 -7.30 -10.57 -2.02
C LYS A 54 -8.72 -10.68 -1.44
N SER A 55 -9.59 -9.73 -1.79
CA SER A 55 -10.97 -9.72 -1.30
C SER A 55 -11.94 -8.87 -2.14
N ASP A 56 -11.46 -7.86 -2.85
CA ASP A 56 -12.19 -7.17 -3.89
C ASP A 56 -13.40 -6.40 -3.35
N GLN A 57 -13.17 -5.59 -2.32
CA GLN A 57 -14.20 -4.93 -1.53
C GLN A 57 -13.71 -3.52 -1.15
N PRO A 58 -14.64 -2.60 -0.82
CA PRO A 58 -14.30 -1.25 -0.37
C PRO A 58 -13.79 -1.31 1.08
N ILE A 59 -12.50 -1.62 1.22
CA ILE A 59 -11.84 -1.75 2.51
C ILE A 59 -11.12 -0.45 2.85
N LYS A 60 -11.05 -0.07 4.12
CA LYS A 60 -10.53 1.22 4.55
C LYS A 60 -9.84 1.13 5.92
N LEU A 61 -8.55 0.81 5.91
CA LEU A 61 -7.76 0.35 7.05
C LEU A 61 -7.26 1.50 7.93
N VAL A 62 -8.17 2.12 8.69
CA VAL A 62 -7.86 3.34 9.45
C VAL A 62 -7.16 3.02 10.80
N GLY A 63 -6.02 2.34 10.75
CA GLY A 63 -5.13 2.30 11.89
C GLY A 63 -3.73 1.91 11.47
N ALA A 64 -2.73 2.36 12.22
CA ALA A 64 -1.35 1.90 12.12
C ALA A 64 -0.62 2.26 13.42
N ALA A 65 -1.06 1.70 14.57
CA ALA A 65 -0.49 2.06 15.85
C ALA A 65 0.69 1.16 16.16
N THR A 66 1.69 1.67 16.90
CA THR A 66 2.86 0.90 17.35
C THR A 66 3.51 1.73 18.46
N PRO A 67 4.16 1.11 19.45
CA PRO A 67 4.91 1.85 20.46
C PRO A 67 6.21 2.46 19.91
N LEU A 68 6.50 2.35 18.61
CA LEU A 68 7.64 3.01 17.98
C LEU A 68 7.49 4.54 18.11
N ALA A 69 6.31 5.06 17.75
CA ALA A 69 6.04 6.49 17.66
C ALA A 69 4.60 6.77 18.09
N THR A 70 4.34 7.99 18.54
CA THR A 70 3.20 8.36 19.37
C THR A 70 1.97 8.71 18.54
N SER A 71 2.17 9.43 17.44
CA SER A 71 1.12 10.09 16.69
C SER A 71 1.01 9.47 15.28
N PRO A 72 0.29 8.35 15.11
CA PRO A 72 0.07 7.73 13.82
C PRO A 72 -1.02 8.46 13.04
N MET A 73 -0.64 9.02 11.90
CA MET A 73 -1.53 9.63 10.94
C MET A 73 -1.37 8.93 9.60
N LEU A 74 -2.44 8.90 8.81
CA LEU A 74 -2.42 8.37 7.46
C LEU A 74 -2.33 9.53 6.47
N MET A 75 -1.60 9.34 5.37
CA MET A 75 -1.33 10.36 4.35
C MET A 75 -1.54 9.73 2.97
N THR A 76 -1.68 10.55 1.92
CA THR A 76 -1.64 10.05 0.56
C THR A 76 -1.26 11.14 -0.43
N THR A 77 -0.34 10.82 -1.35
CA THR A 77 -0.05 11.67 -2.48
C THR A 77 0.42 10.87 -3.70
N THR A 78 -0.31 9.81 -4.02
CA THR A 78 -0.09 9.01 -5.22
C THR A 78 -1.44 8.70 -5.88
N HIS A 79 -1.77 9.48 -6.92
CA HIS A 79 -3.07 9.54 -7.58
C HIS A 79 -3.68 8.17 -7.90
N SER A 80 -2.85 7.21 -8.31
CA SER A 80 -3.30 5.87 -8.67
C SER A 80 -3.67 5.01 -7.46
N GLY A 81 -3.55 5.53 -6.24
CA GLY A 81 -3.75 4.80 -5.00
C GLY A 81 -4.91 5.36 -4.19
N GLY A 82 -4.64 5.77 -2.96
CA GLY A 82 -5.63 6.31 -2.04
C GLY A 82 -6.23 7.63 -2.52
N MET A 83 -5.42 8.69 -2.57
CA MET A 83 -5.83 10.03 -2.94
C MET A 83 -4.65 10.73 -3.63
N ALA A 84 -4.43 12.02 -3.37
CA ALA A 84 -3.58 12.87 -4.20
C ALA A 84 -3.34 14.20 -3.50
N GLY A 85 -2.88 14.16 -2.24
CA GLY A 85 -2.71 15.38 -1.49
C GLY A 85 -2.02 15.11 -0.17
N MET A 86 -0.69 15.25 -0.14
CA MET A 86 0.09 15.00 1.06
C MET A 86 -0.34 15.95 2.18
N LYS A 87 -1.24 15.46 3.02
CA LYS A 87 -1.68 16.08 4.25
C LYS A 87 -2.11 14.97 5.20
N MET A 88 -2.47 15.32 6.43
CA MET A 88 -2.97 14.35 7.40
C MET A 88 -4.44 14.09 7.04
N VAL A 89 -4.80 12.84 6.79
CA VAL A 89 -6.16 12.43 6.45
C VAL A 89 -6.59 11.32 7.40
N PRO A 90 -7.90 11.01 7.50
CA PRO A 90 -8.37 9.79 8.14
C PRO A 90 -7.58 8.59 7.61
N TRP A 91 -7.55 8.38 6.28
CA TRP A 91 -6.93 7.27 5.59
C TRP A 91 -7.26 7.38 4.10
N LEU A 92 -7.63 6.24 3.51
CA LEU A 92 -8.21 6.10 2.21
C LEU A 92 -9.14 4.88 2.32
N THR A 93 -10.14 4.84 1.45
CA THR A 93 -10.85 3.61 1.14
C THR A 93 -10.28 3.09 -0.18
N ILE A 94 -9.75 1.86 -0.17
CA ILE A 94 -9.27 1.22 -1.37
C ILE A 94 -10.50 0.58 -2.03
N PRO A 95 -10.90 1.00 -3.24
CA PRO A 95 -12.17 0.55 -3.81
C PRO A 95 -11.98 -0.81 -4.47
N ALA A 96 -11.78 -1.86 -3.67
CA ALA A 96 -11.39 -3.17 -4.16
C ALA A 96 -10.03 -3.12 -4.87
N ARG A 97 -9.49 -4.28 -5.27
CA ARG A 97 -8.22 -4.47 -6.00
C ARG A 97 -6.95 -3.82 -5.40
N GLY A 98 -7.07 -3.01 -4.35
CA GLY A 98 -6.04 -2.10 -3.88
C GLY A 98 -4.71 -2.81 -3.68
N THR A 99 -3.79 -2.55 -4.61
CA THR A 99 -2.42 -2.98 -4.53
C THR A 99 -1.59 -1.71 -4.31
N LEU A 100 -1.90 -0.99 -3.24
CA LEU A 100 -1.26 0.27 -2.90
C LEU A 100 0.03 -0.08 -2.17
N THR A 101 1.05 0.77 -2.23
CA THR A 101 2.30 0.56 -1.53
C THR A 101 2.70 1.90 -0.93
N LEU A 102 3.36 1.82 0.22
CA LEU A 102 3.58 2.89 1.16
C LEU A 102 5.09 3.17 1.12
N GLN A 103 5.47 4.42 0.83
CA GLN A 103 6.85 4.87 0.85
C GLN A 103 6.87 6.34 1.28
N ARG A 104 7.96 6.80 1.90
CA ARG A 104 8.06 8.17 2.44
C ARG A 104 7.54 9.27 1.51
N ASP A 105 7.64 9.08 0.19
CA ASP A 105 7.10 9.97 -0.81
C ASP A 105 5.56 9.89 -0.86
N GLY A 106 5.01 8.69 -0.98
CA GLY A 106 3.74 8.40 -1.61
C GLY A 106 2.94 7.39 -0.79
N ASP A 107 1.66 7.71 -0.58
CA ASP A 107 0.61 6.86 -0.02
C ASP A 107 1.10 6.01 1.12
N HIS A 108 1.62 6.73 2.12
CA HIS A 108 2.24 6.20 3.30
C HIS A 108 1.51 6.72 4.54
N VAL A 109 1.88 6.15 5.67
CA VAL A 109 1.39 6.53 6.98
C VAL A 109 2.54 7.22 7.68
N MET A 110 2.27 8.35 8.33
CA MET A 110 3.27 9.12 9.06
C MET A 110 3.06 8.86 10.55
N LEU A 111 3.96 8.07 11.12
CA LEU A 111 4.01 7.82 12.55
C LEU A 111 4.92 8.87 13.17
N MET A 112 4.33 10.00 13.55
CA MET A 112 5.06 11.14 14.08
C MET A 112 5.30 10.97 15.59
N GLY A 113 6.42 11.48 16.10
CA GLY A 113 6.64 11.57 17.53
C GLY A 113 7.25 10.30 18.12
N LEU A 114 8.51 9.99 17.79
CA LEU A 114 9.20 8.80 18.30
C LEU A 114 9.07 8.65 19.82
N LYS A 115 9.12 7.40 20.30
CA LYS A 115 9.32 7.09 21.71
C LYS A 115 10.81 7.11 22.04
N ARG A 116 11.55 6.09 21.58
CA ARG A 116 12.93 5.80 21.96
C ARG A 116 13.43 4.47 21.36
N PRO A 117 12.78 3.31 21.60
CA PRO A 117 13.32 2.02 21.22
C PRO A 117 13.16 1.79 19.72
N LEU A 118 14.01 2.45 18.94
CA LEU A 118 14.10 2.32 17.48
C LEU A 118 15.55 2.09 17.10
N LYS A 119 15.84 0.92 16.51
CA LYS A 119 17.16 0.52 16.06
C LYS A 119 16.99 -0.10 14.67
N VAL A 120 17.76 0.38 13.69
CA VAL A 120 17.85 -0.20 12.36
C VAL A 120 18.32 -1.66 12.51
N GLY A 121 17.38 -2.60 12.64
CA GLY A 121 17.72 -3.92 13.15
C GLY A 121 16.50 -4.59 13.75
N GLU A 122 15.75 -3.83 14.56
CA GLU A 122 14.78 -4.38 15.47
C GLU A 122 13.53 -4.84 14.75
N THR A 123 12.56 -5.20 15.56
CA THR A 123 11.19 -5.50 15.17
C THR A 123 10.30 -5.12 16.34
N VAL A 124 9.24 -4.37 16.07
CA VAL A 124 8.28 -3.92 17.05
C VAL A 124 6.89 -4.30 16.50
N ASN A 125 5.92 -4.60 17.35
CA ASN A 125 4.59 -4.90 16.86
C ASN A 125 3.92 -3.64 16.30
N ILE A 126 3.03 -3.84 15.32
CA ILE A 126 2.07 -2.86 14.88
C ILE A 126 0.69 -3.42 15.20
N THR A 127 -0.27 -2.53 15.43
CA THR A 127 -1.63 -2.85 15.81
C THR A 127 -2.53 -2.05 14.88
N LEU A 128 -3.15 -2.79 13.96
CA LEU A 128 -4.12 -2.30 13.03
C LEU A 128 -5.50 -2.30 13.69
N LYS A 129 -6.35 -1.35 13.29
CA LYS A 129 -7.76 -1.34 13.62
C LYS A 129 -8.48 -0.64 12.47
N ALA A 130 -9.11 -1.42 11.58
CA ALA A 130 -9.98 -0.87 10.55
C ALA A 130 -11.33 -0.59 11.17
N THR A 131 -12.07 0.43 10.72
CA THR A 131 -13.33 0.80 11.38
C THR A 131 -14.28 -0.40 11.47
N ASP A 132 -14.31 -1.22 10.42
CA ASP A 132 -15.10 -2.43 10.31
C ASP A 132 -14.54 -3.54 11.21
N GLY A 133 -13.20 -3.58 11.35
CA GLY A 133 -12.44 -4.66 11.96
C GLY A 133 -11.34 -4.09 12.83
N ARG A 134 -11.72 -3.59 14.01
CA ARG A 134 -10.83 -2.82 14.86
C ARG A 134 -9.98 -3.74 15.73
N THR A 135 -9.30 -4.71 15.10
CA THR A 135 -8.45 -5.69 15.75
C THR A 135 -7.52 -6.32 14.72
N LEU A 136 -6.24 -5.93 14.68
CA LEU A 136 -5.22 -6.75 14.05
C LEU A 136 -3.87 -6.39 14.67
N ASN A 137 -2.93 -7.35 14.70
CA ASN A 137 -1.63 -7.23 15.30
C ASN A 137 -0.66 -7.90 14.34
N VAL A 138 0.43 -7.22 14.00
CA VAL A 138 1.39 -7.69 13.01
C VAL A 138 2.79 -7.29 13.53
N ALA A 139 3.86 -7.76 12.89
CA ALA A 139 5.23 -7.38 13.21
C ALA A 139 5.71 -6.33 12.21
N ALA A 140 6.40 -5.30 12.72
CA ALA A 140 7.02 -4.26 11.93
C ALA A 140 8.53 -4.27 12.13
N THR A 141 9.29 -4.50 11.07
CA THR A 141 10.75 -4.55 11.13
C THR A 141 11.31 -3.13 11.09
N VAL A 142 12.21 -2.77 12.01
CA VAL A 142 12.71 -1.41 12.11
C VAL A 142 13.94 -1.32 11.21
N LYS A 143 13.83 -0.68 10.05
CA LYS A 143 14.90 -0.62 9.04
C LYS A 143 14.85 0.73 8.33
N LYS A 144 15.75 1.65 8.72
CA LYS A 144 15.86 2.99 8.15
C LYS A 144 15.93 2.95 6.62
N ASN A 145 17.06 2.48 6.10
CA ASN A 145 17.35 2.33 4.67
C ASN A 145 17.48 3.68 3.96
N ILE A 146 18.45 3.79 3.05
CA ILE A 146 18.71 4.98 2.23
C ILE A 146 18.55 6.30 2.99
N GLU A 147 19.11 6.36 4.21
CA GLU A 147 18.99 7.54 5.06
C GLU A 147 19.91 8.65 4.56
N GLY A 148 19.79 9.84 5.16
CA GLY A 148 20.60 11.00 4.80
C GLY A 148 20.07 11.66 3.52
N ARG A 149 19.84 10.87 2.48
CA ARG A 149 19.17 11.29 1.26
C ARG A 149 17.75 10.73 1.28
CU CU1 B . 3.78 12.06 4.44
N MET A 1 -7.40 -40.11 -33.84
CA MET A 1 -8.24 -39.13 -34.54
C MET A 1 -7.89 -37.77 -33.97
N GLY A 2 -8.23 -36.68 -34.66
CA GLY A 2 -7.85 -35.34 -34.25
C GLY A 2 -6.47 -35.00 -34.79
N HIS A 3 -6.31 -33.76 -35.27
CA HIS A 3 -5.09 -33.24 -35.87
C HIS A 3 -5.13 -31.73 -35.67
N THR A 4 -3.98 -31.05 -35.81
CA THR A 4 -3.89 -29.60 -35.79
C THR A 4 -2.52 -29.21 -36.34
N MET A 5 -2.30 -27.92 -36.55
CA MET A 5 -1.05 -27.32 -37.01
C MET A 5 -1.03 -25.88 -36.48
N PRO A 6 0.17 -25.29 -36.26
CA PRO A 6 0.29 -23.88 -35.94
C PRO A 6 -0.01 -23.03 -37.18
N ALA A 7 -0.11 -21.71 -36.99
CA ALA A 7 -0.32 -20.75 -38.07
C ALA A 7 0.25 -19.40 -37.63
N HIS A 8 0.41 -18.48 -38.58
CA HIS A 8 0.77 -17.10 -38.33
C HIS A 8 -0.49 -16.24 -38.35
N THR A 9 -0.34 -14.93 -38.18
CA THR A 9 -1.43 -13.96 -38.28
C THR A 9 -0.83 -12.65 -38.80
N PRO A 10 -1.51 -11.92 -39.69
CA PRO A 10 -0.95 -10.71 -40.29
C PRO A 10 -1.00 -9.54 -39.30
N PRO A 11 -0.21 -8.48 -39.53
CA PRO A 11 -0.31 -7.24 -38.79
C PRO A 11 -1.62 -6.53 -39.16
N ALA A 12 -2.73 -7.00 -38.59
CA ALA A 12 -4.08 -6.49 -38.83
C ALA A 12 -4.11 -4.96 -38.78
N GLN A 13 -4.53 -4.33 -39.88
CA GLN A 13 -4.59 -2.89 -40.04
C GLN A 13 -5.65 -2.61 -41.11
N THR A 14 -6.30 -1.44 -41.04
CA THR A 14 -7.31 -1.02 -41.99
C THR A 14 -7.65 0.47 -41.75
N ALA A 15 -8.00 0.81 -40.51
CA ALA A 15 -8.29 2.17 -40.07
C ALA A 15 -7.93 2.26 -38.59
N PRO A 16 -7.52 3.43 -38.08
CA PRO A 16 -7.08 3.59 -36.70
C PRO A 16 -8.28 3.65 -35.76
N ALA A 17 -9.08 2.58 -35.71
CA ALA A 17 -10.28 2.48 -34.88
C ALA A 17 -10.61 1.01 -34.63
N ALA A 18 -9.60 0.22 -34.28
CA ALA A 18 -9.74 -1.22 -34.08
C ALA A 18 -8.58 -1.72 -33.21
N GLN A 19 -8.69 -1.52 -31.89
CA GLN A 19 -7.70 -1.99 -30.94
C GLN A 19 -8.37 -2.21 -29.59
N LYS A 20 -7.92 -3.22 -28.85
CA LYS A 20 -8.51 -3.66 -27.59
C LYS A 20 -8.20 -2.69 -26.44
N ALA A 21 -8.69 -1.46 -26.53
CA ALA A 21 -8.46 -0.39 -25.56
C ALA A 21 -9.23 -0.63 -24.25
N GLY A 22 -8.88 -1.69 -23.51
CA GLY A 22 -9.47 -2.00 -22.22
C GLY A 22 -9.11 -0.94 -21.18
N ALA A 23 -10.10 -0.30 -20.56
CA ALA A 23 -9.90 0.75 -19.58
C ALA A 23 -9.21 0.24 -18.31
N GLN A 24 -9.67 -0.90 -17.79
CA GLN A 24 -9.22 -1.48 -16.53
C GLN A 24 -9.50 -0.54 -15.35
N ALA A 25 -8.81 -0.72 -14.21
CA ALA A 25 -8.98 0.05 -12.98
C ALA A 25 -7.74 -0.21 -12.12
N LEU A 26 -7.63 0.45 -10.97
CA LEU A 26 -6.47 0.40 -10.09
C LEU A 26 -6.95 0.18 -8.64
N PRO A 27 -6.41 -0.81 -7.90
CA PRO A 27 -6.76 -1.01 -6.50
C PRO A 27 -6.11 0.10 -5.67
N VAL A 28 -6.74 0.50 -4.55
CA VAL A 28 -6.53 1.82 -3.98
C VAL A 28 -5.29 1.91 -3.09
N THR A 29 -4.14 1.50 -3.63
CA THR A 29 -2.92 1.38 -2.86
C THR A 29 -1.72 1.51 -3.80
N VAL A 30 -1.71 2.56 -4.62
CA VAL A 30 -0.57 2.85 -5.47
C VAL A 30 0.47 3.64 -4.67
N GLN A 31 1.05 2.97 -3.68
CA GLN A 31 2.02 3.51 -2.74
C GLN A 31 3.14 2.51 -2.49
N GLY A 32 4.28 3.01 -1.98
CA GLY A 32 5.46 2.22 -1.64
C GLY A 32 5.81 2.41 -0.16
N ALA A 33 5.00 1.80 0.71
CA ALA A 33 5.18 1.77 2.15
C ALA A 33 6.66 1.70 2.53
N THR A 34 7.15 2.74 3.20
CA THR A 34 8.53 2.87 3.58
C THR A 34 8.59 2.93 5.11
N VAL A 35 9.06 1.85 5.74
CA VAL A 35 9.17 1.71 7.18
C VAL A 35 10.47 2.34 7.66
N ALA A 36 10.41 3.25 8.63
CA ALA A 36 11.60 3.83 9.20
C ALA A 36 12.40 2.73 9.91
N ALA A 37 13.63 2.52 9.45
CA ALA A 37 14.61 1.77 10.23
C ALA A 37 14.72 2.45 11.60
N VAL A 38 14.61 1.68 12.68
CA VAL A 38 14.52 2.15 14.08
C VAL A 38 15.25 3.48 14.28
N PRO A 39 14.53 4.60 14.49
CA PRO A 39 15.16 5.89 14.73
C PRO A 39 15.97 5.84 16.03
N PRO A 40 16.78 6.87 16.33
CA PRO A 40 17.36 7.03 17.66
C PRO A 40 16.26 7.48 18.63
N SER A 41 15.19 6.68 18.76
CA SER A 41 14.02 6.99 19.56
C SER A 41 13.30 5.70 19.92
N ILE A 42 14.07 4.67 20.31
CA ILE A 42 13.59 3.41 20.88
C ILE A 42 13.00 2.49 19.80
N ARG A 43 12.76 1.23 20.17
CA ARG A 43 12.39 0.09 19.33
C ARG A 43 11.03 0.26 18.62
N ASP A 44 10.23 1.26 18.99
CA ASP A 44 9.05 1.65 18.23
C ASP A 44 9.48 2.35 16.93
N THR A 45 8.59 2.37 15.94
CA THR A 45 8.86 3.01 14.67
C THR A 45 7.55 3.10 13.89
N ALA A 46 7.60 3.57 12.63
CA ALA A 46 6.43 3.87 11.83
C ALA A 46 6.75 3.79 10.35
N ALA A 47 5.70 3.73 9.52
CA ALA A 47 5.80 3.81 8.08
C ALA A 47 5.41 5.21 7.62
N TYR A 48 6.13 5.74 6.63
CA TYR A 48 5.95 7.07 6.07
C TYR A 48 5.79 6.92 4.57
N MET A 49 4.59 7.17 4.04
CA MET A 49 4.22 6.93 2.65
C MET A 49 3.00 7.76 2.28
N THR A 50 2.44 7.55 1.09
CA THR A 50 1.13 8.07 0.71
C THR A 50 0.14 6.90 0.69
N LEU A 51 -1.16 7.20 0.66
CA LEU A 51 -2.20 6.28 0.22
C LEU A 51 -2.98 6.98 -0.86
N THR A 52 -3.54 6.23 -1.82
CA THR A 52 -4.09 6.79 -3.04
C THR A 52 -5.22 5.93 -3.62
N ASN A 53 -6.45 6.45 -3.56
CA ASN A 53 -7.62 5.89 -4.25
C ASN A 53 -7.59 6.33 -5.71
N LYS A 54 -8.01 5.44 -6.61
CA LYS A 54 -8.39 5.75 -7.98
C LYS A 54 -9.66 4.94 -8.30
N SER A 55 -10.76 5.23 -7.62
CA SER A 55 -11.97 4.44 -7.69
C SER A 55 -13.00 5.08 -6.77
N ASP A 56 -12.54 5.36 -5.54
CA ASP A 56 -13.04 6.37 -4.64
C ASP A 56 -14.21 5.79 -3.86
N GLN A 57 -13.90 4.81 -3.01
CA GLN A 57 -14.83 4.11 -2.15
C GLN A 57 -14.29 4.21 -0.71
N PRO A 58 -15.14 4.02 0.31
CA PRO A 58 -14.72 4.11 1.70
C PRO A 58 -13.94 2.84 2.11
N ILE A 59 -12.73 2.70 1.57
CA ILE A 59 -11.94 1.48 1.77
C ILE A 59 -11.20 1.61 3.11
N LYS A 60 -11.84 1.14 4.19
CA LYS A 60 -11.37 1.35 5.55
C LYS A 60 -10.30 0.32 5.95
N LEU A 61 -9.03 0.66 5.71
CA LEU A 61 -7.91 -0.27 5.65
C LEU A 61 -7.36 -0.65 7.03
N VAL A 62 -8.14 -1.39 7.81
CA VAL A 62 -7.76 -1.74 9.18
C VAL A 62 -6.81 -2.94 9.23
N GLY A 63 -5.64 -2.82 8.61
CA GLY A 63 -4.51 -3.65 8.99
C GLY A 63 -3.19 -3.05 8.55
N ALA A 64 -2.09 -3.50 9.15
CA ALA A 64 -0.73 -3.29 8.68
C ALA A 64 0.16 -4.37 9.28
N ALA A 65 -0.16 -5.64 9.05
CA ALA A 65 0.56 -6.73 9.71
C ALA A 65 1.84 -7.03 8.94
N THR A 66 2.88 -7.50 9.62
CA THR A 66 4.15 -7.77 8.98
C THR A 66 5.03 -8.58 9.93
N PRO A 67 5.87 -9.50 9.43
CA PRO A 67 6.92 -10.11 10.21
C PRO A 67 8.02 -9.07 10.43
N LEU A 68 7.73 -8.02 11.21
CA LEU A 68 8.66 -6.93 11.49
C LEU A 68 8.32 -6.28 12.84
N ALA A 69 7.15 -5.65 12.92
CA ALA A 69 6.62 -5.06 14.14
C ALA A 69 5.97 -6.15 14.99
N THR A 70 6.06 -6.01 16.31
CA THR A 70 5.30 -6.82 17.25
C THR A 70 3.93 -6.18 17.49
N SER A 71 3.89 -4.85 17.47
CA SER A 71 2.71 -4.03 17.77
C SER A 71 2.39 -3.13 16.58
N PRO A 72 1.89 -3.67 15.45
CA PRO A 72 1.52 -2.88 14.29
C PRO A 72 0.15 -2.22 14.48
N MET A 73 0.16 -0.92 14.74
CA MET A 73 -1.04 -0.12 15.00
C MET A 73 -1.05 1.12 14.11
N LEU A 74 -2.21 1.79 14.04
CA LEU A 74 -2.48 2.91 13.17
C LEU A 74 -2.72 4.18 14.01
N MET A 75 -2.28 5.34 13.52
CA MET A 75 -2.40 6.64 14.17
C MET A 75 -2.70 7.68 13.10
N THR A 76 -3.38 8.77 13.47
CA THR A 76 -4.06 9.63 12.51
C THR A 76 -4.02 11.08 13.02
N THR A 77 -3.23 11.93 12.37
CA THR A 77 -3.10 13.34 12.74
C THR A 77 -3.04 14.20 11.48
N THR A 78 -4.14 14.16 10.72
CA THR A 78 -4.38 15.06 9.59
C THR A 78 -5.89 15.22 9.36
N HIS A 79 -6.42 16.45 9.43
CA HIS A 79 -7.82 16.76 9.24
C HIS A 79 -8.26 16.60 7.77
N SER A 80 -8.34 15.37 7.25
CA SER A 80 -8.93 15.17 5.93
C SER A 80 -9.19 13.70 5.61
N GLY A 81 -8.15 12.86 5.66
CA GLY A 81 -8.28 11.43 5.38
C GLY A 81 -8.96 10.78 6.59
N GLY A 82 -8.17 10.56 7.63
CA GLY A 82 -8.66 10.10 8.92
C GLY A 82 -8.93 11.28 9.87
N MET A 83 -8.62 11.08 11.15
CA MET A 83 -8.79 12.03 12.24
C MET A 83 -7.49 12.83 12.44
N ALA A 84 -7.53 13.79 13.36
CA ALA A 84 -6.52 14.80 13.59
C ALA A 84 -6.10 14.72 15.04
N GLY A 85 -5.74 13.52 15.50
CA GLY A 85 -5.50 13.25 16.90
C GLY A 85 -4.49 12.10 17.04
N MET A 86 -3.28 12.37 17.53
CA MET A 86 -2.11 11.47 17.52
C MET A 86 -2.24 10.24 18.44
N LYS A 87 -3.47 9.79 18.72
CA LYS A 87 -3.78 8.65 19.57
C LYS A 87 -3.67 7.37 18.74
N MET A 88 -3.55 6.23 19.43
CA MET A 88 -3.50 4.93 18.78
C MET A 88 -4.96 4.54 18.48
N VAL A 89 -5.30 4.28 17.22
CA VAL A 89 -6.69 4.07 16.80
C VAL A 89 -6.89 2.67 16.22
N PRO A 90 -8.17 2.24 16.04
CA PRO A 90 -8.53 1.20 15.10
C PRO A 90 -7.72 1.30 13.81
N TRP A 91 -7.80 2.43 13.08
CA TRP A 91 -7.20 2.54 11.76
C TRP A 91 -7.31 3.93 11.15
N LEU A 92 -6.91 3.99 9.87
CA LEU A 92 -7.17 5.08 8.96
C LEU A 92 -8.34 4.63 8.07
N THR A 93 -9.52 5.22 8.27
CA THR A 93 -10.58 5.12 7.28
C THR A 93 -10.32 6.23 6.25
N ILE A 94 -10.31 5.88 4.96
CA ILE A 94 -10.12 6.85 3.88
C ILE A 94 -11.44 6.88 3.08
N PRO A 95 -12.34 7.84 3.38
CA PRO A 95 -13.74 7.69 3.06
C PRO A 95 -14.07 8.11 1.62
N ALA A 96 -13.62 7.34 0.63
CA ALA A 96 -13.73 7.72 -0.76
C ALA A 96 -12.90 8.97 -1.06
N ARG A 97 -12.46 9.06 -2.30
CA ARG A 97 -11.29 9.81 -2.72
C ARG A 97 -10.16 9.73 -1.68
N GLY A 98 -10.03 8.55 -1.07
CA GLY A 98 -9.09 8.28 -0.02
C GLY A 98 -7.67 8.40 -0.53
N THR A 99 -7.09 9.60 -0.38
CA THR A 99 -5.69 9.84 -0.61
C THR A 99 -5.16 10.75 0.48
N LEU A 100 -4.37 10.17 1.39
CA LEU A 100 -3.64 10.91 2.40
C LEU A 100 -2.15 10.63 2.31
N THR A 101 -1.39 11.12 3.29
CA THR A 101 0.05 11.13 3.38
C THR A 101 0.30 10.81 4.84
N LEU A 102 1.36 10.06 5.10
CA LEU A 102 1.64 9.42 6.35
C LEU A 102 3.07 9.80 6.66
N GLN A 103 3.26 10.55 7.75
CA GLN A 103 4.48 11.27 8.05
C GLN A 103 4.68 11.30 9.56
N ARG A 104 5.91 11.57 9.97
CA ARG A 104 6.22 11.68 11.39
C ARG A 104 5.42 12.84 11.99
N ASP A 105 4.62 12.53 13.01
CA ASP A 105 3.68 13.44 13.67
C ASP A 105 2.81 14.20 12.68
N GLY A 106 2.03 13.45 11.90
CA GLY A 106 0.91 14.01 11.15
C GLY A 106 0.24 12.91 10.34
N ASP A 107 -0.30 11.90 11.04
CA ASP A 107 -0.91 10.70 10.49
C ASP A 107 0.17 9.71 10.08
N HIS A 108 0.09 8.46 10.54
CA HIS A 108 1.13 7.46 10.27
C HIS A 108 0.75 6.09 10.86
N VAL A 109 1.35 5.03 10.31
CA VAL A 109 1.18 3.68 10.84
C VAL A 109 2.35 3.45 11.78
N MET A 110 2.10 3.12 13.05
CA MET A 110 3.12 2.86 14.04
C MET A 110 3.38 1.35 14.10
N LEU A 111 4.52 0.96 13.52
CA LEU A 111 5.01 -0.39 13.46
C LEU A 111 5.83 -0.60 14.72
N MET A 112 5.15 -0.63 15.87
CA MET A 112 5.81 -0.53 17.16
C MET A 112 6.37 -1.89 17.57
N GLY A 113 7.40 -1.88 18.42
CA GLY A 113 8.04 -3.09 18.90
C GLY A 113 8.69 -3.83 17.73
N LEU A 114 9.64 -3.20 17.06
CA LEU A 114 10.42 -3.84 16.01
C LEU A 114 11.11 -5.08 16.60
N LYS A 115 10.80 -6.29 16.11
CA LYS A 115 11.48 -7.49 16.58
C LYS A 115 12.80 -7.73 15.84
N ARG A 116 12.72 -8.09 14.55
CA ARG A 116 13.87 -8.48 13.73
C ARG A 116 14.83 -7.31 13.51
N PRO A 117 16.11 -7.57 13.22
CA PRO A 117 17.00 -6.54 12.70
C PRO A 117 16.48 -6.08 11.32
N LEU A 118 16.71 -4.80 10.99
CA LEU A 118 16.32 -4.20 9.72
C LEU A 118 17.37 -3.16 9.30
N LYS A 119 17.61 -3.01 7.99
CA LYS A 119 18.54 -2.03 7.43
C LYS A 119 17.75 -0.96 6.69
N VAL A 120 18.23 0.28 6.72
CA VAL A 120 17.78 1.30 5.80
C VAL A 120 18.20 0.85 4.39
N GLY A 121 17.26 0.28 3.65
CA GLY A 121 17.48 -0.34 2.36
C GLY A 121 16.86 -1.75 2.29
N GLU A 122 16.28 -2.28 3.38
CA GLU A 122 15.67 -3.58 3.35
C GLU A 122 14.33 -3.50 2.64
N THR A 123 13.65 -4.63 2.67
CA THR A 123 12.32 -4.83 2.15
C THR A 123 11.68 -5.97 2.93
N VAL A 124 10.43 -5.79 3.36
CA VAL A 124 9.64 -6.82 4.04
C VAL A 124 8.23 -6.81 3.45
N ASN A 125 7.61 -7.99 3.33
CA ASN A 125 6.25 -8.10 2.84
C ASN A 125 5.27 -7.73 3.97
N ILE A 126 4.46 -6.69 3.76
CA ILE A 126 3.35 -6.37 4.65
C ILE A 126 2.19 -7.26 4.26
N THR A 127 1.24 -7.44 5.17
CA THR A 127 -0.03 -8.10 4.95
C THR A 127 -1.10 -7.15 5.46
N LEU A 128 -1.92 -6.67 4.53
CA LEU A 128 -3.06 -5.83 4.84
C LEU A 128 -4.26 -6.73 5.05
N LYS A 129 -5.03 -6.49 6.10
CA LYS A 129 -6.26 -7.20 6.40
C LYS A 129 -7.40 -6.20 6.60
N ALA A 130 -7.84 -5.56 5.51
CA ALA A 130 -8.87 -4.54 5.59
C ALA A 130 -10.21 -5.25 5.78
N THR A 131 -11.09 -4.74 6.64
CA THR A 131 -12.25 -5.53 7.07
C THR A 131 -13.12 -5.98 5.90
N ASP A 132 -13.23 -5.15 4.87
CA ASP A 132 -13.97 -5.40 3.64
C ASP A 132 -13.38 -6.57 2.85
N GLY A 133 -12.07 -6.80 2.99
CA GLY A 133 -11.34 -7.77 2.18
C GLY A 133 -10.01 -8.04 2.87
N ARG A 134 -10.03 -8.93 3.86
CA ARG A 134 -8.92 -9.09 4.80
C ARG A 134 -7.81 -9.97 4.19
N THR A 135 -7.33 -9.60 3.00
CA THR A 135 -6.38 -10.36 2.21
C THR A 135 -5.67 -9.42 1.22
N LEU A 136 -4.61 -8.73 1.63
CA LEU A 136 -3.72 -8.03 0.71
C LEU A 136 -2.29 -8.20 1.19
N ASN A 137 -1.31 -8.05 0.30
CA ASN A 137 0.10 -8.18 0.60
C ASN A 137 0.83 -7.24 -0.34
N VAL A 138 1.88 -6.57 0.15
CA VAL A 138 2.64 -5.58 -0.59
C VAL A 138 4.08 -5.65 -0.09
N ALA A 139 5.07 -5.40 -0.95
CA ALA A 139 6.46 -5.32 -0.53
C ALA A 139 6.73 -3.92 0.00
N ALA A 140 6.88 -3.79 1.32
CA ALA A 140 7.24 -2.54 1.96
C ALA A 140 8.76 -2.41 1.97
N THR A 141 9.26 -1.21 1.70
CA THR A 141 10.67 -0.90 1.82
C THR A 141 10.94 -0.59 3.28
N VAL A 142 12.15 -0.85 3.78
CA VAL A 142 12.60 -0.31 5.04
C VAL A 142 13.54 0.85 4.69
N LYS A 143 13.17 2.09 5.01
CA LYS A 143 14.07 3.22 4.89
C LYS A 143 13.55 4.35 5.80
N LYS A 144 14.46 5.11 6.43
CA LYS A 144 14.14 6.25 7.28
C LYS A 144 13.55 7.41 6.47
N ASN A 145 14.45 8.27 5.96
CA ASN A 145 14.15 9.51 5.28
C ASN A 145 13.71 10.61 6.25
N ILE A 146 14.02 11.87 5.92
CA ILE A 146 13.76 13.07 6.73
C ILE A 146 13.87 12.81 8.25
N GLU A 147 14.98 12.20 8.69
CA GLU A 147 15.08 11.65 10.04
C GLU A 147 16.52 11.24 10.34
N GLY A 148 17.39 12.23 10.58
CA GLY A 148 18.76 12.03 11.04
C GLY A 148 19.04 12.84 12.32
N ARG A 149 17.99 13.41 12.92
CA ARG A 149 18.01 14.23 14.11
C ARG A 149 16.53 14.42 14.45
CU CU1 B . 1.92 7.97 15.80
N MET A 1 -0.45 -21.65 -50.18
CA MET A 1 -0.40 -21.53 -51.64
C MET A 1 -1.03 -20.18 -51.99
N GLY A 2 -1.61 -20.01 -53.18
CA GLY A 2 -2.44 -18.84 -53.47
C GLY A 2 -3.77 -18.99 -52.72
N HIS A 3 -3.72 -18.92 -51.39
CA HIS A 3 -4.86 -19.11 -50.50
C HIS A 3 -4.60 -18.37 -49.20
N THR A 4 -5.61 -18.30 -48.32
CA THR A 4 -5.49 -17.76 -46.98
C THR A 4 -6.62 -18.36 -46.15
N MET A 5 -6.82 -17.87 -44.93
CA MET A 5 -7.82 -18.34 -43.99
C MET A 5 -8.36 -17.13 -43.20
N PRO A 6 -9.63 -17.15 -42.79
CA PRO A 6 -10.20 -16.10 -41.94
C PRO A 6 -9.69 -16.25 -40.50
N ALA A 7 -10.05 -15.30 -39.64
CA ALA A 7 -9.72 -15.34 -38.22
C ALA A 7 -10.88 -14.76 -37.42
N HIS A 8 -11.15 -15.34 -36.24
CA HIS A 8 -12.26 -14.94 -35.39
C HIS A 8 -11.96 -13.61 -34.69
N THR A 9 -12.04 -12.51 -35.44
CA THR A 9 -11.90 -11.16 -34.91
C THR A 9 -13.25 -10.69 -34.33
N PRO A 10 -13.46 -10.63 -33.00
CA PRO A 10 -14.70 -10.15 -32.44
C PRO A 10 -14.77 -8.62 -32.52
N PRO A 11 -15.98 -8.03 -32.46
CA PRO A 11 -16.15 -6.59 -32.33
C PRO A 11 -15.81 -6.17 -30.89
N ALA A 12 -14.55 -6.30 -30.50
CA ALA A 12 -14.05 -5.97 -29.17
C ALA A 12 -12.60 -5.49 -29.28
N GLN A 13 -12.04 -5.01 -28.17
CA GLN A 13 -10.65 -4.60 -28.05
C GLN A 13 -10.16 -5.10 -26.69
N THR A 14 -8.84 -5.21 -26.51
CA THR A 14 -8.21 -5.65 -25.27
C THR A 14 -6.78 -5.10 -25.32
N ALA A 15 -6.15 -4.91 -24.15
CA ALA A 15 -4.73 -4.56 -24.10
C ALA A 15 -3.92 -5.64 -24.84
N PRO A 16 -2.96 -5.28 -25.71
CA PRO A 16 -2.33 -6.23 -26.61
C PRO A 16 -1.26 -7.09 -25.93
N ALA A 17 -1.52 -7.59 -24.73
CA ALA A 17 -0.61 -8.49 -24.01
C ALA A 17 -0.77 -9.92 -24.55
N ALA A 18 -0.65 -10.07 -25.88
CA ALA A 18 -1.14 -11.23 -26.63
C ALA A 18 -0.67 -12.56 -26.04
N GLN A 19 0.54 -12.99 -26.35
CA GLN A 19 1.11 -14.20 -25.77
C GLN A 19 1.62 -13.85 -24.37
N LYS A 20 0.70 -13.60 -23.44
CA LYS A 20 0.99 -13.27 -22.06
C LYS A 20 -0.29 -13.34 -21.23
N ALA A 21 -1.25 -12.45 -21.50
CA ALA A 21 -2.61 -12.42 -20.94
C ALA A 21 -2.67 -12.06 -19.45
N GLY A 22 -1.93 -12.78 -18.60
CA GLY A 22 -2.08 -12.75 -17.15
C GLY A 22 -1.55 -11.48 -16.49
N ALA A 23 -2.16 -10.33 -16.79
CA ALA A 23 -2.04 -9.11 -16.01
C ALA A 23 -3.30 -8.98 -15.15
N GLN A 24 -4.46 -8.83 -15.80
CA GLN A 24 -5.77 -8.83 -15.18
C GLN A 24 -5.90 -7.74 -14.11
N ALA A 25 -5.68 -6.49 -14.52
CA ALA A 25 -5.72 -5.31 -13.67
C ALA A 25 -4.64 -5.40 -12.60
N LEU A 26 -4.85 -4.71 -11.48
CA LEU A 26 -3.93 -4.63 -10.36
C LEU A 26 -4.75 -4.18 -9.15
N PRO A 27 -4.65 -4.86 -7.99
CA PRO A 27 -5.33 -4.42 -6.78
C PRO A 27 -4.67 -3.13 -6.27
N VAL A 28 -5.38 -2.34 -5.46
CA VAL A 28 -4.97 -0.98 -5.15
C VAL A 28 -3.92 -0.93 -4.05
N THR A 29 -2.80 -1.62 -4.26
CA THR A 29 -1.71 -1.73 -3.30
C THR A 29 -0.43 -2.13 -4.05
N VAL A 30 0.23 -1.15 -4.67
CA VAL A 30 1.52 -1.34 -5.32
C VAL A 30 2.47 -0.22 -4.90
N GLN A 31 3.12 -0.42 -3.75
CA GLN A 31 4.32 0.30 -3.33
C GLN A 31 5.02 -0.59 -2.29
N GLY A 32 6.33 -0.43 -2.11
CA GLY A 32 7.07 -1.16 -1.09
C GLY A 32 6.83 -0.56 0.29
N ALA A 33 6.63 -1.39 1.31
CA ALA A 33 6.48 -0.93 2.69
C ALA A 33 7.85 -0.77 3.34
N THR A 34 8.20 0.46 3.70
CA THR A 34 9.38 0.75 4.50
C THR A 34 8.90 1.21 5.87
N VAL A 35 9.75 1.11 6.91
CA VAL A 35 9.54 1.69 8.22
C VAL A 35 10.83 2.42 8.60
N ALA A 36 10.74 3.62 9.17
CA ALA A 36 11.90 4.33 9.65
C ALA A 36 12.34 3.71 10.97
N ALA A 37 13.52 3.08 11.00
CA ALA A 37 14.09 2.56 12.23
C ALA A 37 14.12 3.68 13.28
N VAL A 38 13.57 3.45 14.48
CA VAL A 38 13.41 4.39 15.59
C VAL A 38 14.21 5.70 15.39
N PRO A 39 13.56 6.80 15.00
CA PRO A 39 14.21 8.09 14.85
C PRO A 39 14.68 8.58 16.21
N PRO A 40 15.51 9.63 16.28
CA PRO A 40 15.87 10.25 17.55
C PRO A 40 14.70 11.08 18.11
N SER A 41 13.48 10.54 18.04
CA SER A 41 12.23 11.16 18.42
C SER A 41 11.44 10.14 19.24
N ILE A 42 12.15 9.31 20.03
CA ILE A 42 11.57 8.31 20.91
C ILE A 42 11.03 7.13 20.08
N ARG A 43 10.60 6.06 20.77
CA ARG A 43 10.14 4.81 20.18
C ARG A 43 8.76 4.91 19.51
N ASP A 44 8.49 6.01 18.80
CA ASP A 44 7.47 6.01 17.75
C ASP A 44 8.16 5.81 16.42
N THR A 45 7.40 5.36 15.44
CA THR A 45 7.75 5.62 14.07
C THR A 45 6.45 5.49 13.26
N ALA A 46 6.58 5.40 11.95
CA ALA A 46 5.50 5.06 11.06
C ALA A 46 6.07 4.26 9.89
N ALA A 47 5.19 3.76 9.03
CA ALA A 47 5.61 3.22 7.75
C ALA A 47 5.88 4.40 6.82
N TYR A 48 6.63 4.12 5.76
CA TYR A 48 6.99 5.00 4.68
C TYR A 48 6.66 4.18 3.43
N MET A 49 5.54 4.52 2.82
CA MET A 49 4.88 3.84 1.71
C MET A 49 3.96 4.88 1.06
N THR A 50 3.21 4.51 0.01
CA THR A 50 2.11 5.28 -0.52
C THR A 50 1.17 4.26 -1.17
N LEU A 51 -0.15 4.43 -1.06
CA LEU A 51 -1.08 3.62 -1.82
C LEU A 51 -1.20 4.20 -3.21
N THR A 52 -1.18 3.31 -4.19
CA THR A 52 -1.17 3.57 -5.62
C THR A 52 -2.41 2.91 -6.25
N ASN A 53 -3.58 3.53 -6.16
CA ASN A 53 -4.81 2.87 -6.60
C ASN A 53 -4.94 3.02 -8.11
N LYS A 54 -4.39 2.07 -8.88
CA LYS A 54 -4.52 2.12 -10.32
C LYS A 54 -5.86 1.52 -10.77
N SER A 55 -6.95 2.09 -10.25
CA SER A 55 -8.31 1.88 -10.70
C SER A 55 -9.22 2.71 -9.80
N ASP A 56 -10.34 3.16 -10.37
CA ASP A 56 -11.33 3.97 -9.70
C ASP A 56 -12.21 3.06 -8.84
N GLN A 57 -11.62 2.48 -7.78
CA GLN A 57 -12.28 1.58 -6.86
C GLN A 57 -12.01 2.00 -5.42
N PRO A 58 -13.05 2.29 -4.60
CA PRO A 58 -12.88 2.69 -3.21
C PRO A 58 -12.64 1.47 -2.30
N ILE A 59 -11.47 1.37 -1.66
CA ILE A 59 -11.17 0.29 -0.72
C ILE A 59 -10.49 0.86 0.53
N LYS A 60 -11.26 1.11 1.60
CA LYS A 60 -10.74 1.63 2.85
C LYS A 60 -10.12 0.50 3.70
N LEU A 61 -8.92 0.73 4.23
CA LEU A 61 -8.16 -0.24 5.01
C LEU A 61 -8.07 0.19 6.47
N VAL A 62 -8.20 -0.73 7.42
CA VAL A 62 -8.16 -0.41 8.85
C VAL A 62 -7.49 -1.55 9.62
N GLY A 63 -6.26 -1.90 9.26
CA GLY A 63 -5.44 -2.70 10.14
C GLY A 63 -3.97 -2.60 9.80
N ALA A 64 -3.13 -2.84 10.81
CA ALA A 64 -1.69 -2.98 10.72
C ALA A 64 -1.27 -3.86 11.89
N ALA A 65 -1.57 -5.16 11.81
CA ALA A 65 -1.27 -6.12 12.87
C ALA A 65 0.17 -6.59 12.70
N THR A 66 0.85 -6.85 13.83
CA THR A 66 2.31 -6.84 13.92
C THR A 66 2.87 -5.73 13.01
N PRO A 67 2.65 -4.45 13.36
CA PRO A 67 2.97 -3.34 12.48
C PRO A 67 4.49 -3.28 12.24
N LEU A 68 5.20 -2.59 13.13
CA LEU A 68 6.62 -2.78 13.38
C LEU A 68 6.95 -2.06 14.69
N ALA A 69 6.06 -2.26 15.66
CA ALA A 69 6.06 -1.65 16.97
C ALA A 69 5.03 -2.44 17.78
N THR A 70 4.48 -1.86 18.85
CA THR A 70 3.52 -2.54 19.70
C THR A 70 2.09 -2.05 19.43
N SER A 71 1.93 -0.74 19.22
CA SER A 71 0.66 -0.05 19.16
C SER A 71 0.55 0.65 17.80
N PRO A 72 -0.29 0.15 16.88
CA PRO A 72 -0.57 0.81 15.62
C PRO A 72 -1.70 1.82 15.80
N MET A 73 -1.56 2.97 15.16
CA MET A 73 -2.58 4.00 15.09
C MET A 73 -2.60 4.55 13.67
N LEU A 74 -3.77 4.59 13.05
CA LEU A 74 -3.92 5.12 11.70
C LEU A 74 -4.00 6.64 11.81
N MET A 75 -3.34 7.36 10.88
CA MET A 75 -3.20 8.81 10.93
C MET A 75 -3.30 9.43 9.53
N THR A 76 -3.72 10.70 9.48
CA THR A 76 -4.01 11.41 8.27
C THR A 76 -3.66 12.88 8.52
N THR A 77 -2.74 13.42 7.73
CA THR A 77 -2.25 14.77 7.88
C THR A 77 -1.67 15.33 6.59
N THR A 78 -2.45 15.30 5.50
CA THR A 78 -2.14 16.00 4.26
C THR A 78 -3.38 16.66 3.67
N HIS A 79 -3.19 17.34 2.53
CA HIS A 79 -4.21 18.19 1.94
C HIS A 79 -5.05 17.39 0.95
N SER A 80 -4.39 16.53 0.18
CA SER A 80 -5.04 15.41 -0.50
C SER A 80 -5.20 14.28 0.52
N GLY A 81 -5.14 13.04 0.07
CA GLY A 81 -5.20 11.88 0.95
C GLY A 81 -6.47 11.92 1.80
N GLY A 82 -6.36 11.52 3.07
CA GLY A 82 -7.51 11.46 3.96
C GLY A 82 -7.96 12.85 4.46
N MET A 83 -7.13 13.50 5.28
CA MET A 83 -7.43 14.71 6.03
C MET A 83 -6.11 15.34 6.48
N ALA A 84 -6.16 16.53 7.10
CA ALA A 84 -5.04 17.44 7.23
C ALA A 84 -4.83 17.72 8.70
N GLY A 85 -4.85 16.67 9.52
CA GLY A 85 -4.85 16.86 10.95
C GLY A 85 -4.43 15.61 11.72
N MET A 86 -3.12 15.38 11.89
CA MET A 86 -2.53 14.23 12.60
C MET A 86 -3.34 13.90 13.85
N LYS A 87 -4.21 12.90 13.73
CA LYS A 87 -5.01 12.37 14.82
C LYS A 87 -5.21 10.87 14.61
N MET A 88 -5.67 10.18 15.65
CA MET A 88 -5.99 8.77 15.62
C MET A 88 -7.34 8.62 14.92
N VAL A 89 -7.33 8.85 13.61
CA VAL A 89 -8.50 8.77 12.76
C VAL A 89 -8.99 7.31 12.74
N PRO A 90 -10.30 7.06 12.65
CA PRO A 90 -10.87 5.74 12.37
C PRO A 90 -10.00 4.89 11.43
N TRP A 91 -9.60 5.46 10.29
CA TRP A 91 -8.76 4.85 9.28
C TRP A 91 -8.59 5.90 8.18
N LEU A 92 -7.89 5.53 7.10
CA LEU A 92 -7.74 6.36 5.91
C LEU A 92 -8.59 5.80 4.77
N THR A 93 -9.74 6.42 4.51
CA THR A 93 -10.59 6.04 3.38
C THR A 93 -9.94 6.58 2.10
N ILE A 94 -9.65 5.69 1.16
CA ILE A 94 -9.09 6.03 -0.15
C ILE A 94 -10.18 5.82 -1.22
N PRO A 95 -10.98 6.84 -1.53
CA PRO A 95 -12.02 6.67 -2.53
C PRO A 95 -11.39 6.58 -3.92
N ALA A 96 -11.95 5.70 -4.75
CA ALA A 96 -11.57 5.55 -6.16
C ALA A 96 -10.07 5.39 -6.34
N ARG A 97 -9.51 6.01 -7.38
CA ARG A 97 -8.12 6.02 -7.79
C ARG A 97 -7.18 6.75 -6.84
N GLY A 98 -7.41 6.62 -5.54
CA GLY A 98 -6.64 7.28 -4.52
C GLY A 98 -5.14 7.09 -4.70
N THR A 99 -4.39 8.14 -4.36
CA THR A 99 -3.00 7.97 -4.03
C THR A 99 -2.75 8.80 -2.77
N LEU A 100 -2.74 8.07 -1.66
CA LEU A 100 -2.64 8.59 -0.31
C LEU A 100 -1.30 8.12 0.20
N THR A 101 -0.47 9.04 0.69
CA THR A 101 0.86 8.68 1.14
C THR A 101 0.79 8.12 2.55
N LEU A 102 1.75 7.28 2.90
CA LEU A 102 1.86 6.72 4.23
C LEU A 102 3.27 7.00 4.70
N GLN A 103 3.58 8.23 5.12
CA GLN A 103 4.87 8.59 5.71
C GLN A 103 4.65 9.47 6.94
N ARG A 104 5.64 9.53 7.84
CA ARG A 104 5.51 10.12 9.18
C ARG A 104 5.46 11.65 9.12
N ASP A 105 4.46 12.21 8.45
CA ASP A 105 4.41 13.59 8.00
C ASP A 105 3.06 13.88 7.33
N GLY A 106 2.63 12.97 6.45
CA GLY A 106 1.58 13.26 5.47
C GLY A 106 0.76 12.01 5.13
N ASP A 107 -0.11 11.64 6.07
CA ASP A 107 -0.92 10.43 6.14
C ASP A 107 -0.01 9.23 6.37
N HIS A 108 -0.42 8.28 7.22
CA HIS A 108 0.43 7.18 7.67
C HIS A 108 -0.26 6.30 8.71
N VAL A 109 0.45 5.26 9.15
CA VAL A 109 0.17 4.53 10.38
C VAL A 109 1.28 4.89 11.35
N MET A 110 0.98 5.52 12.50
CA MET A 110 1.96 5.63 13.57
C MET A 110 1.94 4.30 14.31
N LEU A 111 2.96 3.51 14.03
CA LEU A 111 3.28 2.30 14.77
C LEU A 111 4.32 2.62 15.84
N MET A 112 3.85 2.68 17.09
CA MET A 112 4.62 3.10 18.25
C MET A 112 4.89 1.94 19.19
N GLY A 113 5.98 2.02 19.94
CA GLY A 113 6.09 1.28 21.21
C GLY A 113 7.33 0.41 21.37
N LEU A 114 8.18 0.25 20.35
CA LEU A 114 9.43 -0.52 20.41
C LEU A 114 9.14 -2.02 20.35
N LYS A 115 9.16 -2.61 19.15
CA LYS A 115 9.02 -4.03 18.96
C LYS A 115 10.27 -4.77 19.47
N ARG A 116 11.43 -4.39 18.92
CA ARG A 116 12.79 -4.88 19.16
C ARG A 116 13.66 -4.75 17.89
N PRO A 117 13.28 -5.36 16.74
CA PRO A 117 14.08 -5.30 15.51
C PRO A 117 14.09 -3.91 14.84
N LEU A 118 14.69 -2.90 15.48
CA LEU A 118 15.17 -1.71 14.81
C LEU A 118 16.60 -1.93 14.33
N LYS A 119 16.80 -2.31 13.06
CA LYS A 119 18.08 -2.20 12.39
C LYS A 119 17.81 -1.69 10.98
N VAL A 120 18.73 -0.90 10.41
CA VAL A 120 18.58 -0.30 9.10
C VAL A 120 18.73 -1.39 8.02
N GLY A 121 17.77 -2.30 7.96
CA GLY A 121 17.83 -3.53 7.18
C GLY A 121 17.20 -4.73 7.89
N GLU A 122 16.51 -4.53 9.02
CA GLU A 122 15.59 -5.53 9.51
C GLU A 122 14.41 -5.57 8.56
N THR A 123 13.56 -6.55 8.81
CA THR A 123 12.35 -6.80 8.03
C THR A 123 11.35 -7.57 8.88
N VAL A 124 10.11 -7.08 8.93
CA VAL A 124 9.04 -7.68 9.74
C VAL A 124 7.79 -7.85 8.88
N ASN A 125 7.09 -8.98 9.06
CA ASN A 125 5.79 -9.23 8.44
C ASN A 125 4.74 -8.31 9.09
N ILE A 126 4.05 -7.49 8.30
CA ILE A 126 2.84 -6.77 8.71
C ILE A 126 1.65 -7.50 8.14
N THR A 127 0.55 -7.60 8.89
CA THR A 127 -0.72 -8.13 8.38
C THR A 127 -1.80 -7.05 8.48
N LEU A 128 -2.24 -6.51 7.34
CA LEU A 128 -3.29 -5.49 7.32
C LEU A 128 -4.69 -6.11 7.34
N LYS A 129 -5.73 -5.28 7.47
CA LYS A 129 -7.11 -5.70 7.65
C LYS A 129 -8.02 -4.64 7.02
N ALA A 130 -8.44 -4.88 5.78
CA ALA A 130 -9.45 -4.04 5.14
C ALA A 130 -10.86 -4.51 5.51
N THR A 131 -11.78 -3.55 5.68
CA THR A 131 -13.16 -3.81 6.12
C THR A 131 -13.89 -4.76 5.18
N ASP A 132 -13.45 -4.85 3.93
CA ASP A 132 -13.94 -5.81 2.95
C ASP A 132 -13.76 -7.27 3.43
N GLY A 133 -12.89 -7.47 4.44
CA GLY A 133 -12.69 -8.73 5.15
C GLY A 133 -11.31 -9.31 4.84
N ARG A 134 -10.34 -8.43 4.55
CA ARG A 134 -9.04 -8.88 4.07
C ARG A 134 -8.09 -9.12 5.25
N THR A 135 -6.96 -9.78 4.97
CA THR A 135 -5.95 -10.21 5.93
C THR A 135 -4.67 -10.40 5.10
N LEU A 136 -4.22 -9.32 4.47
CA LEU A 136 -3.07 -9.38 3.56
C LEU A 136 -1.81 -9.23 4.40
N ASN A 137 -0.75 -9.97 4.03
CA ASN A 137 0.53 -9.94 4.71
C ASN A 137 1.53 -9.30 3.74
N VAL A 138 2.36 -8.41 4.26
CA VAL A 138 3.34 -7.65 3.51
C VAL A 138 4.63 -7.67 4.34
N ALA A 139 5.78 -7.42 3.70
CA ALA A 139 7.07 -7.33 4.37
C ALA A 139 7.43 -5.85 4.55
N ALA A 140 7.41 -5.38 5.80
CA ALA A 140 7.82 -4.04 6.15
C ALA A 140 9.33 -4.03 6.35
N THR A 141 10.04 -3.24 5.54
CA THR A 141 11.49 -3.18 5.50
C THR A 141 11.96 -2.03 6.40
N VAL A 142 12.87 -2.26 7.35
CA VAL A 142 13.28 -1.23 8.28
C VAL A 142 14.41 -0.41 7.66
N LYS A 143 14.15 0.80 7.18
CA LYS A 143 15.15 1.74 6.68
C LYS A 143 14.76 3.15 7.12
N LYS A 144 15.58 3.78 7.96
CA LYS A 144 15.41 5.17 8.41
C LYS A 144 14.96 6.09 7.28
N ASN A 145 15.81 6.24 6.26
CA ASN A 145 15.65 7.28 5.24
C ASN A 145 15.63 8.64 5.93
N ILE A 146 15.13 9.66 5.25
CA ILE A 146 14.94 10.98 5.83
C ILE A 146 13.78 10.91 6.82
N GLU A 147 14.03 10.36 8.02
CA GLU A 147 13.03 9.98 9.01
C GLU A 147 12.33 11.14 9.74
N GLY A 148 12.16 12.28 9.06
CA GLY A 148 11.56 13.48 9.61
C GLY A 148 12.49 14.13 10.63
N ARG A 149 12.53 13.59 11.85
CA ARG A 149 13.26 14.12 12.99
C ARG A 149 13.09 13.10 14.12
CU CU1 B . 1.43 11.00 13.05
N MET A 1 -32.32 4.32 -22.90
CA MET A 1 -32.80 3.35 -21.89
C MET A 1 -32.43 1.96 -22.40
N GLY A 2 -32.42 0.95 -21.53
CA GLY A 2 -32.18 -0.44 -21.92
C GLY A 2 -30.89 -0.61 -22.74
N HIS A 3 -29.81 0.03 -22.31
CA HIS A 3 -28.51 -0.08 -22.95
C HIS A 3 -27.42 0.27 -21.93
N THR A 4 -26.40 -0.57 -21.86
CA THR A 4 -25.15 -0.38 -21.14
C THR A 4 -24.17 -1.35 -21.80
N MET A 5 -22.87 -1.06 -21.80
CA MET A 5 -21.86 -1.93 -22.38
C MET A 5 -20.51 -1.63 -21.73
N PRO A 6 -19.64 -2.63 -21.53
CA PRO A 6 -18.31 -2.43 -20.99
C PRO A 6 -17.37 -1.89 -22.08
N ALA A 7 -16.13 -1.58 -21.68
CA ALA A 7 -15.03 -1.27 -22.58
C ALA A 7 -13.75 -1.54 -21.81
N HIS A 8 -12.67 -1.93 -22.51
CA HIS A 8 -11.41 -2.34 -21.90
C HIS A 8 -10.36 -2.43 -23.00
N THR A 9 -9.09 -2.27 -22.65
CA THR A 9 -7.98 -2.34 -23.57
C THR A 9 -7.91 -3.72 -24.23
N PRO A 10 -7.72 -3.84 -25.55
CA PRO A 10 -7.48 -5.12 -26.19
C PRO A 10 -6.14 -5.70 -25.73
N PRO A 11 -5.91 -7.01 -25.90
CA PRO A 11 -4.69 -7.68 -25.48
C PRO A 11 -3.51 -7.27 -26.37
N ALA A 12 -2.98 -6.07 -26.14
CA ALA A 12 -1.79 -5.55 -26.81
C ALA A 12 -0.55 -6.34 -26.37
N GLN A 13 -0.42 -7.56 -26.89
CA GLN A 13 0.67 -8.49 -26.59
C GLN A 13 2.04 -7.80 -26.56
N THR A 14 2.79 -8.02 -25.47
CA THR A 14 4.14 -7.53 -25.25
C THR A 14 4.69 -8.38 -24.11
N ALA A 15 5.99 -8.71 -24.14
CA ALA A 15 6.65 -9.48 -23.10
C ALA A 15 8.15 -9.20 -23.19
N PRO A 16 8.89 -9.23 -22.08
CA PRO A 16 10.34 -9.05 -22.09
C PRO A 16 11.01 -10.30 -22.66
N ALA A 17 12.05 -10.13 -23.48
CA ALA A 17 12.82 -11.24 -24.05
C ALA A 17 13.75 -11.84 -23.00
N ALA A 18 13.19 -12.30 -21.89
CA ALA A 18 13.92 -12.88 -20.77
C ALA A 18 13.96 -14.40 -20.89
N GLN A 19 14.97 -15.03 -20.29
CA GLN A 19 15.10 -16.49 -20.22
C GLN A 19 14.06 -17.04 -19.24
N LYS A 20 12.79 -16.97 -19.64
CA LYS A 20 11.63 -17.46 -18.92
C LYS A 20 10.60 -17.99 -19.93
N ALA A 21 10.35 -17.22 -21.00
CA ALA A 21 9.37 -17.56 -22.03
C ALA A 21 7.99 -17.80 -21.42
N GLY A 22 7.65 -17.02 -20.39
CA GLY A 22 6.40 -17.12 -19.66
C GLY A 22 6.45 -16.14 -18.49
N ALA A 23 5.30 -15.87 -17.89
CA ALA A 23 5.13 -14.96 -16.75
C ALA A 23 3.73 -15.20 -16.20
N GLN A 24 3.40 -14.58 -15.06
CA GLN A 24 2.08 -14.60 -14.47
C GLN A 24 1.82 -13.23 -13.84
N ALA A 25 0.56 -12.94 -13.56
CA ALA A 25 0.13 -11.79 -12.77
C ALA A 25 0.20 -12.19 -11.30
N LEU A 26 0.29 -11.22 -10.40
CA LEU A 26 0.07 -11.41 -8.98
C LEU A 26 -0.72 -10.20 -8.45
N PRO A 27 -1.51 -10.37 -7.38
CA PRO A 27 -2.40 -9.31 -6.93
C PRO A 27 -1.57 -8.13 -6.45
N VAL A 28 -2.21 -6.96 -6.30
CA VAL A 28 -1.50 -5.74 -5.97
C VAL A 28 -1.22 -5.69 -4.47
N THR A 29 -0.51 -6.71 -3.97
CA THR A 29 -0.21 -6.85 -2.56
C THR A 29 1.09 -7.64 -2.40
N VAL A 30 2.17 -7.14 -2.99
CA VAL A 30 3.52 -7.54 -2.64
C VAL A 30 4.27 -6.28 -2.23
N GLN A 31 3.83 -5.73 -1.09
CA GLN A 31 4.55 -4.75 -0.32
C GLN A 31 5.30 -5.46 0.82
N GLY A 32 6.24 -4.75 1.45
CA GLY A 32 6.73 -5.10 2.77
C GLY A 32 5.95 -4.30 3.82
N ALA A 33 6.62 -3.92 4.91
CA ALA A 33 6.17 -2.97 5.91
C ALA A 33 7.34 -2.61 6.80
N THR A 34 7.75 -1.35 6.76
CA THR A 34 8.78 -0.81 7.62
C THR A 34 8.19 0.40 8.35
N VAL A 35 8.46 0.57 9.65
CA VAL A 35 7.83 1.58 10.49
C VAL A 35 8.89 2.32 11.29
N ALA A 36 8.69 3.62 11.57
CA ALA A 36 9.65 4.41 12.32
C ALA A 36 9.33 4.39 13.81
N ALA A 37 10.20 3.79 14.62
CA ALA A 37 10.13 3.87 16.08
C ALA A 37 10.11 5.35 16.52
N VAL A 38 9.14 5.71 17.37
CA VAL A 38 8.70 7.08 17.69
C VAL A 38 9.76 8.14 17.35
N PRO A 39 9.60 8.88 16.25
CA PRO A 39 10.45 10.02 15.92
C PRO A 39 10.32 11.11 17.01
N PRO A 40 11.19 12.12 17.04
CA PRO A 40 11.02 13.28 17.90
C PRO A 40 9.93 14.19 17.30
N SER A 41 8.73 13.63 17.12
CA SER A 41 7.62 14.24 16.40
C SER A 41 6.30 13.66 16.91
N ILE A 42 6.19 13.52 18.24
CA ILE A 42 5.01 13.02 18.93
C ILE A 42 4.96 11.49 18.79
N ARG A 43 4.11 10.86 19.61
CA ARG A 43 3.72 9.45 19.52
C ARG A 43 3.60 9.00 18.04
N ASP A 44 2.92 9.83 17.26
CA ASP A 44 2.62 9.69 15.85
C ASP A 44 3.81 9.17 15.04
N THR A 45 3.54 8.29 14.08
CA THR A 45 4.54 7.83 13.13
C THR A 45 3.83 7.29 11.89
N ALA A 46 4.59 6.74 10.95
CA ALA A 46 4.10 6.23 9.69
C ALA A 46 4.92 5.02 9.24
N ALA A 47 4.30 4.21 8.37
CA ALA A 47 4.97 3.10 7.71
C ALA A 47 5.52 3.55 6.34
N TYR A 48 6.43 2.76 5.78
CA TYR A 48 7.09 2.98 4.51
C TYR A 48 7.04 1.64 3.79
N MET A 49 6.60 1.66 2.53
CA MET A 49 6.35 0.50 1.70
C MET A 49 6.44 0.92 0.24
N THR A 50 6.16 -0.03 -0.64
CA THR A 50 5.82 0.21 -2.04
C THR A 50 4.68 -0.76 -2.38
N LEU A 51 3.66 -0.32 -3.11
CA LEU A 51 2.59 -1.18 -3.60
C LEU A 51 2.87 -1.52 -5.05
N THR A 52 2.44 -2.71 -5.48
CA THR A 52 3.01 -3.38 -6.63
C THR A 52 1.91 -3.97 -7.54
N ASN A 53 1.35 -3.18 -8.46
CA ASN A 53 0.33 -3.71 -9.37
C ASN A 53 1.01 -4.58 -10.42
N LYS A 54 0.72 -5.87 -10.39
CA LYS A 54 1.01 -6.79 -11.49
C LYS A 54 -0.29 -7.54 -11.79
N SER A 55 -1.34 -6.77 -12.11
CA SER A 55 -2.69 -7.25 -12.30
C SER A 55 -3.56 -6.22 -13.04
N ASP A 56 -3.35 -4.91 -12.83
CA ASP A 56 -4.13 -3.87 -13.45
C ASP A 56 -5.60 -3.97 -13.07
N GLN A 57 -5.86 -3.87 -11.76
CA GLN A 57 -7.20 -3.86 -11.21
C GLN A 57 -7.25 -2.91 -9.99
N PRO A 58 -8.38 -2.23 -9.75
CA PRO A 58 -8.53 -1.26 -8.68
C PRO A 58 -8.93 -1.90 -7.34
N ILE A 59 -7.96 -2.41 -6.57
CA ILE A 59 -8.22 -3.06 -5.28
C ILE A 59 -7.94 -2.05 -4.18
N LYS A 60 -8.95 -1.34 -3.69
CA LYS A 60 -8.74 -0.26 -2.73
C LYS A 60 -8.59 -0.84 -1.31
N LEU A 61 -7.59 -0.33 -0.58
CA LEU A 61 -7.07 -0.89 0.64
C LEU A 61 -7.69 -0.12 1.80
N VAL A 62 -8.49 -0.80 2.63
CA VAL A 62 -9.22 -0.20 3.75
C VAL A 62 -8.91 -1.00 5.03
N GLY A 63 -7.62 -1.27 5.29
CA GLY A 63 -7.18 -1.60 6.63
C GLY A 63 -5.67 -1.55 6.74
N ALA A 64 -5.18 -1.36 7.96
CA ALA A 64 -3.77 -1.43 8.33
C ALA A 64 -3.70 -1.70 9.84
N ALA A 65 -4.28 -2.81 10.29
CA ALA A 65 -4.49 -3.07 11.71
C ALA A 65 -3.25 -3.72 12.31
N THR A 66 -2.77 -3.23 13.46
CA THR A 66 -1.59 -3.75 14.12
C THR A 66 -1.66 -3.37 15.60
N PRO A 67 -1.28 -4.26 16.54
CA PRO A 67 -1.28 -3.98 17.97
C PRO A 67 -0.09 -3.06 18.31
N LEU A 68 -0.12 -1.84 17.77
CA LEU A 68 1.02 -0.95 17.69
C LEU A 68 0.47 0.47 17.56
N ALA A 69 -0.35 0.70 16.54
CA ALA A 69 -1.10 1.94 16.38
C ALA A 69 -2.38 1.86 17.21
N THR A 70 -2.88 3.01 17.65
CA THR A 70 -4.26 3.18 18.09
C THR A 70 -5.06 3.97 17.05
N SER A 71 -4.36 4.70 16.17
CA SER A 71 -4.95 5.57 15.18
C SER A 71 -4.30 5.31 13.82
N PRO A 72 -4.46 4.10 13.25
CA PRO A 72 -3.92 3.77 11.94
C PRO A 72 -4.72 4.50 10.85
N MET A 73 -4.16 5.59 10.33
CA MET A 73 -4.83 6.49 9.42
C MET A 73 -4.14 6.44 8.06
N LEU A 74 -4.89 6.20 6.98
CA LEU A 74 -4.35 6.11 5.64
C LEU A 74 -4.16 7.52 5.07
N MET A 75 -3.11 7.69 4.24
CA MET A 75 -2.77 8.95 3.59
C MET A 75 -2.13 8.73 2.23
N THR A 76 -2.05 9.83 1.47
CA THR A 76 -1.96 9.83 0.03
C THR A 76 -0.95 10.86 -0.47
N THR A 77 -0.07 10.50 -1.41
CA THR A 77 0.93 11.45 -1.94
C THR A 77 0.40 12.35 -3.04
N THR A 78 1.32 13.18 -3.51
CA THR A 78 1.17 14.40 -4.24
C THR A 78 0.90 14.09 -5.72
N HIS A 79 -0.27 13.49 -5.98
CA HIS A 79 -0.80 13.23 -7.31
C HIS A 79 0.14 12.32 -8.10
N SER A 80 0.27 11.09 -7.62
CA SER A 80 1.05 10.04 -8.26
C SER A 80 0.59 8.69 -7.69
N GLY A 81 0.47 8.62 -6.36
CA GLY A 81 -0.08 7.47 -5.67
C GLY A 81 -1.59 7.61 -5.49
N GLY A 82 -2.05 7.49 -4.24
CA GLY A 82 -3.45 7.36 -3.89
C GLY A 82 -4.44 8.29 -4.61
N MET A 83 -4.17 9.61 -4.65
CA MET A 83 -5.13 10.61 -5.15
C MET A 83 -4.42 11.91 -5.52
N ALA A 84 -4.14 12.80 -4.55
CA ALA A 84 -3.63 14.15 -4.78
C ALA A 84 -3.49 14.84 -3.43
N GLY A 85 -2.46 14.45 -2.69
CA GLY A 85 -1.98 15.14 -1.51
C GLY A 85 -2.43 14.50 -0.20
N MET A 86 -1.70 14.81 0.89
CA MET A 86 -1.81 14.13 2.19
C MET A 86 -3.04 14.60 2.96
N LYS A 87 -4.20 14.34 2.38
CA LYS A 87 -5.49 14.46 3.03
C LYS A 87 -5.71 13.19 3.85
N MET A 88 -6.65 13.23 4.80
CA MET A 88 -7.05 12.04 5.53
C MET A 88 -8.02 11.29 4.62
N VAL A 89 -7.45 10.66 3.59
CA VAL A 89 -8.18 9.92 2.58
C VAL A 89 -9.03 8.84 3.27
N PRO A 90 -10.26 8.56 2.79
CA PRO A 90 -11.12 7.58 3.42
C PRO A 90 -10.54 6.15 3.40
N TRP A 91 -9.57 5.87 2.53
CA TRP A 91 -8.84 4.61 2.42
C TRP A 91 -7.80 4.83 1.32
N LEU A 92 -6.90 3.87 1.06
CA LEU A 92 -5.93 4.03 -0.01
C LEU A 92 -6.41 3.30 -1.26
N THR A 93 -6.97 4.04 -2.23
CA THR A 93 -7.31 3.48 -3.52
C THR A 93 -6.01 3.32 -4.33
N ILE A 94 -5.74 2.10 -4.78
CA ILE A 94 -4.69 1.81 -5.75
C ILE A 94 -5.38 1.28 -7.01
N PRO A 95 -5.30 2.00 -8.14
CA PRO A 95 -6.03 1.66 -9.35
C PRO A 95 -5.34 0.50 -10.09
N ALA A 96 -5.78 0.21 -11.31
CA ALA A 96 -4.95 -0.51 -12.26
C ALA A 96 -3.64 0.30 -12.46
N ARG A 97 -2.51 -0.33 -12.74
CA ARG A 97 -1.18 0.31 -12.67
C ARG A 97 -0.92 1.01 -11.34
N GLY A 98 -1.69 0.71 -10.29
CA GLY A 98 -1.48 1.25 -8.98
C GLY A 98 -0.22 0.61 -8.39
N THR A 99 0.93 1.17 -8.75
CA THR A 99 2.19 0.92 -8.10
C THR A 99 2.72 2.24 -7.59
N LEU A 100 2.69 2.44 -6.28
CA LEU A 100 3.12 3.67 -5.63
C LEU A 100 4.11 3.34 -4.51
N THR A 101 4.47 4.35 -3.73
CA THR A 101 5.62 4.36 -2.85
C THR A 101 5.14 5.15 -1.64
N LEU A 102 5.22 4.50 -0.48
CA LEU A 102 4.65 4.99 0.77
C LEU A 102 5.82 5.53 1.58
N GLN A 103 5.73 6.79 1.99
CA GLN A 103 6.77 7.51 2.71
C GLN A 103 6.09 8.52 3.64
N ARG A 104 6.75 8.93 4.73
CA ARG A 104 6.20 9.87 5.72
C ARG A 104 6.21 11.31 5.18
N ASP A 105 5.60 11.53 4.02
CA ASP A 105 5.53 12.83 3.35
C ASP A 105 4.15 12.94 2.71
N GLY A 106 3.81 11.99 1.84
CA GLY A 106 2.60 12.03 1.04
C GLY A 106 1.74 10.77 1.25
N ASP A 107 2.13 9.64 0.68
CA ASP A 107 1.32 8.40 0.63
C ASP A 107 1.86 7.51 1.73
N HIS A 108 1.01 6.91 2.54
CA HIS A 108 1.49 6.09 3.65
C HIS A 108 0.32 5.63 4.51
N VAL A 109 0.64 4.85 5.54
CA VAL A 109 -0.21 4.68 6.70
C VAL A 109 0.47 5.48 7.81
N MET A 110 -0.23 6.44 8.42
CA MET A 110 0.17 7.02 9.69
C MET A 110 -0.32 6.05 10.75
N LEU A 111 0.58 5.17 11.20
CA LEU A 111 0.35 4.25 12.30
C LEU A 111 0.52 5.04 13.59
N MET A 112 -0.33 6.06 13.77
CA MET A 112 -0.21 6.99 14.88
C MET A 112 -1.01 6.49 16.09
N GLY A 113 -0.95 7.25 17.17
CA GLY A 113 -1.49 6.81 18.45
C GLY A 113 -0.70 5.59 18.94
N LEU A 114 0.63 5.67 18.88
CA LEU A 114 1.53 4.54 19.07
C LEU A 114 1.52 4.09 20.53
N LYS A 115 1.13 2.84 20.78
CA LYS A 115 1.09 2.28 22.13
C LYS A 115 2.49 2.20 22.75
N ARG A 116 3.31 1.25 22.28
CA ARG A 116 4.48 0.76 23.00
C ARG A 116 5.77 1.49 22.58
N PRO A 117 6.78 1.58 23.47
CA PRO A 117 8.11 2.06 23.10
C PRO A 117 8.77 1.04 22.16
N LEU A 118 8.74 1.32 20.86
CA LEU A 118 9.29 0.42 19.85
C LEU A 118 10.81 0.50 19.82
N LYS A 119 11.44 -0.55 19.29
CA LYS A 119 12.89 -0.68 19.20
C LYS A 119 13.30 -0.74 17.72
N VAL A 120 14.44 -0.11 17.41
CA VAL A 120 14.94 0.08 16.05
C VAL A 120 15.50 -1.25 15.53
N GLY A 121 14.63 -2.20 15.23
CA GLY A 121 14.99 -3.60 15.02
C GLY A 121 13.85 -4.56 15.36
N GLU A 122 12.80 -4.09 16.03
CA GLU A 122 11.67 -4.90 16.39
C GLU A 122 10.87 -5.24 15.14
N THR A 123 9.82 -5.98 15.39
CA THR A 123 8.91 -6.47 14.37
C THR A 123 7.56 -6.74 15.03
N VAL A 124 6.49 -6.17 14.46
CA VAL A 124 5.12 -6.42 14.91
C VAL A 124 4.29 -6.84 13.69
N ASN A 125 3.28 -7.69 13.89
CA ASN A 125 2.39 -8.10 12.80
C ASN A 125 1.49 -6.93 12.39
N ILE A 126 1.18 -6.82 11.09
CA ILE A 126 0.10 -5.99 10.57
C ILE A 126 -0.84 -6.88 9.78
N THR A 127 -2.15 -6.68 9.91
CA THR A 127 -3.14 -7.27 9.02
C THR A 127 -3.87 -6.15 8.29
N LEU A 128 -3.78 -6.13 6.96
CA LEU A 128 -4.52 -5.21 6.10
C LEU A 128 -5.93 -5.74 5.81
N LYS A 129 -6.73 -4.95 5.08
CA LYS A 129 -8.09 -5.32 4.67
C LYS A 129 -8.45 -4.53 3.40
N ALA A 130 -8.18 -5.09 2.21
CA ALA A 130 -8.69 -4.48 0.98
C ALA A 130 -10.09 -4.97 0.66
N THR A 131 -10.85 -4.14 -0.06
CA THR A 131 -12.30 -4.28 -0.23
C THR A 131 -12.79 -5.69 -0.57
N ASP A 132 -12.06 -6.43 -1.42
CA ASP A 132 -12.43 -7.77 -1.84
C ASP A 132 -12.09 -8.82 -0.78
N GLY A 133 -11.89 -8.40 0.48
CA GLY A 133 -11.57 -9.29 1.57
C GLY A 133 -10.09 -9.65 1.54
N ARG A 134 -9.25 -8.71 1.07
CA ARG A 134 -7.82 -8.97 0.96
C ARG A 134 -7.22 -8.74 2.33
N THR A 135 -7.09 -9.82 3.09
CA THR A 135 -6.35 -9.91 4.33
C THR A 135 -5.02 -10.58 4.02
N LEU A 136 -3.91 -9.93 4.39
CA LEU A 136 -2.58 -10.50 4.43
C LEU A 136 -2.06 -10.10 5.81
N ASN A 137 -1.28 -10.98 6.44
CA ASN A 137 -0.63 -10.77 7.72
C ASN A 137 0.84 -10.59 7.37
N VAL A 138 1.37 -9.40 7.59
CA VAL A 138 2.69 -9.02 7.15
C VAL A 138 3.50 -8.66 8.40
N ALA A 139 4.81 -8.80 8.33
CA ALA A 139 5.73 -8.40 9.39
C ALA A 139 6.12 -6.95 9.18
N ALA A 140 5.68 -6.06 10.07
CA ALA A 140 6.07 -4.67 10.08
C ALA A 140 7.33 -4.52 10.91
N THR A 141 8.45 -4.23 10.24
CA THR A 141 9.77 -4.15 10.85
C THR A 141 10.01 -2.71 11.31
N VAL A 142 10.33 -2.49 12.59
CA VAL A 142 10.40 -1.13 13.10
C VAL A 142 11.85 -0.64 13.00
N LYS A 143 12.14 0.28 12.08
CA LYS A 143 13.43 0.95 11.96
C LYS A 143 13.17 2.45 11.71
N LYS A 144 13.49 3.34 12.67
CA LYS A 144 13.41 4.77 12.40
C LYS A 144 14.53 5.22 11.48
N ASN A 145 14.18 5.83 10.34
CA ASN A 145 15.12 6.37 9.37
C ASN A 145 14.33 7.20 8.37
N ILE A 146 15.04 7.98 7.55
CA ILE A 146 14.49 8.81 6.46
C ILE A 146 13.17 9.51 6.82
N GLU A 147 13.09 10.06 8.03
CA GLU A 147 11.88 10.66 8.54
C GLU A 147 11.87 12.17 8.29
N GLY A 148 11.41 12.57 7.11
CA GLY A 148 11.19 13.96 6.75
C GLY A 148 10.27 14.62 7.78
N ARG A 149 10.85 15.38 8.70
CA ARG A 149 10.11 16.24 9.63
C ARG A 149 9.79 17.58 8.96
CU CU1 B . 0.39 11.79 6.79
N MET A 1 -22.41 -21.39 -82.94
CA MET A 1 -23.68 -20.67 -82.76
C MET A 1 -23.50 -19.55 -81.73
N GLY A 2 -22.43 -18.75 -81.89
CA GLY A 2 -21.81 -18.14 -80.73
C GLY A 2 -21.33 -19.23 -79.76
N HIS A 3 -20.93 -18.82 -78.56
CA HIS A 3 -20.57 -19.66 -77.42
C HIS A 3 -20.41 -18.70 -76.22
N THR A 4 -20.22 -19.22 -75.00
CA THR A 4 -19.89 -18.42 -73.84
C THR A 4 -19.27 -19.32 -72.76
N MET A 5 -18.82 -18.72 -71.66
CA MET A 5 -18.16 -19.39 -70.55
C MET A 5 -18.21 -18.46 -69.34
N PRO A 6 -18.53 -18.96 -68.13
CA PRO A 6 -18.54 -18.15 -66.91
C PRO A 6 -17.12 -17.91 -66.41
N ALA A 7 -16.99 -17.14 -65.33
CA ALA A 7 -15.74 -16.88 -64.63
C ALA A 7 -16.07 -16.57 -63.17
N HIS A 8 -15.06 -16.62 -62.29
CA HIS A 8 -15.17 -16.36 -60.86
C HIS A 8 -13.78 -16.00 -60.35
N THR A 9 -13.67 -15.58 -59.08
CA THR A 9 -12.41 -15.27 -58.42
C THR A 9 -12.63 -15.49 -56.92
N PRO A 10 -11.63 -16.00 -56.17
CA PRO A 10 -11.81 -16.35 -54.76
C PRO A 10 -11.79 -15.09 -53.88
N PRO A 11 -12.42 -15.13 -52.70
CA PRO A 11 -12.33 -14.09 -51.69
C PRO A 11 -10.99 -14.19 -50.94
N ALA A 12 -10.77 -13.30 -49.97
CA ALA A 12 -9.64 -13.32 -49.06
C ALA A 12 -10.09 -12.77 -47.71
N GLN A 13 -9.35 -13.09 -46.65
CA GLN A 13 -9.66 -12.71 -45.27
C GLN A 13 -8.40 -12.98 -44.44
N THR A 14 -8.32 -12.46 -43.22
CA THR A 14 -7.32 -12.82 -42.24
C THR A 14 -8.00 -12.89 -40.87
N ALA A 15 -7.39 -13.60 -39.94
CA ALA A 15 -7.71 -13.50 -38.52
C ALA A 15 -6.95 -12.30 -37.94
N PRO A 16 -7.41 -11.73 -36.82
CA PRO A 16 -6.63 -10.79 -36.02
C PRO A 16 -5.59 -11.55 -35.18
N ALA A 17 -4.94 -10.87 -34.23
CA ALA A 17 -4.04 -11.46 -33.26
C ALA A 17 -4.13 -10.62 -31.98
N ALA A 18 -3.58 -11.12 -30.87
CA ALA A 18 -3.56 -10.47 -29.58
C ALA A 18 -2.46 -11.10 -28.73
N GLN A 19 -2.17 -10.49 -27.57
CA GLN A 19 -1.21 -11.01 -26.60
C GLN A 19 -1.80 -10.84 -25.19
N LYS A 20 -1.85 -9.58 -24.72
CA LYS A 20 -2.33 -9.19 -23.40
C LYS A 20 -1.27 -9.48 -22.32
N ALA A 21 -1.21 -8.62 -21.30
CA ALA A 21 -0.35 -8.77 -20.13
C ALA A 21 -0.88 -7.81 -19.07
N GLY A 22 -0.35 -7.89 -17.84
CA GLY A 22 -0.77 -7.03 -16.74
C GLY A 22 -0.09 -7.47 -15.45
N ALA A 23 0.87 -6.68 -14.95
CA ALA A 23 1.59 -6.98 -13.72
C ALA A 23 0.73 -6.69 -12.49
N GLN A 24 -0.38 -7.42 -12.36
CA GLN A 24 -1.36 -7.27 -11.29
C GLN A 24 -1.53 -8.62 -10.60
N ALA A 25 -1.07 -8.73 -9.34
CA ALA A 25 -1.17 -9.96 -8.56
C ALA A 25 -0.88 -9.70 -7.09
N LEU A 26 0.21 -8.98 -6.80
CA LEU A 26 0.73 -8.83 -5.46
C LEU A 26 -0.09 -7.77 -4.70
N PRO A 27 -0.70 -8.14 -3.56
CA PRO A 27 -1.55 -7.23 -2.80
C PRO A 27 -0.71 -6.11 -2.18
N VAL A 28 -1.38 -5.07 -1.71
CA VAL A 28 -0.76 -3.83 -1.27
C VAL A 28 -0.22 -3.96 0.15
N THR A 29 0.73 -4.88 0.34
CA THR A 29 1.33 -5.16 1.63
C THR A 29 2.70 -5.83 1.43
N VAL A 30 3.61 -5.13 0.74
CA VAL A 30 4.96 -5.62 0.49
C VAL A 30 6.00 -4.67 1.08
N GLN A 31 5.84 -4.36 2.37
CA GLN A 31 6.84 -3.65 3.15
C GLN A 31 6.60 -3.95 4.63
N GLY A 32 7.68 -4.03 5.41
CA GLY A 32 7.64 -4.07 6.86
C GLY A 32 7.79 -2.65 7.39
N ALA A 33 6.91 -2.23 8.31
CA ALA A 33 6.96 -0.89 8.86
C ALA A 33 8.19 -0.71 9.75
N THR A 34 8.59 0.54 9.97
CA THR A 34 9.52 0.90 11.00
C THR A 34 8.83 1.92 11.91
N VAL A 35 9.16 1.92 13.21
CA VAL A 35 8.60 2.83 14.20
C VAL A 35 9.75 3.71 14.69
N ALA A 36 9.55 5.03 14.81
CA ALA A 36 10.64 6.00 15.00
C ALA A 36 11.30 5.99 16.40
N ALA A 37 11.25 4.86 17.11
CA ALA A 37 11.63 4.72 18.51
C ALA A 37 11.00 5.86 19.33
N VAL A 38 11.75 6.46 20.26
CA VAL A 38 11.38 7.70 20.93
C VAL A 38 11.93 8.87 20.10
N PRO A 39 11.10 9.68 19.43
CA PRO A 39 11.55 10.89 18.75
C PRO A 39 11.88 11.97 19.79
N PRO A 40 12.41 13.13 19.36
CA PRO A 40 12.53 14.30 20.22
C PRO A 40 11.15 14.91 20.46
N SER A 41 10.37 14.19 21.26
CA SER A 41 9.00 14.46 21.63
C SER A 41 8.79 13.82 22.99
N ILE A 42 9.04 12.50 23.02
CA ILE A 42 8.63 11.58 24.06
C ILE A 42 7.09 11.46 24.02
N ARG A 43 6.54 10.31 24.41
CA ARG A 43 5.13 9.98 24.40
C ARG A 43 4.63 9.69 22.98
N ASP A 44 4.90 10.59 22.05
CA ASP A 44 4.40 10.53 20.69
C ASP A 44 5.50 9.97 19.81
N THR A 45 5.12 9.08 18.89
CA THR A 45 5.97 8.56 17.83
C THR A 45 5.08 8.21 16.64
N ALA A 46 5.70 7.75 15.55
CA ALA A 46 5.04 7.45 14.31
C ALA A 46 5.77 6.33 13.59
N ALA A 47 5.08 5.69 12.64
CA ALA A 47 5.68 4.70 11.77
C ALA A 47 6.09 5.33 10.44
N TYR A 48 6.98 4.63 9.73
CA TYR A 48 7.37 4.88 8.36
C TYR A 48 7.16 3.56 7.65
N MET A 49 6.56 3.58 6.47
CA MET A 49 6.16 2.37 5.74
C MET A 49 6.00 2.75 4.26
N THR A 50 5.69 1.77 3.42
CA THR A 50 4.96 2.02 2.18
C THR A 50 3.84 0.99 2.03
N LEU A 51 2.70 1.44 1.51
CA LEU A 51 1.67 0.57 0.99
C LEU A 51 1.85 0.62 -0.51
N THR A 52 2.40 -0.44 -1.07
CA THR A 52 2.86 -0.57 -2.45
C THR A 52 1.95 -1.51 -3.24
N ASN A 53 1.11 -0.97 -4.14
CA ASN A 53 0.19 -1.76 -4.96
C ASN A 53 0.94 -2.36 -6.16
N LYS A 54 0.81 -3.67 -6.40
CA LYS A 54 1.08 -4.28 -7.70
C LYS A 54 -0.02 -5.33 -7.96
N SER A 55 -1.26 -4.83 -7.94
CA SER A 55 -2.51 -5.59 -7.96
C SER A 55 -3.60 -4.68 -8.47
N ASP A 56 -3.69 -3.48 -7.88
CA ASP A 56 -4.52 -2.38 -8.30
C ASP A 56 -5.97 -2.65 -7.95
N GLN A 57 -6.19 -2.85 -6.65
CA GLN A 57 -7.48 -2.97 -6.01
C GLN A 57 -7.52 -1.91 -4.91
N PRO A 58 -8.69 -1.31 -4.63
CA PRO A 58 -8.84 -0.37 -3.53
C PRO A 58 -8.86 -1.14 -2.20
N ILE A 59 -7.92 -0.83 -1.30
CA ILE A 59 -7.86 -1.44 0.03
C ILE A 59 -8.10 -0.36 1.09
N LYS A 60 -8.75 -0.75 2.18
CA LYS A 60 -8.94 0.05 3.37
C LYS A 60 -8.25 -0.66 4.53
N LEU A 61 -7.68 0.11 5.47
CA LEU A 61 -6.83 -0.37 6.53
C LEU A 61 -7.11 0.55 7.70
N VAL A 62 -7.35 0.02 8.90
CA VAL A 62 -7.60 0.83 10.08
C VAL A 62 -7.11 0.07 11.33
N GLY A 63 -5.83 -0.32 11.30
CA GLY A 63 -5.17 -0.81 12.50
C GLY A 63 -3.66 -0.75 12.32
N ALA A 64 -2.94 -0.54 13.42
CA ALA A 64 -1.49 -0.62 13.49
C ALA A 64 -1.10 -0.92 14.94
N ALA A 65 -1.56 -2.06 15.46
CA ALA A 65 -1.48 -2.37 16.88
C ALA A 65 -0.16 -3.09 17.17
N THR A 66 0.60 -2.64 18.19
CA THR A 66 1.86 -3.22 18.57
C THR A 66 2.13 -2.80 20.02
N PRO A 67 2.74 -3.65 20.86
CA PRO A 67 2.88 -3.36 22.29
C PRO A 67 4.01 -2.35 22.59
N LEU A 68 4.16 -1.32 21.75
CA LEU A 68 5.27 -0.38 21.76
C LEU A 68 4.76 0.97 22.27
N ALA A 69 3.71 1.47 21.63
CA ALA A 69 2.93 2.61 22.06
C ALA A 69 1.46 2.19 22.11
N THR A 70 0.66 2.94 22.86
CA THR A 70 -0.68 2.52 23.27
C THR A 70 -1.72 2.77 22.17
N SER A 71 -1.61 3.93 21.50
CA SER A 71 -2.69 4.51 20.71
C SER A 71 -2.26 4.64 19.23
N PRO A 72 -2.61 3.67 18.37
CA PRO A 72 -2.32 3.74 16.95
C PRO A 72 -3.31 4.66 16.24
N MET A 73 -2.93 5.93 16.14
CA MET A 73 -3.77 7.01 15.64
C MET A 73 -3.35 7.36 14.21
N LEU A 74 -4.25 7.15 13.26
CA LEU A 74 -3.96 7.24 11.84
C LEU A 74 -3.98 8.70 11.41
N MET A 75 -2.97 9.10 10.63
CA MET A 75 -2.86 10.43 10.03
C MET A 75 -2.89 10.32 8.51
N THR A 76 -2.79 11.45 7.83
CA THR A 76 -2.39 11.55 6.44
C THR A 76 -1.91 13.00 6.28
N THR A 77 -0.87 13.30 5.50
CA THR A 77 -0.57 14.68 5.14
C THR A 77 0.24 14.73 3.85
N THR A 78 -0.36 14.27 2.76
CA THR A 78 0.21 14.39 1.42
C THR A 78 -0.91 14.59 0.40
N HIS A 79 -0.55 14.69 -0.88
CA HIS A 79 -1.50 14.75 -1.98
C HIS A 79 -1.68 13.34 -2.54
N SER A 80 -2.87 13.04 -3.06
CA SER A 80 -3.26 11.73 -3.59
C SER A 80 -3.43 10.70 -2.47
N GLY A 81 -2.42 10.51 -1.63
CA GLY A 81 -2.58 9.77 -0.38
C GLY A 81 -3.59 10.46 0.51
N GLY A 82 -4.42 9.65 1.19
CA GLY A 82 -5.50 10.06 2.10
C GLY A 82 -5.96 11.53 1.95
N MET A 83 -5.35 12.44 2.71
CA MET A 83 -5.55 13.88 2.66
C MET A 83 -4.21 14.59 2.94
N ALA A 84 -4.22 15.93 2.81
CA ALA A 84 -3.06 16.79 2.92
C ALA A 84 -3.22 17.59 4.21
N GLY A 85 -3.56 16.90 5.29
CA GLY A 85 -4.03 17.53 6.51
C GLY A 85 -3.69 16.65 7.71
N MET A 86 -2.63 17.00 8.45
CA MET A 86 -2.03 16.18 9.51
C MET A 86 -2.91 16.12 10.76
N LYS A 87 -4.08 15.50 10.59
CA LYS A 87 -5.15 15.37 11.56
C LYS A 87 -5.32 13.90 11.93
N MET A 88 -6.05 13.65 13.02
CA MET A 88 -6.43 12.31 13.45
C MET A 88 -7.60 11.88 12.57
N VAL A 89 -7.32 11.10 11.52
CA VAL A 89 -8.35 10.68 10.57
C VAL A 89 -9.04 9.41 11.07
N PRO A 90 -10.24 9.10 10.54
CA PRO A 90 -10.83 7.77 10.64
C PRO A 90 -9.79 6.67 10.37
N TRP A 91 -9.05 6.82 9.27
CA TRP A 91 -8.01 5.94 8.76
C TRP A 91 -7.56 6.57 7.45
N LEU A 92 -6.76 5.87 6.65
CA LEU A 92 -6.46 6.28 5.29
C LEU A 92 -6.71 5.12 4.32
N THR A 93 -7.80 5.23 3.55
CA THR A 93 -8.17 4.27 2.53
C THR A 93 -7.28 4.55 1.31
N ILE A 94 -6.89 3.52 0.54
CA ILE A 94 -6.04 3.71 -0.64
C ILE A 94 -6.61 2.98 -1.87
N PRO A 95 -6.54 3.58 -3.06
CA PRO A 95 -7.22 3.09 -4.25
C PRO A 95 -6.42 1.97 -4.94
N ALA A 96 -6.91 1.55 -6.11
CA ALA A 96 -6.07 0.89 -7.11
C ALA A 96 -4.89 1.83 -7.42
N ARG A 97 -3.69 1.28 -7.65
CA ARG A 97 -2.45 2.04 -7.63
C ARG A 97 -2.26 2.84 -6.34
N GLY A 98 -2.85 2.39 -5.22
CA GLY A 98 -2.54 2.90 -3.90
C GLY A 98 -1.08 2.57 -3.58
N THR A 99 -0.20 3.54 -3.83
CA THR A 99 1.24 3.40 -3.72
C THR A 99 1.77 4.50 -2.81
N LEU A 100 1.24 4.58 -1.58
CA LEU A 100 1.67 5.59 -0.63
C LEU A 100 2.88 5.14 0.17
N THR A 101 3.49 6.12 0.85
CA THR A 101 4.78 6.05 1.49
C THR A 101 4.66 6.91 2.72
N LEU A 102 4.56 6.25 3.87
CA LEU A 102 4.26 6.88 5.13
C LEU A 102 5.58 7.46 5.64
N GLN A 103 5.63 8.77 5.82
CA GLN A 103 6.77 9.54 6.32
C GLN A 103 6.27 10.40 7.48
N ARG A 104 7.10 10.60 8.50
CA ARG A 104 6.68 11.46 9.59
C ARG A 104 6.45 12.86 9.03
N ASP A 105 5.21 13.34 9.17
CA ASP A 105 4.73 14.59 8.61
C ASP A 105 4.67 14.57 7.08
N GLY A 106 4.30 13.42 6.50
CA GLY A 106 3.96 13.28 5.09
C GLY A 106 3.35 11.91 4.86
N ASP A 107 2.10 11.81 5.31
CA ASP A 107 1.31 10.59 5.47
C ASP A 107 1.93 9.65 6.50
N HIS A 108 1.17 9.14 7.47
CA HIS A 108 1.71 8.29 8.51
C HIS A 108 0.63 7.79 9.47
N VAL A 109 1.04 6.92 10.40
CA VAL A 109 0.29 6.59 11.60
C VAL A 109 1.13 7.08 12.77
N MET A 110 0.51 7.83 13.69
CA MET A 110 1.08 8.22 14.96
C MET A 110 0.75 7.13 15.98
N LEU A 111 1.72 6.29 16.30
CA LEU A 111 1.60 5.34 17.38
C LEU A 111 1.91 6.09 18.67
N MET A 112 0.90 6.81 19.17
CA MET A 112 1.04 7.73 20.28
C MET A 112 0.91 6.97 21.61
N GLY A 113 1.54 7.47 22.67
CA GLY A 113 1.44 6.88 23.98
C GLY A 113 2.49 5.78 24.14
N LEU A 114 3.75 6.09 23.88
CA LEU A 114 4.91 5.24 24.11
C LEU A 114 4.81 4.65 25.52
N LYS A 115 4.81 3.32 25.64
CA LYS A 115 4.57 2.68 26.92
C LYS A 115 5.80 2.85 27.83
N ARG A 116 6.94 2.28 27.44
CA ARG A 116 8.24 2.55 28.04
C ARG A 116 9.38 1.72 27.42
N PRO A 117 9.32 0.39 27.45
CA PRO A 117 10.49 -0.44 27.20
C PRO A 117 10.71 -0.65 25.70
N LEU A 118 10.89 0.42 24.93
CA LEU A 118 11.40 0.30 23.58
C LEU A 118 12.90 0.03 23.62
N LYS A 119 13.47 -0.37 22.48
CA LYS A 119 14.91 -0.54 22.33
C LYS A 119 15.23 -0.23 20.86
N VAL A 120 16.11 0.72 20.62
CA VAL A 120 16.52 1.05 19.26
C VAL A 120 17.11 -0.21 18.62
N GLY A 121 16.51 -0.65 17.51
CA GLY A 121 16.97 -1.79 16.75
C GLY A 121 16.12 -3.04 17.00
N GLU A 122 15.15 -3.00 17.92
CA GLU A 122 14.30 -4.15 18.12
C GLU A 122 13.39 -4.38 16.92
N THR A 123 12.78 -5.54 17.00
CA THR A 123 11.96 -6.19 15.98
C THR A 123 10.67 -6.66 16.64
N VAL A 124 9.60 -5.86 16.53
CA VAL A 124 8.34 -6.10 17.24
C VAL A 124 7.25 -6.40 16.21
N ASN A 125 6.36 -7.35 16.51
CA ASN A 125 5.23 -7.62 15.62
C ASN A 125 4.29 -6.41 15.61
N ILE A 126 3.92 -5.97 14.42
CA ILE A 126 2.93 -4.94 14.16
C ILE A 126 1.73 -5.64 13.54
N THR A 127 0.64 -5.67 14.30
CA THR A 127 -0.61 -6.24 13.84
C THR A 127 -1.48 -5.16 13.24
N LEU A 128 -1.61 -5.16 11.92
CA LEU A 128 -2.55 -4.26 11.26
C LEU A 128 -3.96 -4.83 11.37
N LYS A 129 -4.96 -4.05 10.97
CA LYS A 129 -6.34 -4.50 10.94
C LYS A 129 -7.09 -3.72 9.87
N ALA A 130 -7.32 -4.36 8.74
CA ALA A 130 -8.34 -3.92 7.81
C ALA A 130 -9.68 -4.45 8.32
N THR A 131 -10.63 -3.54 8.49
CA THR A 131 -11.99 -3.82 8.96
C THR A 131 -12.61 -5.01 8.22
N ASP A 132 -12.32 -5.08 6.91
CA ASP A 132 -12.68 -6.16 6.03
C ASP A 132 -12.41 -7.55 6.61
N GLY A 133 -11.33 -7.68 7.38
CA GLY A 133 -10.97 -8.90 8.08
C GLY A 133 -9.54 -9.31 7.73
N ARG A 134 -8.56 -8.51 8.17
CA ARG A 134 -7.14 -8.85 8.05
C ARG A 134 -6.48 -8.66 9.42
N THR A 135 -5.40 -9.42 9.68
CA THR A 135 -4.70 -9.49 10.95
C THR A 135 -3.24 -9.88 10.66
N LEU A 136 -2.58 -9.09 9.80
CA LEU A 136 -1.20 -9.35 9.43
C LEU A 136 -0.33 -8.76 10.53
N ASN A 137 0.59 -9.58 11.04
CA ASN A 137 1.30 -9.43 12.31
C ASN A 137 2.78 -9.37 12.00
N VAL A 138 3.13 -8.32 11.25
CA VAL A 138 4.35 -8.26 10.46
C VAL A 138 5.51 -7.81 11.35
N ALA A 139 6.75 -8.18 11.04
CA ALA A 139 7.88 -7.79 11.87
C ALA A 139 8.27 -6.35 11.54
N ALA A 140 8.08 -5.42 12.49
CA ALA A 140 8.39 -4.02 12.34
C ALA A 140 9.62 -3.66 13.17
N THR A 141 10.43 -2.71 12.67
CA THR A 141 11.72 -2.38 13.28
C THR A 141 11.62 -1.07 14.07
N VAL A 142 12.05 -1.06 15.33
CA VAL A 142 11.96 0.09 16.20
C VAL A 142 13.23 0.93 16.01
N LYS A 143 13.23 1.90 15.11
CA LYS A 143 14.39 2.77 14.89
C LYS A 143 13.96 4.10 14.28
N LYS A 144 14.52 5.20 14.80
CA LYS A 144 14.29 6.57 14.35
C LYS A 144 14.41 6.69 12.83
N ASN A 145 15.44 6.06 12.27
CA ASN A 145 15.59 5.83 10.84
C ASN A 145 15.95 7.10 10.07
N ILE A 146 17.22 7.51 10.16
CA ILE A 146 17.76 8.66 9.43
C ILE A 146 16.91 9.91 9.72
N GLU A 147 16.64 10.10 11.02
CA GLU A 147 15.97 11.27 11.55
C GLU A 147 16.75 11.60 12.82
N GLY A 148 17.64 12.59 12.73
CA GLY A 148 18.54 12.99 13.81
C GLY A 148 19.91 13.28 13.24
N ARG A 149 20.38 12.39 12.35
CA ARG A 149 21.51 12.58 11.49
C ARG A 149 21.13 11.73 10.25
CU CU1 B . 0.57 13.20 12.68
#